data_1Z1D
#
_entry.id   1Z1D
#
_cell.length_a   1.000
_cell.length_b   1.000
_cell.length_c   1.000
_cell.angle_alpha   90.00
_cell.angle_beta   90.00
_cell.angle_gamma   90.00
#
_symmetry.space_group_name_H-M   'P 1'
#
loop_
_entity.id
_entity.type
_entity.pdbx_description
1 polymer 'Replication protein A 32 kDa subunit'
2 polymer 'Large T antigen'
#
loop_
_entity_poly.entity_id
_entity_poly.type
_entity_poly.pdbx_seq_one_letter_code
_entity_poly.pdbx_strand_id
1 'polypeptide(L)'
;GSHMANSQPSAGRAPISNPGMSEAGNFGGNSFMPANGLTVAQNQVLNLIKACPRPEGLNFQDLKNQLKHMSVSSIKQAVD
FLSNEGHIYSTVDDDHFKSTDAE
;
A
2 'polypeptide(L)'
;GSKVEDPKDFPSELLSFLSHAVFSNRTLACFAIYTTKEKAALLYKKIMEKYSVTFISRHNSYNHNILFFLTPHRHRVSAI
NNYAQKLCTFSFLICKGVNKEYLMYSALTRDPFSVIEESLPGGLKEHDFNP
;
B
#
# COMPACT_ATOMS: atom_id res chain seq x y z
N ALA A 35 -21.76 -3.33 -0.65
CA ALA A 35 -20.64 -4.25 -0.35
C ALA A 35 -19.76 -4.46 -1.58
N ASN A 36 -20.27 -5.19 -2.57
CA ASN A 36 -19.50 -5.44 -3.80
C ASN A 36 -19.52 -4.20 -4.68
N GLY A 37 -18.56 -3.31 -4.45
CA GLY A 37 -18.48 -2.08 -5.23
C GLY A 37 -17.68 -2.27 -6.50
N LEU A 38 -18.02 -3.31 -7.25
CA LEU A 38 -17.35 -3.62 -8.50
C LEU A 38 -18.38 -4.05 -9.53
N THR A 39 -18.03 -3.95 -10.80
CA THR A 39 -18.91 -4.35 -11.87
C THR A 39 -18.83 -5.85 -12.07
N VAL A 40 -19.93 -6.45 -12.50
CA VAL A 40 -20.00 -7.90 -12.72
C VAL A 40 -18.89 -8.37 -13.67
N ALA A 41 -18.60 -7.55 -14.67
CA ALA A 41 -17.55 -7.86 -15.63
C ALA A 41 -16.19 -7.90 -14.96
N GLN A 42 -15.91 -6.91 -14.11
CA GLN A 42 -14.65 -6.82 -13.41
C GLN A 42 -14.56 -7.91 -12.34
N ASN A 43 -15.70 -8.22 -11.74
CA ASN A 43 -15.79 -9.26 -10.70
C ASN A 43 -15.20 -10.57 -11.22
N GLN A 44 -15.56 -10.90 -12.46
CA GLN A 44 -15.09 -12.12 -13.10
C GLN A 44 -13.60 -12.02 -13.43
N VAL A 45 -13.17 -10.86 -13.90
CA VAL A 45 -11.77 -10.64 -14.24
C VAL A 45 -10.88 -10.85 -13.03
N LEU A 46 -11.25 -10.24 -11.91
CA LEU A 46 -10.50 -10.37 -10.67
C LEU A 46 -10.52 -11.81 -10.18
N ASN A 47 -11.69 -12.44 -10.28
CA ASN A 47 -11.85 -13.82 -9.84
C ASN A 47 -10.98 -14.76 -10.65
N LEU A 48 -10.92 -14.55 -11.95
CA LEU A 48 -10.12 -15.38 -12.84
C LEU A 48 -8.64 -15.35 -12.45
N ILE A 49 -8.18 -14.19 -11.99
CA ILE A 49 -6.79 -14.02 -11.59
C ILE A 49 -6.50 -14.70 -10.26
N LYS A 50 -7.39 -14.52 -9.30
CA LYS A 50 -7.19 -15.11 -7.96
C LYS A 50 -7.56 -16.59 -7.92
N ALA A 51 -8.29 -17.06 -8.92
CA ALA A 51 -8.68 -18.46 -8.98
C ALA A 51 -7.89 -19.20 -10.05
N CYS A 52 -6.77 -18.61 -10.45
CA CYS A 52 -5.91 -19.21 -11.45
C CYS A 52 -4.95 -20.18 -10.80
N PRO A 53 -4.81 -21.39 -11.36
CA PRO A 53 -3.92 -22.42 -10.83
C PRO A 53 -2.48 -22.24 -11.28
N ARG A 54 -2.15 -21.05 -11.76
CA ARG A 54 -0.81 -20.75 -12.23
C ARG A 54 -0.04 -19.95 -11.19
N PRO A 55 1.23 -20.33 -10.93
CA PRO A 55 2.07 -19.65 -9.96
C PRO A 55 2.42 -18.23 -10.40
N GLU A 56 2.33 -18.00 -11.70
CA GLU A 56 2.61 -16.69 -12.27
C GLU A 56 1.38 -15.79 -12.15
N GLY A 57 0.28 -16.38 -11.72
CA GLY A 57 -0.96 -15.66 -11.58
C GLY A 57 -1.72 -15.65 -12.88
N LEU A 58 -1.87 -14.48 -13.47
CA LEU A 58 -2.57 -14.34 -14.73
C LEU A 58 -2.05 -13.13 -15.47
N ASN A 59 -1.30 -13.38 -16.55
CA ASN A 59 -0.73 -12.32 -17.35
C ASN A 59 -1.80 -11.59 -18.15
N PHE A 60 -1.47 -10.40 -18.63
CA PHE A 60 -2.39 -9.61 -19.42
C PHE A 60 -2.77 -10.38 -20.67
N GLN A 61 -1.79 -11.06 -21.24
CA GLN A 61 -1.98 -11.86 -22.44
C GLN A 61 -2.87 -13.07 -22.15
N ASP A 62 -2.97 -13.42 -20.86
CA ASP A 62 -3.78 -14.55 -20.44
C ASP A 62 -5.21 -14.11 -20.18
N LEU A 63 -5.36 -12.88 -19.70
CA LEU A 63 -6.67 -12.31 -19.42
C LEU A 63 -7.54 -12.31 -20.66
N LYS A 64 -6.99 -11.81 -21.76
CA LYS A 64 -7.71 -11.75 -23.03
C LYS A 64 -7.82 -13.14 -23.64
N ASN A 65 -6.95 -14.05 -23.23
CA ASN A 65 -6.95 -15.41 -23.72
C ASN A 65 -8.14 -16.17 -23.13
N GLN A 66 -8.34 -15.99 -21.82
CA GLN A 66 -9.44 -16.64 -21.13
C GLN A 66 -10.75 -15.94 -21.46
N LEU A 67 -10.75 -14.62 -21.33
CA LEU A 67 -11.93 -13.81 -21.61
C LEU A 67 -11.77 -13.14 -22.97
N LYS A 68 -12.00 -13.90 -24.02
CA LYS A 68 -11.86 -13.40 -25.39
C LYS A 68 -12.84 -12.27 -25.69
N HIS A 69 -13.97 -12.25 -24.98
CA HIS A 69 -14.97 -11.20 -25.16
C HIS A 69 -14.56 -9.92 -24.45
N MET A 70 -13.39 -9.95 -23.82
CA MET A 70 -12.88 -8.80 -23.11
C MET A 70 -11.84 -8.08 -23.95
N SER A 71 -12.16 -6.87 -24.36
CA SER A 71 -11.27 -6.07 -25.17
C SER A 71 -10.08 -5.57 -24.34
N VAL A 72 -8.95 -5.36 -25.00
CA VAL A 72 -7.74 -4.88 -24.34
C VAL A 72 -8.01 -3.57 -23.59
N SER A 73 -8.75 -2.67 -24.23
CA SER A 73 -9.09 -1.39 -23.63
C SER A 73 -9.88 -1.58 -22.33
N SER A 74 -10.80 -2.53 -22.35
CA SER A 74 -11.63 -2.83 -21.20
C SER A 74 -10.81 -3.48 -20.08
N ILE A 75 -9.97 -4.44 -20.46
CA ILE A 75 -9.13 -5.15 -19.49
C ILE A 75 -8.17 -4.19 -18.80
N LYS A 76 -7.56 -3.29 -19.55
CA LYS A 76 -6.62 -2.33 -18.99
C LYS A 76 -7.31 -1.47 -17.93
N GLN A 77 -8.54 -1.05 -18.21
CA GLN A 77 -9.31 -0.24 -17.28
C GLN A 77 -9.62 -1.02 -16.01
N ALA A 78 -10.03 -2.28 -16.19
CA ALA A 78 -10.35 -3.16 -15.08
C ALA A 78 -9.12 -3.38 -14.21
N VAL A 79 -7.99 -3.63 -14.85
CA VAL A 79 -6.73 -3.84 -14.15
C VAL A 79 -6.39 -2.64 -13.28
N ASP A 80 -6.52 -1.45 -13.87
CA ASP A 80 -6.23 -0.21 -13.15
C ASP A 80 -7.14 -0.06 -11.94
N PHE A 81 -8.41 -0.39 -12.14
CA PHE A 81 -9.40 -0.30 -11.06
C PHE A 81 -9.08 -1.32 -9.97
N LEU A 82 -8.76 -2.54 -10.38
CA LEU A 82 -8.43 -3.61 -9.45
C LEU A 82 -7.15 -3.28 -8.68
N SER A 83 -6.29 -2.49 -9.31
CA SER A 83 -5.05 -2.06 -8.68
C SER A 83 -5.35 -1.01 -7.61
N ASN A 84 -6.29 -0.12 -7.93
CA ASN A 84 -6.69 0.93 -7.00
C ASN A 84 -7.48 0.30 -5.85
N GLU A 85 -8.12 -0.82 -6.16
CA GLU A 85 -8.88 -1.56 -5.17
C GLU A 85 -7.93 -2.42 -4.33
N GLY A 86 -6.65 -2.38 -4.70
CA GLY A 86 -5.62 -3.10 -4.00
C GLY A 86 -5.81 -4.61 -4.01
N HIS A 87 -6.35 -5.15 -5.09
CA HIS A 87 -6.57 -6.59 -5.17
C HIS A 87 -5.48 -7.26 -6.00
N ILE A 88 -5.06 -6.59 -7.07
CA ILE A 88 -4.00 -7.13 -7.93
C ILE A 88 -2.83 -6.17 -7.96
N TYR A 89 -1.70 -6.63 -8.47
CA TYR A 89 -0.50 -5.81 -8.55
C TYR A 89 0.52 -6.38 -9.52
N SER A 90 1.40 -5.52 -10.01
CA SER A 90 2.45 -5.92 -10.92
C SER A 90 3.58 -6.55 -10.11
N THR A 91 3.69 -7.86 -10.17
CA THR A 91 4.72 -8.57 -9.40
C THR A 91 6.12 -8.22 -9.88
N VAL A 92 6.41 -8.52 -11.15
CA VAL A 92 7.72 -8.24 -11.72
C VAL A 92 7.58 -7.70 -13.14
N ASP A 93 6.36 -7.30 -13.49
CA ASP A 93 6.07 -6.76 -14.81
C ASP A 93 4.64 -6.23 -14.84
N ASP A 94 4.37 -5.29 -15.74
CA ASP A 94 3.04 -4.69 -15.85
C ASP A 94 2.04 -5.70 -16.41
N ASP A 95 2.54 -6.70 -17.12
CA ASP A 95 1.69 -7.73 -17.70
C ASP A 95 1.57 -8.92 -16.74
N HIS A 96 2.53 -9.04 -15.84
CA HIS A 96 2.54 -10.12 -14.87
C HIS A 96 1.68 -9.75 -13.65
N PHE A 97 0.41 -10.07 -13.73
CA PHE A 97 -0.53 -9.76 -12.64
C PHE A 97 -0.57 -10.87 -11.62
N LYS A 98 -0.69 -10.49 -10.35
CA LYS A 98 -0.76 -11.44 -9.26
C LYS A 98 -1.66 -10.85 -8.17
N SER A 99 -2.28 -11.71 -7.38
CA SER A 99 -3.16 -11.27 -6.31
C SER A 99 -2.81 -11.97 -5.00
N THR A 100 -3.59 -11.69 -3.97
CA THR A 100 -3.38 -12.31 -2.66
C THR A 100 -4.68 -12.31 -1.86
N ASP A 101 -5.22 -11.12 -1.64
CA ASP A 101 -6.47 -10.98 -0.89
C ASP A 101 -7.57 -10.42 -1.78
N ALA A 102 -8.63 -11.17 -1.92
CA ALA A 102 -9.77 -10.78 -2.72
C ALA A 102 -11.01 -11.49 -2.22
N GLU A 103 -10.98 -11.85 -0.94
CA GLU A 103 -12.08 -12.56 -0.31
C GLU A 103 -13.14 -11.57 0.16
N GLY B 1 0.44 22.95 24.69
CA GLY B 1 0.57 22.95 26.17
C GLY B 1 1.86 23.60 26.63
N SER B 2 2.76 22.79 27.17
CA SER B 2 4.05 23.30 27.65
C SER B 2 5.20 22.45 27.15
N LYS B 3 4.86 21.29 26.56
CA LYS B 3 5.86 20.37 26.05
C LYS B 3 5.49 19.92 24.65
N VAL B 4 6.08 18.82 24.20
CA VAL B 4 5.80 18.28 22.89
C VAL B 4 4.36 17.76 22.82
N GLU B 5 3.57 18.33 21.92
CA GLU B 5 2.20 17.93 21.75
C GLU B 5 2.12 16.63 20.95
N ASP B 6 1.64 15.59 21.60
CA ASP B 6 1.51 14.28 20.97
C ASP B 6 0.12 14.12 20.38
N PRO B 7 0.02 13.99 19.06
CA PRO B 7 -1.26 13.82 18.37
C PRO B 7 -1.73 12.37 18.36
N LYS B 8 -2.99 12.17 17.98
CA LYS B 8 -3.56 10.83 17.91
C LYS B 8 -3.96 10.51 16.48
N ASP B 9 -3.54 11.37 15.56
CA ASP B 9 -3.86 11.20 14.15
C ASP B 9 -2.75 11.77 13.28
N PHE B 10 -2.90 11.62 11.97
CA PHE B 10 -1.92 12.13 11.03
C PHE B 10 -2.14 13.62 10.78
N PRO B 11 -1.10 14.33 10.28
CA PRO B 11 -1.20 15.76 9.99
C PRO B 11 -2.13 16.04 8.81
N SER B 12 -2.75 17.20 8.83
CA SER B 12 -3.68 17.64 7.79
C SER B 12 -3.04 17.64 6.40
N GLU B 13 -1.72 17.70 6.38
CA GLU B 13 -0.97 17.71 5.12
C GLU B 13 -0.95 16.34 4.46
N LEU B 14 -1.29 15.30 5.22
CA LEU B 14 -1.28 13.93 4.68
C LEU B 14 -2.66 13.29 4.76
N LEU B 15 -3.57 13.90 5.51
CA LEU B 15 -4.93 13.36 5.68
C LEU B 15 -5.66 13.28 4.33
N SER B 16 -5.25 14.10 3.39
CA SER B 16 -5.85 14.14 2.08
C SER B 16 -5.47 12.92 1.23
N PHE B 17 -4.44 12.21 1.65
CA PHE B 17 -3.97 11.04 0.91
C PHE B 17 -4.14 9.77 1.74
N LEU B 18 -4.95 9.85 2.78
CA LEU B 18 -5.17 8.69 3.64
C LEU B 18 -6.61 8.23 3.58
N SER B 19 -6.82 6.93 3.81
CA SER B 19 -8.16 6.36 3.79
C SER B 19 -8.88 6.63 5.11
N HIS B 20 -8.10 7.11 6.09
CA HIS B 20 -8.61 7.47 7.43
C HIS B 20 -8.96 6.24 8.27
N ALA B 21 -9.82 5.38 7.74
CA ALA B 21 -10.24 4.18 8.45
C ALA B 21 -9.17 3.11 8.38
N VAL B 22 -9.03 2.36 9.47
CA VAL B 22 -8.05 1.28 9.55
C VAL B 22 -8.75 -0.06 9.67
N PHE B 23 -9.99 -0.03 10.16
CA PHE B 23 -10.78 -1.24 10.32
C PHE B 23 -11.62 -1.50 9.08
N SER B 24 -11.26 -0.84 7.99
CA SER B 24 -11.95 -1.00 6.72
C SER B 24 -11.74 -2.41 6.18
N ASN B 25 -12.82 -3.14 5.96
CA ASN B 25 -12.73 -4.50 5.45
C ASN B 25 -12.44 -4.51 3.96
N ARG B 26 -11.22 -4.12 3.60
CA ARG B 26 -10.80 -4.09 2.21
C ARG B 26 -9.30 -4.32 2.14
N THR B 27 -8.82 -4.67 0.95
CA THR B 27 -7.41 -4.92 0.75
C THR B 27 -6.66 -3.61 0.53
N LEU B 28 -5.40 -3.58 0.93
CA LEU B 28 -4.58 -2.39 0.77
C LEU B 28 -3.11 -2.79 0.62
N ALA B 29 -2.28 -1.81 0.26
CA ALA B 29 -0.85 -2.06 0.06
C ALA B 29 0.00 -1.00 0.75
N CYS B 30 -0.38 0.26 0.57
CA CYS B 30 0.34 1.37 1.17
C CYS B 30 -0.11 1.61 2.60
N PHE B 31 0.85 1.57 3.52
CA PHE B 31 0.56 1.80 4.93
C PHE B 31 1.57 2.78 5.52
N ALA B 32 1.11 3.64 6.41
CA ALA B 32 1.96 4.62 7.04
C ALA B 32 1.87 4.52 8.55
N ILE B 33 3.01 4.59 9.22
CA ILE B 33 3.05 4.49 10.67
C ILE B 33 3.66 5.74 11.29
N TYR B 34 2.82 6.54 11.93
CA TYR B 34 3.26 7.75 12.61
C TYR B 34 3.71 7.36 14.01
N THR B 35 5.02 7.38 14.26
CA THR B 35 5.55 7.00 15.55
C THR B 35 6.85 7.75 15.88
N THR B 36 7.58 7.22 16.85
CA THR B 36 8.85 7.79 17.25
C THR B 36 9.95 7.31 16.31
N LYS B 37 11.03 8.09 16.20
CA LYS B 37 12.14 7.74 15.33
C LYS B 37 12.74 6.38 15.72
N GLU B 38 12.78 6.10 17.01
CA GLU B 38 13.31 4.85 17.52
C GLU B 38 12.41 3.67 17.14
N LYS B 39 11.10 3.89 17.23
CA LYS B 39 10.14 2.86 16.91
C LYS B 39 10.09 2.60 15.41
N ALA B 40 10.09 3.68 14.63
CA ALA B 40 10.05 3.58 13.18
C ALA B 40 11.31 2.91 12.65
N ALA B 41 12.41 3.04 13.41
CA ALA B 41 13.67 2.45 13.03
C ALA B 41 13.61 0.93 13.13
N LEU B 42 12.94 0.43 14.16
CA LEU B 42 12.79 -1.01 14.36
C LEU B 42 11.87 -1.60 13.31
N LEU B 43 10.73 -0.94 13.11
CA LEU B 43 9.75 -1.39 12.13
C LEU B 43 10.32 -1.38 10.72
N TYR B 44 11.26 -0.45 10.49
CA TYR B 44 11.93 -0.31 9.20
C TYR B 44 12.58 -1.62 8.76
N LYS B 45 13.24 -2.28 9.70
CA LYS B 45 13.93 -3.54 9.40
C LYS B 45 13.00 -4.74 9.59
N LYS B 46 12.09 -4.63 10.56
CA LYS B 46 11.18 -5.73 10.85
C LYS B 46 10.13 -5.92 9.75
N ILE B 47 9.38 -4.88 9.43
CA ILE B 47 8.34 -4.98 8.41
C ILE B 47 8.92 -5.34 7.04
N MET B 48 10.09 -4.78 6.73
CA MET B 48 10.76 -5.03 5.46
C MET B 48 10.96 -6.53 5.22
N GLU B 49 11.45 -7.22 6.23
CA GLU B 49 11.73 -8.65 6.11
C GLU B 49 10.56 -9.48 6.64
N LYS B 50 9.43 -8.84 6.91
CA LYS B 50 8.27 -9.55 7.40
C LYS B 50 7.21 -9.67 6.31
N TYR B 51 7.02 -8.59 5.57
CA TYR B 51 6.02 -8.58 4.51
C TYR B 51 6.68 -8.38 3.15
N SER B 52 8.01 -8.34 3.14
CA SER B 52 8.79 -8.15 1.92
C SER B 52 8.31 -6.91 1.16
N VAL B 53 8.21 -5.79 1.87
CA VAL B 53 7.75 -4.53 1.29
C VAL B 53 8.58 -4.12 0.08
N THR B 54 7.89 -3.63 -0.95
CA THR B 54 8.56 -3.19 -2.17
C THR B 54 9.26 -1.87 -1.95
N PHE B 55 8.76 -1.11 -0.98
CA PHE B 55 9.32 0.19 -0.66
C PHE B 55 9.07 0.53 0.81
N ILE B 56 10.10 1.05 1.46
CA ILE B 56 10.00 1.45 2.85
C ILE B 56 10.89 2.68 3.06
N SER B 57 10.36 3.68 3.76
CA SER B 57 11.10 4.90 4.00
C SER B 57 10.69 5.58 5.30
N ARG B 58 11.66 6.17 5.98
CA ARG B 58 11.42 6.89 7.21
C ARG B 58 11.44 8.38 6.91
N HIS B 59 10.35 9.07 7.21
CA HIS B 59 10.27 10.50 6.94
C HIS B 59 10.05 11.30 8.19
N ASN B 60 10.57 12.52 8.20
CA ASN B 60 10.42 13.42 9.33
C ASN B 60 9.24 14.33 9.08
N SER B 61 8.34 14.45 10.04
CA SER B 61 7.15 15.28 9.85
C SER B 61 7.30 16.60 10.61
N TYR B 62 6.88 16.60 11.86
CA TYR B 62 6.94 17.79 12.69
C TYR B 62 7.55 17.46 14.05
N ASN B 63 6.83 16.66 14.81
CA ASN B 63 7.29 16.29 16.15
C ASN B 63 7.64 14.80 16.24
N HIS B 64 7.36 14.05 15.18
CA HIS B 64 7.64 12.62 15.20
C HIS B 64 8.13 12.12 13.84
N ASN B 65 8.23 10.81 13.69
CA ASN B 65 8.69 10.19 12.45
C ASN B 65 7.56 9.41 11.81
N ILE B 66 7.53 9.41 10.49
CA ILE B 66 6.50 8.69 9.75
C ILE B 66 7.12 7.60 8.90
N LEU B 67 6.75 6.36 9.17
CA LEU B 67 7.26 5.24 8.41
C LEU B 67 6.30 4.92 7.28
N PHE B 68 6.76 5.09 6.05
CA PHE B 68 5.94 4.83 4.88
C PHE B 68 6.43 3.59 4.15
N PHE B 69 5.58 2.59 4.04
CA PHE B 69 5.95 1.35 3.37
C PHE B 69 4.81 0.81 2.54
N LEU B 70 5.15 0.06 1.51
CA LEU B 70 4.15 -0.54 0.63
C LEU B 70 4.33 -2.05 0.57
N THR B 71 3.33 -2.77 1.00
CA THR B 71 3.37 -4.23 0.99
C THR B 71 2.82 -4.78 -0.32
N PRO B 72 3.61 -5.59 -1.03
CA PRO B 72 3.18 -6.21 -2.30
C PRO B 72 2.06 -7.21 -2.07
N HIS B 73 2.22 -8.03 -1.03
CA HIS B 73 1.23 -9.05 -0.69
C HIS B 73 -0.05 -8.37 -0.25
N ARG B 74 -1.13 -8.70 -0.94
CA ARG B 74 -2.43 -8.11 -0.63
C ARG B 74 -3.01 -8.67 0.66
N HIS B 75 -3.47 -7.77 1.53
CA HIS B 75 -4.04 -8.15 2.81
C HIS B 75 -4.95 -7.04 3.32
N ARG B 76 -5.80 -7.37 4.28
CA ARG B 76 -6.72 -6.39 4.87
C ARG B 76 -5.94 -5.35 5.67
N VAL B 77 -6.50 -4.15 5.77
CA VAL B 77 -5.87 -3.04 6.49
C VAL B 77 -5.70 -3.36 7.98
N SER B 78 -6.77 -3.85 8.60
CA SER B 78 -6.75 -4.18 10.03
C SER B 78 -5.70 -5.24 10.38
N ALA B 79 -5.32 -6.05 9.40
CA ALA B 79 -4.33 -7.09 9.61
C ALA B 79 -2.98 -6.49 9.99
N ILE B 80 -2.65 -5.35 9.37
CA ILE B 80 -1.40 -4.67 9.64
C ILE B 80 -1.50 -3.88 10.94
N ASN B 81 -2.67 -3.29 11.16
CA ASN B 81 -2.93 -2.50 12.37
C ASN B 81 -2.70 -3.33 13.63
N ASN B 82 -3.21 -4.55 13.65
CA ASN B 82 -3.06 -5.43 14.80
C ASN B 82 -1.60 -5.68 15.12
N TYR B 83 -0.80 -5.84 14.08
CA TYR B 83 0.63 -6.10 14.22
C TYR B 83 1.35 -4.87 14.77
N ALA B 84 1.02 -3.71 14.23
CA ALA B 84 1.64 -2.47 14.64
C ALA B 84 1.20 -2.04 16.04
N GLN B 85 -0.09 -2.17 16.32
CA GLN B 85 -0.66 -1.81 17.62
C GLN B 85 -0.05 -2.65 18.73
N LYS B 86 0.36 -3.86 18.40
CA LYS B 86 0.95 -4.78 19.36
C LYS B 86 2.29 -4.28 19.88
N LEU B 87 3.01 -3.52 19.07
CA LEU B 87 4.32 -3.00 19.45
C LEU B 87 4.24 -1.61 20.08
N CYS B 88 3.18 -1.37 20.85
CA CYS B 88 3.01 -0.07 21.49
C CYS B 88 3.20 -0.19 23.00
N THR B 89 4.26 -0.89 23.39
CA THR B 89 4.58 -1.09 24.78
C THR B 89 5.50 0.01 25.32
N PHE B 90 6.27 0.63 24.43
CA PHE B 90 7.20 1.67 24.85
C PHE B 90 6.90 3.01 24.16
N SER B 91 6.03 2.97 23.16
CA SER B 91 5.67 4.19 22.43
C SER B 91 4.33 4.02 21.74
N PHE B 92 3.64 5.13 21.53
CA PHE B 92 2.35 5.15 20.85
C PHE B 92 2.49 4.70 19.39
N LEU B 93 1.39 4.70 18.65
CA LEU B 93 1.42 4.32 17.26
C LEU B 93 0.17 4.76 16.52
N ILE B 94 0.38 5.42 15.40
CA ILE B 94 -0.71 5.87 14.55
C ILE B 94 -0.52 5.32 13.15
N CYS B 95 -1.01 4.09 12.93
CA CYS B 95 -0.89 3.46 11.63
C CYS B 95 -2.24 3.47 10.95
N LYS B 96 -2.28 4.03 9.75
CA LYS B 96 -3.52 4.11 8.99
C LYS B 96 -3.28 3.75 7.53
N GLY B 97 -4.35 3.44 6.83
CA GLY B 97 -4.26 3.08 5.43
C GLY B 97 -4.04 4.28 4.54
N VAL B 98 -3.13 4.14 3.59
CA VAL B 98 -2.82 5.20 2.66
C VAL B 98 -3.67 5.08 1.41
N ASN B 99 -4.38 6.16 1.08
CA ASN B 99 -5.26 6.16 -0.09
C ASN B 99 -4.47 6.44 -1.36
N LYS B 100 -3.47 7.31 -1.26
CA LYS B 100 -2.65 7.65 -2.40
C LYS B 100 -1.18 7.57 -2.04
N GLU B 101 -0.53 6.51 -2.51
CA GLU B 101 0.88 6.25 -2.25
C GLU B 101 1.80 7.36 -2.80
N TYR B 102 1.87 7.44 -4.13
CA TYR B 102 2.71 8.43 -4.79
C TYR B 102 2.39 9.84 -4.31
N LEU B 103 1.12 10.13 -4.15
CA LEU B 103 0.67 11.45 -3.70
C LEU B 103 1.15 11.74 -2.29
N MET B 104 1.05 10.76 -1.39
CA MET B 104 1.49 10.94 -0.02
C MET B 104 2.99 11.14 0.03
N TYR B 105 3.72 10.39 -0.79
CA TYR B 105 5.17 10.51 -0.85
C TYR B 105 5.55 11.89 -1.35
N SER B 106 4.73 12.45 -2.23
CA SER B 106 4.98 13.78 -2.78
C SER B 106 4.94 14.84 -1.69
N ALA B 107 4.03 14.65 -0.73
CA ALA B 107 3.90 15.58 0.38
C ALA B 107 4.99 15.31 1.41
N LEU B 108 5.39 14.05 1.52
CA LEU B 108 6.42 13.63 2.47
C LEU B 108 7.82 13.98 1.98
N THR B 109 7.91 14.77 0.92
CA THR B 109 9.20 15.16 0.38
C THR B 109 9.29 16.68 0.23
N ARG B 110 8.44 17.41 0.94
CA ARG B 110 8.42 18.87 0.84
C ARG B 110 8.65 19.53 2.19
N ASP B 111 9.41 20.63 2.14
CA ASP B 111 9.79 21.48 3.29
C ASP B 111 9.76 20.81 4.68
N PRO B 112 8.60 20.74 5.41
CA PRO B 112 8.59 20.13 6.75
C PRO B 112 8.89 18.63 6.71
N PHE B 113 8.30 17.95 5.74
CA PHE B 113 8.48 16.51 5.61
C PHE B 113 9.79 16.19 4.90
N SER B 114 10.79 15.83 5.69
CA SER B 114 12.10 15.51 5.17
C SER B 114 12.25 14.00 4.94
N VAL B 115 13.18 13.63 4.08
CA VAL B 115 13.43 12.23 3.77
C VAL B 115 14.72 11.77 4.43
N ILE B 116 14.60 10.79 5.31
CA ILE B 116 15.77 10.27 6.00
C ILE B 116 16.39 9.11 5.23
N GLU B 117 15.75 7.95 5.29
CA GLU B 117 16.25 6.77 4.60
C GLU B 117 15.13 6.07 3.84
N GLU B 118 15.48 5.44 2.73
CA GLU B 118 14.50 4.71 1.92
C GLU B 118 15.18 3.58 1.16
N SER B 119 14.42 2.55 0.83
CA SER B 119 14.95 1.39 0.11
C SER B 119 15.13 1.68 -1.38
N LEU B 120 14.11 2.25 -2.00
CA LEU B 120 14.15 2.57 -3.42
C LEU B 120 15.09 3.74 -3.69
N PRO B 121 15.75 3.75 -4.85
CA PRO B 121 16.67 4.82 -5.24
C PRO B 121 15.95 6.00 -5.88
N GLY B 122 15.20 6.73 -5.08
CA GLY B 122 14.48 7.88 -5.59
C GLY B 122 12.99 7.76 -5.39
N GLY B 123 12.59 7.30 -4.21
CA GLY B 123 11.19 7.14 -3.90
C GLY B 123 10.48 6.12 -4.75
N LEU B 124 9.16 6.21 -4.80
CA LEU B 124 8.34 5.30 -5.57
C LEU B 124 8.35 5.66 -7.04
N LYS B 125 8.07 4.69 -7.89
CA LYS B 125 8.04 4.91 -9.33
C LYS B 125 6.88 4.15 -9.95
N GLU B 126 6.83 4.12 -11.28
CA GLU B 126 5.77 3.44 -12.01
C GLU B 126 6.00 1.93 -12.05
N HIS B 127 7.16 1.49 -11.58
CA HIS B 127 7.48 0.07 -11.57
C HIS B 127 6.86 -0.63 -10.37
N ASP B 128 6.42 0.15 -9.41
CA ASP B 128 5.82 -0.41 -8.19
C ASP B 128 4.32 -0.56 -8.34
N PHE B 129 3.77 0.06 -9.38
CA PHE B 129 2.33 0.01 -9.63
C PHE B 129 2.06 -0.50 -11.04
N ASN B 130 0.87 -0.19 -11.55
CA ASN B 130 0.49 -0.61 -12.89
C ASN B 130 -0.02 0.58 -13.68
N PRO B 131 0.61 0.86 -14.83
CA PRO B 131 0.20 1.97 -15.68
C PRO B 131 -1.10 1.68 -16.42
N ALA A 35 14.92 -11.35 -16.60
CA ALA A 35 14.36 -9.97 -16.60
C ALA A 35 12.92 -9.97 -16.12
N ASN A 36 12.12 -10.87 -16.68
CA ASN A 36 10.71 -10.99 -16.31
C ASN A 36 10.58 -11.79 -15.02
N GLY A 37 9.83 -11.24 -14.07
CA GLY A 37 9.64 -11.91 -12.80
C GLY A 37 8.41 -12.78 -12.77
N LEU A 38 7.59 -12.70 -13.81
CA LEU A 38 6.36 -13.46 -13.88
C LEU A 38 6.51 -14.64 -14.84
N THR A 39 5.61 -15.62 -14.71
CA THR A 39 5.62 -16.79 -15.57
C THR A 39 4.70 -16.57 -16.77
N VAL A 40 4.80 -17.45 -17.76
CA VAL A 40 3.97 -17.36 -18.96
C VAL A 40 2.49 -17.32 -18.62
N ALA A 41 2.07 -18.18 -17.70
CA ALA A 41 0.67 -18.23 -17.28
C ALA A 41 0.22 -16.91 -16.66
N GLN A 42 1.06 -16.35 -15.79
CA GLN A 42 0.73 -15.10 -15.12
C GLN A 42 0.79 -13.93 -16.09
N ASN A 43 1.72 -13.99 -17.04
CA ASN A 43 1.89 -12.95 -18.04
C ASN A 43 0.62 -12.79 -18.88
N GLN A 44 0.01 -13.92 -19.22
CA GLN A 44 -1.22 -13.93 -20.01
C GLN A 44 -2.31 -13.15 -19.29
N VAL A 45 -2.50 -13.46 -18.02
CA VAL A 45 -3.51 -12.78 -17.20
C VAL A 45 -3.23 -11.29 -17.10
N LEU A 46 -1.99 -10.96 -16.77
CA LEU A 46 -1.57 -9.57 -16.61
C LEU A 46 -1.76 -8.77 -17.90
N ASN A 47 -1.24 -9.30 -19.01
CA ASN A 47 -1.32 -8.61 -20.29
C ASN A 47 -2.77 -8.36 -20.68
N LEU A 48 -3.64 -9.32 -20.41
CA LEU A 48 -5.07 -9.19 -20.74
C LEU A 48 -5.72 -8.03 -19.99
N ILE A 49 -5.32 -7.84 -18.73
CA ILE A 49 -5.88 -6.78 -17.91
C ILE A 49 -5.56 -5.39 -18.45
N LYS A 50 -4.36 -5.22 -18.99
CA LYS A 50 -3.96 -3.92 -19.52
C LYS A 50 -4.13 -3.84 -21.03
N ALA A 51 -4.71 -4.88 -21.62
CA ALA A 51 -4.94 -4.91 -23.06
C ALA A 51 -6.44 -4.91 -23.35
N CYS A 52 -7.23 -4.83 -22.29
CA CYS A 52 -8.66 -4.81 -22.41
C CYS A 52 -9.16 -3.43 -22.83
N PRO A 53 -9.85 -3.36 -23.97
CA PRO A 53 -10.37 -2.09 -24.50
C PRO A 53 -11.64 -1.65 -23.78
N ARG A 54 -11.62 -1.74 -22.47
CA ARG A 54 -12.77 -1.35 -21.66
C ARG A 54 -12.33 -0.38 -20.56
N PRO A 55 -13.13 0.67 -20.30
CA PRO A 55 -12.82 1.67 -19.27
C PRO A 55 -12.79 1.07 -17.87
N GLU A 56 -13.48 -0.06 -17.70
CA GLU A 56 -13.54 -0.74 -16.42
C GLU A 56 -12.29 -1.59 -16.22
N GLY A 57 -11.58 -1.85 -17.31
CA GLY A 57 -10.41 -2.67 -17.25
C GLY A 57 -10.77 -4.13 -17.43
N LEU A 58 -10.34 -4.97 -16.50
CA LEU A 58 -10.66 -6.38 -16.57
C LEU A 58 -11.11 -6.88 -15.21
N ASN A 59 -12.42 -7.02 -15.07
CA ASN A 59 -13.03 -7.49 -13.83
C ASN A 59 -12.67 -8.96 -13.59
N PHE A 60 -12.78 -9.41 -12.34
CA PHE A 60 -12.49 -10.80 -12.00
C PHE A 60 -13.46 -11.70 -12.75
N GLN A 61 -14.70 -11.23 -12.89
CA GLN A 61 -15.73 -11.97 -13.61
C GLN A 61 -15.31 -12.13 -15.08
N ASP A 62 -14.63 -11.11 -15.59
CA ASP A 62 -14.17 -11.09 -16.96
C ASP A 62 -12.91 -11.93 -17.12
N LEU A 63 -12.07 -11.89 -16.09
CA LEU A 63 -10.81 -12.64 -16.09
C LEU A 63 -11.06 -14.13 -16.32
N LYS A 64 -11.99 -14.71 -15.56
CA LYS A 64 -12.30 -16.12 -15.67
C LYS A 64 -13.12 -16.41 -16.93
N ASN A 65 -13.71 -15.37 -17.52
CA ASN A 65 -14.50 -15.51 -18.73
C ASN A 65 -13.60 -15.50 -19.95
N GLN A 66 -12.64 -14.59 -19.97
CA GLN A 66 -11.70 -14.48 -21.08
C GLN A 66 -10.70 -15.62 -21.03
N LEU A 67 -10.22 -15.92 -19.83
CA LEU A 67 -9.25 -16.98 -19.64
C LEU A 67 -9.91 -18.20 -19.04
N LYS A 68 -10.68 -18.91 -19.86
CA LYS A 68 -11.38 -20.11 -19.42
C LYS A 68 -10.41 -21.27 -19.24
N HIS A 69 -9.15 -21.03 -19.59
CA HIS A 69 -8.11 -22.05 -19.45
C HIS A 69 -7.38 -21.88 -18.11
N MET A 70 -8.03 -21.21 -17.17
CA MET A 70 -7.47 -20.98 -15.85
C MET A 70 -8.57 -21.07 -14.80
N SER A 71 -8.23 -21.65 -13.66
CA SER A 71 -9.19 -21.80 -12.57
C SER A 71 -9.37 -20.49 -11.81
N VAL A 72 -10.50 -20.38 -11.10
CA VAL A 72 -10.80 -19.18 -10.32
C VAL A 72 -9.69 -18.93 -9.30
N SER A 73 -9.25 -20.00 -8.65
CA SER A 73 -8.19 -19.92 -7.67
C SER A 73 -6.88 -19.47 -8.32
N SER A 74 -6.60 -20.03 -9.50
CA SER A 74 -5.40 -19.68 -10.24
C SER A 74 -5.39 -18.20 -10.57
N ILE A 75 -6.55 -17.67 -10.94
CA ILE A 75 -6.69 -16.26 -11.28
C ILE A 75 -6.45 -15.42 -10.01
N LYS A 76 -7.02 -15.88 -8.90
CA LYS A 76 -6.86 -15.19 -7.63
C LYS A 76 -5.40 -15.16 -7.22
N GLN A 77 -4.71 -16.29 -7.39
CA GLN A 77 -3.29 -16.40 -7.06
C GLN A 77 -2.48 -15.44 -7.92
N ALA A 78 -2.81 -15.39 -9.20
CA ALA A 78 -2.13 -14.50 -10.14
C ALA A 78 -2.36 -13.04 -9.75
N VAL A 79 -3.62 -12.70 -9.53
CA VAL A 79 -3.99 -11.34 -9.12
C VAL A 79 -3.26 -10.96 -7.84
N ASP A 80 -3.15 -11.92 -6.93
CA ASP A 80 -2.49 -11.72 -5.64
C ASP A 80 -1.03 -11.31 -5.86
N PHE A 81 -0.34 -12.05 -6.73
CA PHE A 81 1.06 -11.77 -7.04
C PHE A 81 1.17 -10.43 -7.74
N LEU A 82 0.27 -10.18 -8.68
CA LEU A 82 0.24 -8.94 -9.43
C LEU A 82 -0.01 -7.76 -8.49
N SER A 83 -0.73 -8.02 -7.40
CA SER A 83 -1.04 -7.00 -6.42
C SER A 83 0.17 -6.71 -5.54
N ASN A 84 1.00 -7.73 -5.33
CA ASN A 84 2.20 -7.57 -4.53
C ASN A 84 3.24 -6.82 -5.33
N GLU A 85 3.25 -7.05 -6.64
CA GLU A 85 4.16 -6.39 -7.55
C GLU A 85 3.72 -4.96 -7.79
N GLY A 86 2.42 -4.77 -7.96
CA GLY A 86 1.89 -3.44 -8.21
C GLY A 86 1.50 -3.25 -9.66
N HIS A 87 1.05 -4.33 -10.28
CA HIS A 87 0.65 -4.28 -11.68
C HIS A 87 -0.82 -3.90 -11.81
N ILE A 88 -1.63 -4.40 -10.88
CA ILE A 88 -3.07 -4.12 -10.88
C ILE A 88 -3.54 -3.76 -9.47
N TYR A 89 -4.76 -3.26 -9.37
CA TYR A 89 -5.33 -2.87 -8.08
C TYR A 89 -6.84 -2.83 -8.12
N SER A 90 -7.46 -2.89 -6.95
CA SER A 90 -8.89 -2.83 -6.82
C SER A 90 -9.33 -1.36 -6.82
N THR A 91 -10.34 -1.03 -7.60
CA THR A 91 -10.82 0.35 -7.67
C THR A 91 -11.97 0.60 -6.70
N VAL A 92 -13.20 0.59 -7.24
CA VAL A 92 -14.38 0.84 -6.43
C VAL A 92 -15.10 -0.47 -6.12
N ASP A 93 -14.48 -1.58 -6.46
CA ASP A 93 -15.06 -2.89 -6.24
C ASP A 93 -13.95 -3.93 -6.11
N ASP A 94 -14.23 -5.00 -5.38
CA ASP A 94 -13.27 -6.07 -5.18
C ASP A 94 -13.09 -6.87 -6.46
N ASP A 95 -14.16 -6.96 -7.24
CA ASP A 95 -14.13 -7.70 -8.50
C ASP A 95 -13.62 -6.80 -9.62
N HIS A 96 -13.75 -5.49 -9.41
CA HIS A 96 -13.33 -4.50 -10.39
C HIS A 96 -11.84 -4.19 -10.27
N PHE A 97 -11.03 -4.95 -10.98
CA PHE A 97 -9.59 -4.76 -10.96
C PHE A 97 -9.14 -3.89 -12.13
N LYS A 98 -8.24 -2.95 -11.87
CA LYS A 98 -7.74 -2.06 -12.89
C LYS A 98 -6.24 -2.21 -13.05
N SER A 99 -5.77 -2.02 -14.27
CA SER A 99 -4.35 -2.11 -14.58
C SER A 99 -3.68 -0.75 -14.42
N THR A 100 -2.39 -0.75 -14.09
CA THR A 100 -1.65 0.50 -13.94
C THR A 100 -0.23 0.36 -14.46
N ASP A 101 0.55 -0.49 -13.81
CA ASP A 101 1.93 -0.71 -14.19
C ASP A 101 2.14 -2.13 -14.70
N ALA A 102 1.92 -2.32 -16.00
CA ALA A 102 2.07 -3.63 -16.62
C ALA A 102 2.10 -3.50 -18.14
N GLU A 103 2.78 -4.42 -18.79
CA GLU A 103 2.88 -4.41 -20.24
C GLU A 103 2.80 -5.84 -20.78
N GLY B 1 19.14 7.97 25.88
CA GLY B 1 19.84 9.28 25.97
C GLY B 1 19.35 10.09 27.15
N SER B 2 19.39 11.40 27.02
CA SER B 2 18.94 12.30 28.07
C SER B 2 17.55 12.85 27.76
N LYS B 3 17.27 13.00 26.46
CA LYS B 3 16.00 13.53 26.01
C LYS B 3 15.22 12.46 25.26
N VAL B 4 14.33 12.88 24.37
CA VAL B 4 13.53 11.97 23.59
C VAL B 4 14.40 11.19 22.59
N GLU B 5 14.14 9.91 22.47
CA GLU B 5 14.88 9.06 21.56
C GLU B 5 14.39 9.26 20.14
N ASP B 6 15.13 10.06 19.37
CA ASP B 6 14.79 10.33 17.97
C ASP B 6 15.29 9.19 17.11
N PRO B 7 14.38 8.43 16.49
CA PRO B 7 14.73 7.30 15.66
C PRO B 7 15.13 7.69 14.24
N LYS B 8 15.85 6.79 13.57
CA LYS B 8 16.28 7.02 12.20
C LYS B 8 15.57 6.05 11.27
N ASP B 9 14.90 5.08 11.88
CA ASP B 9 14.17 4.07 11.13
C ASP B 9 12.98 3.60 11.95
N PHE B 10 12.22 2.65 11.40
CA PHE B 10 11.06 2.11 12.08
C PHE B 10 11.49 1.10 13.14
N PRO B 11 10.64 0.84 14.14
CA PRO B 11 10.95 -0.13 15.20
C PRO B 11 11.15 -1.53 14.63
N SER B 12 11.95 -2.33 15.31
CA SER B 12 12.27 -3.69 14.88
C SER B 12 11.00 -4.55 14.79
N GLU B 13 9.96 -4.13 15.49
CA GLU B 13 8.70 -4.84 15.51
C GLU B 13 7.95 -4.68 14.18
N LEU B 14 8.29 -3.63 13.43
CA LEU B 14 7.62 -3.36 12.16
C LEU B 14 8.57 -3.53 10.97
N LEU B 15 9.87 -3.54 11.23
CA LEU B 15 10.88 -3.68 10.19
C LEU B 15 10.75 -5.00 9.42
N SER B 16 10.03 -5.94 10.01
CA SER B 16 9.84 -7.24 9.39
C SER B 16 8.75 -7.22 8.31
N PHE B 17 7.98 -6.13 8.27
CA PHE B 17 6.90 -6.01 7.30
C PHE B 17 7.19 -4.92 6.26
N LEU B 18 8.31 -4.24 6.44
CA LEU B 18 8.69 -3.16 5.54
C LEU B 18 9.57 -3.66 4.41
N SER B 19 9.47 -3.00 3.26
CA SER B 19 10.25 -3.36 2.08
C SER B 19 11.70 -2.94 2.27
N HIS B 20 11.92 -2.06 3.26
CA HIS B 20 13.24 -1.53 3.62
C HIS B 20 13.75 -0.52 2.59
N ALA B 21 13.85 -0.94 1.34
CA ALA B 21 14.32 -0.04 0.29
C ALA B 21 13.24 0.98 -0.05
N VAL B 22 13.67 2.23 -0.22
CA VAL B 22 12.74 3.31 -0.55
C VAL B 22 12.95 3.80 -1.97
N PHE B 23 13.99 3.30 -2.63
CA PHE B 23 14.29 3.70 -4.01
C PHE B 23 14.18 2.50 -4.94
N SER B 24 13.41 1.52 -4.54
CA SER B 24 13.22 0.32 -5.35
C SER B 24 12.12 0.52 -6.39
N ASN B 25 12.35 -0.03 -7.58
CA ASN B 25 11.37 0.08 -8.67
C ASN B 25 10.21 -0.88 -8.44
N ARG B 26 9.47 -0.64 -7.38
CA ARG B 26 8.33 -1.47 -7.03
C ARG B 26 7.07 -0.61 -6.98
N THR B 27 6.05 -1.03 -7.67
CA THR B 27 4.78 -0.31 -7.69
C THR B 27 3.95 -0.64 -6.45
N LEU B 28 4.53 -0.33 -5.30
CA LEU B 28 3.91 -0.59 -4.02
C LEU B 28 2.66 0.26 -3.81
N ALA B 29 1.78 -0.20 -2.93
CA ALA B 29 0.55 0.51 -2.65
C ALA B 29 0.49 0.95 -1.19
N CYS B 30 1.16 0.22 -0.31
CA CYS B 30 1.17 0.54 1.11
C CYS B 30 2.46 1.23 1.51
N PHE B 31 2.33 2.37 2.18
CA PHE B 31 3.48 3.12 2.63
C PHE B 31 3.29 3.59 4.06
N ALA B 32 4.38 3.70 4.80
CA ALA B 32 4.31 4.14 6.18
C ALA B 32 5.29 5.28 6.41
N ILE B 33 4.89 6.26 7.21
CA ILE B 33 5.75 7.40 7.50
C ILE B 33 5.91 7.61 9.00
N TYR B 34 7.11 7.39 9.50
CA TYR B 34 7.41 7.59 10.91
C TYR B 34 7.76 9.05 11.12
N THR B 35 6.89 9.79 11.79
CA THR B 35 7.11 11.21 12.01
C THR B 35 6.50 11.68 13.32
N THR B 36 6.42 12.99 13.48
CA THR B 36 5.83 13.58 14.67
C THR B 36 4.31 13.67 14.50
N LYS B 37 3.58 13.58 15.60
CA LYS B 37 2.12 13.64 15.58
C LYS B 37 1.63 14.89 14.83
N GLU B 38 2.32 16.00 15.03
CA GLU B 38 1.98 17.27 14.39
C GLU B 38 2.14 17.18 12.87
N LYS B 39 3.13 16.43 12.43
CA LYS B 39 3.39 16.27 11.00
C LYS B 39 2.44 15.26 10.39
N ALA B 40 2.22 14.16 11.12
CA ALA B 40 1.33 13.10 10.66
C ALA B 40 -0.09 13.61 10.50
N ALA B 41 -0.47 14.57 11.35
CA ALA B 41 -1.80 15.14 11.29
C ALA B 41 -2.01 15.88 9.97
N LEU B 42 -0.94 16.52 9.49
CA LEU B 42 -1.00 17.26 8.23
C LEU B 42 -1.03 16.30 7.06
N LEU B 43 -0.14 15.32 7.07
CA LEU B 43 -0.05 14.33 6.01
C LEU B 43 -1.33 13.51 5.90
N TYR B 44 -2.03 13.38 7.03
CA TYR B 44 -3.27 12.63 7.10
C TYR B 44 -4.29 13.13 6.07
N LYS B 45 -4.36 14.45 5.91
CA LYS B 45 -5.31 15.03 4.96
C LYS B 45 -4.63 15.36 3.64
N LYS B 46 -3.35 15.77 3.71
CA LYS B 46 -2.59 16.13 2.51
C LYS B 46 -2.50 14.96 1.53
N ILE B 47 -2.05 13.81 2.02
CA ILE B 47 -1.90 12.64 1.17
C ILE B 47 -3.25 12.01 0.83
N MET B 48 -4.20 12.14 1.75
CA MET B 48 -5.54 11.58 1.58
C MET B 48 -6.16 11.98 0.25
N GLU B 49 -6.19 13.29 -0.02
CA GLU B 49 -6.79 13.78 -1.25
C GLU B 49 -5.77 13.85 -2.38
N LYS B 50 -4.49 13.89 -2.02
CA LYS B 50 -3.41 13.97 -3.02
C LYS B 50 -3.38 12.73 -3.89
N TYR B 51 -3.30 11.57 -3.27
CA TYR B 51 -3.24 10.31 -4.00
C TYR B 51 -4.55 9.56 -3.90
N SER B 52 -5.54 10.17 -3.25
CA SER B 52 -6.86 9.57 -3.07
C SER B 52 -6.73 8.19 -2.44
N VAL B 53 -6.23 8.17 -1.21
CA VAL B 53 -6.02 6.92 -0.48
C VAL B 53 -7.33 6.34 0.02
N THR B 54 -7.39 5.02 0.05
CA THR B 54 -8.58 4.33 0.54
C THR B 54 -8.55 4.26 2.06
N PHE B 55 -7.38 3.95 2.59
CA PHE B 55 -7.20 3.84 4.03
C PHE B 55 -6.01 4.67 4.48
N ILE B 56 -6.23 5.47 5.51
CA ILE B 56 -5.18 6.28 6.09
C ILE B 56 -5.43 6.36 7.60
N SER B 57 -4.39 6.14 8.39
CA SER B 57 -4.54 6.15 9.83
C SER B 57 -3.28 6.64 10.53
N ARG B 58 -3.47 7.17 11.73
CA ARG B 58 -2.38 7.64 12.55
C ARG B 58 -2.23 6.70 13.74
N HIS B 59 -1.11 6.00 13.83
CA HIS B 59 -0.89 5.06 14.91
C HIS B 59 0.33 5.44 15.74
N ASN B 60 0.15 5.42 17.05
CA ASN B 60 1.22 5.75 17.98
C ASN B 60 2.17 4.57 18.09
N SER B 61 3.45 4.85 18.05
CA SER B 61 4.46 3.80 18.16
C SER B 61 5.13 3.83 19.53
N TYR B 62 6.02 4.79 19.72
CA TYR B 62 6.73 4.93 20.98
C TYR B 62 6.75 6.39 21.41
N ASN B 63 7.65 7.16 20.81
CA ASN B 63 7.76 8.58 21.14
C ASN B 63 7.27 9.46 19.99
N HIS B 64 6.78 8.80 18.94
CA HIS B 64 6.30 9.52 17.76
C HIS B 64 5.08 8.82 17.18
N ASN B 65 4.66 9.24 15.99
CA ASN B 65 3.49 8.66 15.34
C ASN B 65 3.84 8.12 13.95
N ILE B 66 3.17 7.07 13.54
CA ILE B 66 3.40 6.48 12.23
C ILE B 66 2.16 6.59 11.37
N LEU B 67 2.31 7.28 10.25
CA LEU B 67 1.21 7.45 9.31
C LEU B 67 1.12 6.23 8.40
N PHE B 68 0.05 5.49 8.54
CA PHE B 68 -0.17 4.28 7.75
C PHE B 68 -1.26 4.54 6.72
N PHE B 69 -0.90 4.50 5.44
CA PHE B 69 -1.88 4.74 4.39
C PHE B 69 -1.69 3.78 3.23
N LEU B 70 -2.79 3.47 2.56
CA LEU B 70 -2.77 2.58 1.41
C LEU B 70 -3.27 3.31 0.18
N THR B 71 -2.36 3.53 -0.76
CA THR B 71 -2.68 4.21 -1.99
C THR B 71 -3.08 3.20 -3.06
N PRO B 72 -4.33 3.26 -3.56
CA PRO B 72 -4.81 2.35 -4.59
C PRO B 72 -4.04 2.52 -5.90
N HIS B 73 -3.64 3.75 -6.17
CA HIS B 73 -2.89 4.06 -7.37
C HIS B 73 -1.47 3.54 -7.26
N ARG B 74 -1.12 2.63 -8.14
CA ARG B 74 0.21 2.04 -8.14
C ARG B 74 1.27 3.04 -8.57
N HIS B 75 2.34 3.13 -7.80
CA HIS B 75 3.43 4.06 -8.08
C HIS B 75 4.71 3.56 -7.44
N ARG B 76 5.85 4.11 -7.84
CA ARG B 76 7.13 3.71 -7.29
C ARG B 76 7.32 4.28 -5.88
N VAL B 77 8.16 3.61 -5.09
CA VAL B 77 8.42 4.04 -3.72
C VAL B 77 9.19 5.36 -3.68
N SER B 78 10.13 5.51 -4.60
CA SER B 78 10.96 6.71 -4.69
C SER B 78 10.11 7.96 -4.89
N ALA B 79 9.02 7.82 -5.65
CA ALA B 79 8.13 8.94 -5.93
C ALA B 79 7.44 9.42 -4.66
N ILE B 80 7.12 8.49 -3.77
CA ILE B 80 6.45 8.83 -2.53
C ILE B 80 7.39 9.56 -1.58
N ASN B 81 8.61 9.04 -1.44
CA ASN B 81 9.59 9.63 -0.55
C ASN B 81 9.95 11.04 -1.00
N ASN B 82 9.94 11.27 -2.30
CA ASN B 82 10.25 12.59 -2.87
C ASN B 82 9.28 13.64 -2.34
N TYR B 83 8.03 13.25 -2.18
CA TYR B 83 6.99 14.15 -1.69
C TYR B 83 7.11 14.32 -0.18
N ALA B 84 7.29 13.19 0.52
CA ALA B 84 7.39 13.20 1.97
C ALA B 84 8.65 13.90 2.47
N GLN B 85 9.77 13.68 1.77
CA GLN B 85 11.06 14.28 2.15
C GLN B 85 11.00 15.81 2.03
N LYS B 86 10.10 16.30 1.19
CA LYS B 86 9.96 17.74 1.00
C LYS B 86 9.37 18.37 2.26
N LEU B 87 8.56 17.61 2.97
CA LEU B 87 7.93 18.09 4.19
C LEU B 87 8.76 17.70 5.41
N CYS B 88 10.06 17.58 5.21
CA CYS B 88 10.98 17.22 6.29
C CYS B 88 11.63 18.48 6.85
N THR B 89 11.03 19.62 6.55
CA THR B 89 11.54 20.91 7.01
C THR B 89 11.23 21.15 8.48
N PHE B 90 9.98 20.95 8.87
CA PHE B 90 9.55 21.17 10.25
C PHE B 90 10.28 20.22 11.20
N SER B 91 10.36 18.96 10.81
CA SER B 91 11.03 17.94 11.60
C SER B 91 11.43 16.79 10.69
N PHE B 92 12.20 15.84 11.22
CA PHE B 92 12.66 14.68 10.46
C PHE B 92 11.48 13.87 9.92
N LEU B 93 11.77 12.98 8.99
CA LEU B 93 10.73 12.16 8.37
C LEU B 93 11.30 10.82 7.91
N ILE B 94 10.72 9.73 8.39
CA ILE B 94 11.15 8.40 8.01
C ILE B 94 10.08 7.72 7.18
N CYS B 95 10.18 7.82 5.87
CA CYS B 95 9.22 7.20 4.98
C CYS B 95 9.77 5.88 4.45
N LYS B 96 8.94 4.85 4.44
CA LYS B 96 9.36 3.54 3.97
C LYS B 96 8.16 2.75 3.46
N GLY B 97 8.40 1.89 2.48
CA GLY B 97 7.34 1.09 1.92
C GLY B 97 7.03 -0.13 2.76
N VAL B 98 5.79 -0.58 2.70
CA VAL B 98 5.35 -1.74 3.46
C VAL B 98 5.00 -2.89 2.52
N ASN B 99 5.59 -4.05 2.77
CA ASN B 99 5.35 -5.23 1.93
C ASN B 99 4.21 -6.07 2.51
N LYS B 100 3.83 -5.76 3.74
CA LYS B 100 2.76 -6.47 4.42
C LYS B 100 1.88 -5.47 5.17
N GLU B 101 0.89 -4.95 4.47
CA GLU B 101 -0.02 -3.95 5.03
C GLU B 101 -0.82 -4.49 6.21
N TYR B 102 -1.60 -5.53 5.95
CA TYR B 102 -2.44 -6.13 6.99
C TYR B 102 -1.60 -6.59 8.18
N LEU B 103 -0.45 -7.17 7.88
CA LEU B 103 0.44 -7.68 8.92
C LEU B 103 0.98 -6.53 9.76
N MET B 104 1.44 -5.46 9.11
CA MET B 104 1.96 -4.30 9.83
C MET B 104 0.87 -3.62 10.63
N TYR B 105 -0.32 -3.53 10.03
CA TYR B 105 -1.46 -2.91 10.72
C TYR B 105 -1.81 -3.68 11.98
N SER B 106 -1.67 -5.01 11.90
CA SER B 106 -1.97 -5.87 13.04
C SER B 106 -1.01 -5.54 14.19
N ALA B 107 0.25 -5.29 13.86
CA ALA B 107 1.24 -4.95 14.86
C ALA B 107 1.01 -3.54 15.36
N LEU B 108 0.47 -2.69 14.49
CA LEU B 108 0.20 -1.29 14.82
C LEU B 108 -1.03 -1.17 15.72
N THR B 109 -1.61 -2.29 16.10
CA THR B 109 -2.78 -2.29 16.96
C THR B 109 -2.52 -3.17 18.18
N ARG B 110 -1.25 -3.35 18.52
CA ARG B 110 -0.87 -4.19 19.65
C ARG B 110 -0.18 -3.39 20.74
N ASP B 111 -0.49 -3.78 21.98
CA ASP B 111 0.04 -3.19 23.24
C ASP B 111 0.61 -1.75 23.15
N PRO B 112 1.90 -1.51 22.75
CA PRO B 112 2.45 -0.14 22.73
C PRO B 112 1.94 0.71 21.56
N PHE B 113 1.42 0.07 20.55
CA PHE B 113 0.92 0.78 19.37
C PHE B 113 -0.55 1.10 19.55
N SER B 114 -0.84 2.39 19.71
CA SER B 114 -2.21 2.86 19.91
C SER B 114 -2.85 3.29 18.59
N VAL B 115 -4.17 3.47 18.62
CA VAL B 115 -4.92 3.88 17.44
C VAL B 115 -5.59 5.22 17.68
N ILE B 116 -5.40 6.15 16.75
CA ILE B 116 -6.02 7.47 16.88
C ILE B 116 -7.25 7.58 15.97
N GLU B 117 -7.03 7.93 14.71
CA GLU B 117 -8.14 8.07 13.76
C GLU B 117 -7.78 7.45 12.41
N GLU B 118 -8.75 6.79 11.79
CA GLU B 118 -8.54 6.19 10.48
C GLU B 118 -9.74 6.44 9.57
N SER B 119 -9.56 6.20 8.29
CA SER B 119 -10.62 6.42 7.31
C SER B 119 -11.49 5.18 7.11
N LEU B 120 -11.20 4.13 7.85
CA LEU B 120 -11.97 2.89 7.72
C LEU B 120 -12.77 2.61 8.98
N PRO B 121 -13.86 1.83 8.85
CA PRO B 121 -14.73 1.50 9.97
C PRO B 121 -14.33 0.21 10.69
N GLY B 122 -13.05 -0.14 10.66
CA GLY B 122 -12.61 -1.35 11.31
C GLY B 122 -11.29 -1.86 10.79
N GLY B 123 -10.34 -0.95 10.58
CA GLY B 123 -9.03 -1.34 10.09
C GLY B 123 -9.04 -1.82 8.65
N LEU B 124 -7.88 -2.26 8.18
CA LEU B 124 -7.74 -2.76 6.82
C LEU B 124 -8.55 -4.03 6.65
N LYS B 125 -9.28 -4.14 5.55
CA LYS B 125 -10.10 -5.31 5.31
C LYS B 125 -10.02 -5.75 3.85
N GLU B 126 -10.72 -6.83 3.55
CA GLU B 126 -10.75 -7.40 2.22
C GLU B 126 -11.45 -6.48 1.22
N HIS B 127 -12.10 -5.42 1.72
CA HIS B 127 -12.79 -4.48 0.84
C HIS B 127 -11.77 -3.53 0.20
N ASP B 128 -10.58 -3.49 0.78
CA ASP B 128 -9.51 -2.65 0.26
C ASP B 128 -8.66 -3.47 -0.69
N PHE B 129 -8.07 -4.52 -0.14
CA PHE B 129 -7.24 -5.43 -0.91
C PHE B 129 -7.90 -6.81 -0.91
N ASN B 130 -7.90 -7.46 -2.06
CA ASN B 130 -8.51 -8.78 -2.17
C ASN B 130 -7.45 -9.87 -2.20
N PRO B 131 -7.22 -10.54 -1.07
CA PRO B 131 -6.24 -11.61 -0.95
C PRO B 131 -6.83 -12.95 -1.39
N ALA A 35 2.67 -10.00 21.51
CA ALA A 35 1.76 -9.33 20.55
C ALA A 35 2.51 -8.25 19.77
N ASN A 36 2.93 -7.21 20.48
CA ASN A 36 3.65 -6.11 19.85
C ASN A 36 5.09 -6.53 19.54
N GLY A 37 5.62 -6.05 18.43
CA GLY A 37 6.97 -6.37 18.05
C GLY A 37 7.82 -5.13 17.93
N LEU A 38 7.36 -4.05 18.53
CA LEU A 38 8.07 -2.78 18.49
C LEU A 38 8.74 -2.51 19.82
N THR A 39 9.91 -1.89 19.77
CA THR A 39 10.66 -1.56 20.97
C THR A 39 9.96 -0.46 21.76
N VAL A 40 10.16 -0.43 23.07
CA VAL A 40 9.55 0.59 23.93
C VAL A 40 9.94 1.98 23.44
N ALA A 41 11.18 2.13 22.98
CA ALA A 41 11.67 3.39 22.46
C ALA A 41 10.87 3.84 21.25
N GLN A 42 10.59 2.90 20.36
CA GLN A 42 9.82 3.19 19.15
C GLN A 42 8.35 3.36 19.49
N ASN A 43 7.90 2.62 20.50
CA ASN A 43 6.51 2.69 20.96
C ASN A 43 6.20 4.10 21.41
N GLN A 44 7.19 4.75 22.03
CA GLN A 44 7.06 6.11 22.50
C GLN A 44 6.80 7.04 21.32
N VAL A 45 7.58 6.84 20.26
CA VAL A 45 7.45 7.65 19.04
C VAL A 45 6.08 7.46 18.42
N LEU A 46 5.67 6.21 18.28
CA LEU A 46 4.39 5.86 17.69
C LEU A 46 3.24 6.45 18.49
N ASN A 47 3.28 6.27 19.80
CA ASN A 47 2.24 6.77 20.69
C ASN A 47 2.24 8.29 20.72
N LEU A 48 3.42 8.90 20.65
CA LEU A 48 3.55 10.35 20.69
C LEU A 48 2.70 11.02 19.60
N ILE A 49 2.79 10.50 18.38
CA ILE A 49 2.07 11.06 17.25
C ILE A 49 0.55 10.86 17.38
N LYS A 50 0.13 9.64 17.71
CA LYS A 50 -1.29 9.34 17.82
C LYS A 50 -1.93 9.93 19.07
N ALA A 51 -1.12 10.25 20.07
CA ALA A 51 -1.64 10.84 21.30
C ALA A 51 -1.35 12.34 21.35
N CYS A 52 -0.97 12.89 20.21
CA CYS A 52 -0.66 14.29 20.10
C CYS A 52 -1.89 15.06 19.65
N PRO A 53 -2.42 15.95 20.50
CA PRO A 53 -3.59 16.76 20.18
C PRO A 53 -3.26 17.91 19.22
N ARG A 54 -2.87 17.55 18.02
CA ARG A 54 -2.51 18.53 17.00
C ARG A 54 -3.24 18.22 15.69
N PRO A 55 -3.66 19.26 14.97
CA PRO A 55 -4.37 19.12 13.68
C PRO A 55 -3.53 18.40 12.62
N GLU A 56 -2.22 18.57 12.70
CA GLU A 56 -1.31 17.93 11.75
C GLU A 56 -0.79 16.62 12.33
N GLY A 57 -0.89 16.49 13.64
CA GLY A 57 -0.42 15.30 14.31
C GLY A 57 0.93 15.55 14.97
N LEU A 58 1.99 15.17 14.27
CA LEU A 58 3.34 15.35 14.79
C LEU A 58 4.36 15.20 13.67
N ASN A 59 4.93 16.33 13.27
CA ASN A 59 5.92 16.35 12.18
C ASN A 59 7.24 15.76 12.67
N PHE A 60 8.14 15.50 11.73
CA PHE A 60 9.46 14.96 12.03
C PHE A 60 10.23 15.95 12.90
N GLN A 61 10.13 17.23 12.54
CA GLN A 61 10.79 18.28 13.27
C GLN A 61 10.16 18.43 14.66
N ASP A 62 8.91 18.05 14.77
CA ASP A 62 8.18 18.11 16.03
C ASP A 62 8.55 16.93 16.91
N LEU A 63 8.73 15.77 16.28
CA LEU A 63 9.10 14.54 16.97
C LEU A 63 10.40 14.71 17.73
N LYS A 64 11.42 15.22 17.05
CA LYS A 64 12.73 15.43 17.67
C LYS A 64 12.67 16.50 18.75
N ASN A 65 11.68 17.38 18.65
CA ASN A 65 11.51 18.45 19.63
C ASN A 65 10.92 17.88 20.92
N GLN A 66 10.05 16.89 20.76
CA GLN A 66 9.41 16.23 21.90
C GLN A 66 10.35 15.19 22.50
N LEU A 67 10.99 14.41 21.63
CA LEU A 67 11.91 13.38 22.07
C LEU A 67 13.33 13.91 21.98
N LYS A 68 13.64 14.87 22.83
CA LYS A 68 14.96 15.52 22.87
C LYS A 68 16.08 14.53 23.16
N HIS A 69 15.75 13.41 23.80
CA HIS A 69 16.76 12.41 24.13
C HIS A 69 16.96 11.41 22.98
N MET A 70 16.27 11.65 21.88
CA MET A 70 16.37 10.78 20.71
C MET A 70 17.13 11.47 19.59
N SER A 71 18.06 10.74 18.99
CA SER A 71 18.87 11.28 17.90
C SER A 71 18.04 11.37 16.62
N VAL A 72 18.40 12.32 15.76
CA VAL A 72 17.70 12.52 14.49
C VAL A 72 17.74 11.23 13.67
N SER A 73 18.92 10.62 13.64
CA SER A 73 19.12 9.37 12.93
C SER A 73 18.21 8.28 13.49
N SER A 74 18.17 8.17 14.81
CA SER A 74 17.34 7.18 15.49
C SER A 74 15.87 7.40 15.16
N ILE A 75 15.43 8.66 15.17
CA ILE A 75 14.05 8.99 14.86
C ILE A 75 13.71 8.58 13.44
N LYS A 76 14.62 8.86 12.51
CA LYS A 76 14.40 8.51 11.11
C LYS A 76 14.26 7.00 10.96
N GLN A 77 15.10 6.26 11.67
CA GLN A 77 15.06 4.80 11.63
C GLN A 77 13.76 4.29 12.23
N ALA A 78 13.35 4.88 13.34
CA ALA A 78 12.10 4.51 14.01
C ALA A 78 10.92 4.81 13.10
N VAL A 79 10.89 6.02 12.57
CA VAL A 79 9.81 6.45 11.67
C VAL A 79 9.75 5.55 10.44
N ASP A 80 10.92 5.13 9.97
CA ASP A 80 11.01 4.24 8.81
C ASP A 80 10.44 2.88 9.15
N PHE A 81 10.74 2.40 10.36
CA PHE A 81 10.26 1.11 10.81
C PHE A 81 8.76 1.17 11.05
N LEU A 82 8.29 2.27 11.61
CA LEU A 82 6.86 2.46 11.86
C LEU A 82 6.11 2.49 10.54
N SER A 83 6.80 2.94 9.49
CA SER A 83 6.23 3.00 8.16
C SER A 83 6.28 1.61 7.53
N ASN A 84 7.33 0.87 7.87
CA ASN A 84 7.51 -0.49 7.36
C ASN A 84 6.49 -1.42 7.98
N GLU A 85 6.06 -1.09 9.19
CA GLU A 85 5.06 -1.87 9.89
C GLU A 85 3.67 -1.35 9.54
N GLY A 86 3.62 -0.42 8.58
CA GLY A 86 2.37 0.15 8.14
C GLY A 86 1.56 0.82 9.23
N HIS A 87 2.18 1.69 10.00
CA HIS A 87 1.46 2.38 11.07
C HIS A 87 1.44 3.89 10.83
N ILE A 88 2.54 4.43 10.31
CA ILE A 88 2.62 5.87 10.02
C ILE A 88 3.00 6.08 8.56
N TYR A 89 2.71 7.25 8.03
CA TYR A 89 3.04 7.55 6.63
C TYR A 89 3.14 9.05 6.38
N SER A 90 3.80 9.40 5.29
CA SER A 90 3.97 10.78 4.89
C SER A 90 2.64 11.30 4.34
N THR A 91 2.03 12.25 5.05
CA THR A 91 0.75 12.79 4.63
C THR A 91 0.88 13.73 3.43
N VAL A 92 1.67 14.79 3.59
CA VAL A 92 1.84 15.76 2.51
C VAL A 92 3.29 16.19 2.36
N ASP A 93 4.20 15.50 3.04
CA ASP A 93 5.62 15.85 2.99
C ASP A 93 6.47 14.81 3.69
N ASP A 94 7.77 14.88 3.48
CA ASP A 94 8.73 13.96 4.10
C ASP A 94 8.77 14.16 5.61
N ASP A 95 8.57 15.40 6.05
CA ASP A 95 8.59 15.71 7.47
C ASP A 95 7.20 15.56 8.08
N HIS A 96 6.18 15.71 7.25
CA HIS A 96 4.80 15.63 7.70
C HIS A 96 4.29 14.18 7.73
N PHE A 97 4.53 13.50 8.84
CA PHE A 97 4.07 12.12 8.99
C PHE A 97 2.80 12.07 9.83
N LYS A 98 2.11 10.94 9.81
CA LYS A 98 0.88 10.79 10.58
C LYS A 98 0.58 9.32 10.84
N SER A 99 0.23 8.99 12.07
CA SER A 99 -0.09 7.63 12.45
C SER A 99 -1.56 7.34 12.16
N THR A 100 -1.83 6.33 11.35
CA THR A 100 -3.20 5.96 11.00
C THR A 100 -3.63 4.76 11.83
N ASP A 101 -3.33 3.56 11.33
CA ASP A 101 -3.69 2.34 12.02
C ASP A 101 -2.65 2.02 13.09
N ALA A 102 -2.61 2.86 14.12
CA ALA A 102 -1.67 2.70 15.21
C ALA A 102 -2.36 3.06 16.52
N GLU A 103 -2.47 2.08 17.40
CA GLU A 103 -3.13 2.29 18.69
C GLU A 103 -2.19 1.93 19.83
N GLY B 1 -7.11 -25.98 -20.38
CA GLY B 1 -7.62 -26.81 -21.49
C GLY B 1 -7.62 -26.06 -22.80
N SER B 2 -8.62 -26.32 -23.63
CA SER B 2 -8.74 -25.67 -24.93
C SER B 2 -9.21 -24.21 -24.77
N LYS B 3 -9.83 -23.92 -23.64
CA LYS B 3 -10.31 -22.58 -23.36
C LYS B 3 -9.30 -21.79 -22.55
N VAL B 4 -9.64 -20.55 -22.25
CA VAL B 4 -8.77 -19.69 -21.46
C VAL B 4 -8.58 -20.24 -20.06
N GLU B 5 -7.33 -20.45 -19.68
CA GLU B 5 -7.03 -20.98 -18.36
C GLU B 5 -7.22 -19.91 -17.30
N ASP B 6 -8.18 -20.14 -16.41
CA ASP B 6 -8.46 -19.19 -15.33
C ASP B 6 -7.52 -19.44 -14.16
N PRO B 7 -6.66 -18.45 -13.85
CA PRO B 7 -5.70 -18.55 -12.76
C PRO B 7 -6.38 -18.52 -11.40
N LYS B 8 -5.70 -19.07 -10.40
CA LYS B 8 -6.24 -19.11 -9.05
C LYS B 8 -5.47 -18.14 -8.17
N ASP B 9 -4.38 -17.60 -8.71
CA ASP B 9 -3.54 -16.66 -7.99
C ASP B 9 -2.71 -15.84 -8.97
N PHE B 10 -1.80 -15.03 -8.44
CA PHE B 10 -0.94 -14.19 -9.26
C PHE B 10 0.17 -15.02 -9.92
N PRO B 11 0.72 -14.54 -11.04
CA PRO B 11 1.80 -15.23 -11.74
C PRO B 11 3.08 -15.26 -10.93
N SER B 12 3.91 -16.27 -11.16
CA SER B 12 5.18 -16.45 -10.45
C SER B 12 6.06 -15.20 -10.52
N GLU B 13 6.01 -14.54 -11.67
CA GLU B 13 6.80 -13.33 -11.92
C GLU B 13 6.44 -12.20 -10.96
N LEU B 14 5.26 -12.26 -10.35
CA LEU B 14 4.82 -11.22 -9.43
C LEU B 14 4.68 -11.77 -8.01
N LEU B 15 4.61 -13.08 -7.89
CA LEU B 15 4.46 -13.74 -6.59
C LEU B 15 5.59 -13.39 -5.64
N SER B 16 6.78 -13.20 -6.18
CA SER B 16 7.95 -12.89 -5.37
C SER B 16 7.91 -11.47 -4.81
N PHE B 17 6.96 -10.66 -5.25
CA PHE B 17 6.85 -9.29 -4.78
C PHE B 17 5.62 -9.13 -3.89
N LEU B 18 4.87 -10.20 -3.73
CA LEU B 18 3.65 -10.18 -2.93
C LEU B 18 3.88 -10.71 -1.52
N SER B 19 2.98 -10.33 -0.61
CA SER B 19 3.05 -10.77 0.77
C SER B 19 2.45 -12.17 0.90
N HIS B 20 1.78 -12.60 -0.17
CA HIS B 20 1.14 -13.93 -0.25
C HIS B 20 -0.09 -14.02 0.65
N ALA B 21 0.13 -13.95 1.95
CA ALA B 21 -0.95 -14.04 2.92
C ALA B 21 -1.79 -12.77 2.93
N VAL B 22 -3.09 -12.92 2.73
CA VAL B 22 -4.01 -11.80 2.72
C VAL B 22 -4.67 -11.66 4.09
N PHE B 23 -4.95 -12.80 4.71
CA PHE B 23 -5.57 -12.82 6.02
C PHE B 23 -4.51 -12.83 7.11
N SER B 24 -4.12 -11.65 7.53
CA SER B 24 -3.10 -11.48 8.56
C SER B 24 -3.34 -10.17 9.31
N ASN B 25 -2.72 -10.05 10.48
CA ASN B 25 -2.87 -8.85 11.31
C ASN B 25 -1.87 -7.78 10.89
N ARG B 26 -1.09 -8.09 9.87
CA ARG B 26 -0.08 -7.18 9.36
C ARG B 26 -0.71 -5.96 8.69
N THR B 27 -0.11 -4.81 8.92
CA THR B 27 -0.55 -3.56 8.34
C THR B 27 0.25 -3.26 7.08
N LEU B 28 -0.45 -3.01 5.97
CA LEU B 28 0.24 -2.75 4.71
C LEU B 28 -0.24 -1.45 4.07
N ALA B 29 0.20 -1.21 2.83
CA ALA B 29 -0.17 0.01 2.11
C ALA B 29 -0.40 -0.27 0.63
N CYS B 30 0.43 -1.13 0.04
CA CYS B 30 0.30 -1.45 -1.37
C CYS B 30 -0.43 -2.78 -1.57
N PHE B 31 -1.41 -2.79 -2.45
CA PHE B 31 -2.19 -4.00 -2.72
C PHE B 31 -2.43 -4.14 -4.23
N ALA B 32 -2.58 -5.38 -4.67
CA ALA B 32 -2.83 -5.65 -6.08
C ALA B 32 -4.03 -6.56 -6.24
N ILE B 33 -4.81 -6.33 -7.28
CA ILE B 33 -6.00 -7.14 -7.55
C ILE B 33 -6.00 -7.70 -8.96
N TYR B 34 -5.97 -9.02 -9.06
CA TYR B 34 -5.99 -9.70 -10.36
C TYR B 34 -7.43 -10.08 -10.69
N THR B 35 -8.02 -9.42 -11.67
CA THR B 35 -9.42 -9.69 -12.04
C THR B 35 -9.66 -9.38 -13.51
N THR B 36 -10.94 -9.24 -13.86
CA THR B 36 -11.35 -8.92 -15.21
C THR B 36 -11.08 -7.45 -15.49
N LYS B 37 -10.91 -7.08 -16.76
CA LYS B 37 -10.63 -5.69 -17.12
C LYS B 37 -11.78 -4.77 -16.69
N GLU B 38 -13.01 -5.25 -16.87
CA GLU B 38 -14.19 -4.47 -16.50
C GLU B 38 -14.22 -4.23 -14.99
N LYS B 39 -13.98 -5.30 -14.24
CA LYS B 39 -13.99 -5.23 -12.78
C LYS B 39 -12.90 -4.29 -12.27
N ALA B 40 -11.71 -4.42 -12.85
CA ALA B 40 -10.58 -3.58 -12.48
C ALA B 40 -10.83 -2.12 -12.85
N ALA B 41 -11.54 -1.90 -13.96
CA ALA B 41 -11.86 -0.56 -14.41
C ALA B 41 -12.83 0.11 -13.45
N LEU B 42 -13.79 -0.66 -12.96
CA LEU B 42 -14.79 -0.16 -12.02
C LEU B 42 -14.13 0.15 -10.68
N LEU B 43 -13.28 -0.77 -10.22
CA LEU B 43 -12.57 -0.61 -8.96
C LEU B 43 -11.60 0.57 -9.03
N TYR B 44 -11.13 0.85 -10.23
CA TYR B 44 -10.19 1.95 -10.49
C TYR B 44 -10.77 3.27 -9.99
N LYS B 45 -12.06 3.49 -10.24
CA LYS B 45 -12.72 4.73 -9.82
C LYS B 45 -13.17 4.65 -8.37
N LYS B 46 -13.53 3.45 -7.93
CA LYS B 46 -14.01 3.24 -6.57
C LYS B 46 -12.90 3.44 -5.55
N ILE B 47 -11.85 2.62 -5.65
CA ILE B 47 -10.74 2.66 -4.71
C ILE B 47 -10.02 4.01 -4.73
N MET B 48 -10.00 4.66 -5.89
CA MET B 48 -9.34 5.95 -6.05
C MET B 48 -9.78 6.97 -4.99
N GLU B 49 -11.09 7.10 -4.80
CA GLU B 49 -11.61 8.05 -3.82
C GLU B 49 -12.02 7.36 -2.53
N LYS B 50 -12.21 6.05 -2.57
CA LYS B 50 -12.61 5.30 -1.39
C LYS B 50 -11.50 5.27 -0.35
N TYR B 51 -10.28 4.99 -0.80
CA TYR B 51 -9.15 4.93 0.10
C TYR B 51 -8.20 6.10 -0.09
N SER B 52 -8.58 7.02 -0.98
CA SER B 52 -7.77 8.20 -1.29
C SER B 52 -6.35 7.77 -1.64
N VAL B 53 -6.25 6.84 -2.59
CA VAL B 53 -4.97 6.31 -3.03
C VAL B 53 -4.13 7.37 -3.73
N THR B 54 -2.83 7.36 -3.47
CA THR B 54 -1.92 8.31 -4.08
C THR B 54 -1.63 7.88 -5.51
N PHE B 55 -1.40 6.58 -5.69
CA PHE B 55 -1.12 6.04 -7.01
C PHE B 55 -1.98 4.82 -7.28
N ILE B 56 -2.64 4.83 -8.42
CA ILE B 56 -3.48 3.73 -8.86
C ILE B 56 -3.29 3.52 -10.35
N SER B 57 -3.26 2.28 -10.78
CA SER B 57 -3.07 2.00 -12.18
C SER B 57 -3.61 0.62 -12.56
N ARG B 58 -3.92 0.47 -13.83
CA ARG B 58 -4.42 -0.78 -14.36
C ARG B 58 -3.41 -1.31 -15.37
N HIS B 59 -2.89 -2.49 -15.12
CA HIS B 59 -1.90 -3.08 -16.00
C HIS B 59 -2.41 -4.37 -16.62
N ASN B 60 -1.83 -4.74 -17.75
CA ASN B 60 -2.20 -5.96 -18.44
C ASN B 60 -1.32 -7.09 -17.94
N SER B 61 -1.61 -8.31 -18.37
CA SER B 61 -0.82 -9.45 -17.96
C SER B 61 -0.80 -10.52 -19.04
N TYR B 62 -1.72 -11.48 -18.93
CA TYR B 62 -1.82 -12.57 -19.89
C TYR B 62 -3.27 -12.87 -20.21
N ASN B 63 -4.03 -13.30 -19.20
CA ASN B 63 -5.43 -13.65 -19.41
C ASN B 63 -6.38 -12.70 -18.68
N HIS B 64 -5.86 -11.78 -17.87
CA HIS B 64 -6.70 -10.86 -17.12
C HIS B 64 -6.04 -9.50 -16.93
N ASN B 65 -6.60 -8.69 -16.03
CA ASN B 65 -6.08 -7.36 -15.75
C ASN B 65 -5.61 -7.28 -14.30
N ILE B 66 -4.58 -6.47 -14.07
CA ILE B 66 -4.03 -6.29 -12.74
C ILE B 66 -4.24 -4.87 -12.24
N LEU B 67 -4.96 -4.74 -11.15
CA LEU B 67 -5.22 -3.43 -10.55
C LEU B 67 -4.17 -3.17 -9.47
N PHE B 68 -3.34 -2.17 -9.71
CA PHE B 68 -2.29 -1.80 -8.78
C PHE B 68 -2.62 -0.48 -8.11
N PHE B 69 -2.75 -0.49 -6.79
CA PHE B 69 -3.07 0.73 -6.06
C PHE B 69 -2.30 0.81 -4.75
N LEU B 70 -1.87 2.02 -4.43
CA LEU B 70 -1.12 2.27 -3.20
C LEU B 70 -1.95 3.14 -2.27
N THR B 71 -2.36 2.56 -1.16
CA THR B 71 -3.15 3.30 -0.18
C THR B 71 -2.21 3.92 0.87
N PRO B 72 -2.12 5.26 0.89
CA PRO B 72 -1.26 5.96 1.86
C PRO B 72 -1.72 5.73 3.29
N HIS B 73 -3.03 5.69 3.47
CA HIS B 73 -3.61 5.47 4.78
C HIS B 73 -3.28 4.05 5.23
N ARG B 74 -2.55 3.94 6.33
CA ARG B 74 -2.15 2.65 6.86
C ARG B 74 -3.35 1.86 7.37
N HIS B 75 -3.41 0.58 7.03
CA HIS B 75 -4.50 -0.29 7.45
C HIS B 75 -4.14 -1.75 7.24
N ARG B 76 -4.89 -2.64 7.87
CA ARG B 76 -4.66 -4.08 7.75
C ARG B 76 -4.91 -4.58 6.33
N VAL B 77 -4.20 -5.63 5.95
CA VAL B 77 -4.32 -6.21 4.61
C VAL B 77 -5.71 -6.80 4.38
N SER B 78 -6.17 -7.61 5.33
CA SER B 78 -7.47 -8.27 5.22
C SER B 78 -8.62 -7.26 5.14
N ALA B 79 -8.39 -6.05 5.63
CA ALA B 79 -9.41 -5.01 5.60
C ALA B 79 -9.68 -4.55 4.17
N ILE B 80 -8.71 -4.79 3.29
CA ILE B 80 -8.85 -4.40 1.89
C ILE B 80 -9.56 -5.49 1.10
N ASN B 81 -9.20 -6.74 1.37
CA ASN B 81 -9.82 -7.88 0.70
C ASN B 81 -11.30 -7.94 1.00
N ASN B 82 -11.66 -7.58 2.22
CA ASN B 82 -13.05 -7.59 2.67
C ASN B 82 -13.93 -6.69 1.79
N TYR B 83 -13.31 -5.67 1.20
CA TYR B 83 -14.01 -4.73 0.34
C TYR B 83 -14.08 -5.23 -1.10
N ALA B 84 -12.98 -5.78 -1.58
CA ALA B 84 -12.89 -6.27 -2.94
C ALA B 84 -13.62 -7.61 -3.14
N GLN B 85 -13.62 -8.43 -2.09
CA GLN B 85 -14.26 -9.74 -2.15
C GLN B 85 -15.76 -9.62 -2.35
N LYS B 86 -16.31 -8.47 -1.96
CA LYS B 86 -17.74 -8.23 -2.09
C LYS B 86 -18.19 -8.16 -3.55
N LEU B 87 -17.24 -7.90 -4.45
CA LEU B 87 -17.56 -7.79 -5.86
C LEU B 87 -17.30 -9.10 -6.60
N CYS B 88 -17.36 -10.21 -5.87
CA CYS B 88 -17.15 -11.53 -6.46
C CYS B 88 -18.45 -12.10 -7.00
N THR B 89 -19.41 -11.22 -7.27
CA THR B 89 -20.71 -11.62 -7.77
C THR B 89 -20.68 -11.89 -9.27
N PHE B 90 -20.05 -10.98 -10.03
CA PHE B 90 -19.98 -11.13 -11.48
C PHE B 90 -18.66 -11.76 -11.93
N SER B 91 -17.66 -11.69 -11.07
CA SER B 91 -16.35 -12.25 -11.39
C SER B 91 -15.59 -12.56 -10.10
N PHE B 92 -14.68 -13.53 -10.18
CA PHE B 92 -13.86 -13.92 -9.04
C PHE B 92 -12.91 -12.77 -8.66
N LEU B 93 -12.06 -12.98 -7.66
CA LEU B 93 -11.15 -11.93 -7.24
C LEU B 93 -9.87 -12.48 -6.62
N ILE B 94 -8.74 -12.05 -7.16
CA ILE B 94 -7.45 -12.45 -6.64
C ILE B 94 -6.73 -11.23 -6.08
N CYS B 95 -7.02 -10.90 -4.83
CA CYS B 95 -6.41 -9.76 -4.18
C CYS B 95 -5.23 -10.22 -3.33
N LYS B 96 -4.10 -9.55 -3.46
CA LYS B 96 -2.91 -9.89 -2.72
C LYS B 96 -2.16 -8.63 -2.28
N GLY B 97 -1.54 -8.70 -1.11
CA GLY B 97 -0.77 -7.59 -0.61
C GLY B 97 0.59 -7.55 -1.27
N VAL B 98 1.12 -6.36 -1.49
CA VAL B 98 2.42 -6.21 -2.13
C VAL B 98 3.49 -5.86 -1.11
N ASN B 99 4.55 -6.65 -1.09
CA ASN B 99 5.66 -6.43 -0.17
C ASN B 99 6.65 -5.43 -0.77
N LYS B 100 6.79 -5.49 -2.09
CA LYS B 100 7.69 -4.60 -2.81
C LYS B 100 6.97 -3.96 -3.98
N GLU B 101 6.33 -2.83 -3.70
CA GLU B 101 5.56 -2.08 -4.68
C GLU B 101 6.40 -1.69 -5.90
N TYR B 102 7.49 -0.98 -5.64
CA TYR B 102 8.39 -0.53 -6.69
C TYR B 102 8.89 -1.70 -7.54
N LEU B 103 9.23 -2.80 -6.88
CA LEU B 103 9.72 -3.98 -7.58
C LEU B 103 8.62 -4.62 -8.43
N MET B 104 7.43 -4.74 -7.87
CA MET B 104 6.30 -5.33 -8.60
C MET B 104 5.95 -4.47 -9.79
N TYR B 105 5.96 -3.15 -9.59
CA TYR B 105 5.65 -2.21 -10.66
C TYR B 105 6.70 -2.32 -11.77
N SER B 106 7.94 -2.60 -11.38
CA SER B 106 9.02 -2.75 -12.34
C SER B 106 8.76 -3.95 -13.26
N ALA B 107 8.10 -4.97 -12.71
CA ALA B 107 7.77 -6.16 -13.49
C ALA B 107 6.52 -5.89 -14.31
N LEU B 108 5.66 -5.03 -13.78
CA LEU B 108 4.41 -4.66 -14.45
C LEU B 108 4.65 -3.72 -15.63
N THR B 109 5.90 -3.35 -15.84
CA THR B 109 6.26 -2.47 -16.94
C THR B 109 7.22 -3.16 -17.89
N ARG B 110 7.05 -4.47 -18.06
CA ARG B 110 7.90 -5.24 -18.94
C ARG B 110 7.19 -5.54 -20.26
N ASP B 111 7.61 -6.60 -20.94
CA ASP B 111 7.02 -6.99 -22.21
C ASP B 111 5.60 -7.55 -22.01
N PRO B 112 5.41 -8.61 -21.19
CA PRO B 112 4.09 -9.19 -20.97
C PRO B 112 3.14 -8.22 -20.27
N PHE B 113 3.54 -7.75 -19.09
CA PHE B 113 2.73 -6.82 -18.32
C PHE B 113 2.81 -5.42 -18.94
N SER B 114 1.75 -5.03 -19.62
CA SER B 114 1.69 -3.73 -20.27
C SER B 114 1.02 -2.68 -19.37
N VAL B 115 0.98 -1.45 -19.82
CA VAL B 115 0.39 -0.36 -19.05
C VAL B 115 -0.87 0.19 -19.73
N ILE B 116 -1.92 0.39 -18.96
CA ILE B 116 -3.17 0.93 -19.50
C ILE B 116 -3.37 2.39 -19.08
N GLU B 117 -3.78 2.60 -17.83
CA GLU B 117 -4.02 3.95 -17.31
C GLU B 117 -3.46 4.10 -15.90
N GLU B 118 -2.68 5.15 -15.68
CA GLU B 118 -2.08 5.40 -14.37
C GLU B 118 -2.47 6.79 -13.85
N SER B 119 -2.63 6.93 -12.55
CA SER B 119 -2.98 8.21 -11.95
C SER B 119 -1.81 9.17 -11.99
N LEU B 120 -0.67 8.74 -11.48
CA LEU B 120 0.53 9.56 -11.46
C LEU B 120 1.43 9.21 -12.64
N PRO B 121 1.85 10.23 -13.41
CA PRO B 121 2.72 10.03 -14.56
C PRO B 121 4.18 9.83 -14.15
N GLY B 122 4.84 8.89 -14.79
CA GLY B 122 6.23 8.62 -14.46
C GLY B 122 6.40 7.40 -13.58
N GLY B 123 5.29 6.73 -13.30
CA GLY B 123 5.33 5.54 -12.47
C GLY B 123 5.35 5.87 -11.00
N LEU B 124 5.97 4.99 -10.22
CA LEU B 124 6.08 5.16 -8.78
C LEU B 124 7.38 5.84 -8.41
N LYS B 125 7.35 6.70 -7.41
CA LYS B 125 8.54 7.40 -6.97
C LYS B 125 8.65 7.39 -5.44
N GLU B 126 9.73 7.95 -4.92
CA GLU B 126 9.97 7.97 -3.48
C GLU B 126 8.99 8.87 -2.74
N HIS B 127 8.38 9.82 -3.47
CA HIS B 127 7.41 10.73 -2.86
C HIS B 127 6.13 9.99 -2.46
N ASP B 128 5.99 8.77 -2.94
CA ASP B 128 4.82 7.95 -2.65
C ASP B 128 5.09 7.05 -1.44
N PHE B 129 6.33 7.05 -0.99
CA PHE B 129 6.73 6.22 0.15
C PHE B 129 7.24 7.08 1.30
N ASN B 130 8.41 6.71 1.83
CA ASN B 130 9.03 7.44 2.92
C ASN B 130 10.51 7.64 2.63
N PRO B 131 11.07 8.80 3.01
CA PRO B 131 12.47 9.11 2.79
C PRO B 131 13.40 8.34 3.73
N ALA A 35 8.89 24.51 -0.23
CA ALA A 35 8.73 23.14 -0.77
C ALA A 35 8.16 22.19 0.29
N ASN A 36 7.98 22.71 1.49
CA ASN A 36 7.45 21.90 2.58
C ASN A 36 5.98 22.24 2.81
N GLY A 37 5.13 21.22 2.81
CA GLY A 37 3.71 21.45 3.02
C GLY A 37 3.27 20.97 4.39
N LEU A 38 4.23 20.65 5.24
CA LEU A 38 3.95 20.17 6.57
C LEU A 38 4.09 21.30 7.59
N THR A 39 3.55 21.07 8.77
CA THR A 39 3.61 22.05 9.84
C THR A 39 4.92 21.87 10.62
N VAL A 40 5.45 22.96 11.17
CA VAL A 40 6.69 22.90 11.93
C VAL A 40 6.60 21.86 13.05
N ALA A 41 5.44 21.80 13.70
CA ALA A 41 5.21 20.83 14.77
C ALA A 41 5.32 19.40 14.23
N GLN A 42 4.77 19.19 13.03
CA GLN A 42 4.80 17.89 12.40
C GLN A 42 6.20 17.54 11.93
N ASN A 43 6.93 18.56 11.48
CA ASN A 43 8.30 18.38 11.02
C ASN A 43 9.17 17.84 12.16
N GLN A 44 8.89 18.32 13.37
CA GLN A 44 9.60 17.87 14.55
C GLN A 44 9.33 16.39 14.78
N VAL A 45 8.07 16.01 14.68
CA VAL A 45 7.64 14.63 14.85
C VAL A 45 8.34 13.73 13.82
N LEU A 46 8.31 14.18 12.57
CA LEU A 46 8.92 13.46 11.46
C LEU A 46 10.43 13.31 11.69
N ASN A 47 11.09 14.43 11.99
CA ASN A 47 12.53 14.43 12.21
C ASN A 47 12.92 13.52 13.35
N LEU A 48 12.15 13.56 14.44
CA LEU A 48 12.42 12.73 15.62
C LEU A 48 12.48 11.24 15.27
N ILE A 49 11.59 10.81 14.39
CA ILE A 49 11.52 9.41 13.99
C ILE A 49 12.71 8.99 13.12
N LYS A 50 12.99 9.77 12.07
CA LYS A 50 14.08 9.43 11.16
C LYS A 50 15.46 9.67 11.79
N ALA A 51 15.55 10.64 12.69
CA ALA A 51 16.82 10.95 13.34
C ALA A 51 16.99 10.16 14.63
N CYS A 52 16.14 9.15 14.81
CA CYS A 52 16.19 8.31 15.99
C CYS A 52 17.21 7.19 15.80
N PRO A 53 18.14 7.03 16.75
CA PRO A 53 19.18 6.00 16.68
C PRO A 53 18.69 4.64 17.20
N ARG A 54 17.39 4.41 17.08
CA ARG A 54 16.82 3.15 17.53
C ARG A 54 16.55 2.23 16.34
N PRO A 55 16.88 0.93 16.49
CA PRO A 55 16.69 -0.06 15.43
C PRO A 55 15.22 -0.29 15.09
N GLU A 56 14.35 0.02 16.04
CA GLU A 56 12.92 -0.16 15.86
C GLU A 56 12.26 1.13 15.42
N GLY A 57 13.07 2.18 15.28
CA GLY A 57 12.54 3.47 14.89
C GLY A 57 12.08 4.26 16.09
N LEU A 58 10.79 4.49 16.17
CA LEU A 58 10.21 5.24 17.28
C LEU A 58 8.78 4.81 17.52
N ASN A 59 8.49 4.36 18.73
CA ASN A 59 7.14 3.92 19.09
C ASN A 59 6.27 5.14 19.39
N PHE A 60 4.97 4.91 19.49
CA PHE A 60 4.05 6.00 19.81
C PHE A 60 4.33 6.50 21.21
N GLN A 61 4.70 5.57 22.09
CA GLN A 61 5.04 5.90 23.46
C GLN A 61 6.32 6.71 23.51
N ASP A 62 7.21 6.43 22.56
CA ASP A 62 8.48 7.14 22.48
C ASP A 62 8.28 8.53 21.92
N LEU A 63 7.35 8.64 20.97
CA LEU A 63 7.04 9.91 20.35
C LEU A 63 6.56 10.91 21.40
N LYS A 64 5.59 10.50 22.21
CA LYS A 64 5.06 11.36 23.27
C LYS A 64 6.08 11.55 24.38
N ASN A 65 7.04 10.63 24.47
CA ASN A 65 8.08 10.71 25.47
C ASN A 65 9.10 11.79 25.10
N GLN A 66 9.48 11.82 23.82
CA GLN A 66 10.44 12.80 23.35
C GLN A 66 9.78 14.16 23.14
N LEU A 67 8.54 14.14 22.69
CA LEU A 67 7.80 15.37 22.46
C LEU A 67 6.76 15.57 23.55
N LYS A 68 7.23 15.85 24.76
CA LYS A 68 6.35 16.06 25.90
C LYS A 68 5.53 17.35 25.75
N HIS A 69 5.96 18.19 24.83
CA HIS A 69 5.28 19.45 24.56
C HIS A 69 4.15 19.26 23.55
N MET A 70 3.66 18.04 23.46
CA MET A 70 2.58 17.71 22.53
C MET A 70 1.57 16.79 23.20
N SER A 71 0.37 16.71 22.63
CA SER A 71 -0.67 15.85 23.16
C SER A 71 -0.80 14.58 22.31
N VAL A 72 -1.41 13.55 22.86
CA VAL A 72 -1.58 12.28 22.16
C VAL A 72 -2.40 12.48 20.88
N SER A 73 -3.49 13.21 21.01
CA SER A 73 -4.36 13.48 19.87
C SER A 73 -3.59 14.22 18.77
N SER A 74 -2.68 15.11 19.19
CA SER A 74 -1.88 15.88 18.26
C SER A 74 -0.88 14.98 17.53
N ILE A 75 -0.23 14.10 18.29
CA ILE A 75 0.74 13.17 17.73
C ILE A 75 0.05 12.25 16.72
N LYS A 76 -1.12 11.74 17.10
CA LYS A 76 -1.90 10.87 16.24
C LYS A 76 -2.26 11.58 14.94
N GLN A 77 -2.64 12.85 15.05
CA GLN A 77 -2.99 13.65 13.88
C GLN A 77 -1.80 13.80 12.95
N ALA A 78 -0.62 14.02 13.53
CA ALA A 78 0.60 14.18 12.76
C ALA A 78 0.94 12.86 12.06
N VAL A 79 0.86 11.77 12.80
CA VAL A 79 1.14 10.45 12.25
C VAL A 79 0.19 10.14 11.10
N ASP A 80 -1.08 10.45 11.30
CA ASP A 80 -2.11 10.22 10.28
C ASP A 80 -1.81 11.01 9.01
N PHE A 81 -1.48 12.28 9.17
CA PHE A 81 -1.19 13.15 8.04
C PHE A 81 0.09 12.70 7.33
N LEU A 82 1.13 12.41 8.10
CA LEU A 82 2.40 11.97 7.54
C LEU A 82 2.24 10.64 6.81
N SER A 83 1.36 9.79 7.33
CA SER A 83 1.11 8.50 6.71
C SER A 83 0.24 8.67 5.46
N ASN A 84 -0.53 9.75 5.42
CA ASN A 84 -1.37 10.05 4.27
C ASN A 84 -0.51 10.59 3.13
N GLU A 85 0.35 11.55 3.47
CA GLU A 85 1.26 12.16 2.51
C GLU A 85 2.24 11.12 1.97
N GLY A 86 2.75 10.28 2.88
CA GLY A 86 3.69 9.26 2.50
C GLY A 86 5.08 9.54 3.02
N HIS A 87 5.16 10.00 4.26
CA HIS A 87 6.45 10.30 4.87
C HIS A 87 6.83 9.25 5.90
N ILE A 88 5.84 8.70 6.59
CA ILE A 88 6.10 7.68 7.61
C ILE A 88 5.18 6.49 7.45
N TYR A 89 5.51 5.40 8.14
CA TYR A 89 4.72 4.18 8.12
C TYR A 89 5.16 3.25 9.23
N SER A 90 4.40 2.20 9.45
CA SER A 90 4.71 1.22 10.48
C SER A 90 5.47 0.04 9.85
N THR A 91 6.28 -0.62 10.65
CA THR A 91 7.06 -1.76 10.16
C THR A 91 6.26 -3.06 10.25
N VAL A 92 6.35 -3.71 11.40
CA VAL A 92 5.63 -4.96 11.62
C VAL A 92 4.55 -4.79 12.67
N ASP A 93 4.45 -3.57 13.20
CA ASP A 93 3.48 -3.27 14.23
C ASP A 93 3.00 -1.83 14.06
N ASP A 94 1.73 -1.57 14.40
CA ASP A 94 1.14 -0.24 14.26
C ASP A 94 1.88 0.79 15.11
N ASP A 95 2.40 0.36 16.25
CA ASP A 95 3.11 1.25 17.17
C ASP A 95 4.59 1.37 16.80
N HIS A 96 5.03 0.53 15.89
CA HIS A 96 6.43 0.53 15.48
C HIS A 96 6.64 1.41 14.25
N PHE A 97 6.80 2.71 14.48
CA PHE A 97 7.01 3.66 13.40
C PHE A 97 8.49 3.73 13.05
N LYS A 98 8.81 3.46 11.79
CA LYS A 98 10.18 3.49 11.33
C LYS A 98 10.22 3.86 9.86
N SER A 99 10.62 5.09 9.57
CA SER A 99 10.68 5.57 8.20
C SER A 99 11.86 6.52 8.01
N THR A 100 12.65 6.24 6.99
CA THR A 100 13.81 7.06 6.65
C THR A 100 14.07 6.93 5.16
N ASP A 101 12.99 6.72 4.43
CA ASP A 101 13.03 6.55 2.99
C ASP A 101 13.60 7.78 2.30
N ALA A 102 13.07 8.95 2.65
CA ALA A 102 13.52 10.19 2.07
C ALA A 102 13.28 11.35 3.02
N GLU A 103 13.77 12.53 2.63
CA GLU A 103 13.62 13.72 3.44
C GLU A 103 12.20 14.26 3.33
N GLY B 1 -17.32 -9.03 -27.57
CA GLY B 1 -16.77 -9.71 -28.77
C GLY B 1 -17.03 -11.20 -28.76
N SER B 2 -16.54 -11.89 -29.78
CA SER B 2 -16.72 -13.33 -29.90
C SER B 2 -15.88 -14.08 -28.87
N LYS B 3 -14.72 -13.53 -28.56
CA LYS B 3 -13.81 -14.13 -27.59
C LYS B 3 -13.97 -13.47 -26.23
N VAL B 4 -13.05 -13.78 -25.32
CA VAL B 4 -13.08 -13.20 -23.98
C VAL B 4 -12.79 -11.70 -24.06
N GLU B 5 -13.47 -10.93 -23.22
CA GLU B 5 -13.27 -9.49 -23.20
C GLU B 5 -12.10 -9.11 -22.32
N ASP B 6 -11.16 -8.36 -22.88
CA ASP B 6 -9.98 -7.91 -22.16
C ASP B 6 -10.06 -6.41 -21.92
N PRO B 7 -10.52 -6.01 -20.72
CA PRO B 7 -10.64 -4.60 -20.36
C PRO B 7 -9.29 -3.90 -20.27
N LYS B 8 -9.27 -2.61 -20.55
CA LYS B 8 -8.04 -1.83 -20.50
C LYS B 8 -7.94 -1.06 -19.19
N ASP B 9 -8.83 -1.39 -18.26
CA ASP B 9 -8.85 -0.73 -16.97
C ASP B 9 -9.46 -1.67 -15.92
N PHE B 10 -9.54 -1.19 -14.69
CA PHE B 10 -10.12 -1.97 -13.61
C PHE B 10 -11.64 -1.92 -13.68
N PRO B 11 -12.32 -2.92 -13.07
CA PRO B 11 -13.78 -2.96 -13.06
C PRO B 11 -14.38 -1.73 -12.39
N SER B 12 -15.54 -1.31 -12.89
CA SER B 12 -16.23 -0.13 -12.37
C SER B 12 -16.53 -0.24 -10.88
N GLU B 13 -16.61 -1.48 -10.40
CA GLU B 13 -16.91 -1.75 -9.00
C GLU B 13 -15.71 -1.46 -8.09
N LEU B 14 -14.51 -1.51 -8.66
CA LEU B 14 -13.29 -1.27 -7.89
C LEU B 14 -12.71 0.11 -8.17
N LEU B 15 -13.15 0.74 -9.25
CA LEU B 15 -12.66 2.07 -9.63
C LEU B 15 -13.09 3.14 -8.61
N SER B 16 -13.91 2.74 -7.65
CA SER B 16 -14.39 3.66 -6.63
C SER B 16 -13.35 3.93 -5.55
N PHE B 17 -12.35 3.05 -5.44
CA PHE B 17 -11.32 3.21 -4.42
C PHE B 17 -9.92 3.24 -5.03
N LEU B 18 -9.83 3.61 -6.30
CA LEU B 18 -8.54 3.66 -6.97
C LEU B 18 -8.13 5.09 -7.26
N SER B 19 -6.82 5.33 -7.26
CA SER B 19 -6.28 6.66 -7.52
C SER B 19 -6.46 7.05 -8.99
N HIS B 20 -6.64 6.04 -9.85
CA HIS B 20 -6.85 6.22 -11.29
C HIS B 20 -5.57 6.66 -12.00
N ALA B 21 -5.00 7.78 -11.56
CA ALA B 21 -3.79 8.32 -12.16
C ALA B 21 -2.58 7.46 -11.88
N VAL B 22 -1.93 7.00 -12.95
CA VAL B 22 -0.75 6.16 -12.83
C VAL B 22 0.46 7.00 -12.37
N PHE B 23 0.56 8.20 -12.92
CA PHE B 23 1.65 9.10 -12.57
C PHE B 23 1.24 9.99 -11.41
N SER B 24 1.10 9.37 -10.24
CA SER B 24 0.72 10.08 -9.04
C SER B 24 1.96 10.49 -8.25
N ASN B 25 2.15 11.80 -8.10
CA ASN B 25 3.29 12.33 -7.36
C ASN B 25 3.06 12.23 -5.86
N ARG B 26 2.86 11.01 -5.38
CA ARG B 26 2.63 10.75 -3.97
C ARG B 26 3.20 9.39 -3.59
N THR B 27 3.86 9.31 -2.45
CA THR B 27 4.44 8.07 -1.98
C THR B 27 3.37 7.15 -1.39
N LEU B 28 2.70 6.40 -2.26
CA LEU B 28 1.65 5.49 -1.85
C LEU B 28 2.22 4.20 -1.25
N ALA B 29 1.32 3.33 -0.81
CA ALA B 29 1.71 2.07 -0.20
C ALA B 29 0.87 0.91 -0.74
N CYS B 30 -0.38 1.20 -1.08
CA CYS B 30 -1.29 0.18 -1.59
C CYS B 30 -1.39 0.26 -3.10
N PHE B 31 -1.17 -0.88 -3.76
CA PHE B 31 -1.22 -0.95 -5.22
C PHE B 31 -2.00 -2.18 -5.67
N ALA B 32 -2.57 -2.10 -6.87
CA ALA B 32 -3.33 -3.21 -7.42
C ALA B 32 -2.88 -3.49 -8.86
N ILE B 33 -2.79 -4.76 -9.21
CA ILE B 33 -2.36 -5.14 -10.56
C ILE B 33 -3.37 -6.06 -11.23
N TYR B 34 -4.03 -5.55 -12.26
CA TYR B 34 -5.00 -6.33 -13.00
C TYR B 34 -4.27 -7.05 -14.12
N THR B 35 -4.16 -8.37 -14.01
CA THR B 35 -3.44 -9.16 -15.01
C THR B 35 -4.00 -10.58 -15.11
N THR B 36 -3.26 -11.46 -15.76
CA THR B 36 -3.66 -12.84 -15.90
C THR B 36 -3.29 -13.62 -14.64
N LYS B 37 -3.98 -14.72 -14.39
CA LYS B 37 -3.72 -15.53 -13.20
C LYS B 37 -2.27 -16.00 -13.14
N GLU B 38 -1.71 -16.31 -14.31
CA GLU B 38 -0.33 -16.77 -14.39
C GLU B 38 0.64 -15.64 -14.06
N LYS B 39 0.39 -14.47 -14.64
CA LYS B 39 1.24 -13.31 -14.43
C LYS B 39 1.21 -12.88 -12.96
N ALA B 40 0.03 -12.85 -12.38
CA ALA B 40 -0.14 -12.45 -11.00
C ALA B 40 0.54 -13.46 -10.07
N ALA B 41 0.59 -14.72 -10.50
CA ALA B 41 1.24 -15.77 -9.71
C ALA B 41 2.75 -15.62 -9.77
N LEU B 42 3.26 -15.18 -10.92
CA LEU B 42 4.69 -14.98 -11.10
C LEU B 42 5.15 -13.75 -10.32
N LEU B 43 4.37 -12.68 -10.42
CA LEU B 43 4.66 -11.44 -9.74
C LEU B 43 4.50 -11.58 -8.23
N TYR B 44 3.69 -12.56 -7.82
CA TYR B 44 3.43 -12.82 -6.41
C TYR B 44 4.74 -12.97 -5.63
N LYS B 45 5.62 -13.82 -6.12
CA LYS B 45 6.89 -14.07 -5.46
C LYS B 45 7.93 -13.00 -5.81
N LYS B 46 7.73 -12.34 -6.94
CA LYS B 46 8.65 -11.30 -7.39
C LYS B 46 8.49 -10.01 -6.63
N ILE B 47 7.25 -9.66 -6.28
CA ILE B 47 6.98 -8.44 -5.55
C ILE B 47 7.19 -8.64 -4.04
N MET B 48 6.78 -9.81 -3.56
CA MET B 48 6.89 -10.14 -2.14
C MET B 48 8.34 -10.04 -1.66
N GLU B 49 9.23 -10.73 -2.35
CA GLU B 49 10.64 -10.74 -1.98
C GLU B 49 11.37 -9.49 -2.47
N LYS B 50 10.63 -8.55 -3.04
CA LYS B 50 11.22 -7.33 -3.57
C LYS B 50 11.00 -6.16 -2.62
N TYR B 51 9.74 -5.84 -2.35
CA TYR B 51 9.42 -4.69 -1.50
C TYR B 51 9.00 -5.12 -0.09
N SER B 52 9.10 -6.42 0.20
CA SER B 52 8.71 -6.96 1.51
C SER B 52 7.28 -6.56 1.85
N VAL B 53 6.35 -6.93 0.98
CA VAL B 53 4.95 -6.61 1.15
C VAL B 53 4.37 -7.27 2.40
N THR B 54 3.71 -6.46 3.22
CA THR B 54 3.09 -6.96 4.44
C THR B 54 1.89 -7.81 4.08
N PHE B 55 1.19 -7.41 3.04
CA PHE B 55 0.02 -8.12 2.55
C PHE B 55 0.05 -8.25 1.05
N ILE B 56 -0.21 -9.45 0.58
CA ILE B 56 -0.25 -9.73 -0.85
C ILE B 56 -1.26 -10.85 -1.09
N SER B 57 -2.20 -10.61 -1.98
CA SER B 57 -3.24 -11.58 -2.26
C SER B 57 -3.64 -11.55 -3.73
N ARG B 58 -3.91 -12.72 -4.28
CA ARG B 58 -4.34 -12.85 -5.67
C ARG B 58 -5.84 -13.11 -5.69
N HIS B 59 -6.59 -12.19 -6.27
CA HIS B 59 -8.03 -12.32 -6.34
C HIS B 59 -8.50 -12.53 -7.77
N ASN B 60 -9.66 -13.13 -7.93
CA ASN B 60 -10.21 -13.37 -9.25
C ASN B 60 -11.42 -12.46 -9.47
N SER B 61 -11.43 -11.77 -10.58
CA SER B 61 -12.53 -10.86 -10.88
C SER B 61 -13.55 -11.51 -11.81
N TYR B 62 -13.48 -11.16 -13.09
CA TYR B 62 -14.41 -11.69 -14.08
C TYR B 62 -13.67 -12.52 -15.11
N ASN B 63 -12.77 -11.89 -15.85
CA ASN B 63 -12.03 -12.59 -16.90
C ASN B 63 -10.54 -12.64 -16.61
N HIS B 64 -10.11 -12.00 -15.52
CA HIS B 64 -8.68 -11.97 -15.17
C HIS B 64 -8.49 -12.02 -13.67
N ASN B 65 -7.24 -11.85 -13.24
CA ASN B 65 -6.91 -11.87 -11.82
C ASN B 65 -6.44 -10.50 -11.37
N ILE B 66 -6.62 -10.22 -10.09
CA ILE B 66 -6.21 -8.94 -9.53
C ILE B 66 -5.22 -9.16 -8.40
N LEU B 67 -4.00 -8.68 -8.59
CA LEU B 67 -2.97 -8.80 -7.58
C LEU B 67 -3.04 -7.60 -6.64
N PHE B 68 -3.39 -7.87 -5.39
CA PHE B 68 -3.51 -6.83 -4.39
C PHE B 68 -2.37 -6.96 -3.39
N PHE B 69 -1.57 -5.92 -3.26
CA PHE B 69 -0.44 -5.96 -2.34
C PHE B 69 -0.20 -4.59 -1.70
N LEU B 70 0.36 -4.63 -0.49
CA LEU B 70 0.66 -3.42 0.25
C LEU B 70 2.15 -3.37 0.59
N THR B 71 2.81 -2.32 0.15
CA THR B 71 4.23 -2.15 0.40
C THR B 71 4.46 -1.16 1.53
N PRO B 72 5.24 -1.55 2.54
CA PRO B 72 5.54 -0.68 3.68
C PRO B 72 6.38 0.52 3.26
N HIS B 73 7.42 0.27 2.46
CA HIS B 73 8.30 1.32 1.98
C HIS B 73 7.54 2.32 1.12
N ARG B 74 7.89 3.58 1.25
CA ARG B 74 7.22 4.65 0.51
C ARG B 74 7.79 4.80 -0.89
N HIS B 75 6.89 4.90 -1.87
CA HIS B 75 7.26 5.08 -3.27
C HIS B 75 6.03 5.45 -4.08
N ARG B 76 6.24 6.22 -5.15
CA ARG B 76 5.14 6.65 -6.00
C ARG B 76 4.67 5.52 -6.91
N VAL B 77 3.43 5.63 -7.38
CA VAL B 77 2.84 4.62 -8.26
C VAL B 77 3.61 4.52 -9.57
N SER B 78 4.12 5.66 -10.03
CA SER B 78 4.87 5.73 -11.27
C SER B 78 6.09 4.81 -11.22
N ALA B 79 6.71 4.71 -10.05
CA ALA B 79 7.89 3.88 -9.87
C ALA B 79 7.52 2.40 -9.74
N ILE B 80 6.25 2.14 -9.43
CA ILE B 80 5.76 0.78 -9.27
C ILE B 80 5.27 0.22 -10.59
N ASN B 81 4.45 1.00 -11.29
CA ASN B 81 3.91 0.57 -12.58
C ASN B 81 5.02 0.33 -13.58
N ASN B 82 6.10 1.11 -13.47
CA ASN B 82 7.24 0.96 -14.37
C ASN B 82 7.82 -0.45 -14.26
N TYR B 83 7.87 -0.95 -13.04
CA TYR B 83 8.41 -2.28 -12.76
C TYR B 83 7.46 -3.36 -13.25
N ALA B 84 6.17 -3.15 -13.02
CA ALA B 84 5.15 -4.11 -13.42
C ALA B 84 4.95 -4.14 -14.93
N GLN B 85 4.98 -2.96 -15.56
CA GLN B 85 4.80 -2.83 -17.00
C GLN B 85 5.94 -3.50 -17.76
N LYS B 86 7.05 -3.71 -17.08
CA LYS B 86 8.22 -4.34 -17.69
C LYS B 86 7.91 -5.78 -18.11
N LEU B 87 6.94 -6.39 -17.46
CA LEU B 87 6.56 -7.77 -17.77
C LEU B 87 5.35 -7.83 -18.72
N CYS B 88 5.17 -6.79 -19.52
CA CYS B 88 4.05 -6.75 -20.48
C CYS B 88 4.39 -7.48 -21.77
N THR B 89 5.30 -8.44 -21.68
CA THR B 89 5.72 -9.20 -22.84
C THR B 89 4.73 -10.31 -23.19
N PHE B 90 4.55 -11.24 -22.26
CA PHE B 90 3.65 -12.38 -22.47
C PHE B 90 2.20 -12.01 -22.19
N SER B 91 1.98 -10.98 -21.38
CA SER B 91 0.62 -10.55 -21.05
C SER B 91 0.63 -9.06 -20.70
N PHE B 92 -0.52 -8.42 -20.90
CA PHE B 92 -0.68 -7.01 -20.60
C PHE B 92 -0.62 -6.77 -19.10
N LEU B 93 -0.86 -5.55 -18.66
CA LEU B 93 -0.82 -5.23 -17.24
C LEU B 93 -1.47 -3.89 -16.94
N ILE B 94 -2.41 -3.90 -16.01
CA ILE B 94 -3.08 -2.69 -15.60
C ILE B 94 -2.83 -2.47 -14.10
N CYS B 95 -1.82 -1.69 -13.77
CA CYS B 95 -1.49 -1.43 -12.39
C CYS B 95 -1.80 0.02 -12.04
N LYS B 96 -2.46 0.21 -10.90
CA LYS B 96 -2.81 1.55 -10.44
C LYS B 96 -2.81 1.58 -8.91
N GLY B 97 -2.69 2.78 -8.36
CA GLY B 97 -2.68 2.94 -6.92
C GLY B 97 -4.06 2.81 -6.32
N VAL B 98 -4.10 2.37 -5.07
CA VAL B 98 -5.36 2.20 -4.35
C VAL B 98 -5.49 3.27 -3.28
N ASN B 99 -6.63 3.95 -3.27
CA ASN B 99 -6.89 5.00 -2.29
C ASN B 99 -7.38 4.42 -0.97
N LYS B 100 -8.19 3.37 -1.06
CA LYS B 100 -8.73 2.73 0.13
C LYS B 100 -8.46 1.23 0.10
N GLU B 101 -7.45 0.82 0.85
CA GLU B 101 -7.03 -0.58 0.93
C GLU B 101 -8.15 -1.45 1.49
N TYR B 102 -8.65 -1.07 2.65
CA TYR B 102 -9.71 -1.82 3.32
C TYR B 102 -10.94 -1.96 2.42
N LEU B 103 -11.36 -0.85 1.82
CA LEU B 103 -12.53 -0.85 0.94
C LEU B 103 -12.31 -1.72 -0.28
N MET B 104 -11.11 -1.61 -0.88
CA MET B 104 -10.77 -2.39 -2.05
C MET B 104 -10.84 -3.89 -1.74
N TYR B 105 -10.25 -4.28 -0.60
CA TYR B 105 -10.26 -5.67 -0.20
C TYR B 105 -11.67 -6.13 0.14
N SER B 106 -12.45 -5.25 0.76
CA SER B 106 -13.82 -5.58 1.13
C SER B 106 -14.66 -5.89 -0.11
N ALA B 107 -14.35 -5.22 -1.20
CA ALA B 107 -15.07 -5.45 -2.45
C ALA B 107 -14.52 -6.69 -3.13
N LEU B 108 -13.24 -6.96 -2.91
CA LEU B 108 -12.57 -8.12 -3.50
C LEU B 108 -12.89 -9.40 -2.74
N THR B 109 -13.79 -9.33 -1.77
CA THR B 109 -14.19 -10.50 -1.00
C THR B 109 -15.70 -10.71 -1.09
N ARG B 110 -16.29 -10.22 -2.17
CA ARG B 110 -17.73 -10.34 -2.36
C ARG B 110 -18.05 -11.52 -3.29
N ASP B 111 -19.18 -11.46 -3.96
CA ASP B 111 -19.58 -12.53 -4.87
C ASP B 111 -18.85 -12.47 -6.22
N PRO B 112 -18.85 -11.31 -6.93
CA PRO B 112 -18.20 -11.18 -8.23
C PRO B 112 -16.67 -11.12 -8.14
N PHE B 113 -16.14 -11.20 -6.92
CA PHE B 113 -14.71 -11.15 -6.70
C PHE B 113 -14.29 -12.29 -5.77
N SER B 114 -13.58 -13.26 -6.32
CA SER B 114 -13.15 -14.42 -5.58
C SER B 114 -11.76 -14.22 -4.97
N VAL B 115 -11.44 -15.03 -3.96
CA VAL B 115 -10.15 -14.98 -3.29
C VAL B 115 -9.44 -16.32 -3.46
N ILE B 116 -8.15 -16.27 -3.79
CA ILE B 116 -7.38 -17.50 -3.97
C ILE B 116 -6.39 -17.69 -2.82
N GLU B 117 -5.32 -16.88 -2.82
CA GLU B 117 -4.30 -16.97 -1.79
C GLU B 117 -3.99 -15.59 -1.22
N GLU B 118 -3.54 -15.56 0.03
CA GLU B 118 -3.16 -14.31 0.70
C GLU B 118 -2.10 -14.58 1.75
N SER B 119 -1.23 -13.59 1.98
CA SER B 119 -0.14 -13.71 2.95
C SER B 119 -0.63 -13.64 4.39
N LEU B 120 -1.85 -13.16 4.58
CA LEU B 120 -2.40 -13.03 5.92
C LEU B 120 -3.65 -13.89 6.07
N PRO B 121 -3.74 -14.64 7.17
CA PRO B 121 -4.89 -15.53 7.43
C PRO B 121 -6.12 -14.76 7.91
N GLY B 122 -6.59 -13.83 7.09
CA GLY B 122 -7.75 -13.04 7.45
C GLY B 122 -7.84 -11.74 6.68
N GLY B 123 -7.15 -11.68 5.55
CA GLY B 123 -7.17 -10.48 4.73
C GLY B 123 -6.43 -9.32 5.37
N LEU B 124 -6.99 -8.12 5.20
CA LEU B 124 -6.39 -6.91 5.73
C LEU B 124 -7.16 -6.44 6.96
N LYS B 125 -6.42 -6.13 8.02
CA LYS B 125 -7.04 -5.67 9.25
C LYS B 125 -6.32 -4.44 9.80
N GLU B 126 -6.83 -3.95 10.93
CA GLU B 126 -6.30 -2.77 11.61
C GLU B 126 -4.80 -2.86 11.90
N HIS B 127 -4.34 -4.03 12.31
CA HIS B 127 -2.93 -4.26 12.65
C HIS B 127 -2.01 -4.15 11.43
N ASP B 128 -2.60 -4.14 10.24
CA ASP B 128 -1.82 -4.04 9.02
C ASP B 128 -1.70 -2.59 8.58
N PHE B 129 -2.44 -1.73 9.28
CA PHE B 129 -2.43 -0.31 9.02
C PHE B 129 -2.05 0.43 10.30
N ASN B 130 -2.43 1.70 10.38
CA ASN B 130 -2.14 2.48 11.57
C ASN B 130 -3.40 3.13 12.08
N PRO B 131 -4.05 2.51 13.08
CA PRO B 131 -5.28 3.03 13.68
C PRO B 131 -5.09 4.39 14.34
N ALA A 35 2.77 -8.82 23.86
CA ALA A 35 1.67 -7.85 23.65
C ALA A 35 2.18 -6.57 22.98
N ASN A 36 3.24 -5.99 23.53
CA ASN A 36 3.81 -4.78 22.98
C ASN A 36 5.09 -5.11 22.22
N GLY A 37 4.96 -5.32 20.91
CA GLY A 37 6.11 -5.67 20.09
C GLY A 37 7.01 -4.48 19.82
N LEU A 38 6.52 -3.29 20.07
CA LEU A 38 7.28 -2.08 19.85
C LEU A 38 8.34 -1.91 20.94
N THR A 39 9.40 -1.19 20.63
CA THR A 39 10.46 -0.95 21.58
C THR A 39 10.11 0.26 22.43
N VAL A 40 10.58 0.28 23.68
CA VAL A 40 10.30 1.38 24.61
C VAL A 40 10.54 2.74 23.95
N ALA A 41 11.66 2.88 23.27
CA ALA A 41 12.01 4.12 22.59
C ALA A 41 11.02 4.42 21.47
N GLN A 42 10.69 3.40 20.68
CA GLN A 42 9.76 3.55 19.57
C GLN A 42 8.37 3.89 20.06
N ASN A 43 7.98 3.34 21.21
CA ASN A 43 6.68 3.61 21.80
C ASN A 43 6.56 5.09 22.12
N GLN A 44 7.67 5.66 22.61
CA GLN A 44 7.72 7.07 22.95
C GLN A 44 7.64 7.92 21.68
N VAL A 45 8.34 7.49 20.64
CA VAL A 45 8.33 8.19 19.36
C VAL A 45 6.91 8.27 18.81
N LEU A 46 6.23 7.12 18.81
CA LEU A 46 4.86 7.04 18.34
C LEU A 46 3.94 7.86 19.22
N ASN A 47 4.17 7.79 20.52
CA ASN A 47 3.37 8.52 21.50
C ASN A 47 3.46 10.03 21.26
N LEU A 48 4.67 10.49 20.95
CA LEU A 48 4.90 11.91 20.70
C LEU A 48 4.08 12.43 19.52
N ILE A 49 3.90 11.59 18.51
CA ILE A 49 3.13 11.98 17.32
C ILE A 49 1.63 11.93 17.59
N LYS A 50 1.18 10.87 18.26
CA LYS A 50 -0.25 10.71 18.54
C LYS A 50 -0.72 11.65 19.64
N ALA A 51 0.12 11.93 20.62
CA ALA A 51 -0.25 12.82 21.72
C ALA A 51 0.10 14.27 21.40
N CYS A 52 0.40 14.52 20.14
CA CYS A 52 0.76 15.86 19.70
C CYS A 52 -0.50 16.74 19.64
N PRO A 53 -0.42 17.95 20.20
CA PRO A 53 -1.53 18.90 20.21
C PRO A 53 -1.58 19.73 18.93
N ARG A 54 -1.03 19.19 17.86
CA ARG A 54 -0.98 19.88 16.58
C ARG A 54 -1.93 19.22 15.58
N PRO A 55 -2.58 20.03 14.73
CA PRO A 55 -3.53 19.54 13.73
C PRO A 55 -2.91 18.66 12.65
N GLU A 56 -1.68 18.98 12.26
CA GLU A 56 -1.00 18.21 11.21
C GLU A 56 -0.15 17.10 11.82
N GLY A 57 -0.31 16.87 13.11
CA GLY A 57 0.44 15.84 13.79
C GLY A 57 1.83 16.28 14.15
N LEU A 58 2.82 15.54 13.70
CA LEU A 58 4.21 15.85 13.99
C LEU A 58 5.09 15.57 12.77
N ASN A 59 5.89 16.56 12.39
CA ASN A 59 6.77 16.43 11.25
C ASN A 59 8.01 15.63 11.63
N PHE A 60 8.80 15.24 10.64
CA PHE A 60 10.03 14.50 10.89
C PHE A 60 11.02 15.39 11.62
N GLN A 61 11.06 16.66 11.21
CA GLN A 61 11.92 17.65 11.82
C GLN A 61 11.45 17.96 13.23
N ASP A 62 10.15 17.80 13.46
CA ASP A 62 9.55 18.05 14.76
C ASP A 62 9.89 16.92 15.72
N LEU A 63 9.94 15.71 15.19
CA LEU A 63 10.27 14.53 15.98
C LEU A 63 11.64 14.66 16.63
N LYS A 64 12.64 14.97 15.82
CA LYS A 64 14.01 15.12 16.31
C LYS A 64 14.15 16.40 17.14
N ASN A 65 13.17 17.29 17.02
CA ASN A 65 13.18 18.54 17.76
C ASN A 65 12.75 18.27 19.19
N GLN A 66 11.74 17.43 19.35
CA GLN A 66 11.24 17.08 20.66
C GLN A 66 12.08 15.97 21.27
N LEU A 67 12.47 15.01 20.45
CA LEU A 67 13.28 13.88 20.89
C LEU A 67 14.73 14.11 20.48
N LYS A 68 15.39 15.04 21.16
CA LYS A 68 16.78 15.39 20.87
C LYS A 68 17.74 14.24 21.17
N HIS A 69 17.29 13.27 21.96
CA HIS A 69 18.14 12.12 22.30
C HIS A 69 18.07 11.05 21.21
N MET A 70 17.38 11.36 20.12
CA MET A 70 17.24 10.42 19.02
C MET A 70 17.90 11.00 17.77
N SER A 71 18.78 10.20 17.16
CA SER A 71 19.48 10.62 15.97
C SER A 71 18.59 10.50 14.73
N VAL A 72 18.97 11.20 13.66
CA VAL A 72 18.22 11.17 12.41
C VAL A 72 18.04 9.74 11.92
N SER A 73 19.13 8.97 11.91
CA SER A 73 19.10 7.58 11.48
C SER A 73 18.18 6.75 12.38
N SER A 74 18.24 7.01 13.68
CA SER A 74 17.41 6.30 14.65
C SER A 74 15.93 6.56 14.38
N ILE A 75 15.60 7.83 14.12
CA ILE A 75 14.23 8.20 13.83
C ILE A 75 13.77 7.58 12.52
N LYS A 76 14.68 7.55 11.55
CA LYS A 76 14.40 6.96 10.24
C LYS A 76 13.98 5.50 10.39
N GLN A 77 14.70 4.77 11.23
CA GLN A 77 14.41 3.36 11.47
C GLN A 77 13.08 3.20 12.21
N ALA A 78 12.85 4.08 13.18
CA ALA A 78 11.63 4.04 13.97
C ALA A 78 10.40 4.36 13.10
N VAL A 79 10.47 5.47 12.39
CA VAL A 79 9.38 5.89 11.52
C VAL A 79 9.09 4.82 10.47
N ASP A 80 10.15 4.19 9.97
CA ASP A 80 10.02 3.14 8.97
C ASP A 80 9.22 1.97 9.54
N PHE A 81 9.57 1.54 10.75
CA PHE A 81 8.88 0.42 11.40
C PHE A 81 7.43 0.81 11.68
N LEU A 82 7.22 2.04 12.11
CA LEU A 82 5.89 2.54 12.40
C LEU A 82 5.03 2.57 11.14
N SER A 83 5.68 2.70 9.99
CA SER A 83 4.98 2.74 8.72
C SER A 83 4.93 1.35 8.07
N ASN A 84 5.81 0.47 8.52
CA ASN A 84 5.88 -0.88 7.97
C ASN A 84 4.87 -1.80 8.67
N GLU A 85 4.73 -1.63 9.98
CA GLU A 85 3.80 -2.45 10.75
C GLU A 85 2.39 -1.87 10.68
N GLY A 86 2.28 -0.55 10.75
CA GLY A 86 0.98 0.09 10.68
C GLY A 86 0.68 0.90 11.93
N HIS A 87 1.24 2.09 12.00
CA HIS A 87 1.03 2.97 13.15
C HIS A 87 0.82 4.40 12.67
N ILE A 88 1.68 4.86 11.77
CA ILE A 88 1.58 6.20 11.21
C ILE A 88 1.55 6.13 9.69
N TYR A 89 0.88 7.09 9.07
CA TYR A 89 0.77 7.12 7.62
C TYR A 89 1.01 8.52 7.07
N SER A 90 1.33 8.59 5.80
CA SER A 90 1.55 9.84 5.11
C SER A 90 0.21 10.48 4.80
N THR A 91 0.05 11.75 5.14
CA THR A 91 -1.18 12.45 4.90
C THR A 91 -1.26 12.98 3.47
N VAL A 92 -0.86 14.23 3.30
CA VAL A 92 -0.85 14.87 1.99
C VAL A 92 0.48 15.56 1.75
N ASP A 93 1.47 15.13 2.52
CA ASP A 93 2.82 15.69 2.46
C ASP A 93 3.83 14.69 3.00
N ASP A 94 5.05 14.73 2.47
CA ASP A 94 6.11 13.82 2.91
C ASP A 94 6.43 14.04 4.38
N ASP A 95 6.82 15.27 4.71
CA ASP A 95 7.17 15.63 6.08
C ASP A 95 5.90 15.95 6.88
N HIS A 96 4.99 14.99 6.94
CA HIS A 96 3.73 15.14 7.66
C HIS A 96 3.14 13.79 8.02
N PHE A 97 3.54 13.24 9.15
CA PHE A 97 3.06 11.93 9.59
C PHE A 97 2.03 12.07 10.71
N LYS A 98 0.99 11.25 10.64
CA LYS A 98 -0.06 11.26 11.66
C LYS A 98 -0.40 9.83 12.06
N SER A 99 -0.56 9.61 13.36
CA SER A 99 -0.89 8.29 13.87
C SER A 99 -2.40 8.11 14.00
N THR A 100 -2.95 7.19 13.23
CA THR A 100 -4.39 6.91 13.27
C THR A 100 -4.67 5.47 12.84
N ASP A 101 -3.63 4.65 12.82
CA ASP A 101 -3.78 3.26 12.41
C ASP A 101 -3.97 2.34 13.61
N ALA A 102 -2.89 1.70 14.05
CA ALA A 102 -2.96 0.80 15.18
C ALA A 102 -1.92 1.17 16.22
N GLU A 103 -2.17 0.80 17.47
CA GLU A 103 -1.25 1.10 18.55
C GLU A 103 -0.35 -0.10 18.84
N GLY B 1 -3.58 -24.93 -23.02
CA GLY B 1 -4.79 -25.45 -23.68
C GLY B 1 -4.94 -24.90 -25.08
N SER B 2 -6.14 -25.01 -25.63
CA SER B 2 -6.41 -24.53 -26.97
C SER B 2 -6.90 -23.08 -26.96
N LYS B 3 -7.21 -22.56 -25.78
CA LYS B 3 -7.68 -21.20 -25.65
C LYS B 3 -6.77 -20.40 -24.73
N VAL B 4 -7.30 -19.30 -24.22
CA VAL B 4 -6.58 -18.44 -23.32
C VAL B 4 -6.51 -19.08 -21.93
N GLU B 5 -5.31 -19.13 -21.36
CA GLU B 5 -5.13 -19.73 -20.06
C GLU B 5 -5.53 -18.75 -18.97
N ASP B 6 -6.27 -19.25 -17.99
CA ASP B 6 -6.73 -18.45 -16.88
C ASP B 6 -5.95 -18.79 -15.61
N PRO B 7 -4.90 -18.02 -15.31
CA PRO B 7 -4.07 -18.24 -14.12
C PRO B 7 -4.85 -18.10 -12.83
N LYS B 8 -4.47 -18.90 -11.84
CA LYS B 8 -5.13 -18.88 -10.54
C LYS B 8 -4.26 -18.18 -9.52
N ASP B 9 -3.20 -17.54 -10.00
CA ASP B 9 -2.28 -16.81 -9.14
C ASP B 9 -1.59 -15.74 -9.97
N PHE B 10 -0.77 -14.93 -9.32
CA PHE B 10 -0.05 -13.86 -9.99
C PHE B 10 1.14 -14.43 -10.76
N PRO B 11 1.60 -13.72 -11.81
CA PRO B 11 2.74 -14.15 -12.60
C PRO B 11 4.02 -14.25 -11.75
N SER B 12 4.85 -15.22 -12.09
CA SER B 12 6.10 -15.45 -11.36
C SER B 12 6.98 -14.20 -11.32
N GLU B 13 6.82 -13.35 -12.33
CA GLU B 13 7.60 -12.12 -12.45
C GLU B 13 7.24 -11.12 -11.35
N LEU B 14 6.09 -11.31 -10.71
CA LEU B 14 5.65 -10.41 -9.66
C LEU B 14 5.53 -11.12 -8.30
N LEU B 15 5.61 -12.45 -8.33
CA LEU B 15 5.50 -13.26 -7.11
C LEU B 15 6.62 -12.93 -6.11
N SER B 16 7.70 -12.34 -6.61
CA SER B 16 8.84 -12.00 -5.77
C SER B 16 8.53 -10.81 -4.86
N PHE B 17 7.53 -10.00 -5.22
CA PHE B 17 7.20 -8.83 -4.42
C PHE B 17 5.81 -8.96 -3.79
N LEU B 18 5.30 -10.18 -3.69
CA LEU B 18 3.98 -10.40 -3.13
C LEU B 18 4.04 -11.10 -1.78
N SER B 19 3.10 -10.78 -0.90
CA SER B 19 3.03 -11.38 0.42
C SER B 19 2.57 -12.84 0.33
N HIS B 20 1.93 -13.18 -0.80
CA HIS B 20 1.42 -14.52 -1.08
C HIS B 20 0.18 -14.86 -0.25
N ALA B 21 0.33 -14.86 1.07
CA ALA B 21 -0.78 -15.17 1.96
C ALA B 21 -1.80 -14.04 1.98
N VAL B 22 -3.04 -14.38 2.31
CA VAL B 22 -4.12 -13.41 2.35
C VAL B 22 -4.64 -13.24 3.77
N PHE B 23 -5.06 -14.34 4.37
CA PHE B 23 -5.60 -14.32 5.72
C PHE B 23 -4.45 -14.26 6.72
N SER B 24 -4.07 -13.04 7.09
CA SER B 24 -2.99 -12.83 8.03
C SER B 24 -3.40 -11.85 9.11
N ASN B 25 -2.47 -11.50 9.99
CA ASN B 25 -2.74 -10.56 11.06
C ASN B 25 -1.89 -9.30 10.88
N ARG B 26 -1.20 -9.25 9.75
CA ARG B 26 -0.34 -8.12 9.45
C ARG B 26 -1.12 -7.04 8.69
N THR B 27 -1.06 -5.82 9.20
CA THR B 27 -1.72 -4.69 8.58
C THR B 27 -0.88 -4.17 7.41
N LEU B 28 -1.43 -4.26 6.21
CA LEU B 28 -0.72 -3.80 5.02
C LEU B 28 -1.34 -2.52 4.49
N ALA B 29 -0.67 -1.90 3.52
CA ALA B 29 -1.16 -0.65 2.94
C ALA B 29 -1.29 -0.74 1.41
N CYS B 30 -0.65 -1.71 0.81
CA CYS B 30 -0.70 -1.87 -0.64
C CYS B 30 -1.19 -3.27 -1.01
N PHE B 31 -2.10 -3.33 -1.98
CA PHE B 31 -2.65 -4.60 -2.43
C PHE B 31 -2.77 -4.61 -3.94
N ALA B 32 -2.75 -5.80 -4.51
CA ALA B 32 -2.86 -5.97 -5.95
C ALA B 32 -4.02 -6.90 -6.27
N ILE B 33 -4.78 -6.56 -7.31
CA ILE B 33 -5.93 -7.37 -7.70
C ILE B 33 -5.81 -7.84 -9.15
N TYR B 34 -5.57 -9.13 -9.33
CA TYR B 34 -5.47 -9.70 -10.66
C TYR B 34 -6.88 -10.07 -11.13
N THR B 35 -7.38 -9.34 -12.12
CA THR B 35 -8.72 -9.58 -12.62
C THR B 35 -8.85 -9.28 -14.11
N THR B 36 -10.08 -9.17 -14.59
CA THR B 36 -10.33 -8.87 -15.98
C THR B 36 -10.25 -7.37 -16.23
N LYS B 37 -10.09 -6.97 -17.48
CA LYS B 37 -10.00 -5.55 -17.83
C LYS B 37 -11.25 -4.79 -17.41
N GLU B 38 -12.41 -5.44 -17.55
CA GLU B 38 -13.69 -4.83 -17.18
C GLU B 38 -13.78 -4.66 -15.67
N LYS B 39 -13.43 -5.71 -14.94
CA LYS B 39 -13.48 -5.69 -13.48
C LYS B 39 -12.53 -4.65 -12.92
N ALA B 40 -11.33 -4.57 -13.49
CA ALA B 40 -10.33 -3.61 -13.06
C ALA B 40 -10.81 -2.17 -13.27
N ALA B 41 -11.61 -1.96 -14.32
CA ALA B 41 -12.14 -0.64 -14.61
C ALA B 41 -13.17 -0.22 -13.56
N LEU B 42 -13.93 -1.20 -13.09
CA LEU B 42 -14.95 -0.95 -12.09
C LEU B 42 -14.30 -0.71 -10.73
N LEU B 43 -13.43 -1.63 -10.34
CA LEU B 43 -12.72 -1.54 -9.05
C LEU B 43 -11.88 -0.27 -8.97
N TYR B 44 -11.42 0.20 -10.12
CA TYR B 44 -10.60 1.42 -10.20
C TYR B 44 -11.29 2.59 -9.52
N LYS B 45 -12.59 2.73 -9.75
CA LYS B 45 -13.36 3.82 -9.17
C LYS B 45 -14.02 3.40 -7.86
N LYS B 46 -14.38 2.13 -7.78
CA LYS B 46 -15.05 1.59 -6.59
C LYS B 46 -14.15 1.64 -5.36
N ILE B 47 -12.89 1.28 -5.52
CA ILE B 47 -11.96 1.27 -4.40
C ILE B 47 -11.32 2.64 -4.19
N MET B 48 -11.29 3.43 -5.26
CA MET B 48 -10.69 4.77 -5.24
C MET B 48 -11.15 5.59 -4.04
N GLU B 49 -12.46 5.80 -3.92
CA GLU B 49 -13.01 6.59 -2.82
C GLU B 49 -13.52 5.71 -1.69
N LYS B 50 -13.42 4.40 -1.86
CA LYS B 50 -13.87 3.46 -0.84
C LYS B 50 -12.94 3.50 0.36
N TYR B 51 -11.65 3.36 0.09
CA TYR B 51 -10.65 3.37 1.15
C TYR B 51 -9.73 4.57 1.00
N SER B 52 -10.10 5.49 0.11
CA SER B 52 -9.32 6.69 -0.16
C SER B 52 -7.90 6.34 -0.57
N VAL B 53 -7.77 5.73 -1.74
CA VAL B 53 -6.46 5.34 -2.25
C VAL B 53 -5.73 6.55 -2.83
N THR B 54 -4.45 6.67 -2.48
CA THR B 54 -3.63 7.75 -2.97
C THR B 54 -3.19 7.47 -4.41
N PHE B 55 -2.67 6.28 -4.61
CA PHE B 55 -2.22 5.87 -5.93
C PHE B 55 -2.94 4.59 -6.35
N ILE B 56 -3.61 4.65 -7.48
CA ILE B 56 -4.31 3.51 -8.03
C ILE B 56 -4.10 3.47 -9.53
N SER B 57 -3.93 2.28 -10.08
CA SER B 57 -3.70 2.16 -11.51
C SER B 57 -4.05 0.76 -12.02
N ARG B 58 -4.22 0.67 -13.33
CA ARG B 58 -4.52 -0.59 -13.99
C ARG B 58 -3.34 -0.95 -14.88
N HIS B 59 -2.72 -2.08 -14.62
CA HIS B 59 -1.57 -2.51 -15.40
C HIS B 59 -1.87 -3.81 -16.14
N ASN B 60 -1.69 -3.79 -17.45
CA ASN B 60 -1.93 -4.96 -18.27
C ASN B 60 -0.79 -5.95 -18.05
N SER B 61 -1.13 -7.23 -17.93
CA SER B 61 -0.12 -8.24 -17.69
C SER B 61 0.11 -9.11 -18.92
N TYR B 62 -0.71 -10.14 -19.07
CA TYR B 62 -0.60 -11.06 -20.19
C TYR B 62 -1.98 -11.34 -20.78
N ASN B 63 -2.82 -11.98 -19.99
CA ASN B 63 -4.17 -12.32 -20.44
C ASN B 63 -5.22 -11.59 -19.61
N HIS B 64 -4.77 -10.83 -18.61
CA HIS B 64 -5.70 -10.12 -17.74
C HIS B 64 -5.10 -8.78 -17.32
N ASN B 65 -5.75 -8.11 -16.38
CA ASN B 65 -5.28 -6.82 -15.89
C ASN B 65 -5.03 -6.89 -14.40
N ILE B 66 -4.08 -6.08 -13.93
CA ILE B 66 -3.73 -6.04 -12.53
C ILE B 66 -4.02 -4.68 -11.93
N LEU B 67 -4.91 -4.64 -10.95
CA LEU B 67 -5.24 -3.40 -10.28
C LEU B 67 -4.26 -3.18 -9.14
N PHE B 68 -3.51 -2.09 -9.23
CA PHE B 68 -2.52 -1.77 -8.22
C PHE B 68 -2.95 -0.50 -7.48
N PHE B 69 -3.05 -0.58 -6.16
CA PHE B 69 -3.46 0.58 -5.38
C PHE B 69 -2.77 0.62 -4.02
N LEU B 70 -2.66 1.83 -3.48
CA LEU B 70 -2.05 2.05 -2.18
C LEU B 70 -3.04 2.80 -1.28
N THR B 71 -3.04 2.46 -0.01
CA THR B 71 -3.94 3.10 0.94
C THR B 71 -3.18 3.60 2.16
N PRO B 72 -3.43 4.85 2.58
CA PRO B 72 -2.77 5.44 3.74
C PRO B 72 -3.05 4.65 5.03
N HIS B 73 -4.32 4.41 5.31
CA HIS B 73 -4.70 3.66 6.50
C HIS B 73 -4.42 2.18 6.30
N ARG B 74 -3.83 1.57 7.30
CA ARG B 74 -3.49 0.16 7.24
C ARG B 74 -4.71 -0.71 7.44
N HIS B 75 -4.67 -1.89 6.85
CA HIS B 75 -5.72 -2.88 6.93
C HIS B 75 -5.17 -4.22 6.49
N ARG B 76 -5.72 -5.30 7.00
CA ARG B 76 -5.24 -6.62 6.66
C ARG B 76 -5.75 -7.08 5.30
N VAL B 77 -4.99 -7.96 4.67
CA VAL B 77 -5.33 -8.49 3.34
C VAL B 77 -6.67 -9.20 3.34
N SER B 78 -6.93 -9.95 4.40
CA SER B 78 -8.18 -10.70 4.54
C SER B 78 -9.41 -9.79 4.41
N ALA B 79 -9.36 -8.64 5.07
CA ALA B 79 -10.46 -7.69 5.04
C ALA B 79 -10.65 -7.10 3.65
N ILE B 80 -9.54 -6.80 3.00
CA ILE B 80 -9.57 -6.22 1.65
C ILE B 80 -10.04 -7.25 0.63
N ASN B 81 -9.56 -8.48 0.78
CA ASN B 81 -9.92 -9.57 -0.13
C ASN B 81 -11.42 -9.85 -0.06
N ASN B 82 -12.01 -9.64 1.11
CA ASN B 82 -13.44 -9.89 1.30
C ASN B 82 -14.25 -8.98 0.38
N TYR B 83 -13.83 -7.74 0.25
CA TYR B 83 -14.51 -6.77 -0.59
C TYR B 83 -14.27 -7.09 -2.07
N ALA B 84 -13.08 -7.55 -2.37
CA ALA B 84 -12.71 -7.88 -3.75
C ALA B 84 -13.36 -9.19 -4.22
N GLN B 85 -13.29 -10.21 -3.37
CA GLN B 85 -13.85 -11.53 -3.69
C GLN B 85 -15.37 -11.46 -3.85
N LYS B 86 -15.96 -10.40 -3.32
CA LYS B 86 -17.40 -10.18 -3.39
C LYS B 86 -17.86 -10.01 -4.84
N LEU B 87 -16.97 -9.50 -5.68
CA LEU B 87 -17.30 -9.25 -7.08
C LEU B 87 -16.89 -10.43 -7.97
N CYS B 88 -16.80 -11.62 -7.39
CA CYS B 88 -16.44 -12.81 -8.16
C CYS B 88 -17.66 -13.44 -8.83
N THR B 89 -18.56 -12.59 -9.28
CA THR B 89 -19.77 -13.03 -9.95
C THR B 89 -19.57 -13.13 -11.45
N PHE B 90 -19.22 -12.01 -12.07
CA PHE B 90 -19.00 -11.95 -13.51
C PHE B 90 -17.58 -12.33 -13.90
N SER B 91 -16.66 -12.27 -12.95
CA SER B 91 -15.27 -12.61 -13.22
C SER B 91 -14.56 -13.06 -11.96
N PHE B 92 -13.48 -13.82 -12.14
CA PHE B 92 -12.68 -14.32 -11.03
C PHE B 92 -11.93 -13.17 -10.36
N LEU B 93 -11.10 -13.48 -9.37
CA LEU B 93 -10.34 -12.45 -8.68
C LEU B 93 -9.20 -13.03 -7.86
N ILE B 94 -8.00 -12.56 -8.13
CA ILE B 94 -6.82 -12.97 -7.40
C ILE B 94 -6.22 -11.77 -6.70
N CYS B 95 -6.62 -11.54 -5.47
CA CYS B 95 -6.11 -10.42 -4.69
C CYS B 95 -5.04 -10.89 -3.74
N LYS B 96 -3.99 -10.09 -3.60
CA LYS B 96 -2.89 -10.41 -2.71
C LYS B 96 -2.22 -9.13 -2.24
N GLY B 97 -1.50 -9.23 -1.11
CA GLY B 97 -0.81 -8.07 -0.59
C GLY B 97 0.52 -7.84 -1.27
N VAL B 98 0.91 -6.60 -1.39
CA VAL B 98 2.17 -6.26 -2.04
C VAL B 98 3.24 -5.99 -0.98
N ASN B 99 4.32 -6.77 -1.05
CA ASN B 99 5.42 -6.62 -0.11
C ASN B 99 6.31 -5.45 -0.50
N LYS B 100 6.55 -5.33 -1.79
CA LYS B 100 7.38 -4.26 -2.32
C LYS B 100 6.63 -3.50 -3.40
N GLU B 101 5.90 -2.48 -2.97
CA GLU B 101 5.10 -1.65 -3.87
C GLU B 101 5.95 -1.05 -5.00
N TYR B 102 6.94 -0.24 -4.62
CA TYR B 102 7.83 0.40 -5.59
C TYR B 102 8.46 -0.62 -6.53
N LEU B 103 8.87 -1.76 -5.99
CA LEU B 103 9.49 -2.80 -6.79
C LEU B 103 8.49 -3.43 -7.76
N MET B 104 7.32 -3.78 -7.25
CA MET B 104 6.28 -4.38 -8.10
C MET B 104 5.86 -3.42 -9.19
N TYR B 105 5.74 -2.15 -8.83
CA TYR B 105 5.35 -1.12 -9.79
C TYR B 105 6.40 -1.00 -10.89
N SER B 106 7.67 -1.08 -10.50
CA SER B 106 8.78 -0.99 -11.46
C SER B 106 8.71 -2.15 -12.44
N ALA B 107 8.31 -3.32 -11.96
CA ALA B 107 8.21 -4.51 -12.79
C ALA B 107 6.95 -4.42 -13.66
N LEU B 108 5.98 -3.63 -13.21
CA LEU B 108 4.73 -3.44 -13.93
C LEU B 108 4.89 -2.41 -15.04
N THR B 109 6.10 -1.88 -15.19
CA THR B 109 6.38 -0.89 -16.22
C THR B 109 7.47 -1.40 -17.16
N ARG B 110 7.59 -2.72 -17.24
CA ARG B 110 8.59 -3.35 -18.09
C ARG B 110 8.05 -3.57 -19.50
N ASP B 111 8.58 -4.60 -20.18
CA ASP B 111 8.15 -4.92 -21.54
C ASP B 111 6.82 -5.68 -21.58
N PRO B 112 6.71 -6.82 -20.84
CA PRO B 112 5.46 -7.61 -20.83
C PRO B 112 4.30 -6.89 -20.16
N PHE B 113 4.59 -6.18 -19.09
CA PHE B 113 3.56 -5.45 -18.34
C PHE B 113 3.39 -4.05 -18.90
N SER B 114 2.15 -3.67 -19.16
CA SER B 114 1.83 -2.36 -19.72
C SER B 114 1.11 -1.48 -18.71
N VAL B 115 1.00 -0.20 -19.03
CA VAL B 115 0.33 0.78 -18.17
C VAL B 115 -0.89 1.34 -18.88
N ILE B 116 -1.99 1.49 -18.14
CA ILE B 116 -3.21 2.04 -18.72
C ILE B 116 -3.49 3.44 -18.19
N GLU B 117 -4.03 3.53 -16.97
CA GLU B 117 -4.37 4.82 -16.38
C GLU B 117 -3.94 4.87 -14.91
N GLU B 118 -3.05 5.81 -14.59
CA GLU B 118 -2.58 5.98 -13.21
C GLU B 118 -3.19 7.24 -12.62
N SER B 119 -3.58 7.18 -11.35
CA SER B 119 -4.19 8.32 -10.67
C SER B 119 -3.19 9.46 -10.47
N LEU B 120 -1.99 9.12 -10.00
CA LEU B 120 -0.97 10.13 -9.74
C LEU B 120 0.03 10.20 -10.90
N PRO B 121 0.27 11.42 -11.42
CA PRO B 121 1.21 11.64 -12.51
C PRO B 121 2.64 11.29 -12.10
N GLY B 122 3.20 10.28 -12.74
CA GLY B 122 4.54 9.86 -12.42
C GLY B 122 4.56 8.47 -11.83
N GLY B 123 3.44 8.06 -11.27
CA GLY B 123 3.33 6.76 -10.68
C GLY B 123 3.68 6.74 -9.21
N LEU B 124 4.27 5.64 -8.76
CA LEU B 124 4.66 5.48 -7.37
C LEU B 124 5.97 6.21 -7.10
N LYS B 125 5.98 7.05 -6.08
CA LYS B 125 7.18 7.80 -5.73
C LYS B 125 7.37 7.81 -4.22
N GLU B 126 8.43 8.46 -3.75
CA GLU B 126 8.72 8.53 -2.32
C GLU B 126 7.79 9.52 -1.62
N HIS B 127 6.75 9.96 -2.32
CA HIS B 127 5.77 10.87 -1.74
C HIS B 127 4.57 10.07 -1.26
N ASP B 128 4.63 8.76 -1.52
CA ASP B 128 3.56 7.85 -1.12
C ASP B 128 3.99 7.05 0.11
N PHE B 129 5.02 6.23 -0.05
CA PHE B 129 5.53 5.43 1.05
C PHE B 129 6.55 6.24 1.84
N ASN B 130 7.15 5.63 2.85
CA ASN B 130 8.13 6.31 3.69
C ASN B 130 9.56 6.06 3.17
N PRO B 131 10.21 7.12 2.65
CA PRO B 131 11.57 7.03 2.13
C PRO B 131 12.59 6.87 3.25
N ALA A 35 14.74 -5.96 -16.85
CA ALA A 35 13.64 -4.97 -16.90
C ALA A 35 12.31 -5.63 -16.55
N ASN A 36 11.72 -6.32 -17.51
CA ASN A 36 10.45 -6.99 -17.30
C ASN A 36 10.66 -8.37 -16.68
N GLY A 37 10.51 -8.45 -15.37
CA GLY A 37 10.69 -9.71 -14.68
C GLY A 37 9.40 -10.49 -14.54
N LEU A 38 8.54 -10.35 -15.53
CA LEU A 38 7.27 -11.04 -15.55
C LEU A 38 7.21 -11.99 -16.73
N THR A 39 6.42 -13.04 -16.60
CA THR A 39 6.27 -14.01 -17.66
C THR A 39 5.32 -13.47 -18.73
N VAL A 40 5.58 -13.81 -19.98
CA VAL A 40 4.76 -13.35 -21.10
C VAL A 40 3.28 -13.66 -20.86
N ALA A 41 3.03 -14.79 -20.21
CA ALA A 41 1.66 -15.20 -19.89
C ALA A 41 1.00 -14.18 -18.98
N GLN A 42 1.71 -13.75 -17.94
CA GLN A 42 1.19 -12.78 -16.98
C GLN A 42 1.12 -11.40 -17.59
N ASN A 43 2.09 -11.07 -18.44
CA ASN A 43 2.14 -9.78 -19.11
C ASN A 43 0.85 -9.54 -19.90
N GLN A 44 0.37 -10.60 -20.53
CA GLN A 44 -0.86 -10.53 -21.32
C GLN A 44 -2.06 -10.31 -20.41
N VAL A 45 -2.11 -11.04 -19.31
CA VAL A 45 -3.19 -10.93 -18.35
C VAL A 45 -3.30 -9.51 -17.81
N LEU A 46 -2.17 -8.97 -17.35
CA LEU A 46 -2.12 -7.61 -16.80
C LEU A 46 -2.56 -6.59 -17.85
N ASN A 47 -2.07 -6.76 -19.06
CA ASN A 47 -2.40 -5.85 -20.15
C ASN A 47 -3.90 -5.92 -20.48
N LEU A 48 -4.45 -7.13 -20.47
CA LEU A 48 -5.87 -7.33 -20.76
C LEU A 48 -6.75 -6.56 -19.81
N ILE A 49 -6.34 -6.47 -18.54
CA ILE A 49 -7.11 -5.77 -17.53
C ILE A 49 -7.06 -4.25 -17.74
N LYS A 50 -5.87 -3.72 -17.96
CA LYS A 50 -5.70 -2.28 -18.15
C LYS A 50 -6.17 -1.82 -19.53
N ALA A 51 -6.21 -2.73 -20.49
CA ALA A 51 -6.63 -2.40 -21.84
C ALA A 51 -8.08 -2.83 -22.08
N CYS A 52 -8.81 -3.04 -21.00
CA CYS A 52 -10.19 -3.45 -21.08
C CYS A 52 -11.11 -2.24 -21.09
N PRO A 53 -12.03 -2.16 -22.07
CA PRO A 53 -12.97 -1.05 -22.19
C PRO A 53 -14.17 -1.20 -21.25
N ARG A 54 -13.88 -1.54 -20.00
CA ARG A 54 -14.92 -1.73 -18.99
C ARG A 54 -14.63 -0.88 -17.76
N PRO A 55 -15.65 -0.18 -17.26
CA PRO A 55 -15.53 0.69 -16.07
C PRO A 55 -15.14 -0.13 -14.82
N GLU A 56 -15.49 -1.40 -14.83
CA GLU A 56 -15.18 -2.29 -13.72
C GLU A 56 -13.78 -2.87 -13.86
N GLY A 57 -13.18 -2.67 -15.02
CA GLY A 57 -11.86 -3.20 -15.28
C GLY A 57 -11.96 -4.58 -15.88
N LEU A 58 -11.61 -5.59 -15.10
CA LEU A 58 -11.68 -6.96 -15.55
C LEU A 58 -11.90 -7.89 -14.38
N ASN A 59 -13.15 -8.33 -14.21
CA ASN A 59 -13.52 -9.21 -13.12
C ASN A 59 -12.88 -10.58 -13.29
N PHE A 60 -12.87 -11.37 -12.21
CA PHE A 60 -12.28 -12.71 -12.24
C PHE A 60 -13.01 -13.57 -13.27
N GLN A 61 -14.33 -13.42 -13.31
CA GLN A 61 -15.17 -14.15 -14.25
C GLN A 61 -14.82 -13.77 -15.69
N ASP A 62 -14.45 -12.51 -15.88
CA ASP A 62 -14.10 -11.99 -17.19
C ASP A 62 -12.72 -12.47 -17.61
N LEU A 63 -11.81 -12.52 -16.65
CA LEU A 63 -10.44 -12.95 -16.90
C LEU A 63 -10.38 -14.31 -17.61
N LYS A 64 -11.05 -15.29 -17.03
CA LYS A 64 -11.06 -16.64 -17.60
C LYS A 64 -11.92 -16.70 -18.86
N ASN A 65 -12.85 -15.78 -18.99
CA ASN A 65 -13.73 -15.75 -20.18
C ASN A 65 -12.95 -15.26 -21.39
N GLN A 66 -12.12 -14.24 -21.18
CA GLN A 66 -11.32 -13.68 -22.26
C GLN A 66 -10.15 -14.61 -22.57
N LEU A 67 -9.58 -15.18 -21.53
CA LEU A 67 -8.46 -16.10 -21.67
C LEU A 67 -8.92 -17.53 -21.41
N LYS A 68 -9.65 -18.09 -22.37
CA LYS A 68 -10.18 -19.44 -22.25
C LYS A 68 -9.06 -20.48 -22.19
N HIS A 69 -7.88 -20.10 -22.61
CA HIS A 69 -6.73 -21.01 -22.59
C HIS A 69 -5.97 -20.88 -21.27
N MET A 70 -6.63 -20.31 -20.27
CA MET A 70 -6.03 -20.14 -18.95
C MET A 70 -6.96 -20.71 -17.88
N SER A 71 -6.43 -21.60 -17.06
CA SER A 71 -7.20 -22.22 -16.00
C SER A 71 -7.38 -21.27 -14.84
N VAL A 72 -8.42 -21.52 -14.04
CA VAL A 72 -8.72 -20.70 -12.87
C VAL A 72 -7.52 -20.64 -11.93
N SER A 73 -6.86 -21.78 -11.76
CA SER A 73 -5.68 -21.87 -10.91
C SER A 73 -4.57 -20.98 -11.46
N SER A 74 -4.39 -21.03 -12.77
CA SER A 74 -3.38 -20.23 -13.44
C SER A 74 -3.71 -18.74 -13.28
N ILE A 75 -4.98 -18.41 -13.46
CA ILE A 75 -5.44 -17.03 -13.33
C ILE A 75 -5.17 -16.52 -11.92
N LYS A 76 -5.52 -17.35 -10.92
CA LYS A 76 -5.33 -16.98 -9.53
C LYS A 76 -3.84 -16.77 -9.24
N GLN A 77 -2.99 -17.60 -9.85
CA GLN A 77 -1.55 -17.49 -9.66
C GLN A 77 -1.03 -16.17 -10.23
N ALA A 78 -1.46 -15.85 -11.44
CA ALA A 78 -1.06 -14.61 -12.10
C ALA A 78 -1.55 -13.42 -11.29
N VAL A 79 -2.82 -13.48 -10.88
CA VAL A 79 -3.43 -12.44 -10.09
C VAL A 79 -2.68 -12.25 -8.77
N ASP A 80 -2.27 -13.37 -8.19
CA ASP A 80 -1.53 -13.35 -6.92
C ASP A 80 -0.25 -12.56 -7.06
N PHE A 81 0.53 -12.85 -8.11
CA PHE A 81 1.79 -12.16 -8.34
C PHE A 81 1.54 -10.68 -8.63
N LEU A 82 0.51 -10.39 -9.41
CA LEU A 82 0.16 -9.03 -9.77
C LEU A 82 -0.26 -8.23 -8.53
N SER A 83 -0.95 -8.89 -7.61
CA SER A 83 -1.39 -8.26 -6.38
C SER A 83 -0.26 -8.20 -5.36
N ASN A 84 0.59 -9.21 -5.36
CA ASN A 84 1.73 -9.27 -4.45
C ASN A 84 2.71 -8.17 -4.77
N GLU A 85 3.09 -8.07 -6.04
CA GLU A 85 4.02 -7.04 -6.47
C GLU A 85 3.38 -5.66 -6.30
N GLY A 86 2.34 -5.39 -7.10
CA GLY A 86 1.66 -4.12 -6.99
C GLY A 86 1.18 -3.56 -8.31
N HIS A 87 0.52 -4.39 -9.11
CA HIS A 87 0.02 -3.90 -10.40
C HIS A 87 -1.51 -3.85 -10.40
N ILE A 88 -2.15 -4.91 -9.93
CA ILE A 88 -3.61 -4.95 -9.86
C ILE A 88 -4.06 -4.83 -8.41
N TYR A 89 -5.33 -4.54 -8.20
CA TYR A 89 -5.85 -4.39 -6.85
C TYR A 89 -7.36 -4.59 -6.81
N SER A 90 -7.86 -4.84 -5.61
CA SER A 90 -9.28 -5.03 -5.38
C SER A 90 -9.91 -3.72 -4.96
N THR A 91 -10.82 -3.20 -5.79
CA THR A 91 -11.48 -1.95 -5.49
C THR A 91 -12.42 -2.10 -4.28
N VAL A 92 -13.58 -2.69 -4.50
CA VAL A 92 -14.55 -2.90 -3.43
C VAL A 92 -14.79 -4.39 -3.19
N ASP A 93 -14.28 -5.21 -4.10
CA ASP A 93 -14.44 -6.66 -4.01
C ASP A 93 -13.22 -7.34 -4.60
N ASP A 94 -12.95 -8.56 -4.14
CA ASP A 94 -11.81 -9.35 -4.61
C ASP A 94 -11.95 -9.71 -6.09
N ASP A 95 -13.19 -9.85 -6.56
CA ASP A 95 -13.45 -10.20 -7.97
C ASP A 95 -13.33 -8.97 -8.86
N HIS A 96 -13.57 -7.80 -8.27
CA HIS A 96 -13.50 -6.55 -9.01
C HIS A 96 -12.04 -6.10 -9.14
N PHE A 97 -11.34 -6.69 -10.11
CA PHE A 97 -9.94 -6.38 -10.35
C PHE A 97 -9.77 -5.10 -11.17
N LYS A 98 -8.86 -4.26 -10.72
CA LYS A 98 -8.54 -3.03 -11.41
C LYS A 98 -7.03 -2.86 -11.43
N SER A 99 -6.53 -2.02 -12.33
CA SER A 99 -5.10 -1.80 -12.44
C SER A 99 -4.79 -0.32 -12.59
N THR A 100 -3.60 0.06 -12.18
CA THR A 100 -3.13 1.44 -12.29
C THR A 100 -1.70 1.46 -12.81
N ASP A 101 -0.87 0.59 -12.26
CA ASP A 101 0.52 0.50 -12.69
C ASP A 101 0.65 -0.55 -13.78
N ALA A 102 0.53 -0.12 -15.03
CA ALA A 102 0.63 -1.01 -16.17
C ALA A 102 0.95 -0.23 -17.43
N GLU A 103 1.83 -0.79 -18.24
CA GLU A 103 2.23 -0.14 -19.49
C GLU A 103 1.31 -0.58 -20.62
N GLY B 1 21.97 11.19 22.67
CA GLY B 1 22.04 12.46 23.46
C GLY B 1 21.00 12.50 24.56
N SER B 2 21.03 13.55 25.36
CA SER B 2 20.07 13.70 26.46
C SER B 2 18.73 14.18 25.94
N LYS B 3 18.76 14.98 24.89
CA LYS B 3 17.54 15.50 24.29
C LYS B 3 16.84 14.41 23.49
N VAL B 4 15.55 14.62 23.20
CA VAL B 4 14.77 13.65 22.44
C VAL B 4 15.48 13.25 21.15
N GLU B 5 15.89 11.99 21.07
CA GLU B 5 16.59 11.48 19.91
C GLU B 5 15.64 11.32 18.73
N ASP B 6 16.08 11.79 17.58
CA ASP B 6 15.29 11.73 16.35
C ASP B 6 15.89 10.72 15.38
N PRO B 7 15.20 9.59 15.17
CA PRO B 7 15.65 8.54 14.26
C PRO B 7 15.81 9.03 12.82
N LYS B 8 16.63 8.32 12.05
CA LYS B 8 16.87 8.68 10.66
C LYS B 8 16.07 7.75 9.74
N ASP B 9 15.51 6.70 10.34
CA ASP B 9 14.71 5.73 9.61
C ASP B 9 13.67 5.13 10.55
N PHE B 10 13.04 4.06 10.13
CA PHE B 10 12.03 3.40 10.95
C PHE B 10 12.69 2.46 11.95
N PRO B 11 11.99 2.13 13.05
CA PRO B 11 12.51 1.22 14.07
C PRO B 11 12.76 -0.18 13.51
N SER B 12 13.73 -0.87 14.10
CA SER B 12 14.10 -2.22 13.68
C SER B 12 12.92 -3.19 13.74
N GLU B 13 11.96 -2.91 14.62
CA GLU B 13 10.79 -3.76 14.79
C GLU B 13 9.84 -3.67 13.59
N LEU B 14 9.95 -2.59 12.83
CA LEU B 14 9.07 -2.40 11.68
C LEU B 14 9.84 -2.56 10.36
N LEU B 15 11.16 -2.38 10.42
CA LEU B 15 12.00 -2.50 9.23
C LEU B 15 11.91 -3.88 8.60
N SER B 16 11.48 -4.85 9.38
CA SER B 16 11.34 -6.22 8.92
C SER B 16 10.21 -6.37 7.89
N PHE B 17 9.27 -5.44 7.91
CA PHE B 17 8.13 -5.50 7.00
C PHE B 17 8.13 -4.30 6.05
N LEU B 18 9.23 -3.58 6.00
CA LEU B 18 9.33 -2.42 5.14
C LEU B 18 10.14 -2.70 3.88
N SER B 19 9.90 -1.89 2.86
CA SER B 19 10.58 -2.03 1.58
C SER B 19 12.06 -1.63 1.68
N HIS B 20 12.35 -0.74 2.62
CA HIS B 20 13.70 -0.22 2.86
C HIS B 20 14.11 0.79 1.80
N ALA B 21 13.76 0.48 0.54
CA ALA B 21 14.07 1.35 -0.58
C ALA B 21 12.84 2.15 -1.00
N VAL B 22 13.09 3.17 -1.80
CA VAL B 22 12.03 4.03 -2.32
C VAL B 22 12.02 3.98 -3.84
N PHE B 23 13.19 4.14 -4.43
CA PHE B 23 13.32 4.12 -5.89
C PHE B 23 13.60 2.70 -6.37
N SER B 24 12.56 1.90 -6.46
CA SER B 24 12.67 0.52 -6.89
C SER B 24 11.76 0.25 -8.08
N ASN B 25 12.05 -0.83 -8.80
CA ASN B 25 11.26 -1.21 -9.97
C ASN B 25 9.99 -1.91 -9.50
N ARG B 26 9.98 -2.30 -8.24
CA ARG B 26 8.82 -2.97 -7.67
C ARG B 26 7.77 -1.93 -7.26
N THR B 27 6.52 -2.20 -7.57
CA THR B 27 5.43 -1.29 -7.24
C THR B 27 4.93 -1.55 -5.82
N LEU B 28 4.18 -0.60 -5.27
CA LEU B 28 3.65 -0.76 -3.92
C LEU B 28 2.27 -0.13 -3.80
N ALA B 29 1.67 -0.31 -2.63
CA ALA B 29 0.34 0.23 -2.35
C ALA B 29 0.26 0.74 -0.91
N CYS B 30 0.94 0.05 -0.02
CA CYS B 30 0.95 0.43 1.39
C CYS B 30 2.21 1.23 1.69
N PHE B 31 2.04 2.34 2.41
CA PHE B 31 3.17 3.20 2.75
C PHE B 31 3.07 3.66 4.19
N ALA B 32 4.21 3.95 4.81
CA ALA B 32 4.25 4.40 6.19
C ALA B 32 5.14 5.64 6.31
N ILE B 33 4.68 6.62 7.07
CA ILE B 33 5.42 7.85 7.28
C ILE B 33 5.74 8.08 8.76
N TYR B 34 7.02 8.12 9.08
CA TYR B 34 7.46 8.35 10.45
C TYR B 34 7.63 9.86 10.65
N THR B 35 6.77 10.44 11.48
CA THR B 35 6.81 11.88 11.73
C THR B 35 6.22 12.22 13.10
N THR B 36 5.99 13.50 13.36
CA THR B 36 5.41 13.94 14.60
C THR B 36 3.91 13.67 14.60
N LYS B 37 3.30 13.62 15.78
CA LYS B 37 1.86 13.33 15.88
C LYS B 37 1.03 14.41 15.21
N GLU B 38 1.53 15.65 15.19
CA GLU B 38 0.81 16.74 14.55
C GLU B 38 1.02 16.70 13.04
N LYS B 39 2.24 16.38 12.64
CA LYS B 39 2.59 16.30 11.22
C LYS B 39 1.78 15.22 10.54
N ALA B 40 1.71 14.05 11.17
CA ALA B 40 0.96 12.93 10.63
C ALA B 40 -0.53 13.18 10.70
N ALA B 41 -0.95 14.05 11.63
CA ALA B 41 -2.36 14.38 11.79
C ALA B 41 -2.83 15.22 10.61
N LEU B 42 -1.95 16.07 10.09
CA LEU B 42 -2.27 16.90 8.96
C LEU B 42 -2.36 16.05 7.69
N LEU B 43 -1.34 15.21 7.51
CA LEU B 43 -1.29 14.32 6.35
C LEU B 43 -2.42 13.30 6.38
N TYR B 44 -2.92 13.04 7.59
CA TYR B 44 -4.01 12.09 7.80
C TYR B 44 -5.20 12.43 6.91
N LYS B 45 -5.60 13.70 6.92
CA LYS B 45 -6.73 14.14 6.12
C LYS B 45 -6.28 14.55 4.72
N LYS B 46 -5.02 14.98 4.61
CA LYS B 46 -4.48 15.42 3.33
C LYS B 46 -4.41 14.27 2.33
N ILE B 47 -3.81 13.15 2.75
CA ILE B 47 -3.66 11.99 1.89
C ILE B 47 -4.95 11.19 1.79
N MET B 48 -5.78 11.29 2.82
CA MET B 48 -7.07 10.57 2.90
C MET B 48 -7.86 10.68 1.60
N GLU B 49 -8.21 11.90 1.22
CA GLU B 49 -8.99 12.12 0.01
C GLU B 49 -8.09 12.48 -1.17
N LYS B 50 -6.78 12.40 -0.97
CA LYS B 50 -5.85 12.72 -2.03
C LYS B 50 -5.73 11.55 -2.99
N TYR B 51 -5.54 10.36 -2.44
CA TYR B 51 -5.42 9.15 -3.23
C TYR B 51 -6.54 8.17 -2.91
N SER B 52 -7.50 8.65 -2.11
CA SER B 52 -8.63 7.82 -1.69
C SER B 52 -8.15 6.56 -0.99
N VAL B 53 -7.46 6.73 0.12
CA VAL B 53 -6.91 5.60 0.88
C VAL B 53 -8.02 4.76 1.49
N THR B 54 -7.90 3.44 1.36
CA THR B 54 -8.87 2.53 1.92
C THR B 54 -8.77 2.52 3.44
N PHE B 55 -7.54 2.45 3.92
CA PHE B 55 -7.29 2.42 5.35
C PHE B 55 -6.13 3.35 5.70
N ILE B 56 -6.36 4.21 6.67
CA ILE B 56 -5.36 5.13 7.15
C ILE B 56 -5.41 5.17 8.67
N SER B 57 -4.29 4.92 9.31
CA SER B 57 -4.22 4.89 10.77
C SER B 57 -2.90 5.45 11.27
N ARG B 58 -2.95 6.14 12.39
CA ARG B 58 -1.75 6.69 12.99
C ARG B 58 -1.43 5.93 14.26
N HIS B 59 -0.19 5.48 14.39
CA HIS B 59 0.22 4.71 15.55
C HIS B 59 1.43 5.34 16.22
N ASN B 60 1.69 4.93 17.45
CA ASN B 60 2.83 5.45 18.20
C ASN B 60 4.04 4.56 18.00
N SER B 61 5.20 4.99 18.47
CA SER B 61 6.41 4.20 18.32
C SER B 61 7.30 4.36 19.56
N TYR B 62 8.07 5.44 19.58
CA TYR B 62 8.97 5.71 20.70
C TYR B 62 8.95 7.19 21.04
N ASN B 63 9.42 8.02 20.12
CA ASN B 63 9.45 9.46 20.33
C ASN B 63 8.55 10.21 19.35
N HIS B 64 8.05 9.50 18.34
CA HIS B 64 7.21 10.14 17.33
C HIS B 64 6.02 9.23 16.96
N ASN B 65 5.36 9.56 15.86
CA ASN B 65 4.20 8.82 15.40
C ASN B 65 4.47 8.19 14.03
N ILE B 66 3.65 7.22 13.66
CA ILE B 66 3.78 6.55 12.38
C ILE B 66 2.46 6.57 11.62
N LEU B 67 2.48 7.16 10.44
CA LEU B 67 1.29 7.24 9.60
C LEU B 67 1.23 6.02 8.69
N PHE B 68 0.28 5.15 8.95
CA PHE B 68 0.10 3.93 8.18
C PHE B 68 -1.11 4.09 7.26
N PHE B 69 -0.86 4.22 5.96
CA PHE B 69 -1.94 4.39 5.00
C PHE B 69 -1.77 3.45 3.81
N LEU B 70 -2.88 2.96 3.30
CA LEU B 70 -2.87 2.06 2.16
C LEU B 70 -3.61 2.67 0.99
N THR B 71 -2.90 2.93 -0.09
CA THR B 71 -3.48 3.49 -1.29
C THR B 71 -3.86 2.37 -2.26
N PRO B 72 -5.16 2.26 -2.59
CA PRO B 72 -5.64 1.22 -3.52
C PRO B 72 -5.01 1.34 -4.90
N HIS B 73 -4.86 2.58 -5.37
CA HIS B 73 -4.26 2.82 -6.68
C HIS B 73 -2.77 2.54 -6.62
N ARG B 74 -2.35 1.52 -7.36
CA ARG B 74 -0.95 1.12 -7.40
C ARG B 74 -0.11 2.22 -8.06
N HIS B 75 1.03 2.53 -7.45
CA HIS B 75 1.92 3.56 -7.98
C HIS B 75 3.32 3.39 -7.41
N ARG B 76 4.26 4.17 -7.94
CA ARG B 76 5.65 4.10 -7.50
C ARG B 76 5.81 4.73 -6.11
N VAL B 77 6.81 4.26 -5.37
CA VAL B 77 7.06 4.76 -4.02
C VAL B 77 7.58 6.20 -4.05
N SER B 78 8.42 6.51 -5.03
CA SER B 78 8.99 7.83 -5.18
C SER B 78 7.91 8.91 -5.28
N ALA B 79 6.83 8.60 -5.98
CA ALA B 79 5.73 9.54 -6.15
C ALA B 79 5.13 9.91 -4.79
N ILE B 80 4.97 8.91 -3.93
CA ILE B 80 4.41 9.12 -2.60
C ILE B 80 5.43 9.82 -1.71
N ASN B 81 6.67 9.38 -1.81
CA ASN B 81 7.77 9.94 -1.04
C ASN B 81 7.91 11.43 -1.33
N ASN B 82 7.81 11.79 -2.61
CA ASN B 82 7.93 13.19 -3.03
C ASN B 82 6.81 14.03 -2.45
N TYR B 83 5.63 13.45 -2.34
CA TYR B 83 4.47 14.15 -1.78
C TYR B 83 4.65 14.35 -0.28
N ALA B 84 5.19 13.34 0.38
CA ALA B 84 5.41 13.39 1.82
C ALA B 84 6.61 14.27 2.19
N GLN B 85 7.74 14.04 1.52
CA GLN B 85 8.97 14.80 1.77
C GLN B 85 8.76 16.30 1.50
N LYS B 86 7.70 16.60 0.76
CA LYS B 86 7.37 17.97 0.42
C LYS B 86 7.07 18.78 1.68
N LEU B 87 6.49 18.13 2.68
CA LEU B 87 6.13 18.79 3.93
C LEU B 87 7.27 18.66 4.96
N CYS B 88 8.49 18.54 4.49
CA CYS B 88 9.64 18.43 5.37
C CYS B 88 10.18 19.82 5.72
N THR B 89 9.35 20.82 5.55
CA THR B 89 9.72 22.20 5.83
C THR B 89 9.73 22.51 7.32
N PHE B 90 8.60 22.28 7.98
CA PHE B 90 8.47 22.57 9.41
C PHE B 90 8.97 21.43 10.29
N SER B 91 9.03 20.22 9.74
CA SER B 91 9.50 19.08 10.50
C SER B 91 10.02 17.99 9.57
N PHE B 92 10.83 17.08 10.13
CA PHE B 92 11.41 15.96 9.38
C PHE B 92 10.33 15.03 8.85
N LEU B 93 10.73 14.01 8.09
CA LEU B 93 9.80 13.04 7.55
C LEU B 93 10.53 11.83 7.00
N ILE B 94 10.13 10.66 7.44
CA ILE B 94 10.70 9.41 6.98
C ILE B 94 9.62 8.58 6.31
N CYS B 95 9.60 8.61 4.98
CA CYS B 95 8.61 7.87 4.22
C CYS B 95 9.19 6.55 3.72
N LYS B 96 8.47 5.47 3.97
CA LYS B 96 8.91 4.15 3.54
C LYS B 96 7.73 3.34 3.03
N GLY B 97 8.03 2.33 2.21
CA GLY B 97 6.99 1.50 1.67
C GLY B 97 6.79 0.27 2.53
N VAL B 98 5.56 -0.21 2.60
CA VAL B 98 5.27 -1.38 3.41
C VAL B 98 5.07 -2.61 2.53
N ASN B 99 5.89 -3.62 2.76
CA ASN B 99 5.82 -4.86 1.98
C ASN B 99 4.79 -5.79 2.61
N LYS B 100 4.64 -5.69 3.92
CA LYS B 100 3.69 -6.52 4.66
C LYS B 100 2.75 -5.65 5.48
N GLU B 101 1.62 -5.31 4.88
CA GLU B 101 0.61 -4.46 5.51
C GLU B 101 0.01 -5.10 6.77
N TYR B 102 -0.55 -6.28 6.61
CA TYR B 102 -1.18 -7.01 7.72
C TYR B 102 -0.18 -7.29 8.82
N LEU B 103 1.05 -7.61 8.43
CA LEU B 103 2.10 -7.92 9.39
C LEU B 103 2.53 -6.66 10.13
N MET B 104 2.76 -5.57 9.40
CA MET B 104 3.18 -4.33 10.02
C MET B 104 2.10 -3.79 10.94
N TYR B 105 0.83 -3.92 10.53
CA TYR B 105 -0.26 -3.45 11.36
C TYR B 105 -0.30 -4.24 12.67
N SER B 106 -0.01 -5.53 12.58
CA SER B 106 0.01 -6.41 13.75
C SER B 106 1.14 -6.00 14.69
N ALA B 107 2.21 -5.45 14.12
CA ALA B 107 3.34 -5.00 14.90
C ALA B 107 3.04 -3.63 15.50
N LEU B 108 2.24 -2.85 14.78
CA LEU B 108 1.86 -1.52 15.21
C LEU B 108 0.74 -1.57 16.25
N THR B 109 0.36 -2.77 16.63
CA THR B 109 -0.67 -2.97 17.63
C THR B 109 -0.12 -3.81 18.76
N ARG B 110 1.14 -3.58 19.10
CA ARG B 110 1.82 -4.32 20.15
C ARG B 110 2.10 -3.44 21.36
N ASP B 111 3.07 -3.84 22.17
CA ASP B 111 3.41 -3.11 23.38
C ASP B 111 4.03 -1.73 23.09
N PRO B 112 5.12 -1.64 22.29
CA PRO B 112 5.77 -0.35 21.99
C PRO B 112 4.94 0.53 21.07
N PHE B 113 4.27 -0.09 20.10
CA PHE B 113 3.48 0.65 19.15
C PHE B 113 2.00 0.66 19.53
N SER B 114 1.54 1.80 20.01
CA SER B 114 0.15 1.96 20.43
C SER B 114 -0.73 2.42 19.27
N VAL B 115 -2.04 2.32 19.46
CA VAL B 115 -3.02 2.71 18.45
C VAL B 115 -3.71 4.01 18.84
N ILE B 116 -4.04 4.84 17.85
CA ILE B 116 -4.70 6.11 18.11
C ILE B 116 -5.98 6.22 17.27
N GLU B 117 -5.82 6.53 16.00
CA GLU B 117 -6.96 6.69 15.11
C GLU B 117 -6.83 5.80 13.88
N GLU B 118 -7.95 5.32 13.36
CA GLU B 118 -7.97 4.48 12.18
C GLU B 118 -9.29 4.68 11.42
N SER B 119 -9.24 4.64 10.09
CA SER B 119 -10.42 4.84 9.26
C SER B 119 -11.34 3.62 9.29
N LEU B 120 -10.75 2.44 9.34
CA LEU B 120 -11.53 1.21 9.36
C LEU B 120 -11.54 0.62 10.76
N PRO B 121 -12.72 0.55 11.38
CA PRO B 121 -12.88 0.00 12.73
C PRO B 121 -12.48 -1.47 12.80
N GLY B 122 -11.32 -1.73 13.38
CA GLY B 122 -10.84 -3.09 13.49
C GLY B 122 -9.49 -3.27 12.83
N GLY B 123 -9.12 -2.33 11.97
CA GLY B 123 -7.86 -2.40 11.29
C GLY B 123 -7.99 -2.86 9.85
N LEU B 124 -7.20 -3.86 9.49
CA LEU B 124 -7.20 -4.38 8.14
C LEU B 124 -7.75 -5.81 8.10
N LYS B 125 -8.43 -6.14 7.01
CA LYS B 125 -8.98 -7.47 6.84
C LYS B 125 -8.73 -7.95 5.42
N GLU B 126 -9.17 -9.16 5.11
CA GLU B 126 -8.96 -9.74 3.79
C GLU B 126 -10.04 -9.29 2.82
N HIS B 127 -11.04 -8.57 3.33
CA HIS B 127 -12.12 -8.09 2.47
C HIS B 127 -11.70 -6.81 1.74
N ASP B 128 -10.59 -6.22 2.20
CA ASP B 128 -10.09 -5.00 1.59
C ASP B 128 -9.14 -5.33 0.45
N PHE B 129 -8.48 -6.46 0.55
CA PHE B 129 -7.52 -6.89 -0.44
C PHE B 129 -8.02 -8.10 -1.21
N ASN B 130 -7.17 -8.62 -2.09
CA ASN B 130 -7.48 -9.79 -2.90
C ASN B 130 -6.49 -10.89 -2.58
N PRO B 131 -6.98 -12.05 -2.14
CA PRO B 131 -6.15 -13.20 -1.78
C PRO B 131 -5.83 -14.06 -3.00
N ALA A 35 3.86 -10.34 21.42
CA ALA A 35 2.93 -9.23 21.75
C ALA A 35 3.41 -7.93 21.12
N ASN A 36 4.67 -7.59 21.35
CA ASN A 36 5.25 -6.38 20.81
C ASN A 36 6.50 -6.70 19.99
N GLY A 37 6.34 -6.69 18.68
CA GLY A 37 7.46 -6.98 17.80
C GLY A 37 8.33 -5.77 17.56
N LEU A 38 7.84 -4.60 17.97
CA LEU A 38 8.57 -3.35 17.79
C LEU A 38 9.56 -3.16 18.93
N THR A 39 10.51 -2.27 18.74
CA THR A 39 11.50 -2.00 19.76
C THR A 39 11.04 -0.82 20.61
N VAL A 40 11.61 -0.69 21.80
CA VAL A 40 11.26 0.40 22.71
C VAL A 40 11.42 1.75 22.01
N ALA A 41 12.50 1.89 21.26
CA ALA A 41 12.77 3.12 20.53
C ALA A 41 11.64 3.43 19.55
N GLN A 42 11.20 2.39 18.83
CA GLN A 42 10.11 2.53 17.87
C GLN A 42 8.79 2.81 18.58
N ASN A 43 8.62 2.17 19.73
CA ASN A 43 7.42 2.35 20.53
C ASN A 43 7.27 3.82 20.95
N GLN A 44 8.41 4.43 21.30
CA GLN A 44 8.43 5.83 21.69
C GLN A 44 7.91 6.69 20.55
N VAL A 45 8.46 6.47 19.36
CA VAL A 45 8.08 7.21 18.16
C VAL A 45 6.59 7.02 17.86
N LEU A 46 6.17 5.75 17.83
CA LEU A 46 4.79 5.40 17.53
C LEU A 46 3.83 6.04 18.53
N ASN A 47 4.18 5.97 19.82
CA ASN A 47 3.33 6.53 20.85
C ASN A 47 3.27 8.05 20.75
N LEU A 48 4.41 8.67 20.46
CA LEU A 48 4.48 10.12 20.33
C LEU A 48 3.53 10.63 19.25
N ILE A 49 3.43 9.90 18.15
CA ILE A 49 2.57 10.29 17.05
C ILE A 49 1.08 10.15 17.40
N LYS A 50 0.76 9.22 18.30
CA LYS A 50 -0.64 9.01 18.67
C LYS A 50 -1.01 9.81 19.92
N ALA A 51 -0.02 10.11 20.75
CA ALA A 51 -0.25 10.86 21.98
C ALA A 51 -0.10 12.36 21.72
N CYS A 52 0.18 12.71 20.47
CA CYS A 52 0.34 14.10 20.10
C CYS A 52 -1.03 14.79 19.96
N PRO A 53 -1.27 15.84 20.75
CA PRO A 53 -2.53 16.58 20.73
C PRO A 53 -2.59 17.60 19.59
N ARG A 54 -1.99 17.26 18.46
CA ARG A 54 -1.97 18.15 17.31
C ARG A 54 -2.81 17.56 16.18
N PRO A 55 -3.69 18.38 15.59
CA PRO A 55 -4.58 17.95 14.49
C PRO A 55 -3.80 17.45 13.28
N GLU A 56 -2.58 17.93 13.10
CA GLU A 56 -1.76 17.53 11.97
C GLU A 56 -0.95 16.29 12.30
N GLY A 57 -1.20 15.72 13.46
CA GLY A 57 -0.48 14.54 13.88
C GLY A 57 0.89 14.88 14.41
N LEU A 58 1.92 14.35 13.78
CA LEU A 58 3.28 14.63 14.20
C LEU A 58 4.20 14.64 12.98
N ASN A 59 4.61 15.83 12.59
CA ASN A 59 5.50 16.01 11.44
C ASN A 59 6.86 15.40 11.72
N PHE A 60 7.59 15.06 10.66
CA PHE A 60 8.92 14.47 10.80
C PHE A 60 9.83 15.45 11.52
N GLN A 61 9.73 16.73 11.17
CA GLN A 61 10.53 17.76 11.81
C GLN A 61 10.10 17.91 13.27
N ASP A 62 8.84 17.62 13.54
CA ASP A 62 8.29 17.72 14.89
C ASP A 62 8.76 16.54 15.73
N LEU A 63 8.84 15.39 15.09
CA LEU A 63 9.29 14.16 15.75
C LEU A 63 10.69 14.33 16.33
N LYS A 64 11.62 14.79 15.50
CA LYS A 64 13.00 14.97 15.92
C LYS A 64 13.12 16.12 16.93
N ASN A 65 12.12 17.02 16.93
CA ASN A 65 12.11 18.14 17.85
C ASN A 65 11.78 17.66 19.26
N GLN A 66 10.87 16.69 19.34
CA GLN A 66 10.47 16.14 20.62
C GLN A 66 11.45 15.05 21.05
N LEU A 67 11.81 14.20 20.10
CA LEU A 67 12.73 13.11 20.35
C LEU A 67 14.16 13.53 20.00
N LYS A 68 14.68 14.48 20.76
CA LYS A 68 16.04 15.00 20.54
C LYS A 68 17.08 13.93 20.86
N HIS A 69 16.63 12.86 21.52
CA HIS A 69 17.51 11.76 21.89
C HIS A 69 17.61 10.76 20.74
N MET A 70 17.16 11.16 19.57
CA MET A 70 17.20 10.31 18.39
C MET A 70 17.70 11.10 17.19
N SER A 71 18.42 10.43 16.31
CA SER A 71 18.94 11.09 15.12
C SER A 71 17.95 10.95 13.97
N VAL A 72 18.09 11.80 12.96
CA VAL A 72 17.20 11.76 11.78
C VAL A 72 17.14 10.36 11.20
N SER A 73 18.30 9.73 11.08
CA SER A 73 18.39 8.37 10.55
C SER A 73 17.58 7.40 11.42
N SER A 74 17.76 7.50 12.74
CA SER A 74 17.05 6.64 13.67
C SER A 74 15.55 6.86 13.57
N ILE A 75 15.14 8.12 13.50
CA ILE A 75 13.74 8.48 13.36
C ILE A 75 13.18 7.91 12.07
N LYS A 76 13.95 8.08 10.99
CA LYS A 76 13.55 7.60 9.68
C LYS A 76 13.40 6.07 9.70
N GLN A 77 14.34 5.40 10.34
CA GLN A 77 14.30 3.92 10.43
C GLN A 77 12.99 3.46 11.04
N ALA A 78 12.63 4.05 12.18
CA ALA A 78 11.39 3.71 12.87
C ALA A 78 10.18 4.05 12.02
N VAL A 79 10.14 5.30 11.55
CA VAL A 79 9.02 5.76 10.72
C VAL A 79 8.90 4.91 9.45
N ASP A 80 10.04 4.54 8.89
CA ASP A 80 10.08 3.73 7.67
C ASP A 80 9.42 2.38 7.91
N PHE A 81 9.83 1.72 8.99
CA PHE A 81 9.28 0.41 9.33
C PHE A 81 7.80 0.55 9.69
N LEU A 82 7.47 1.61 10.41
CA LEU A 82 6.08 1.86 10.81
C LEU A 82 5.21 2.12 9.59
N SER A 83 5.81 2.70 8.55
CA SER A 83 5.10 2.99 7.32
C SER A 83 4.90 1.72 6.51
N ASN A 84 5.90 0.84 6.54
CA ASN A 84 5.81 -0.42 5.83
C ASN A 84 4.84 -1.35 6.54
N GLU A 85 4.91 -1.33 7.87
CA GLU A 85 4.04 -2.13 8.71
C GLU A 85 2.59 -1.66 8.57
N GLY A 86 2.41 -0.34 8.56
CA GLY A 86 1.08 0.21 8.43
C GLY A 86 0.54 0.77 9.72
N HIS A 87 1.40 1.38 10.50
CA HIS A 87 0.99 1.95 11.78
C HIS A 87 0.81 3.46 11.66
N ILE A 88 1.51 4.06 10.70
CA ILE A 88 1.42 5.49 10.45
C ILE A 88 1.40 5.73 8.94
N TYR A 89 1.00 6.93 8.51
CA TYR A 89 0.95 7.22 7.08
C TYR A 89 1.14 8.71 6.79
N SER A 90 1.55 9.00 5.58
CA SER A 90 1.75 10.36 5.13
C SER A 90 0.40 10.91 4.64
N THR A 91 -0.06 11.98 5.25
CA THR A 91 -1.35 12.57 4.88
C THR A 91 -1.28 13.28 3.53
N VAL A 92 -0.73 14.48 3.53
CA VAL A 92 -0.61 15.27 2.30
C VAL A 92 0.81 15.80 2.16
N ASP A 93 1.76 15.08 2.74
CA ASP A 93 3.16 15.47 2.69
C ASP A 93 4.02 14.35 3.24
N ASP A 94 5.27 14.26 2.77
CA ASP A 94 6.19 13.22 3.22
C ASP A 94 6.65 13.49 4.66
N ASP A 95 6.63 14.75 5.05
CA ASP A 95 7.03 15.15 6.39
C ASP A 95 5.81 15.17 7.31
N HIS A 96 4.63 15.20 6.70
CA HIS A 96 3.38 15.24 7.45
C HIS A 96 2.86 13.83 7.74
N PHE A 97 3.38 13.23 8.81
CA PHE A 97 2.96 11.89 9.19
C PHE A 97 1.88 11.92 10.26
N LYS A 98 0.93 11.00 10.17
CA LYS A 98 -0.15 10.92 11.14
C LYS A 98 -0.34 9.48 11.59
N SER A 99 -0.83 9.32 12.81
CA SER A 99 -1.05 7.99 13.37
C SER A 99 -2.31 7.36 12.77
N THR A 100 -2.27 6.05 12.57
CA THR A 100 -3.40 5.35 12.01
C THR A 100 -3.66 4.04 12.78
N ASP A 101 -2.63 3.23 12.92
CA ASP A 101 -2.73 1.97 13.64
C ASP A 101 -1.72 1.95 14.77
N ALA A 102 -2.09 2.57 15.87
CA ALA A 102 -1.23 2.64 17.04
C ALA A 102 -2.06 2.72 18.31
N GLU A 103 -1.62 2.03 19.36
CA GLU A 103 -2.33 2.04 20.62
C GLU A 103 -1.36 2.14 21.78
N GLY B 1 -2.60 -25.19 -21.98
CA GLY B 1 -3.59 -26.17 -22.47
C GLY B 1 -4.16 -25.76 -23.81
N SER B 2 -5.46 -25.98 -23.99
CA SER B 2 -6.12 -25.63 -25.23
C SER B 2 -6.52 -24.16 -25.24
N LYS B 3 -7.15 -23.71 -24.16
CA LYS B 3 -7.60 -22.33 -24.05
C LYS B 3 -6.58 -21.49 -23.29
N VAL B 4 -7.06 -20.42 -22.68
CA VAL B 4 -6.19 -19.54 -21.90
C VAL B 4 -6.05 -20.04 -20.47
N GLU B 5 -4.83 -20.00 -19.96
CA GLU B 5 -4.56 -20.44 -18.59
C GLU B 5 -4.93 -19.35 -17.60
N ASP B 6 -5.68 -19.70 -16.58
CA ASP B 6 -6.10 -18.75 -15.56
C ASP B 6 -5.36 -19.03 -14.26
N PRO B 7 -4.30 -18.26 -13.97
CA PRO B 7 -3.49 -18.43 -12.75
C PRO B 7 -4.30 -18.23 -11.48
N LYS B 8 -3.82 -18.82 -10.39
CA LYS B 8 -4.49 -18.72 -9.10
C LYS B 8 -3.79 -17.71 -8.20
N ASP B 9 -2.69 -17.16 -8.70
CA ASP B 9 -1.92 -16.17 -7.95
C ASP B 9 -1.14 -15.29 -8.92
N PHE B 10 -0.30 -14.42 -8.37
CA PHE B 10 0.51 -13.51 -9.17
C PHE B 10 1.75 -14.23 -9.69
N PRO B 11 2.40 -13.69 -10.74
CA PRO B 11 3.63 -14.27 -11.28
C PRO B 11 4.81 -14.02 -10.36
N SER B 12 5.85 -14.86 -10.48
CA SER B 12 7.05 -14.75 -9.66
C SER B 12 7.63 -13.34 -9.67
N GLU B 13 7.52 -12.67 -10.81
CA GLU B 13 8.04 -11.32 -10.98
C GLU B 13 7.42 -10.34 -9.98
N LEU B 14 6.22 -10.64 -9.50
CA LEU B 14 5.54 -9.76 -8.55
C LEU B 14 5.44 -10.39 -7.16
N LEU B 15 5.49 -11.71 -7.10
CA LEU B 15 5.39 -12.43 -5.83
C LEU B 15 6.43 -11.99 -4.81
N SER B 16 7.61 -11.63 -5.30
CA SER B 16 8.71 -11.19 -4.44
C SER B 16 8.38 -9.90 -3.68
N PHE B 17 7.43 -9.14 -4.20
CA PHE B 17 7.06 -7.87 -3.57
C PHE B 17 5.74 -7.98 -2.83
N LEU B 18 5.11 -9.14 -2.91
CA LEU B 18 3.83 -9.35 -2.25
C LEU B 18 4.02 -9.93 -0.86
N SER B 19 3.06 -9.65 0.01
CA SER B 19 3.12 -10.16 1.38
C SER B 19 2.73 -11.63 1.40
N HIS B 20 2.10 -12.09 0.32
CA HIS B 20 1.66 -13.49 0.15
C HIS B 20 0.49 -13.81 1.06
N ALA B 21 0.67 -13.61 2.36
CA ALA B 21 -0.37 -13.87 3.34
C ALA B 21 -1.50 -12.87 3.23
N VAL B 22 -2.72 -13.35 3.38
CA VAL B 22 -3.89 -12.50 3.29
C VAL B 22 -4.51 -12.32 4.68
N PHE B 23 -4.53 -13.39 5.44
CA PHE B 23 -5.10 -13.36 6.78
C PHE B 23 -3.99 -13.20 7.82
N SER B 24 -3.41 -12.02 7.87
CA SER B 24 -2.34 -11.72 8.80
C SER B 24 -2.40 -10.24 9.19
N ASN B 25 -1.76 -9.90 10.30
CA ASN B 25 -1.75 -8.53 10.78
C ASN B 25 -0.74 -7.70 10.00
N ARG B 26 -1.19 -7.15 8.89
CA ARG B 26 -0.36 -6.31 8.04
C ARG B 26 -1.21 -5.18 7.49
N THR B 27 -1.05 -4.00 8.07
CA THR B 27 -1.80 -2.82 7.68
C THR B 27 -1.15 -2.14 6.47
N LEU B 28 -0.95 -2.92 5.41
CA LEU B 28 -0.32 -2.44 4.19
C LEU B 28 -1.13 -1.32 3.55
N ALA B 29 -0.44 -0.45 2.82
CA ALA B 29 -1.09 0.67 2.17
C ALA B 29 -1.35 0.39 0.69
N CYS B 30 -0.58 -0.53 0.12
CA CYS B 30 -0.73 -0.87 -1.28
C CYS B 30 -1.16 -2.32 -1.44
N PHE B 31 -2.15 -2.52 -2.30
CA PHE B 31 -2.68 -3.84 -2.57
C PHE B 31 -2.79 -4.06 -4.06
N ALA B 32 -2.61 -5.30 -4.49
CA ALA B 32 -2.69 -5.62 -5.90
C ALA B 32 -3.80 -6.63 -6.16
N ILE B 33 -4.60 -6.38 -7.18
CA ILE B 33 -5.69 -7.27 -7.54
C ILE B 33 -5.53 -7.76 -8.97
N TYR B 34 -5.13 -9.02 -9.11
CA TYR B 34 -4.98 -9.63 -10.42
C TYR B 34 -6.33 -10.16 -10.87
N THR B 35 -6.91 -9.51 -11.87
CA THR B 35 -8.22 -9.91 -12.36
C THR B 35 -8.38 -9.59 -13.85
N THR B 36 -9.63 -9.45 -14.28
CA THR B 36 -9.93 -9.13 -15.65
C THR B 36 -9.91 -7.61 -15.85
N LYS B 37 -9.70 -7.17 -17.08
CA LYS B 37 -9.65 -5.73 -17.37
C LYS B 37 -10.96 -5.05 -16.99
N GLU B 38 -12.07 -5.70 -17.31
CA GLU B 38 -13.40 -5.17 -17.02
C GLU B 38 -13.58 -5.02 -15.51
N LYS B 39 -13.10 -6.01 -14.77
CA LYS B 39 -13.23 -6.01 -13.32
C LYS B 39 -12.35 -4.92 -12.70
N ALA B 40 -11.11 -4.83 -13.16
CA ALA B 40 -10.17 -3.84 -12.66
C ALA B 40 -10.65 -2.43 -12.97
N ALA B 41 -11.37 -2.29 -14.08
CA ALA B 41 -11.91 -1.00 -14.49
C ALA B 41 -13.05 -0.58 -13.57
N LEU B 42 -13.80 -1.57 -13.08
CA LEU B 42 -14.91 -1.30 -12.19
C LEU B 42 -14.41 -0.95 -10.79
N LEU B 43 -13.47 -1.75 -10.29
CA LEU B 43 -12.91 -1.54 -8.97
C LEU B 43 -12.02 -0.29 -8.94
N TYR B 44 -11.61 0.16 -10.13
CA TYR B 44 -10.77 1.34 -10.29
C TYR B 44 -11.40 2.54 -9.58
N LYS B 45 -12.63 2.85 -9.94
CA LYS B 45 -13.33 3.99 -9.35
C LYS B 45 -13.98 3.61 -8.03
N LYS B 46 -14.29 2.32 -7.88
CA LYS B 46 -14.92 1.82 -6.67
C LYS B 46 -14.00 2.02 -5.46
N ILE B 47 -12.81 1.43 -5.52
CA ILE B 47 -11.85 1.51 -4.44
C ILE B 47 -11.34 2.95 -4.27
N MET B 48 -11.29 3.67 -5.38
CA MET B 48 -10.82 5.06 -5.40
C MET B 48 -11.50 5.89 -4.32
N GLU B 49 -12.83 5.93 -4.34
CA GLU B 49 -13.59 6.69 -3.38
C GLU B 49 -13.87 5.88 -2.11
N LYS B 50 -13.81 4.55 -2.24
CA LYS B 50 -14.09 3.65 -1.13
C LYS B 50 -13.17 3.90 0.05
N TYR B 51 -11.86 3.90 -0.21
CA TYR B 51 -10.88 4.11 0.86
C TYR B 51 -10.06 5.35 0.62
N SER B 52 -10.53 6.22 -0.27
CA SER B 52 -9.85 7.47 -0.61
C SER B 52 -8.40 7.21 -1.00
N VAL B 53 -8.22 6.57 -2.15
CA VAL B 53 -6.88 6.25 -2.63
C VAL B 53 -6.18 7.50 -3.18
N THR B 54 -4.88 7.58 -2.93
CA THR B 54 -4.10 8.69 -3.43
C THR B 54 -3.58 8.36 -4.82
N PHE B 55 -3.62 7.06 -5.12
CA PHE B 55 -3.16 6.56 -6.40
C PHE B 55 -3.83 5.24 -6.73
N ILE B 56 -4.19 5.07 -7.98
CA ILE B 56 -4.79 3.85 -8.48
C ILE B 56 -4.43 3.70 -9.95
N SER B 57 -4.01 2.51 -10.34
CA SER B 57 -3.61 2.28 -11.72
C SER B 57 -3.97 0.89 -12.21
N ARG B 58 -4.16 0.78 -13.51
CA ARG B 58 -4.49 -0.48 -14.16
C ARG B 58 -3.30 -0.86 -15.05
N HIS B 59 -2.75 -2.05 -14.84
CA HIS B 59 -1.60 -2.49 -15.62
C HIS B 59 -1.88 -3.79 -16.35
N ASN B 60 -1.16 -4.02 -17.43
CA ASN B 60 -1.30 -5.23 -18.22
C ASN B 60 -0.27 -6.25 -17.76
N SER B 61 -0.63 -7.53 -17.81
CA SER B 61 0.29 -8.57 -17.41
C SER B 61 0.61 -9.46 -18.60
N TYR B 62 -0.22 -10.46 -18.82
CA TYR B 62 -0.06 -11.38 -19.93
C TYR B 62 -1.42 -11.72 -20.52
N ASN B 63 -2.27 -12.32 -19.69
CA ASN B 63 -3.61 -12.73 -20.14
C ASN B 63 -4.71 -12.05 -19.34
N HIS B 64 -4.32 -11.19 -18.40
CA HIS B 64 -5.30 -10.50 -17.57
C HIS B 64 -4.83 -9.08 -17.25
N ASN B 65 -5.44 -8.45 -16.26
CA ASN B 65 -5.08 -7.10 -15.86
C ASN B 65 -4.75 -7.06 -14.37
N ILE B 66 -3.88 -6.15 -13.98
CA ILE B 66 -3.49 -6.01 -12.59
C ILE B 66 -3.87 -4.64 -12.05
N LEU B 67 -4.68 -4.62 -11.00
CA LEU B 67 -5.10 -3.38 -10.38
C LEU B 67 -4.18 -3.07 -9.20
N PHE B 68 -3.55 -1.91 -9.26
CA PHE B 68 -2.63 -1.49 -8.20
C PHE B 68 -3.09 -0.15 -7.64
N PHE B 69 -3.26 -0.06 -6.34
CA PHE B 69 -3.71 1.18 -5.72
C PHE B 69 -2.98 1.46 -4.41
N LEU B 70 -2.99 2.73 -4.02
CA LEU B 70 -2.37 3.18 -2.79
C LEU B 70 -3.41 3.77 -1.86
N THR B 71 -3.64 3.10 -0.75
CA THR B 71 -4.62 3.56 0.23
C THR B 71 -3.93 4.09 1.48
N PRO B 72 -4.02 5.42 1.71
CA PRO B 72 -3.42 6.05 2.89
C PRO B 72 -4.08 5.55 4.17
N HIS B 73 -5.33 5.15 4.05
CA HIS B 73 -6.09 4.63 5.17
C HIS B 73 -5.58 3.23 5.51
N ARG B 74 -4.86 3.12 6.62
CA ARG B 74 -4.30 1.84 7.04
C ARG B 74 -5.37 0.81 7.35
N HIS B 75 -5.25 -0.35 6.72
CA HIS B 75 -6.20 -1.44 6.92
C HIS B 75 -5.49 -2.78 6.65
N ARG B 76 -5.93 -3.83 7.35
CA ARG B 76 -5.32 -5.14 7.18
C ARG B 76 -5.69 -5.73 5.82
N VAL B 77 -4.83 -6.61 5.32
CA VAL B 77 -5.05 -7.28 4.02
C VAL B 77 -6.39 -8.01 4.01
N SER B 78 -6.70 -8.66 5.12
CA SER B 78 -7.94 -9.43 5.26
C SER B 78 -9.17 -8.54 5.09
N ALA B 79 -9.04 -7.26 5.43
CA ALA B 79 -10.16 -6.33 5.30
C ALA B 79 -10.39 -5.97 3.84
N ILE B 80 -9.31 -5.88 3.08
CA ILE B 80 -9.40 -5.53 1.67
C ILE B 80 -9.87 -6.74 0.86
N ASN B 81 -9.30 -7.90 1.16
CA ASN B 81 -9.66 -9.13 0.45
C ASN B 81 -11.15 -9.41 0.59
N ASN B 82 -11.69 -9.16 1.77
CA ASN B 82 -13.11 -9.38 2.05
C ASN B 82 -13.98 -8.57 1.09
N TYR B 83 -13.61 -7.31 0.91
CA TYR B 83 -14.35 -6.41 0.02
C TYR B 83 -14.12 -6.80 -1.44
N ALA B 84 -12.87 -7.08 -1.79
CA ALA B 84 -12.52 -7.45 -3.16
C ALA B 84 -13.20 -8.75 -3.57
N GLN B 85 -13.17 -9.74 -2.68
CA GLN B 85 -13.77 -11.03 -2.96
C GLN B 85 -15.29 -10.95 -3.06
N LYS B 86 -15.86 -9.84 -2.60
CA LYS B 86 -17.30 -9.65 -2.66
C LYS B 86 -17.76 -9.54 -4.12
N LEU B 87 -16.82 -9.17 -4.99
CA LEU B 87 -17.11 -9.03 -6.41
C LEU B 87 -16.56 -10.23 -7.19
N CYS B 88 -16.21 -11.28 -6.47
CA CYS B 88 -15.68 -12.49 -7.09
C CYS B 88 -16.81 -13.40 -7.55
N THR B 89 -17.88 -12.80 -8.04
CA THR B 89 -19.04 -13.53 -8.52
C THR B 89 -18.96 -13.82 -10.02
N PHE B 90 -18.96 -12.76 -10.81
CA PHE B 90 -18.92 -12.88 -12.27
C PHE B 90 -17.52 -13.16 -12.80
N SER B 91 -16.55 -13.29 -11.91
CA SER B 91 -15.16 -13.56 -12.32
C SER B 91 -14.29 -13.92 -11.13
N PHE B 92 -13.10 -14.42 -11.42
CA PHE B 92 -12.14 -14.79 -10.37
C PHE B 92 -11.55 -13.53 -9.74
N LEU B 93 -10.72 -13.69 -8.72
CA LEU B 93 -10.11 -12.53 -8.08
C LEU B 93 -8.92 -12.94 -7.22
N ILE B 94 -7.75 -12.40 -7.56
CA ILE B 94 -6.53 -12.66 -6.82
C ILE B 94 -6.03 -11.37 -6.19
N CYS B 95 -6.43 -11.13 -4.96
CA CYS B 95 -6.03 -9.92 -4.25
C CYS B 95 -4.97 -10.25 -3.21
N LYS B 96 -3.90 -9.48 -3.19
CA LYS B 96 -2.81 -9.68 -2.24
C LYS B 96 -2.22 -8.35 -1.80
N GLY B 97 -1.67 -8.32 -0.59
CA GLY B 97 -1.06 -7.12 -0.08
C GLY B 97 0.36 -6.97 -0.58
N VAL B 98 0.77 -5.74 -0.84
CA VAL B 98 2.10 -5.47 -1.34
C VAL B 98 3.03 -4.98 -0.23
N ASN B 99 4.21 -5.57 -0.15
CA ASN B 99 5.19 -5.19 0.86
C ASN B 99 6.08 -4.07 0.35
N LYS B 100 6.34 -4.10 -0.95
CA LYS B 100 7.18 -3.09 -1.58
C LYS B 100 6.48 -2.50 -2.79
N GLU B 101 5.80 -1.39 -2.54
CA GLU B 101 5.04 -0.68 -3.56
C GLU B 101 5.95 -0.15 -4.67
N TYR B 102 6.96 0.60 -4.28
CA TYR B 102 7.91 1.18 -5.22
C TYR B 102 8.61 0.11 -6.04
N LEU B 103 9.00 -0.97 -5.36
CA LEU B 103 9.70 -2.06 -6.02
C LEU B 103 8.78 -2.81 -6.98
N MET B 104 7.54 -3.06 -6.56
CA MET B 104 6.59 -3.77 -7.40
C MET B 104 6.21 -2.92 -8.62
N TYR B 105 6.10 -1.62 -8.42
CA TYR B 105 5.74 -0.72 -9.50
C TYR B 105 6.87 -0.65 -10.53
N SER B 106 8.09 -0.91 -10.08
CA SER B 106 9.25 -0.90 -10.97
C SER B 106 9.25 -2.13 -11.88
N ALA B 107 8.39 -3.09 -11.54
CA ALA B 107 8.25 -4.30 -12.32
C ALA B 107 6.99 -4.21 -13.18
N LEU B 108 6.06 -3.38 -12.75
CA LEU B 108 4.81 -3.18 -13.46
C LEU B 108 4.93 -2.11 -14.54
N THR B 109 6.15 -1.62 -14.74
CA THR B 109 6.41 -0.59 -15.73
C THR B 109 7.50 -1.07 -16.69
N ARG B 110 7.43 -2.34 -17.06
CA ARG B 110 8.42 -2.93 -17.95
C ARG B 110 7.78 -3.41 -19.24
N ASP B 111 8.53 -4.19 -20.02
CA ASP B 111 8.04 -4.71 -21.29
C ASP B 111 6.82 -5.63 -21.12
N PRO B 112 6.91 -6.69 -20.27
CA PRO B 112 5.78 -7.61 -20.05
C PRO B 112 4.61 -6.90 -19.39
N PHE B 113 4.86 -6.32 -18.23
CA PHE B 113 3.82 -5.61 -17.49
C PHE B 113 3.76 -4.16 -17.96
N SER B 114 2.79 -3.88 -18.82
CA SER B 114 2.63 -2.55 -19.38
C SER B 114 1.73 -1.67 -18.50
N VAL B 115 1.68 -0.38 -18.83
CA VAL B 115 0.89 0.59 -18.08
C VAL B 115 -0.26 1.12 -18.92
N ILE B 116 -1.47 1.09 -18.38
CA ILE B 116 -2.63 1.60 -19.09
C ILE B 116 -2.94 3.00 -18.60
N GLU B 117 -3.59 3.08 -17.44
CA GLU B 117 -3.97 4.37 -16.86
C GLU B 117 -3.63 4.41 -15.37
N GLU B 118 -3.26 5.59 -14.90
CA GLU B 118 -2.94 5.78 -13.49
C GLU B 118 -3.38 7.18 -13.05
N SER B 119 -3.63 7.34 -11.76
CA SER B 119 -4.07 8.63 -11.22
C SER B 119 -2.90 9.44 -10.69
N LEU B 120 -1.69 9.12 -11.16
CA LEU B 120 -0.49 9.82 -10.73
C LEU B 120 0.25 10.35 -11.95
N PRO B 121 1.03 11.42 -11.79
CA PRO B 121 1.78 12.03 -12.88
C PRO B 121 3.14 11.35 -13.12
N GLY B 122 3.17 10.03 -13.08
CA GLY B 122 4.41 9.32 -13.31
C GLY B 122 4.70 8.26 -12.24
N GLY B 123 3.73 7.41 -11.98
CA GLY B 123 3.90 6.35 -11.00
C GLY B 123 4.07 6.84 -9.58
N LEU B 124 4.41 5.92 -8.69
CA LEU B 124 4.62 6.23 -7.28
C LEU B 124 6.00 6.83 -7.08
N LYS B 125 6.07 7.85 -6.22
CA LYS B 125 7.32 8.52 -5.95
C LYS B 125 7.43 8.88 -4.47
N GLU B 126 8.41 9.71 -4.14
CA GLU B 126 8.64 10.13 -2.76
C GLU B 126 7.58 11.14 -2.32
N HIS B 127 6.68 11.51 -3.21
CA HIS B 127 5.62 12.45 -2.88
C HIS B 127 4.45 11.70 -2.22
N ASP B 128 4.49 10.38 -2.32
CA ASP B 128 3.45 9.53 -1.75
C ASP B 128 3.93 8.97 -0.43
N PHE B 129 5.00 8.21 -0.49
CA PHE B 129 5.59 7.60 0.69
C PHE B 129 6.95 8.22 0.98
N ASN B 130 7.39 8.10 2.22
CA ASN B 130 8.69 8.66 2.62
C ASN B 130 9.71 7.55 2.80
N PRO B 131 10.53 7.29 1.77
CA PRO B 131 11.55 6.28 1.79
C PRO B 131 12.92 6.85 2.15
N ALA A 35 -24.81 -3.86 -4.82
CA ALA A 35 -24.34 -5.24 -4.53
C ALA A 35 -23.02 -5.51 -5.24
N ASN A 36 -22.96 -5.17 -6.51
CA ASN A 36 -21.75 -5.37 -7.30
C ASN A 36 -21.51 -4.17 -8.21
N GLY A 37 -20.41 -3.47 -7.97
CA GLY A 37 -20.09 -2.29 -8.76
C GLY A 37 -19.07 -2.57 -9.84
N LEU A 38 -19.00 -3.84 -10.25
CA LEU A 38 -18.06 -4.25 -11.29
C LEU A 38 -18.82 -4.60 -12.56
N THR A 39 -18.42 -3.97 -13.66
CA THR A 39 -19.04 -4.21 -14.95
C THR A 39 -18.84 -5.67 -15.37
N VAL A 40 -19.76 -6.18 -16.18
CA VAL A 40 -19.69 -7.57 -16.65
C VAL A 40 -18.32 -7.87 -17.26
N ALA A 41 -17.81 -6.94 -18.07
CA ALA A 41 -16.52 -7.10 -18.71
C ALA A 41 -15.40 -7.24 -17.68
N GLN A 42 -15.38 -6.34 -16.70
CA GLN A 42 -14.36 -6.36 -15.66
C GLN A 42 -14.54 -7.54 -14.71
N ASN A 43 -15.79 -7.93 -14.49
CA ASN A 43 -16.10 -9.06 -13.60
C ASN A 43 -15.45 -10.32 -14.14
N GLN A 44 -15.54 -10.51 -15.45
CA GLN A 44 -14.95 -11.67 -16.09
C GLN A 44 -13.43 -11.66 -15.93
N VAL A 45 -12.84 -10.48 -16.07
CA VAL A 45 -11.40 -10.31 -15.92
C VAL A 45 -10.96 -10.72 -14.52
N LEU A 46 -11.62 -10.14 -13.52
CA LEU A 46 -11.31 -10.42 -12.12
C LEU A 46 -11.49 -11.89 -11.79
N ASN A 47 -12.63 -12.45 -12.19
CA ASN A 47 -12.93 -13.84 -11.91
C ASN A 47 -11.94 -14.77 -12.60
N LEU A 48 -11.49 -14.40 -13.79
CA LEU A 48 -10.55 -15.20 -14.55
C LEU A 48 -9.22 -15.36 -13.80
N ILE A 49 -8.85 -14.34 -13.02
CA ILE A 49 -7.60 -14.39 -12.26
C ILE A 49 -7.73 -15.24 -11.00
N LYS A 50 -8.78 -14.99 -10.22
CA LYS A 50 -8.99 -15.72 -8.96
C LYS A 50 -9.37 -17.18 -9.19
N ALA A 51 -9.94 -17.49 -10.35
CA ALA A 51 -10.35 -18.85 -10.65
C ALA A 51 -9.38 -19.53 -11.62
N CYS A 52 -8.24 -18.90 -11.84
CA CYS A 52 -7.22 -19.43 -12.72
C CYS A 52 -6.39 -20.48 -11.99
N PRO A 53 -6.33 -21.71 -12.55
CA PRO A 53 -5.56 -22.81 -11.95
C PRO A 53 -4.07 -22.71 -12.22
N ARG A 54 -3.53 -21.51 -12.07
CA ARG A 54 -2.11 -21.27 -12.30
C ARG A 54 -1.45 -20.79 -11.01
N PRO A 55 -0.29 -21.38 -10.67
CA PRO A 55 0.46 -21.01 -9.47
C PRO A 55 0.86 -19.54 -9.44
N GLU A 56 1.03 -18.95 -10.62
CA GLU A 56 1.41 -17.54 -10.72
C GLU A 56 0.18 -16.64 -10.77
N GLY A 57 -0.98 -17.26 -10.91
CA GLY A 57 -2.21 -16.50 -10.99
C GLY A 57 -2.57 -16.21 -12.44
N LEU A 58 -2.37 -14.97 -12.86
CA LEU A 58 -2.66 -14.57 -14.22
C LEU A 58 -1.83 -13.34 -14.59
N ASN A 59 -0.76 -13.56 -15.34
CA ASN A 59 0.12 -12.49 -15.77
C ASN A 59 -0.58 -11.57 -16.76
N PHE A 60 -0.02 -10.39 -16.99
CA PHE A 60 -0.59 -9.43 -17.92
C PHE A 60 -0.62 -10.03 -19.32
N GLN A 61 0.41 -10.82 -19.62
CA GLN A 61 0.52 -11.49 -20.90
C GLN A 61 -0.62 -12.50 -21.08
N ASP A 62 -0.97 -13.16 -19.98
CA ASP A 62 -2.01 -14.16 -19.98
C ASP A 62 -3.39 -13.52 -20.06
N LEU A 63 -3.53 -12.37 -19.42
CA LEU A 63 -4.79 -11.63 -19.41
C LEU A 63 -5.28 -11.36 -20.83
N LYS A 64 -4.40 -10.80 -21.66
CA LYS A 64 -4.75 -10.50 -23.04
C LYS A 64 -4.72 -11.74 -23.92
N ASN A 65 -4.04 -12.78 -23.44
CA ASN A 65 -3.94 -14.03 -24.18
C ASN A 65 -5.28 -14.76 -24.15
N GLN A 66 -5.91 -14.75 -22.99
CA GLN A 66 -7.21 -15.40 -22.82
C GLN A 66 -8.32 -14.51 -23.34
N LEU A 67 -8.26 -13.23 -22.99
CA LEU A 67 -9.26 -12.26 -23.42
C LEU A 67 -8.82 -11.61 -24.72
N LYS A 68 -8.84 -12.40 -25.79
CA LYS A 68 -8.41 -11.93 -27.11
C LYS A 68 -9.34 -10.85 -27.67
N HIS A 69 -10.55 -10.76 -27.13
CA HIS A 69 -11.51 -9.76 -27.59
C HIS A 69 -11.43 -8.50 -26.72
N MET A 70 -10.36 -8.39 -25.96
CA MET A 70 -10.13 -7.25 -25.09
C MET A 70 -8.89 -6.50 -25.55
N SER A 71 -8.86 -5.20 -25.32
CA SER A 71 -7.71 -4.40 -25.69
C SER A 71 -6.83 -4.15 -24.48
N VAL A 72 -5.53 -4.01 -24.70
CA VAL A 72 -4.58 -3.79 -23.62
C VAL A 72 -4.96 -2.54 -22.82
N SER A 73 -5.40 -1.51 -23.53
CA SER A 73 -5.82 -0.26 -22.91
C SER A 73 -6.98 -0.51 -21.94
N SER A 74 -7.91 -1.36 -22.35
CA SER A 74 -9.06 -1.70 -21.52
C SER A 74 -8.63 -2.55 -20.33
N ILE A 75 -7.68 -3.46 -20.58
CA ILE A 75 -7.14 -4.33 -19.54
C ILE A 75 -6.49 -3.48 -18.44
N LYS A 76 -5.72 -2.48 -18.86
CA LYS A 76 -5.05 -1.59 -17.92
C LYS A 76 -6.08 -0.88 -17.04
N GLN A 77 -7.18 -0.43 -17.66
CA GLN A 77 -8.24 0.25 -16.93
C GLN A 77 -8.86 -0.69 -15.90
N ALA A 78 -9.18 -1.90 -16.35
CA ALA A 78 -9.77 -2.90 -15.48
C ALA A 78 -8.84 -3.23 -14.32
N VAL A 79 -7.57 -3.45 -14.64
CA VAL A 79 -6.56 -3.75 -13.63
C VAL A 79 -6.46 -2.62 -12.62
N ASP A 80 -6.42 -1.38 -13.11
CA ASP A 80 -6.34 -0.21 -12.23
C ASP A 80 -7.54 -0.14 -11.30
N PHE A 81 -8.71 -0.47 -11.84
CA PHE A 81 -9.94 -0.46 -11.05
C PHE A 81 -9.92 -1.59 -10.02
N LEU A 82 -9.48 -2.76 -10.45
CA LEU A 82 -9.40 -3.92 -9.56
C LEU A 82 -8.39 -3.65 -8.44
N SER A 83 -7.33 -2.93 -8.77
CA SER A 83 -6.30 -2.58 -7.81
C SER A 83 -6.87 -1.57 -6.81
N ASN A 84 -7.75 -0.70 -7.30
CA ASN A 84 -8.39 0.30 -6.46
C ASN A 84 -9.28 -0.38 -5.43
N GLU A 85 -9.94 -1.44 -5.86
CA GLU A 85 -10.81 -2.21 -4.99
C GLU A 85 -9.98 -3.03 -4.02
N GLY A 86 -8.76 -3.38 -4.44
CA GLY A 86 -7.87 -4.16 -3.62
C GLY A 86 -8.13 -5.65 -3.73
N HIS A 87 -8.82 -6.03 -4.79
CA HIS A 87 -9.15 -7.44 -5.00
C HIS A 87 -7.99 -8.17 -5.68
N ILE A 88 -7.13 -7.41 -6.36
CA ILE A 88 -5.96 -7.98 -7.04
C ILE A 88 -4.69 -7.35 -6.48
N TYR A 89 -3.57 -8.02 -6.66
CA TYR A 89 -2.29 -7.52 -6.17
C TYR A 89 -1.13 -8.18 -6.90
N SER A 90 0.03 -7.53 -6.85
CA SER A 90 1.22 -8.05 -7.47
C SER A 90 1.96 -8.93 -6.46
N THR A 91 2.34 -10.14 -6.87
CA THR A 91 3.02 -11.05 -5.98
C THR A 91 4.50 -10.70 -5.84
N VAL A 92 5.26 -10.86 -6.92
CA VAL A 92 6.69 -10.56 -6.90
C VAL A 92 7.07 -9.75 -8.13
N ASP A 93 6.07 -9.33 -8.89
CA ASP A 93 6.30 -8.56 -10.10
C ASP A 93 5.04 -7.80 -10.47
N ASP A 94 5.20 -6.67 -11.16
CA ASP A 94 4.05 -5.85 -11.55
C ASP A 94 3.23 -6.56 -12.63
N ASP A 95 3.85 -7.48 -13.34
CA ASP A 95 3.16 -8.26 -14.37
C ASP A 95 2.55 -9.51 -13.74
N HIS A 96 3.15 -9.93 -12.63
CA HIS A 96 2.71 -11.11 -11.89
C HIS A 96 1.47 -10.78 -11.07
N PHE A 97 0.34 -10.65 -11.75
CA PHE A 97 -0.92 -10.33 -11.09
C PHE A 97 -1.55 -11.57 -10.47
N LYS A 98 -2.07 -11.40 -9.26
CA LYS A 98 -2.71 -12.48 -8.54
C LYS A 98 -3.91 -11.93 -7.78
N SER A 99 -4.87 -12.78 -7.47
CA SER A 99 -6.06 -12.35 -6.75
C SER A 99 -6.40 -13.34 -5.65
N THR A 100 -7.01 -12.83 -4.59
CA THR A 100 -7.42 -13.65 -3.46
C THR A 100 -8.75 -13.14 -2.92
N ASP A 101 -8.80 -11.84 -2.69
CA ASP A 101 -10.01 -11.20 -2.19
C ASP A 101 -10.93 -10.87 -3.35
N ALA A 102 -11.54 -11.91 -3.92
CA ALA A 102 -12.44 -11.74 -5.05
C ALA A 102 -13.22 -13.01 -5.30
N GLU A 103 -14.42 -12.87 -5.83
CA GLU A 103 -15.26 -14.01 -6.13
C GLU A 103 -15.93 -13.82 -7.48
N GLY B 1 1.54 23.80 22.89
CA GLY B 1 1.36 23.74 24.36
C GLY B 1 2.53 24.33 25.10
N SER B 2 3.61 23.56 25.21
CA SER B 2 4.81 24.00 25.90
C SER B 2 5.95 23.02 25.68
N LYS B 3 5.67 21.73 25.87
CA LYS B 3 6.66 20.69 25.71
C LYS B 3 6.67 20.13 24.29
N VAL B 4 5.88 19.08 24.07
CA VAL B 4 5.80 18.45 22.77
C VAL B 4 4.35 18.26 22.34
N GLU B 5 4.08 18.50 21.07
CA GLU B 5 2.74 18.35 20.54
C GLU B 5 2.56 16.95 19.95
N ASP B 6 1.62 16.20 20.53
CA ASP B 6 1.35 14.84 20.08
C ASP B 6 -0.04 14.78 19.45
N PRO B 7 -0.12 14.78 18.11
CA PRO B 7 -1.39 14.71 17.39
C PRO B 7 -2.04 13.33 17.49
N LYS B 8 -3.26 13.23 16.99
CA LYS B 8 -4.00 11.97 17.04
C LYS B 8 -4.16 11.41 15.63
N ASP B 9 -3.60 12.13 14.65
CA ASP B 9 -3.68 11.72 13.26
C ASP B 9 -2.52 12.30 12.46
N PHE B 10 -2.54 12.09 11.16
CA PHE B 10 -1.49 12.58 10.28
C PHE B 10 -1.72 14.07 9.98
N PRO B 11 -0.69 14.77 9.49
CA PRO B 11 -0.80 16.19 9.14
C PRO B 11 -1.69 16.38 7.91
N SER B 12 -2.26 17.58 7.79
CA SER B 12 -3.15 17.93 6.68
C SER B 12 -2.56 17.56 5.32
N GLU B 13 -1.27 17.81 5.17
CA GLU B 13 -0.55 17.52 3.94
C GLU B 13 -0.71 16.06 3.53
N LEU B 14 -0.36 15.16 4.44
CA LEU B 14 -0.45 13.73 4.17
C LEU B 14 -1.90 13.25 4.15
N LEU B 15 -2.75 13.91 4.93
CA LEU B 15 -4.18 13.55 5.00
C LEU B 15 -4.86 13.73 3.65
N SER B 16 -4.19 14.43 2.74
CA SER B 16 -4.73 14.67 1.41
C SER B 16 -4.53 13.45 0.49
N PHE B 17 -3.75 12.48 0.96
CA PHE B 17 -3.48 11.27 0.17
C PHE B 17 -3.73 10.00 0.97
N LEU B 18 -4.34 10.14 2.13
CA LEU B 18 -4.62 9.00 2.99
C LEU B 18 -6.09 8.59 2.91
N SER B 19 -6.37 7.33 3.23
CA SER B 19 -7.73 6.80 3.19
C SER B 19 -8.55 7.28 4.38
N HIS B 20 -7.85 7.70 5.45
CA HIS B 20 -8.48 8.21 6.68
C HIS B 20 -9.12 7.10 7.50
N ALA B 21 -10.07 6.40 6.90
CA ALA B 21 -10.77 5.32 7.58
C ALA B 21 -9.83 4.13 7.83
N VAL B 22 -9.99 3.50 8.99
CA VAL B 22 -9.16 2.36 9.35
C VAL B 22 -9.94 1.06 9.21
N PHE B 23 -11.09 1.00 9.87
CA PHE B 23 -11.93 -0.18 9.85
C PHE B 23 -12.87 -0.14 8.65
N SER B 24 -12.45 -0.74 7.54
CA SER B 24 -13.25 -0.79 6.34
C SER B 24 -12.88 -2.02 5.52
N ASN B 25 -13.80 -2.48 4.68
CA ASN B 25 -13.55 -3.65 3.84
C ASN B 25 -12.75 -3.25 2.61
N ARG B 26 -11.51 -2.83 2.85
CA ARG B 26 -10.63 -2.40 1.78
C ARG B 26 -9.27 -3.06 1.92
N THR B 27 -8.79 -3.63 0.83
CA THR B 27 -7.50 -4.28 0.80
C THR B 27 -6.45 -3.33 0.25
N LEU B 28 -5.66 -2.74 1.13
CA LEU B 28 -4.63 -1.79 0.73
C LEU B 28 -3.26 -2.45 0.65
N ALA B 29 -2.34 -1.77 -0.02
CA ALA B 29 -0.99 -2.28 -0.19
C ALA B 29 0.02 -1.43 0.57
N CYS B 30 -0.29 -0.16 0.75
CA CYS B 30 0.60 0.75 1.45
C CYS B 30 -0.04 1.30 2.71
N PHE B 31 0.75 1.38 3.77
CA PHE B 31 0.28 1.89 5.04
C PHE B 31 1.33 2.81 5.64
N ALA B 32 0.89 3.81 6.36
CA ALA B 32 1.80 4.75 6.99
C ALA B 32 1.60 4.77 8.50
N ILE B 33 2.70 4.82 9.23
CA ILE B 33 2.64 4.84 10.68
C ILE B 33 3.37 6.06 11.25
N TYR B 34 2.60 6.99 11.77
CA TYR B 34 3.15 8.20 12.38
C TYR B 34 3.42 7.91 13.85
N THR B 35 4.70 7.83 14.22
CA THR B 35 5.06 7.52 15.59
C THR B 35 6.40 8.14 15.98
N THR B 36 7.05 7.57 16.99
CA THR B 36 8.33 8.06 17.46
C THR B 36 9.46 7.50 16.60
N LYS B 37 10.61 8.15 16.64
CA LYS B 37 11.77 7.72 15.86
C LYS B 37 12.22 6.31 16.26
N GLU B 38 12.16 6.01 17.55
CA GLU B 38 12.54 4.69 18.06
C GLU B 38 11.57 3.64 17.53
N LYS B 39 10.29 3.93 17.62
CA LYS B 39 9.25 3.01 17.18
C LYS B 39 9.35 2.75 15.68
N ALA B 40 9.56 3.82 14.91
CA ALA B 40 9.68 3.71 13.47
C ALA B 40 10.91 2.89 13.09
N ALA B 41 11.96 3.00 13.90
CA ALA B 41 13.19 2.26 13.65
C ALA B 41 12.98 0.77 13.92
N LEU B 42 12.23 0.47 14.97
CA LEU B 42 11.94 -0.91 15.33
C LEU B 42 11.03 -1.55 14.31
N LEU B 43 9.96 -0.84 13.97
CA LEU B 43 8.98 -1.33 13.00
C LEU B 43 9.62 -1.54 11.63
N TYR B 44 10.59 -0.69 11.31
CA TYR B 44 11.30 -0.76 10.03
C TYR B 44 11.84 -2.16 9.76
N LYS B 45 12.47 -2.76 10.76
CA LYS B 45 13.06 -4.08 10.61
C LYS B 45 12.03 -5.19 10.85
N LYS B 46 11.16 -4.96 11.82
CA LYS B 46 10.13 -5.95 12.18
C LYS B 46 9.12 -6.18 11.07
N ILE B 47 8.61 -5.11 10.48
CA ILE B 47 7.61 -5.22 9.42
C ILE B 47 8.23 -5.67 8.10
N MET B 48 9.49 -5.33 7.89
CA MET B 48 10.21 -5.68 6.67
C MET B 48 10.14 -7.17 6.37
N GLU B 49 10.57 -7.98 7.35
CA GLU B 49 10.57 -9.42 7.18
C GLU B 49 9.24 -10.04 7.58
N LYS B 50 8.34 -9.22 8.11
CA LYS B 50 7.04 -9.71 8.55
C LYS B 50 6.10 -9.92 7.36
N TYR B 51 5.86 -8.85 6.61
CA TYR B 51 4.95 -8.93 5.47
C TYR B 51 5.70 -8.84 4.14
N SER B 52 7.03 -8.87 4.21
CA SER B 52 7.87 -8.77 3.03
C SER B 52 7.58 -7.48 2.27
N VAL B 53 7.85 -6.36 2.92
CA VAL B 53 7.61 -5.05 2.32
C VAL B 53 8.52 -4.82 1.13
N THR B 54 7.95 -4.35 0.03
CA THR B 54 8.72 -4.08 -1.17
C THR B 54 9.59 -2.84 -0.95
N PHE B 55 8.96 -1.81 -0.42
CA PHE B 55 9.65 -0.56 -0.14
C PHE B 55 9.26 -0.03 1.23
N ILE B 56 10.26 0.19 2.07
CA ILE B 56 10.03 0.72 3.40
C ILE B 56 11.01 1.87 3.65
N SER B 57 10.49 2.99 4.08
CA SER B 57 11.33 4.16 4.32
C SER B 57 10.91 4.93 5.56
N ARG B 58 11.89 5.54 6.21
CA ARG B 58 11.65 6.35 7.40
C ARG B 58 11.76 7.81 7.02
N HIS B 59 10.74 8.59 7.36
CA HIS B 59 10.72 10.00 7.03
C HIS B 59 10.44 10.86 8.25
N ASN B 60 10.87 12.10 8.21
CA ASN B 60 10.67 13.03 9.30
C ASN B 60 9.35 13.78 9.08
N SER B 61 9.00 14.67 9.98
CA SER B 61 7.78 15.43 9.85
C SER B 61 7.89 16.79 10.51
N TYR B 62 7.51 16.85 11.78
CA TYR B 62 7.57 18.08 12.53
C TYR B 62 8.03 17.80 13.95
N ASN B 63 7.32 16.91 14.64
CA ASN B 63 7.64 16.58 16.02
C ASN B 63 7.77 15.07 16.23
N HIS B 64 7.65 14.29 15.16
CA HIS B 64 7.74 12.83 15.26
C HIS B 64 8.37 12.24 14.01
N ASN B 65 8.19 10.94 13.82
CA ASN B 65 8.73 10.23 12.67
C ASN B 65 7.60 9.52 11.93
N ILE B 66 7.77 9.32 10.63
CA ILE B 66 6.74 8.67 9.83
C ILE B 66 7.31 7.46 9.10
N LEU B 67 6.73 6.30 9.38
CA LEU B 67 7.14 5.07 8.73
C LEU B 67 6.27 4.82 7.50
N PHE B 68 6.90 4.77 6.34
CA PHE B 68 6.20 4.57 5.09
C PHE B 68 6.63 3.24 4.47
N PHE B 69 5.70 2.31 4.34
CA PHE B 69 6.03 1.00 3.78
C PHE B 69 4.94 0.50 2.83
N LEU B 70 5.36 -0.28 1.85
CA LEU B 70 4.45 -0.85 0.88
C LEU B 70 4.59 -2.36 0.86
N THR B 71 3.49 -3.05 0.63
CA THR B 71 3.49 -4.50 0.58
C THR B 71 2.80 -5.00 -0.68
N PRO B 72 3.46 -5.91 -1.42
CA PRO B 72 2.90 -6.47 -2.66
C PRO B 72 1.59 -7.22 -2.38
N HIS B 73 1.58 -7.98 -1.30
CA HIS B 73 0.41 -8.72 -0.90
C HIS B 73 -0.56 -7.79 -0.17
N ARG B 74 -1.58 -7.34 -0.88
CA ARG B 74 -2.57 -6.43 -0.31
C ARG B 74 -3.32 -7.09 0.86
N HIS B 75 -3.62 -6.28 1.86
CA HIS B 75 -4.33 -6.74 3.06
C HIS B 75 -5.18 -5.61 3.63
N ARG B 76 -6.07 -5.95 4.54
CA ARG B 76 -6.95 -4.96 5.16
C ARG B 76 -6.18 -4.06 6.11
N VAL B 77 -6.65 -2.83 6.28
CA VAL B 77 -6.00 -1.87 7.17
C VAL B 77 -6.03 -2.35 8.61
N SER B 78 -7.20 -2.81 9.04
CA SER B 78 -7.38 -3.31 10.41
C SER B 78 -6.41 -4.45 10.72
N ALA B 79 -6.10 -5.25 9.70
CA ALA B 79 -5.19 -6.37 9.86
C ALA B 79 -3.78 -5.91 10.19
N ILE B 80 -3.40 -4.77 9.64
CA ILE B 80 -2.07 -4.21 9.87
C ILE B 80 -2.05 -3.38 11.15
N ASN B 81 -3.08 -2.55 11.31
CA ASN B 81 -3.20 -1.69 12.48
C ASN B 81 -3.18 -2.50 13.78
N ASN B 82 -3.79 -3.68 13.74
CA ASN B 82 -3.85 -4.56 14.90
C ASN B 82 -2.45 -4.90 15.42
N TYR B 83 -1.50 -5.05 14.49
CA TYR B 83 -0.14 -5.38 14.83
C TYR B 83 0.58 -4.16 15.42
N ALA B 84 0.38 -3.01 14.79
CA ALA B 84 1.01 -1.77 15.22
C ALA B 84 0.44 -1.32 16.57
N GLN B 85 -0.84 -1.63 16.78
CA GLN B 85 -1.54 -1.27 18.01
C GLN B 85 -0.94 -2.02 19.21
N LYS B 86 -0.44 -3.22 18.94
CA LYS B 86 0.16 -4.06 19.98
C LYS B 86 1.48 -3.47 20.46
N LEU B 87 1.97 -2.48 19.74
CA LEU B 87 3.23 -1.83 20.08
C LEU B 87 2.99 -0.38 20.50
N CYS B 88 1.77 -0.10 20.96
CA CYS B 88 1.40 1.24 21.37
C CYS B 88 1.53 1.42 22.89
N THR B 89 2.38 0.60 23.50
CA THR B 89 2.60 0.66 24.92
C THR B 89 3.65 1.69 25.29
N PHE B 90 4.84 1.55 24.70
CA PHE B 90 5.96 2.46 24.98
C PHE B 90 5.78 3.81 24.27
N SER B 91 4.95 3.85 23.24
CA SER B 91 4.71 5.08 22.50
C SER B 91 3.35 5.05 21.83
N PHE B 92 2.87 6.23 21.43
CA PHE B 92 1.57 6.35 20.77
C PHE B 92 1.56 5.65 19.42
N LEU B 93 0.45 5.76 18.70
CA LEU B 93 0.35 5.11 17.41
C LEU B 93 -0.68 5.79 16.50
N ILE B 94 -0.24 6.12 15.30
CA ILE B 94 -1.09 6.73 14.30
C ILE B 94 -0.88 6.00 12.98
N CYS B 95 -1.58 4.89 12.81
CA CYS B 95 -1.47 4.10 11.59
C CYS B 95 -2.69 4.32 10.70
N LYS B 96 -2.45 4.65 9.45
CA LYS B 96 -3.51 4.89 8.50
C LYS B 96 -3.16 4.32 7.14
N GLY B 97 -4.19 3.97 6.38
CA GLY B 97 -3.98 3.43 5.05
C GLY B 97 -3.69 4.54 4.05
N VAL B 98 -2.81 4.27 3.11
CA VAL B 98 -2.45 5.25 2.09
C VAL B 98 -3.23 4.99 0.80
N ASN B 99 -3.87 6.03 0.30
CA ASN B 99 -4.65 5.92 -0.93
C ASN B 99 -3.74 6.10 -2.14
N LYS B 100 -2.79 7.02 -2.02
CA LYS B 100 -1.85 7.29 -3.09
C LYS B 100 -0.43 7.30 -2.55
N GLU B 101 0.22 6.14 -2.62
CA GLU B 101 1.57 5.97 -2.11
C GLU B 101 2.57 6.84 -2.87
N TYR B 102 2.52 6.79 -4.19
CA TYR B 102 3.41 7.59 -5.04
C TYR B 102 3.29 9.07 -4.70
N LEU B 103 2.06 9.52 -4.49
CA LEU B 103 1.82 10.93 -4.17
C LEU B 103 2.26 11.24 -2.75
N MET B 104 1.99 10.32 -1.83
CA MET B 104 2.36 10.51 -0.44
C MET B 104 3.87 10.56 -0.28
N TYR B 105 4.58 9.73 -1.04
CA TYR B 105 6.04 9.72 -0.98
C TYR B 105 6.57 11.06 -1.46
N SER B 106 5.90 11.64 -2.44
CA SER B 106 6.29 12.93 -2.98
C SER B 106 6.04 14.02 -1.95
N ALA B 107 5.09 13.77 -1.05
CA ALA B 107 4.76 14.70 0.01
C ALA B 107 5.68 14.47 1.21
N LEU B 108 6.34 13.32 1.21
CA LEU B 108 7.26 12.96 2.28
C LEU B 108 8.70 13.28 1.89
N THR B 109 8.85 13.95 0.75
CA THR B 109 10.16 14.33 0.25
C THR B 109 10.19 15.83 -0.02
N ARG B 110 9.58 16.60 0.88
CA ARG B 110 9.49 18.04 0.72
C ARG B 110 10.39 18.75 1.75
N ASP B 111 10.05 19.99 2.06
CA ASP B 111 10.83 20.78 3.00
C ASP B 111 10.79 20.23 4.44
N PRO B 112 9.59 20.15 5.08
CA PRO B 112 9.48 19.64 6.46
C PRO B 112 9.65 18.13 6.51
N PHE B 113 9.02 17.44 5.58
CA PHE B 113 9.08 15.99 5.51
C PHE B 113 10.41 15.56 4.90
N SER B 114 11.39 15.38 5.76
CA SER B 114 12.72 14.96 5.32
C SER B 114 12.83 13.45 5.21
N VAL B 115 13.84 12.99 4.50
CA VAL B 115 14.06 11.56 4.32
C VAL B 115 15.22 11.10 5.18
N ILE B 116 15.11 9.90 5.74
CA ILE B 116 16.15 9.33 6.57
C ILE B 116 16.81 8.16 5.86
N GLU B 117 16.09 7.03 5.82
CA GLU B 117 16.61 5.83 5.17
C GLU B 117 15.48 5.11 4.43
N GLU B 118 15.83 4.42 3.35
CA GLU B 118 14.86 3.68 2.56
C GLU B 118 15.47 2.35 2.11
N SER B 119 14.65 1.33 1.91
CA SER B 119 15.13 0.03 1.49
C SER B 119 15.52 0.05 0.01
N LEU B 120 14.87 0.92 -0.75
CA LEU B 120 15.14 1.04 -2.17
C LEU B 120 15.64 2.43 -2.50
N PRO B 121 16.96 2.56 -2.73
CA PRO B 121 17.58 3.85 -3.07
C PRO B 121 16.96 4.48 -4.31
N GLY B 122 16.23 5.56 -4.10
CA GLY B 122 15.59 6.25 -5.21
C GLY B 122 14.13 6.52 -4.93
N GLY B 123 13.58 5.83 -3.94
CA GLY B 123 12.20 6.00 -3.58
C GLY B 123 11.26 5.10 -4.36
N LEU B 124 10.03 5.54 -4.51
CA LEU B 124 9.03 4.77 -5.24
C LEU B 124 9.04 5.12 -6.73
N LYS B 125 9.03 4.09 -7.56
CA LYS B 125 9.03 4.28 -8.99
C LYS B 125 7.95 3.42 -9.63
N GLU B 126 7.90 3.43 -10.96
CA GLU B 126 6.88 2.67 -11.70
C GLU B 126 7.21 1.18 -11.75
N HIS B 127 8.29 0.77 -11.11
CA HIS B 127 8.67 -0.65 -11.10
C HIS B 127 8.24 -1.30 -9.79
N ASP B 128 7.81 -0.48 -8.84
CA ASP B 128 7.39 -0.97 -7.54
C ASP B 128 5.91 -1.34 -7.55
N PHE B 129 5.20 -0.92 -8.59
CA PHE B 129 3.78 -1.21 -8.73
C PHE B 129 3.38 -1.12 -10.20
N ASN B 130 2.08 -1.12 -10.46
CA ASN B 130 1.58 -1.04 -11.83
C ASN B 130 1.07 0.37 -12.12
N PRO B 131 1.87 1.17 -12.83
CA PRO B 131 1.51 2.55 -13.19
C PRO B 131 0.53 2.59 -14.34
N ALA A 35 -24.12 -5.72 -3.71
CA ALA A 35 -22.99 -6.52 -3.21
C ALA A 35 -21.88 -6.58 -4.26
N ASN A 36 -22.28 -6.84 -5.49
CA ASN A 36 -21.34 -6.92 -6.59
C ASN A 36 -21.55 -5.73 -7.53
N GLY A 37 -20.87 -4.62 -7.24
CA GLY A 37 -21.00 -3.44 -8.06
C GLY A 37 -20.03 -3.42 -9.22
N LEU A 38 -19.48 -4.58 -9.54
CA LEU A 38 -18.52 -4.70 -10.63
C LEU A 38 -19.27 -5.08 -11.91
N THR A 39 -18.63 -4.87 -13.04
CA THR A 39 -19.21 -5.19 -14.32
C THR A 39 -19.06 -6.68 -14.61
N VAL A 40 -19.90 -7.20 -15.50
CA VAL A 40 -19.85 -8.60 -15.88
C VAL A 40 -18.47 -8.95 -16.42
N ALA A 41 -17.90 -8.01 -17.18
CA ALA A 41 -16.58 -8.18 -17.74
C ALA A 41 -15.52 -8.24 -16.64
N GLN A 42 -15.64 -7.32 -15.68
CA GLN A 42 -14.69 -7.27 -14.57
C GLN A 42 -14.75 -8.55 -13.75
N ASN A 43 -15.97 -9.03 -13.50
CA ASN A 43 -16.18 -10.27 -12.74
C ASN A 43 -15.44 -11.43 -13.40
N GLN A 44 -15.55 -11.50 -14.72
CA GLN A 44 -14.89 -12.55 -15.50
C GLN A 44 -13.37 -12.41 -15.41
N VAL A 45 -12.88 -11.19 -15.53
CA VAL A 45 -11.45 -10.91 -15.45
C VAL A 45 -10.91 -11.34 -14.10
N LEU A 46 -11.59 -10.91 -13.03
CA LEU A 46 -11.18 -11.25 -11.68
C LEU A 46 -11.24 -12.76 -11.47
N ASN A 47 -12.31 -13.37 -11.98
CA ASN A 47 -12.52 -14.81 -11.85
C ASN A 47 -11.39 -15.56 -12.55
N LEU A 48 -10.97 -15.08 -13.71
CA LEU A 48 -9.90 -15.70 -14.47
C LEU A 48 -8.58 -15.66 -13.69
N ILE A 49 -8.36 -14.56 -12.99
CA ILE A 49 -7.14 -14.40 -12.19
C ILE A 49 -7.19 -15.25 -10.93
N LYS A 50 -8.35 -15.31 -10.30
CA LYS A 50 -8.51 -16.08 -9.07
C LYS A 50 -8.57 -17.59 -9.35
N ALA A 51 -8.97 -17.95 -10.56
CA ALA A 51 -9.08 -19.36 -10.93
C ALA A 51 -8.02 -19.75 -11.95
N CYS A 52 -6.89 -19.06 -11.91
CA CYS A 52 -5.80 -19.36 -12.82
C CYS A 52 -4.93 -20.47 -12.25
N PRO A 53 -4.74 -21.56 -13.00
CA PRO A 53 -3.93 -22.70 -12.56
C PRO A 53 -2.43 -22.48 -12.75
N ARG A 54 -2.01 -21.24 -12.57
CA ARG A 54 -0.60 -20.88 -12.72
C ARG A 54 -0.07 -20.29 -11.43
N PRO A 55 0.98 -20.88 -10.85
CA PRO A 55 1.59 -20.38 -9.61
C PRO A 55 2.05 -18.92 -9.73
N GLU A 56 2.30 -18.49 -10.97
CA GLU A 56 2.74 -17.13 -11.24
C GLU A 56 1.55 -16.16 -11.26
N GLY A 57 0.35 -16.72 -11.21
CA GLY A 57 -0.84 -15.90 -11.23
C GLY A 57 -1.35 -15.75 -12.64
N LEU A 58 -1.70 -14.53 -13.03
CA LEU A 58 -2.19 -14.27 -14.37
C LEU A 58 -1.56 -13.00 -14.90
N ASN A 59 -0.57 -13.17 -15.77
CA ASN A 59 0.13 -12.05 -16.37
C ASN A 59 -0.81 -11.23 -17.24
N PHE A 60 -0.54 -9.93 -17.34
CA PHE A 60 -1.37 -9.04 -18.15
C PHE A 60 -1.36 -9.54 -19.60
N GLN A 61 -0.20 -10.02 -20.05
CA GLN A 61 -0.06 -10.55 -21.41
C GLN A 61 -0.93 -11.79 -21.59
N ASP A 62 -1.13 -12.53 -20.49
CA ASP A 62 -1.93 -13.73 -20.52
C ASP A 62 -3.41 -13.38 -20.49
N LEU A 63 -3.73 -12.34 -19.73
CA LEU A 63 -5.11 -11.88 -19.62
C LEU A 63 -5.68 -11.53 -21.00
N LYS A 64 -4.91 -10.78 -21.77
CA LYS A 64 -5.32 -10.39 -23.11
C LYS A 64 -5.13 -11.54 -24.10
N ASN A 65 -4.41 -12.57 -23.69
CA ASN A 65 -4.17 -13.73 -24.53
C ASN A 65 -5.31 -14.72 -24.39
N GLN A 66 -5.82 -14.88 -23.17
CA GLN A 66 -6.92 -15.77 -22.89
C GLN A 66 -8.23 -15.11 -23.31
N LEU A 67 -8.33 -13.82 -23.04
CA LEU A 67 -9.51 -13.05 -23.39
C LEU A 67 -9.23 -12.24 -24.65
N LYS A 68 -9.07 -12.94 -25.77
CA LYS A 68 -8.78 -12.32 -27.05
C LYS A 68 -9.91 -11.40 -27.51
N HIS A 69 -11.09 -11.60 -26.94
CA HIS A 69 -12.25 -10.78 -27.29
C HIS A 69 -12.26 -9.47 -26.50
N MET A 70 -11.21 -9.25 -25.72
CA MET A 70 -11.08 -8.03 -24.93
C MET A 70 -9.95 -7.20 -25.48
N SER A 71 -9.91 -5.93 -25.11
CA SER A 71 -8.86 -5.03 -25.58
C SER A 71 -7.93 -4.67 -24.42
N VAL A 72 -6.69 -4.31 -24.75
CA VAL A 72 -5.70 -3.93 -23.74
C VAL A 72 -6.23 -2.80 -22.85
N SER A 73 -6.96 -1.87 -23.48
CA SER A 73 -7.54 -0.75 -22.78
C SER A 73 -8.55 -1.21 -21.73
N SER A 74 -9.48 -2.05 -22.15
CA SER A 74 -10.52 -2.58 -21.27
C SER A 74 -9.91 -3.39 -20.13
N ILE A 75 -8.89 -4.18 -20.46
CA ILE A 75 -8.20 -5.00 -19.46
C ILE A 75 -7.51 -4.11 -18.44
N LYS A 76 -6.82 -3.08 -18.93
CA LYS A 76 -6.12 -2.15 -18.05
C LYS A 76 -7.10 -1.46 -17.11
N GLN A 77 -8.25 -1.06 -17.66
CA GLN A 77 -9.29 -0.39 -16.87
C GLN A 77 -9.82 -1.33 -15.80
N ALA A 78 -9.98 -2.60 -16.16
CA ALA A 78 -10.47 -3.61 -15.23
C ALA A 78 -9.44 -3.86 -14.14
N VAL A 79 -8.20 -4.05 -14.55
CA VAL A 79 -7.09 -4.28 -13.63
C VAL A 79 -6.92 -3.08 -12.70
N ASP A 80 -7.05 -1.89 -13.27
CA ASP A 80 -6.93 -0.65 -12.51
C ASP A 80 -7.99 -0.59 -11.42
N PHE A 81 -9.23 -0.92 -11.78
CA PHE A 81 -10.33 -0.91 -10.82
C PHE A 81 -10.12 -1.98 -9.77
N LEU A 82 -9.72 -3.17 -10.20
CA LEU A 82 -9.48 -4.28 -9.30
C LEU A 82 -8.34 -3.96 -8.34
N SER A 83 -7.38 -3.15 -8.81
CA SER A 83 -6.25 -2.76 -7.99
C SER A 83 -6.69 -1.72 -6.97
N ASN A 84 -7.59 -0.83 -7.39
CA ASN A 84 -8.12 0.20 -6.49
C ASN A 84 -9.05 -0.46 -5.47
N GLU A 85 -9.75 -1.48 -5.94
CA GLU A 85 -10.66 -2.24 -5.10
C GLU A 85 -9.87 -3.07 -4.09
N GLY A 86 -8.61 -3.34 -4.42
CA GLY A 86 -7.75 -4.11 -3.56
C GLY A 86 -7.99 -5.59 -3.66
N HIS A 87 -8.35 -6.06 -4.85
CA HIS A 87 -8.62 -7.48 -5.04
C HIS A 87 -7.41 -8.19 -5.63
N ILE A 88 -6.67 -7.49 -6.49
CA ILE A 88 -5.48 -8.06 -7.11
C ILE A 88 -4.27 -7.16 -6.86
N TYR A 89 -3.08 -7.62 -7.22
CA TYR A 89 -1.87 -6.84 -7.02
C TYR A 89 -0.74 -7.31 -7.92
N SER A 90 0.23 -6.42 -8.14
CA SER A 90 1.40 -6.73 -8.93
C SER A 90 2.48 -7.33 -8.03
N THR A 91 3.23 -8.29 -8.54
CA THR A 91 4.27 -8.92 -7.73
C THR A 91 5.65 -8.31 -7.97
N VAL A 92 6.52 -9.05 -8.64
CA VAL A 92 7.87 -8.57 -8.93
C VAL A 92 7.96 -7.92 -10.29
N ASP A 93 6.82 -7.77 -10.95
CA ASP A 93 6.76 -7.16 -12.27
C ASP A 93 5.40 -6.53 -12.51
N ASP A 94 5.39 -5.51 -13.36
CA ASP A 94 4.16 -4.78 -13.71
C ASP A 94 3.14 -5.68 -14.38
N ASP A 95 3.62 -6.58 -15.24
CA ASP A 95 2.75 -7.49 -15.98
C ASP A 95 2.40 -8.70 -15.13
N HIS A 96 3.17 -8.91 -14.08
CA HIS A 96 2.97 -10.05 -13.18
C HIS A 96 1.89 -9.75 -12.15
N PHE A 97 0.64 -9.98 -12.50
CA PHE A 97 -0.48 -9.74 -11.60
C PHE A 97 -0.92 -11.02 -10.89
N LYS A 98 -1.28 -10.90 -9.63
CA LYS A 98 -1.73 -12.04 -8.83
C LYS A 98 -2.98 -11.68 -8.05
N SER A 99 -3.75 -12.70 -7.69
CA SER A 99 -4.99 -12.51 -6.96
C SER A 99 -4.81 -12.80 -5.46
N THR A 100 -5.63 -12.14 -4.65
CA THR A 100 -5.58 -12.34 -3.20
C THR A 100 -6.97 -12.14 -2.60
N ASP A 101 -7.47 -10.91 -2.66
CA ASP A 101 -8.78 -10.57 -2.12
C ASP A 101 -9.85 -10.82 -3.19
N ALA A 102 -10.01 -12.07 -3.55
CA ALA A 102 -10.99 -12.48 -4.55
C ALA A 102 -11.26 -13.97 -4.47
N GLU A 103 -12.10 -14.36 -3.53
CA GLU A 103 -12.41 -15.77 -3.36
C GLU A 103 -13.92 -15.95 -3.19
N GLY B 1 2.79 23.27 23.54
CA GLY B 1 3.17 23.14 24.97
C GLY B 1 4.58 23.56 25.23
N SER B 2 5.00 23.58 26.49
CA SER B 2 6.35 23.97 26.87
C SER B 2 7.36 22.95 26.36
N LYS B 3 6.90 21.72 26.21
CA LYS B 3 7.75 20.63 25.74
C LYS B 3 7.37 20.25 24.32
N VAL B 4 7.85 19.09 23.88
CA VAL B 4 7.56 18.58 22.55
C VAL B 4 6.06 18.35 22.38
N GLU B 5 5.55 18.67 21.19
CA GLU B 5 4.14 18.51 20.91
C GLU B 5 3.86 17.13 20.32
N ASP B 6 3.01 16.38 20.99
CA ASP B 6 2.64 15.04 20.54
C ASP B 6 1.27 15.05 19.88
N PRO B 7 1.22 14.88 18.56
CA PRO B 7 -0.04 14.85 17.81
C PRO B 7 -0.81 13.56 18.03
N LYS B 8 -2.05 13.52 17.59
CA LYS B 8 -2.90 12.34 17.76
C LYS B 8 -3.12 11.67 16.42
N ASP B 9 -2.77 12.39 15.35
CA ASP B 9 -2.90 11.89 14.00
C ASP B 9 -1.78 12.47 13.15
N PHE B 10 -1.88 12.33 11.84
CA PHE B 10 -0.87 12.85 10.94
C PHE B 10 -1.08 14.36 10.70
N PRO B 11 -0.05 15.06 10.20
CA PRO B 11 -0.16 16.49 9.91
C PRO B 11 -1.13 16.75 8.78
N SER B 12 -1.69 17.96 8.75
CA SER B 12 -2.66 18.35 7.73
C SER B 12 -2.08 18.24 6.32
N GLU B 13 -0.76 18.29 6.24
CA GLU B 13 -0.06 18.23 4.96
C GLU B 13 -0.05 16.81 4.39
N LEU B 14 -0.38 15.82 5.23
CA LEU B 14 -0.41 14.44 4.78
C LEU B 14 -1.81 13.85 4.88
N LEU B 15 -2.65 14.47 5.71
CA LEU B 15 -4.03 14.01 5.91
C LEU B 15 -4.83 14.07 4.62
N SER B 16 -4.34 14.83 3.65
CA SER B 16 -5.00 15.00 2.38
C SER B 16 -4.84 13.76 1.50
N PHE B 17 -3.88 12.90 1.83
CA PHE B 17 -3.63 11.69 1.04
C PHE B 17 -3.92 10.43 1.85
N LEU B 18 -4.45 10.60 3.04
CA LEU B 18 -4.76 9.49 3.92
C LEU B 18 -6.24 9.17 3.89
N SER B 19 -6.56 7.89 4.02
CA SER B 19 -7.94 7.43 4.03
C SER B 19 -8.62 7.77 5.36
N HIS B 20 -7.78 8.06 6.37
CA HIS B 20 -8.24 8.42 7.72
C HIS B 20 -8.83 7.22 8.46
N ALA B 21 -9.91 6.68 7.92
CA ALA B 21 -10.59 5.55 8.51
C ALA B 21 -9.71 4.30 8.48
N VAL B 22 -9.51 3.69 9.63
CA VAL B 22 -8.71 2.50 9.75
C VAL B 22 -9.59 1.26 9.77
N PHE B 23 -10.63 1.31 10.58
CA PHE B 23 -11.55 0.19 10.69
C PHE B 23 -12.66 0.31 9.65
N SER B 24 -12.36 -0.14 8.44
CA SER B 24 -13.31 -0.10 7.33
C SER B 24 -12.96 -1.18 6.32
N ASN B 25 -13.93 -1.57 5.51
CA ASN B 25 -13.72 -2.60 4.50
C ASN B 25 -12.98 -2.04 3.30
N ARG B 26 -11.65 -2.04 3.39
CA ARG B 26 -10.82 -1.56 2.30
C ARG B 26 -9.51 -2.34 2.26
N THR B 27 -9.28 -3.02 1.16
CA THR B 27 -8.07 -3.81 0.98
C THR B 27 -6.93 -2.94 0.46
N LEU B 28 -6.48 -2.01 1.29
CA LEU B 28 -5.40 -1.12 0.93
C LEU B 28 -4.06 -1.84 0.90
N ALA B 29 -3.10 -1.25 0.20
CA ALA B 29 -1.77 -1.84 0.09
C ALA B 29 -0.73 -0.96 0.76
N CYS B 30 -0.96 0.34 0.77
CA CYS B 30 -0.01 1.27 1.37
C CYS B 30 -0.54 1.77 2.71
N PHE B 31 0.33 1.76 3.71
CA PHE B 31 -0.03 2.22 5.05
C PHE B 31 1.10 3.07 5.62
N ALA B 32 0.74 4.02 6.48
CA ALA B 32 1.72 4.89 7.10
C ALA B 32 1.63 4.81 8.62
N ILE B 33 2.78 4.91 9.28
CA ILE B 33 2.81 4.86 10.74
C ILE B 33 3.57 6.04 11.32
N TYR B 34 2.85 6.92 12.01
CA TYR B 34 3.45 8.08 12.65
C TYR B 34 3.85 7.69 14.06
N THR B 35 5.15 7.60 14.31
CA THR B 35 5.65 7.21 15.62
C THR B 35 7.02 7.83 15.91
N THR B 36 7.66 7.34 16.95
CA THR B 36 8.98 7.82 17.32
C THR B 36 10.04 7.20 16.44
N LYS B 37 11.15 7.90 16.25
CA LYS B 37 12.26 7.42 15.42
C LYS B 37 12.73 6.04 15.89
N GLU B 38 12.60 5.77 17.17
CA GLU B 38 13.00 4.50 17.74
C GLU B 38 12.05 3.39 17.30
N LYS B 39 10.77 3.64 17.46
CA LYS B 39 9.73 2.68 17.10
C LYS B 39 9.70 2.42 15.60
N ALA B 40 9.81 3.49 14.82
CA ALA B 40 9.79 3.39 13.36
C ALA B 40 11.02 2.67 12.83
N ALA B 41 12.10 2.67 13.62
CA ALA B 41 13.32 2.00 13.22
C ALA B 41 13.20 0.49 13.40
N LEU B 42 12.46 0.09 14.43
CA LEU B 42 12.26 -1.31 14.74
C LEU B 42 11.25 -1.93 13.77
N LEU B 43 10.14 -1.24 13.56
CA LEU B 43 9.08 -1.71 12.66
C LEU B 43 9.59 -1.80 11.23
N TYR B 44 10.62 -1.02 10.93
CA TYR B 44 11.23 -0.98 9.60
C TYR B 44 11.63 -2.38 9.16
N LYS B 45 12.24 -3.13 10.06
CA LYS B 45 12.69 -4.48 9.77
C LYS B 45 11.58 -5.51 10.02
N LYS B 46 10.82 -5.29 11.08
CA LYS B 46 9.74 -6.20 11.46
C LYS B 46 8.66 -6.31 10.38
N ILE B 47 8.39 -5.22 9.69
CA ILE B 47 7.38 -5.20 8.65
C ILE B 47 7.98 -5.60 7.31
N MET B 48 9.25 -5.25 7.11
CA MET B 48 9.97 -5.53 5.88
C MET B 48 9.86 -6.99 5.45
N GLU B 49 10.24 -7.91 6.32
CA GLU B 49 10.22 -9.33 6.00
C GLU B 49 8.89 -10.00 6.30
N LYS B 50 8.36 -9.78 7.49
CA LYS B 50 7.10 -10.41 7.91
C LYS B 50 5.96 -10.12 6.93
N TYR B 51 5.90 -8.91 6.41
CA TYR B 51 4.85 -8.55 5.47
C TYR B 51 5.38 -8.58 4.03
N SER B 52 6.70 -8.74 3.90
CA SER B 52 7.35 -8.79 2.59
C SER B 52 6.98 -7.57 1.76
N VAL B 53 7.16 -6.40 2.35
CA VAL B 53 6.83 -5.14 1.69
C VAL B 53 7.76 -4.89 0.51
N THR B 54 7.22 -4.30 -0.53
CA THR B 54 8.00 -3.98 -1.73
C THR B 54 8.83 -2.73 -1.47
N PHE B 55 8.30 -1.85 -0.64
CA PHE B 55 8.96 -0.61 -0.29
C PHE B 55 8.64 -0.24 1.16
N ILE B 56 9.65 0.25 1.85
CA ILE B 56 9.51 0.68 3.23
C ILE B 56 10.56 1.76 3.51
N SER B 57 10.14 2.85 4.11
CA SER B 57 11.05 3.93 4.39
C SER B 57 10.64 4.71 5.63
N ARG B 58 11.62 5.35 6.25
CA ARG B 58 11.40 6.16 7.43
C ARG B 58 11.66 7.61 7.05
N HIS B 59 10.63 8.43 7.16
CA HIS B 59 10.75 9.84 6.80
C HIS B 59 10.57 10.73 8.02
N ASN B 60 10.96 11.99 7.88
CA ASN B 60 10.84 12.96 8.96
C ASN B 60 9.49 13.66 8.86
N SER B 61 9.18 14.49 9.83
CA SER B 61 7.92 15.21 9.83
C SER B 61 8.07 16.55 10.56
N TYR B 62 7.87 16.52 11.87
CA TYR B 62 7.97 17.71 12.69
C TYR B 62 8.65 17.37 14.01
N ASN B 63 8.02 16.50 14.79
CA ASN B 63 8.56 16.12 16.09
C ASN B 63 8.76 14.61 16.19
N HIS B 64 8.42 13.88 15.13
CA HIS B 64 8.56 12.42 15.16
C HIS B 64 8.99 11.90 13.79
N ASN B 65 8.79 10.61 13.57
CA ASN B 65 9.16 9.96 12.32
C ASN B 65 7.95 9.27 11.70
N ILE B 66 7.94 9.16 10.39
CA ILE B 66 6.83 8.53 9.68
C ILE B 66 7.32 7.31 8.91
N LEU B 67 6.74 6.17 9.22
CA LEU B 67 7.09 4.93 8.53
C LEU B 67 6.15 4.72 7.35
N PHE B 68 6.72 4.66 6.17
CA PHE B 68 5.95 4.47 4.95
C PHE B 68 6.27 3.12 4.34
N PHE B 69 5.30 2.23 4.28
CA PHE B 69 5.52 0.90 3.71
C PHE B 69 4.40 0.49 2.77
N LEU B 70 4.77 -0.34 1.80
CA LEU B 70 3.82 -0.84 0.82
C LEU B 70 3.73 -2.36 0.88
N THR B 71 2.58 -2.85 1.31
CA THR B 71 2.36 -4.28 1.42
C THR B 71 1.65 -4.80 0.17
N PRO B 72 2.32 -5.68 -0.59
CA PRO B 72 1.75 -6.25 -1.82
C PRO B 72 0.54 -7.15 -1.55
N HIS B 73 0.64 -7.98 -0.51
CA HIS B 73 -0.45 -8.88 -0.16
C HIS B 73 -1.66 -8.09 0.33
N ARG B 74 -2.76 -8.21 -0.41
CA ARG B 74 -3.99 -7.50 -0.07
C ARG B 74 -4.53 -7.90 1.30
N HIS B 75 -4.90 -6.89 2.07
CA HIS B 75 -5.46 -7.09 3.41
C HIS B 75 -6.18 -5.83 3.85
N ARG B 76 -7.03 -5.95 4.86
CA ARG B 76 -7.79 -4.80 5.37
C ARG B 76 -6.92 -3.95 6.28
N VAL B 77 -7.24 -2.67 6.40
CA VAL B 77 -6.49 -1.74 7.23
C VAL B 77 -6.54 -2.14 8.70
N SER B 78 -7.71 -2.60 9.14
CA SER B 78 -7.92 -3.02 10.52
C SER B 78 -6.91 -4.08 10.97
N ALA B 79 -6.51 -4.94 10.04
CA ALA B 79 -5.56 -6.01 10.34
C ALA B 79 -4.17 -5.45 10.60
N ILE B 80 -3.78 -4.45 9.82
CA ILE B 80 -2.47 -3.83 9.96
C ILE B 80 -2.36 -3.07 11.28
N ASN B 81 -3.39 -2.31 11.61
CA ASN B 81 -3.41 -1.53 12.84
C ASN B 81 -3.36 -2.45 14.05
N ASN B 82 -4.03 -3.60 13.94
CA ASN B 82 -4.08 -4.57 15.03
C ASN B 82 -2.67 -5.02 15.43
N TYR B 83 -1.80 -5.11 14.44
CA TYR B 83 -0.42 -5.51 14.70
C TYR B 83 0.39 -4.35 15.26
N ALA B 84 0.27 -3.19 14.63
CA ALA B 84 1.00 -2.00 15.04
C ALA B 84 0.61 -1.53 16.44
N GLN B 85 -0.66 -1.72 16.79
CA GLN B 85 -1.19 -1.31 18.10
C GLN B 85 -0.53 -2.11 19.22
N LYS B 86 -0.09 -3.32 18.90
CA LYS B 86 0.54 -4.19 19.88
C LYS B 86 1.88 -3.62 20.38
N LEU B 87 2.44 -2.68 19.63
CA LEU B 87 3.70 -2.07 20.01
C LEU B 87 3.52 -0.72 20.68
N CYS B 88 2.32 -0.47 21.20
CA CYS B 88 2.03 0.79 21.87
C CYS B 88 2.38 0.72 23.36
N THR B 89 3.35 -0.12 23.67
CA THR B 89 3.80 -0.30 25.05
C THR B 89 4.80 0.78 25.46
N PHE B 90 5.84 0.96 24.66
CA PHE B 90 6.88 1.95 24.98
C PHE B 90 6.59 3.30 24.33
N SER B 91 5.75 3.32 23.31
CA SER B 91 5.39 4.56 22.62
C SER B 91 4.04 4.41 21.93
N PHE B 92 3.34 5.52 21.76
CA PHE B 92 2.04 5.52 21.09
C PHE B 92 2.21 5.16 19.62
N LEU B 93 1.10 5.11 18.89
CA LEU B 93 1.16 4.77 17.47
C LEU B 93 0.00 5.38 16.70
N ILE B 94 0.34 5.99 15.58
CA ILE B 94 -0.66 6.59 14.71
C ILE B 94 -0.56 5.95 13.33
N CYS B 95 -1.27 4.86 13.14
CA CYS B 95 -1.26 4.16 11.87
C CYS B 95 -2.51 4.50 11.08
N LYS B 96 -2.35 4.81 9.81
CA LYS B 96 -3.46 5.15 8.96
C LYS B 96 -3.24 4.63 7.55
N GLY B 97 -4.33 4.36 6.84
CA GLY B 97 -4.26 3.87 5.49
C GLY B 97 -3.98 4.99 4.51
N VAL B 98 -3.16 4.72 3.51
CA VAL B 98 -2.81 5.71 2.51
C VAL B 98 -3.61 5.49 1.23
N ASN B 99 -4.33 6.52 0.81
CA ASN B 99 -5.13 6.43 -0.41
C ASN B 99 -4.33 6.93 -1.61
N LYS B 100 -3.41 7.85 -1.33
CA LYS B 100 -2.56 8.41 -2.37
C LYS B 100 -1.10 8.24 -1.99
N GLU B 101 -0.57 7.06 -2.29
CA GLU B 101 0.81 6.71 -1.99
C GLU B 101 1.79 7.67 -2.66
N TYR B 102 1.68 7.78 -3.98
CA TYR B 102 2.57 8.65 -4.76
C TYR B 102 2.49 10.09 -4.28
N LEU B 103 1.27 10.58 -4.08
CA LEU B 103 1.05 11.95 -3.64
C LEU B 103 1.62 12.17 -2.24
N MET B 104 1.37 11.22 -1.33
CA MET B 104 1.88 11.33 0.02
C MET B 104 3.40 11.28 0.03
N TYR B 105 3.95 10.40 -0.79
CA TYR B 105 5.41 10.27 -0.88
C TYR B 105 6.03 11.56 -1.40
N SER B 106 5.32 12.23 -2.31
CA SER B 106 5.81 13.49 -2.88
C SER B 106 5.99 14.53 -1.79
N ALA B 107 5.04 14.57 -0.85
CA ALA B 107 5.10 15.50 0.26
C ALA B 107 6.15 15.04 1.27
N LEU B 108 6.30 13.72 1.37
CA LEU B 108 7.27 13.12 2.28
C LEU B 108 8.71 13.36 1.81
N THR B 109 8.86 13.82 0.58
CA THR B 109 10.18 14.09 0.04
C THR B 109 10.32 15.58 -0.25
N ARG B 110 10.00 16.39 0.74
CA ARG B 110 10.07 17.83 0.61
C ARG B 110 10.94 18.44 1.70
N ASP B 111 10.76 19.72 1.95
CA ASP B 111 11.52 20.43 2.97
C ASP B 111 11.13 19.99 4.39
N PRO B 112 9.84 20.10 4.78
CA PRO B 112 9.41 19.71 6.13
C PRO B 112 9.64 18.22 6.40
N PHE B 113 9.16 17.40 5.48
CA PHE B 113 9.30 15.96 5.59
C PHE B 113 10.57 15.52 4.88
N SER B 114 11.61 15.26 5.67
CA SER B 114 12.89 14.85 5.12
C SER B 114 12.95 13.33 4.92
N VAL B 115 14.02 12.87 4.29
CA VAL B 115 14.21 11.44 4.03
C VAL B 115 15.32 10.88 4.91
N ILE B 116 15.22 9.60 5.26
CA ILE B 116 16.23 8.96 6.09
C ILE B 116 16.78 7.71 5.42
N GLU B 117 16.05 6.61 5.51
CA GLU B 117 16.48 5.35 4.93
C GLU B 117 15.39 4.77 4.03
N GLU B 118 15.69 4.67 2.74
CA GLU B 118 14.75 4.12 1.76
C GLU B 118 15.13 2.69 1.39
N SER B 119 14.15 1.88 1.04
CA SER B 119 14.40 0.50 0.67
C SER B 119 14.66 0.39 -0.83
N LEU B 120 14.08 1.29 -1.60
CA LEU B 120 14.26 1.28 -3.04
C LEU B 120 14.99 2.52 -3.51
N PRO B 121 16.09 2.33 -4.25
CA PRO B 121 16.89 3.44 -4.78
C PRO B 121 16.13 4.22 -5.85
N GLY B 122 15.45 5.27 -5.43
CA GLY B 122 14.68 6.08 -6.36
C GLY B 122 13.35 6.48 -5.77
N GLY B 123 12.93 5.75 -4.75
CA GLY B 123 11.68 6.05 -4.09
C GLY B 123 10.55 5.16 -4.55
N LEU B 124 9.50 5.79 -5.05
CA LEU B 124 8.32 5.07 -5.52
C LEU B 124 7.91 5.57 -6.89
N LYS B 125 7.86 4.68 -7.87
CA LYS B 125 7.48 5.05 -9.21
C LYS B 125 6.24 4.27 -9.66
N GLU B 126 5.87 4.46 -10.92
CA GLU B 126 4.70 3.80 -11.49
C GLU B 126 4.84 2.28 -11.48
N HIS B 127 6.06 1.80 -11.69
CA HIS B 127 6.33 0.36 -11.71
C HIS B 127 6.23 -0.25 -10.32
N ASP B 128 6.10 0.60 -9.30
CA ASP B 128 6.00 0.14 -7.93
C ASP B 128 4.55 0.17 -7.47
N PHE B 129 3.71 0.80 -8.28
CA PHE B 129 2.29 0.90 -7.98
C PHE B 129 1.47 0.12 -9.00
N ASN B 130 1.13 0.79 -10.09
CA ASN B 130 0.36 0.19 -11.17
C ASN B 130 0.34 1.12 -12.37
N PRO B 131 1.06 0.75 -13.44
CA PRO B 131 1.12 1.55 -14.67
C PRO B 131 -0.21 1.57 -15.41
N ALA A 35 -24.17 -7.82 -2.19
CA ALA A 35 -22.89 -8.23 -1.57
C ALA A 35 -21.73 -7.98 -2.52
N ASN A 36 -21.82 -8.55 -3.71
CA ASN A 36 -20.76 -8.41 -4.70
C ASN A 36 -21.05 -7.23 -5.62
N GLY A 37 -20.35 -6.14 -5.41
CA GLY A 37 -20.54 -4.95 -6.22
C GLY A 37 -19.62 -4.93 -7.43
N LEU A 38 -19.52 -6.06 -8.10
CA LEU A 38 -18.67 -6.19 -9.27
C LEU A 38 -19.48 -6.73 -10.44
N THR A 39 -19.18 -6.25 -11.64
CA THR A 39 -19.86 -6.70 -12.84
C THR A 39 -19.37 -8.09 -13.23
N VAL A 40 -20.20 -8.84 -13.95
CA VAL A 40 -19.84 -10.19 -14.38
C VAL A 40 -18.50 -10.22 -15.10
N ALA A 41 -18.32 -9.30 -16.06
CA ALA A 41 -17.09 -9.23 -16.82
C ALA A 41 -15.89 -8.95 -15.91
N GLN A 42 -16.04 -8.00 -15.01
CA GLN A 42 -14.97 -7.65 -14.08
C GLN A 42 -14.67 -8.82 -13.15
N ASN A 43 -15.73 -9.48 -12.68
CA ASN A 43 -15.59 -10.62 -11.80
C ASN A 43 -14.89 -11.77 -12.52
N GLN A 44 -15.22 -11.92 -13.81
CA GLN A 44 -14.62 -12.96 -14.64
C GLN A 44 -13.12 -12.74 -14.75
N VAL A 45 -12.74 -11.49 -15.03
CA VAL A 45 -11.33 -11.13 -15.14
C VAL A 45 -10.60 -11.41 -13.83
N LEU A 46 -11.16 -10.90 -12.75
CA LEU A 46 -10.59 -11.09 -11.42
C LEU A 46 -10.45 -12.57 -11.08
N ASN A 47 -11.50 -13.34 -11.39
CA ASN A 47 -11.50 -14.77 -11.12
C ASN A 47 -10.39 -15.47 -11.89
N LEU A 48 -10.22 -15.09 -13.15
CA LEU A 48 -9.20 -15.68 -14.00
C LEU A 48 -7.81 -15.43 -13.44
N ILE A 49 -7.58 -14.23 -12.92
CA ILE A 49 -6.28 -13.85 -12.36
C ILE A 49 -5.90 -14.72 -11.17
N LYS A 50 -6.88 -15.19 -10.42
CA LYS A 50 -6.60 -16.02 -9.25
C LYS A 50 -6.75 -17.51 -9.57
N ALA A 51 -7.55 -17.83 -10.59
CA ALA A 51 -7.76 -19.22 -10.98
C ALA A 51 -6.63 -19.71 -11.87
N CYS A 52 -5.83 -18.77 -12.37
CA CYS A 52 -4.70 -19.09 -13.23
C CYS A 52 -3.63 -19.83 -12.44
N PRO A 53 -3.34 -21.08 -12.84
CA PRO A 53 -2.34 -21.91 -12.17
C PRO A 53 -0.90 -21.59 -12.58
N ARG A 54 -0.58 -20.31 -12.58
CA ARG A 54 0.76 -19.86 -12.95
C ARG A 54 1.43 -19.16 -11.77
N PRO A 55 2.75 -19.37 -11.61
CA PRO A 55 3.52 -18.74 -10.52
C PRO A 55 3.61 -17.23 -10.69
N GLU A 56 3.34 -16.78 -11.91
CA GLU A 56 3.37 -15.36 -12.23
C GLU A 56 2.00 -14.75 -12.07
N GLY A 57 1.02 -15.58 -11.72
CA GLY A 57 -0.33 -15.11 -11.59
C GLY A 57 -0.98 -15.03 -12.94
N LEU A 58 -1.25 -13.82 -13.40
CA LEU A 58 -1.84 -13.61 -14.71
C LEU A 58 -1.37 -12.29 -15.28
N ASN A 59 -0.37 -12.38 -16.15
CA ASN A 59 0.22 -11.22 -16.79
C ASN A 59 -0.83 -10.46 -17.60
N PHE A 60 -0.60 -9.16 -17.79
CA PHE A 60 -1.51 -8.32 -18.56
C PHE A 60 -1.64 -8.87 -19.97
N GLN A 61 -0.51 -9.32 -20.51
CA GLN A 61 -0.47 -9.89 -21.85
C GLN A 61 -1.27 -11.20 -21.90
N ASP A 62 -1.32 -11.90 -20.77
CA ASP A 62 -2.03 -13.17 -20.68
C ASP A 62 -3.52 -12.93 -20.47
N LEU A 63 -3.85 -11.82 -19.81
CA LEU A 63 -5.23 -11.46 -19.55
C LEU A 63 -5.98 -11.31 -20.86
N LYS A 64 -5.42 -10.52 -21.77
CA LYS A 64 -6.01 -10.28 -23.07
C LYS A 64 -5.82 -11.50 -23.98
N ASN A 65 -4.95 -12.40 -23.57
CA ASN A 65 -4.67 -13.62 -24.31
C ASN A 65 -5.83 -14.61 -24.13
N GLN A 66 -6.21 -14.82 -22.88
CA GLN A 66 -7.30 -15.73 -22.57
C GLN A 66 -8.64 -15.06 -22.81
N LEU A 67 -8.77 -13.82 -22.36
CA LEU A 67 -10.00 -13.07 -22.53
C LEU A 67 -9.98 -12.33 -23.87
N LYS A 68 -10.05 -13.09 -24.95
CA LYS A 68 -10.05 -12.53 -26.30
C LYS A 68 -11.32 -11.73 -26.55
N HIS A 69 -12.31 -11.97 -25.70
CA HIS A 69 -13.60 -11.28 -25.78
C HIS A 69 -13.54 -9.98 -24.98
N MET A 70 -12.37 -9.36 -24.96
CA MET A 70 -12.16 -8.11 -24.24
C MET A 70 -11.11 -7.26 -24.94
N SER A 71 -11.24 -5.96 -24.81
CA SER A 71 -10.28 -5.04 -25.43
C SER A 71 -9.20 -4.68 -24.42
N VAL A 72 -8.06 -4.20 -24.92
CA VAL A 72 -6.95 -3.82 -24.05
C VAL A 72 -7.39 -2.73 -23.07
N SER A 73 -8.12 -1.75 -23.59
CA SER A 73 -8.61 -0.65 -22.78
C SER A 73 -9.55 -1.15 -21.68
N SER A 74 -10.42 -2.09 -22.05
CA SER A 74 -11.38 -2.66 -21.11
C SER A 74 -10.66 -3.40 -19.98
N ILE A 75 -9.63 -4.16 -20.34
CA ILE A 75 -8.84 -4.90 -19.37
C ILE A 75 -8.20 -3.94 -18.36
N LYS A 76 -7.63 -2.87 -18.88
CA LYS A 76 -6.99 -1.87 -18.02
C LYS A 76 -8.01 -1.20 -17.12
N GLN A 77 -9.20 -0.95 -17.65
CA GLN A 77 -10.28 -0.32 -16.88
C GLN A 77 -10.71 -1.21 -15.73
N ALA A 78 -10.87 -2.51 -16.01
CA ALA A 78 -11.25 -3.46 -14.99
C ALA A 78 -10.15 -3.58 -13.94
N VAL A 79 -8.91 -3.63 -14.42
CA VAL A 79 -7.75 -3.72 -13.54
C VAL A 79 -7.68 -2.49 -12.64
N ASP A 80 -7.95 -1.32 -13.22
CA ASP A 80 -7.91 -0.06 -12.47
C ASP A 80 -8.84 -0.09 -11.26
N PHE A 81 -10.00 -0.70 -11.42
CA PHE A 81 -10.96 -0.79 -10.33
C PHE A 81 -10.49 -1.81 -9.29
N LEU A 82 -9.97 -2.92 -9.76
CA LEU A 82 -9.49 -3.99 -8.89
C LEU A 82 -8.20 -3.56 -8.17
N SER A 83 -7.43 -2.70 -8.80
CA SER A 83 -6.18 -2.22 -8.22
C SER A 83 -6.46 -1.11 -7.21
N ASN A 84 -7.48 -0.30 -7.49
CA ASN A 84 -7.84 0.79 -6.60
C ASN A 84 -8.29 0.24 -5.25
N GLU A 85 -9.16 -0.77 -5.29
CA GLU A 85 -9.63 -1.39 -4.06
C GLU A 85 -8.52 -2.25 -3.47
N GLY A 86 -8.17 -3.33 -4.17
CA GLY A 86 -7.12 -4.19 -3.68
C GLY A 86 -7.39 -5.66 -3.87
N HIS A 87 -7.44 -6.11 -5.11
CA HIS A 87 -7.69 -7.53 -5.37
C HIS A 87 -6.60 -8.09 -6.28
N ILE A 88 -5.75 -7.18 -6.76
CA ILE A 88 -4.62 -7.53 -7.62
C ILE A 88 -3.46 -6.61 -7.27
N TYR A 89 -2.28 -6.92 -7.77
CA TYR A 89 -1.10 -6.10 -7.49
C TYR A 89 0.07 -6.49 -8.38
N SER A 90 0.99 -5.55 -8.53
CA SER A 90 2.18 -5.76 -9.32
C SER A 90 3.31 -6.21 -8.40
N THR A 91 3.76 -7.45 -8.57
CA THR A 91 4.82 -7.99 -7.74
C THR A 91 6.12 -7.20 -7.90
N VAL A 92 6.76 -7.33 -9.05
CA VAL A 92 8.00 -6.63 -9.33
C VAL A 92 8.05 -6.19 -10.79
N ASP A 93 6.91 -6.27 -11.45
CA ASP A 93 6.81 -5.92 -12.86
C ASP A 93 5.42 -5.37 -13.16
N ASP A 94 5.32 -4.48 -14.14
CA ASP A 94 4.05 -3.86 -14.50
C ASP A 94 3.12 -4.85 -15.22
N ASP A 95 3.69 -5.85 -15.89
CA ASP A 95 2.90 -6.84 -16.59
C ASP A 95 2.65 -8.05 -15.71
N HIS A 96 3.54 -8.26 -14.75
CA HIS A 96 3.41 -9.38 -13.81
C HIS A 96 2.32 -9.08 -12.77
N PHE A 97 1.08 -9.23 -13.17
CA PHE A 97 -0.05 -8.98 -12.28
C PHE A 97 -0.38 -10.23 -11.47
N LYS A 98 -0.48 -10.05 -10.16
CA LYS A 98 -0.81 -11.14 -9.28
C LYS A 98 -2.11 -10.82 -8.56
N SER A 99 -2.84 -11.85 -8.17
CA SER A 99 -4.12 -11.67 -7.50
C SER A 99 -4.01 -11.92 -6.00
N THR A 100 -5.06 -11.56 -5.29
CA THR A 100 -5.14 -11.76 -3.86
C THR A 100 -6.30 -12.71 -3.57
N ASP A 101 -6.12 -13.62 -2.63
CA ASP A 101 -7.17 -14.57 -2.27
C ASP A 101 -8.26 -13.92 -1.43
N ALA A 102 -8.99 -13.00 -2.04
CA ALA A 102 -10.07 -12.29 -1.39
C ALA A 102 -10.96 -11.63 -2.42
N GLU A 103 -12.22 -12.05 -2.47
CA GLU A 103 -13.16 -11.49 -3.41
C GLU A 103 -14.14 -10.57 -2.71
N GLY B 1 2.44 23.41 24.01
CA GLY B 1 2.70 23.11 25.44
C GLY B 1 4.12 23.46 25.82
N SER B 2 4.51 23.13 27.05
CA SER B 2 5.86 23.41 27.52
C SER B 2 6.86 22.41 26.94
N LYS B 3 6.35 21.32 26.39
CA LYS B 3 7.19 20.30 25.79
C LYS B 3 6.80 20.09 24.34
N VAL B 4 7.36 19.05 23.73
CA VAL B 4 7.07 18.73 22.34
C VAL B 4 5.64 18.18 22.21
N GLU B 5 4.92 18.64 21.20
CA GLU B 5 3.56 18.20 20.97
C GLU B 5 3.53 16.82 20.32
N ASP B 6 2.87 15.87 20.98
CA ASP B 6 2.74 14.53 20.46
C ASP B 6 1.33 14.31 19.93
N PRO B 7 1.11 14.49 18.62
CA PRO B 7 -0.21 14.31 18.01
C PRO B 7 -0.64 12.87 18.04
N LYS B 8 -1.93 12.65 18.19
CA LYS B 8 -2.50 11.32 18.24
C LYS B 8 -3.07 10.96 16.88
N ASP B 9 -2.61 11.69 15.86
CA ASP B 9 -3.07 11.48 14.49
C ASP B 9 -2.01 11.99 13.52
N PHE B 10 -2.34 11.97 12.24
CA PHE B 10 -1.42 12.43 11.20
C PHE B 10 -1.59 13.92 10.93
N PRO B 11 -0.55 14.58 10.38
CA PRO B 11 -0.60 16.00 10.05
C PRO B 11 -1.64 16.30 8.96
N SER B 12 -2.14 17.53 8.96
CA SER B 12 -3.15 17.97 8.01
C SER B 12 -2.71 17.82 6.56
N GLU B 13 -1.41 17.80 6.35
CA GLU B 13 -0.84 17.69 5.01
C GLU B 13 -0.94 16.27 4.45
N LEU B 14 -1.17 15.29 5.33
CA LEU B 14 -1.26 13.91 4.89
C LEU B 14 -2.67 13.35 5.05
N LEU B 15 -3.54 14.11 5.71
CA LEU B 15 -4.92 13.67 5.95
C LEU B 15 -5.75 13.65 4.68
N SER B 16 -5.18 14.16 3.60
CA SER B 16 -5.87 14.20 2.31
C SER B 16 -5.68 12.91 1.52
N PHE B 17 -4.73 12.07 1.93
CA PHE B 17 -4.45 10.84 1.20
C PHE B 17 -4.64 9.61 2.09
N LEU B 18 -5.16 9.83 3.30
CA LEU B 18 -5.37 8.75 4.24
C LEU B 18 -6.83 8.34 4.28
N SER B 19 -7.08 7.04 4.47
CA SER B 19 -8.43 6.51 4.55
C SER B 19 -9.10 6.93 5.86
N HIS B 20 -8.27 7.35 6.82
CA HIS B 20 -8.71 7.78 8.15
C HIS B 20 -9.18 6.61 9.01
N ALA B 21 -10.03 5.78 8.44
CA ALA B 21 -10.55 4.62 9.14
C ALA B 21 -9.53 3.49 9.14
N VAL B 22 -9.57 2.68 10.19
CA VAL B 22 -8.66 1.55 10.30
C VAL B 22 -9.43 0.25 10.19
N PHE B 23 -10.58 0.20 10.84
CA PHE B 23 -11.43 -0.99 10.81
C PHE B 23 -12.48 -0.87 9.71
N SER B 24 -12.12 -1.32 8.51
CA SER B 24 -13.03 -1.27 7.38
C SER B 24 -12.69 -2.36 6.38
N ASN B 25 -13.66 -2.72 5.55
CA ASN B 25 -13.47 -3.76 4.55
C ASN B 25 -12.76 -3.19 3.33
N ARG B 26 -11.53 -2.74 3.53
CA ARG B 26 -10.72 -2.20 2.46
C ARG B 26 -9.44 -3.01 2.32
N THR B 27 -9.23 -3.56 1.14
CA THR B 27 -8.05 -4.37 0.90
C THR B 27 -6.89 -3.50 0.42
N LEU B 28 -6.44 -2.61 1.31
CA LEU B 28 -5.36 -1.69 1.01
C LEU B 28 -4.01 -2.39 0.93
N ALA B 29 -3.05 -1.70 0.33
CA ALA B 29 -1.71 -2.24 0.15
C ALA B 29 -0.66 -1.31 0.78
N CYS B 30 -1.00 -0.05 0.94
CA CYS B 30 -0.07 0.92 1.51
C CYS B 30 -0.59 1.42 2.85
N PHE B 31 0.32 1.51 3.82
CA PHE B 31 -0.03 1.97 5.16
C PHE B 31 1.07 2.89 5.69
N ALA B 32 0.68 3.89 6.46
CA ALA B 32 1.64 4.83 7.03
C ALA B 32 1.65 4.70 8.54
N ILE B 33 2.83 4.86 9.14
CA ILE B 33 2.98 4.76 10.58
C ILE B 33 3.62 6.01 11.16
N TYR B 34 2.84 6.76 11.94
CA TYR B 34 3.34 7.96 12.58
C TYR B 34 3.90 7.59 13.95
N THR B 35 5.21 7.74 14.10
CA THR B 35 5.87 7.39 15.36
C THR B 35 7.16 8.19 15.57
N THR B 36 8.07 7.61 16.35
CA THR B 36 9.35 8.21 16.62
C THR B 36 10.40 7.60 15.70
N LYS B 37 11.46 8.34 15.42
CA LYS B 37 12.52 7.83 14.54
C LYS B 37 13.13 6.55 15.09
N GLU B 38 13.21 6.47 16.42
CA GLU B 38 13.76 5.29 17.10
C GLU B 38 12.89 4.06 16.85
N LYS B 39 11.58 4.26 16.90
CA LYS B 39 10.62 3.18 16.70
C LYS B 39 10.49 2.83 15.23
N ALA B 40 10.48 3.86 14.39
CA ALA B 40 10.35 3.67 12.94
C ALA B 40 11.54 2.89 12.38
N ALA B 41 12.70 3.05 13.01
CA ALA B 41 13.91 2.34 12.58
C ALA B 41 13.76 0.84 12.80
N LEU B 42 13.02 0.48 13.85
CA LEU B 42 12.79 -0.92 14.17
C LEU B 42 11.82 -1.54 13.18
N LEU B 43 10.71 -0.84 12.96
CA LEU B 43 9.67 -1.29 12.03
C LEU B 43 10.22 -1.35 10.60
N TYR B 44 11.23 -0.55 10.34
CA TYR B 44 11.88 -0.49 9.04
C TYR B 44 12.43 -1.86 8.63
N LYS B 45 12.83 -2.65 9.62
CA LYS B 45 13.37 -3.98 9.34
C LYS B 45 12.39 -5.07 9.71
N LYS B 46 11.57 -4.82 10.72
CA LYS B 46 10.58 -5.80 11.19
C LYS B 46 9.44 -5.99 10.20
N ILE B 47 9.16 -4.96 9.41
CA ILE B 47 8.10 -5.02 8.43
C ILE B 47 8.67 -5.33 7.04
N MET B 48 9.91 -4.93 6.83
CA MET B 48 10.61 -5.11 5.56
C MET B 48 10.47 -6.53 4.98
N GLU B 49 11.01 -7.52 5.69
CA GLU B 49 10.97 -8.89 5.20
C GLU B 49 9.69 -9.62 5.60
N LYS B 50 9.28 -9.50 6.86
CA LYS B 50 8.09 -10.18 7.37
C LYS B 50 6.86 -9.90 6.51
N TYR B 51 6.57 -8.63 6.25
CA TYR B 51 5.42 -8.27 5.45
C TYR B 51 5.77 -8.32 3.96
N SER B 52 7.06 -8.44 3.68
CA SER B 52 7.57 -8.49 2.31
C SER B 52 7.12 -7.27 1.53
N VAL B 53 7.55 -6.11 2.01
CA VAL B 53 7.18 -4.84 1.38
C VAL B 53 8.00 -4.59 0.12
N THR B 54 7.35 -4.02 -0.89
CA THR B 54 8.02 -3.70 -2.13
C THR B 54 8.82 -2.42 -1.98
N PHE B 55 8.33 -1.56 -1.09
CA PHE B 55 8.97 -0.30 -0.80
C PHE B 55 8.75 0.08 0.66
N ILE B 56 9.80 0.54 1.30
CA ILE B 56 9.74 0.96 2.69
C ILE B 56 10.66 2.15 2.88
N SER B 57 10.16 3.19 3.51
CA SER B 57 10.95 4.38 3.73
C SER B 57 10.52 5.11 4.99
N ARG B 58 11.44 5.92 5.51
CA ARG B 58 11.19 6.70 6.71
C ARG B 58 11.33 8.17 6.38
N HIS B 59 10.24 8.91 6.52
CA HIS B 59 10.23 10.34 6.22
C HIS B 59 9.95 11.14 7.47
N ASN B 60 10.37 12.39 7.46
CA ASN B 60 10.15 13.27 8.61
C ASN B 60 8.85 14.02 8.44
N SER B 61 8.53 14.88 9.40
CA SER B 61 7.32 15.66 9.35
C SER B 61 7.52 17.01 10.03
N TYR B 62 7.46 16.99 11.35
CA TYR B 62 7.63 18.19 12.15
C TYR B 62 8.43 17.88 13.41
N ASN B 63 7.91 16.98 14.22
CA ASN B 63 8.57 16.59 15.46
C ASN B 63 8.57 15.08 15.65
N HIS B 64 8.24 14.35 14.60
CA HIS B 64 8.20 12.89 14.65
C HIS B 64 8.59 12.30 13.31
N ASN B 65 8.60 10.97 13.22
CA ASN B 65 8.96 10.29 11.99
C ASN B 65 7.78 9.50 11.45
N ILE B 66 7.69 9.39 10.13
CA ILE B 66 6.60 8.69 9.49
C ILE B 66 7.12 7.56 8.62
N LEU B 67 6.69 6.34 8.92
CA LEU B 67 7.09 5.18 8.15
C LEU B 67 6.11 4.96 7.00
N PHE B 68 6.64 4.90 5.79
CA PHE B 68 5.82 4.70 4.61
C PHE B 68 6.25 3.41 3.92
N PHE B 69 5.34 2.45 3.85
CA PHE B 69 5.65 1.18 3.22
C PHE B 69 4.51 0.69 2.36
N LEU B 70 4.84 -0.18 1.40
CA LEU B 70 3.85 -0.75 0.50
C LEU B 70 3.96 -2.26 0.49
N THR B 71 2.83 -2.93 0.61
CA THR B 71 2.81 -4.39 0.60
C THR B 71 2.06 -4.91 -0.61
N PRO B 72 2.73 -5.73 -1.44
CA PRO B 72 2.12 -6.31 -2.64
C PRO B 72 0.81 -7.03 -2.32
N HIS B 73 0.91 -8.13 -1.59
CA HIS B 73 -0.26 -8.91 -1.20
C HIS B 73 -1.19 -8.04 -0.35
N ARG B 74 -2.38 -7.78 -0.89
CA ARG B 74 -3.37 -6.94 -0.21
C ARG B 74 -3.86 -7.58 1.08
N HIS B 75 -4.36 -6.76 1.99
CA HIS B 75 -4.86 -7.22 3.29
C HIS B 75 -5.69 -6.13 3.96
N ARG B 76 -6.25 -6.46 5.12
CA ARG B 76 -7.07 -5.51 5.86
C ARG B 76 -6.21 -4.61 6.74
N VAL B 77 -6.64 -3.35 6.88
CA VAL B 77 -5.91 -2.37 7.69
C VAL B 77 -5.91 -2.76 9.17
N SER B 78 -7.01 -3.37 9.61
CA SER B 78 -7.18 -3.79 10.98
C SER B 78 -6.11 -4.81 11.40
N ALA B 79 -5.67 -5.62 10.44
CA ALA B 79 -4.66 -6.64 10.73
C ALA B 79 -3.28 -6.01 10.82
N ILE B 80 -3.07 -4.92 10.08
CA ILE B 80 -1.79 -4.23 10.08
C ILE B 80 -1.58 -3.49 11.39
N ASN B 81 -2.60 -2.73 11.81
CA ASN B 81 -2.54 -1.96 13.05
C ASN B 81 -2.41 -2.89 14.25
N ASN B 82 -2.95 -4.12 14.11
CA ASN B 82 -2.89 -5.11 15.19
C ASN B 82 -1.44 -5.44 15.53
N TYR B 83 -0.57 -5.38 14.53
CA TYR B 83 0.84 -5.67 14.73
C TYR B 83 1.61 -4.41 15.05
N ALA B 84 1.29 -3.33 14.34
CA ALA B 84 1.96 -2.05 14.53
C ALA B 84 1.72 -1.47 15.92
N GLN B 85 0.46 -1.44 16.35
CA GLN B 85 0.10 -0.90 17.65
C GLN B 85 0.51 -1.85 18.78
N LYS B 86 1.04 -3.01 18.41
CA LYS B 86 1.47 -4.00 19.37
C LYS B 86 2.83 -3.61 19.97
N LEU B 87 3.52 -2.69 19.29
CA LEU B 87 4.82 -2.23 19.74
C LEU B 87 4.72 -0.88 20.44
N CYS B 88 3.59 -0.63 21.08
CA CYS B 88 3.38 0.63 21.79
C CYS B 88 3.78 0.51 23.26
N THR B 89 4.92 -0.11 23.51
CA THR B 89 5.41 -0.28 24.85
C THR B 89 6.16 0.97 25.34
N PHE B 90 7.17 1.37 24.59
CA PHE B 90 7.97 2.54 24.94
C PHE B 90 7.42 3.82 24.32
N SER B 91 6.73 3.69 23.21
CA SER B 91 6.16 4.86 22.53
C SER B 91 4.86 4.51 21.83
N PHE B 92 4.04 5.53 21.59
CA PHE B 92 2.75 5.38 20.92
C PHE B 92 2.94 5.00 19.45
N LEU B 93 1.84 4.98 18.70
CA LEU B 93 1.89 4.64 17.28
C LEU B 93 0.58 4.97 16.60
N ILE B 94 0.64 5.73 15.53
CA ILE B 94 -0.54 6.08 14.76
C ILE B 94 -0.42 5.51 13.36
N CYS B 95 -1.00 4.34 13.15
CA CYS B 95 -0.98 3.70 11.85
C CYS B 95 -2.30 3.91 11.14
N LYS B 96 -2.25 4.29 9.88
CA LYS B 96 -3.45 4.53 9.11
C LYS B 96 -3.27 4.06 7.67
N GLY B 97 -4.36 3.59 7.07
CA GLY B 97 -4.32 3.12 5.71
C GLY B 97 -4.23 4.25 4.71
N VAL B 98 -3.36 4.10 3.74
CA VAL B 98 -3.16 5.11 2.72
C VAL B 98 -4.05 4.82 1.51
N ASN B 99 -4.83 5.82 1.10
CA ASN B 99 -5.73 5.65 -0.03
C ASN B 99 -5.06 6.09 -1.33
N LYS B 100 -4.11 7.01 -1.22
CA LYS B 100 -3.38 7.50 -2.38
C LYS B 100 -1.88 7.42 -2.12
N GLU B 101 -1.29 6.30 -2.53
CA GLU B 101 0.13 6.03 -2.36
C GLU B 101 1.01 7.11 -3.01
N TYR B 102 0.89 7.24 -4.31
CA TYR B 102 1.67 8.21 -5.08
C TYR B 102 1.50 9.62 -4.53
N LEU B 103 0.26 10.01 -4.27
CA LEU B 103 -0.04 11.35 -3.77
C LEU B 103 0.53 11.57 -2.36
N MET B 104 0.40 10.57 -1.50
CA MET B 104 0.90 10.70 -0.13
C MET B 104 2.42 10.76 -0.13
N TYR B 105 3.05 9.97 -0.98
CA TYR B 105 4.50 9.97 -1.07
C TYR B 105 4.99 11.34 -1.56
N SER B 106 4.23 11.92 -2.49
CA SER B 106 4.57 13.22 -3.04
C SER B 106 4.48 14.30 -1.95
N ALA B 107 3.57 14.12 -1.01
CA ALA B 107 3.40 15.05 0.09
C ALA B 107 4.51 14.84 1.11
N LEU B 108 5.05 13.64 1.15
CA LEU B 108 6.13 13.30 2.07
C LEU B 108 7.49 13.69 1.50
N THR B 109 7.50 14.27 0.31
CA THR B 109 8.75 14.68 -0.32
C THR B 109 8.80 16.19 -0.49
N ARG B 110 8.14 16.90 0.41
CA ARG B 110 8.11 18.35 0.35
C ARG B 110 9.22 18.93 1.24
N ASP B 111 9.06 20.17 1.67
CA ASP B 111 10.06 20.82 2.51
C ASP B 111 10.05 20.31 3.96
N PRO B 112 8.90 20.36 4.67
CA PRO B 112 8.82 19.90 6.07
C PRO B 112 9.10 18.41 6.21
N PHE B 113 8.60 17.63 5.26
CA PHE B 113 8.77 16.19 5.29
C PHE B 113 10.08 15.80 4.62
N SER B 114 11.14 15.71 5.42
CA SER B 114 12.46 15.35 4.94
C SER B 114 12.54 13.86 4.63
N VAL B 115 13.56 13.46 3.89
CA VAL B 115 13.76 12.06 3.53
C VAL B 115 14.99 11.51 4.22
N ILE B 116 14.87 10.32 4.81
CA ILE B 116 16.00 9.70 5.49
C ILE B 116 16.53 8.52 4.70
N GLU B 117 15.89 7.36 4.83
CA GLU B 117 16.35 6.16 4.13
C GLU B 117 15.20 5.48 3.39
N GLU B 118 15.42 5.19 2.11
CA GLU B 118 14.43 4.54 1.28
C GLU B 118 14.95 3.19 0.79
N SER B 119 14.07 2.34 0.29
CA SER B 119 14.47 1.03 -0.21
C SER B 119 14.70 1.04 -1.73
N LEU B 120 13.83 1.74 -2.44
CA LEU B 120 13.94 1.81 -3.89
C LEU B 120 14.67 3.07 -4.34
N PRO B 121 15.66 2.92 -5.23
CA PRO B 121 16.45 4.04 -5.73
C PRO B 121 15.68 4.85 -6.77
N GLY B 122 14.93 5.82 -6.30
CA GLY B 122 14.14 6.65 -7.18
C GLY B 122 12.86 7.09 -6.53
N GLY B 123 12.58 6.51 -5.38
CA GLY B 123 11.37 6.86 -4.64
C GLY B 123 10.24 5.91 -4.94
N LEU B 124 9.18 6.43 -5.54
CA LEU B 124 8.02 5.63 -5.87
C LEU B 124 7.46 6.06 -7.22
N LYS B 125 7.41 5.12 -8.15
CA LYS B 125 6.89 5.41 -9.47
C LYS B 125 5.81 4.42 -9.87
N GLU B 126 5.24 4.64 -11.05
CA GLU B 126 4.17 3.80 -11.57
C GLU B 126 4.60 2.34 -11.75
N HIS B 127 5.90 2.08 -11.77
CA HIS B 127 6.39 0.72 -11.93
C HIS B 127 6.46 0.00 -10.58
N ASP B 128 6.30 0.75 -9.51
CA ASP B 128 6.33 0.19 -8.16
C ASP B 128 4.93 0.14 -7.58
N PHE B 129 4.00 0.83 -8.24
CA PHE B 129 2.62 0.89 -7.79
C PHE B 129 1.76 -0.12 -8.55
N ASN B 130 0.46 0.01 -8.37
CA ASN B 130 -0.52 -0.85 -9.03
C ASN B 130 -1.68 -0.01 -9.54
N PRO B 131 -1.46 0.71 -10.65
CA PRO B 131 -2.48 1.57 -11.25
C PRO B 131 -3.21 0.89 -12.41
N ALA A 35 13.55 -6.36 -17.79
CA ALA A 35 12.57 -6.35 -18.91
C ALA A 35 11.24 -6.93 -18.44
N ASN A 36 10.86 -8.06 -19.01
CA ASN A 36 9.61 -8.72 -18.66
C ASN A 36 9.83 -9.71 -17.54
N GLY A 37 9.75 -9.23 -16.30
CA GLY A 37 9.95 -10.08 -15.14
C GLY A 37 8.72 -10.89 -14.79
N LEU A 38 7.81 -11.01 -15.75
CA LEU A 38 6.59 -11.77 -15.56
C LEU A 38 6.66 -13.06 -16.37
N THR A 39 5.62 -13.87 -16.29
CA THR A 39 5.59 -15.11 -17.03
C THR A 39 4.54 -15.05 -18.14
N VAL A 40 4.65 -15.94 -19.12
CA VAL A 40 3.71 -15.98 -20.25
C VAL A 40 2.26 -16.03 -19.79
N ALA A 41 1.99 -16.83 -18.77
CA ALA A 41 0.63 -16.95 -18.24
C ALA A 41 0.13 -15.61 -17.69
N GLN A 42 0.98 -14.94 -16.92
CA GLN A 42 0.61 -13.66 -16.34
C GLN A 42 0.51 -12.58 -17.41
N ASN A 43 1.39 -12.66 -18.40
CA ASN A 43 1.40 -11.71 -19.51
C ASN A 43 0.08 -11.75 -20.25
N GLN A 44 -0.49 -12.94 -20.38
CA GLN A 44 -1.77 -13.12 -21.05
C GLN A 44 -2.88 -12.51 -20.21
N VAL A 45 -2.86 -12.80 -18.91
CA VAL A 45 -3.86 -12.29 -17.97
C VAL A 45 -3.89 -10.77 -17.97
N LEU A 46 -2.73 -10.16 -17.78
CA LEU A 46 -2.60 -8.71 -17.75
C LEU A 46 -3.10 -8.08 -19.05
N ASN A 47 -2.64 -8.63 -20.17
CA ASN A 47 -3.02 -8.13 -21.49
C ASN A 47 -4.52 -8.18 -21.70
N LEU A 48 -5.14 -9.30 -21.31
CA LEU A 48 -6.58 -9.49 -21.48
C LEU A 48 -7.38 -8.45 -20.69
N ILE A 49 -6.82 -7.97 -19.59
CA ILE A 49 -7.50 -6.97 -18.76
C ILE A 49 -7.30 -5.56 -19.30
N LYS A 50 -6.05 -5.21 -19.61
CA LYS A 50 -5.76 -3.86 -20.12
C LYS A 50 -6.27 -3.66 -21.54
N ALA A 51 -6.41 -4.75 -22.30
CA ALA A 51 -6.90 -4.67 -23.67
C ALA A 51 -8.37 -5.03 -23.75
N CYS A 52 -9.05 -4.98 -22.62
CA CYS A 52 -10.47 -5.30 -22.56
C CYS A 52 -11.29 -4.07 -22.96
N PRO A 53 -12.28 -4.26 -23.85
CA PRO A 53 -13.14 -3.17 -24.32
C PRO A 53 -14.29 -2.86 -23.34
N ARG A 54 -14.26 -3.50 -22.19
CA ARG A 54 -15.30 -3.30 -21.18
C ARG A 54 -14.90 -2.22 -20.19
N PRO A 55 -15.87 -1.38 -19.77
CA PRO A 55 -15.63 -0.28 -18.83
C PRO A 55 -15.27 -0.79 -17.43
N GLU A 56 -15.74 -1.99 -17.09
CA GLU A 56 -15.47 -2.58 -15.79
C GLU A 56 -14.16 -3.37 -15.84
N GLY A 57 -13.49 -3.30 -16.98
CA GLY A 57 -12.24 -4.01 -17.16
C GLY A 57 -12.49 -5.49 -17.34
N LEU A 58 -11.78 -6.31 -16.59
CA LEU A 58 -11.97 -7.74 -16.68
C LEU A 58 -12.12 -8.31 -15.29
N ASN A 59 -13.37 -8.58 -14.92
CA ASN A 59 -13.70 -9.13 -13.62
C ASN A 59 -13.02 -10.48 -13.41
N PHE A 60 -12.83 -10.87 -12.15
CA PHE A 60 -12.20 -12.14 -11.83
C PHE A 60 -13.02 -13.27 -12.44
N GLN A 61 -14.34 -13.10 -12.44
CA GLN A 61 -15.26 -14.07 -13.03
C GLN A 61 -15.03 -14.16 -14.54
N ASP A 62 -14.75 -13.02 -15.15
CA ASP A 62 -14.52 -12.95 -16.59
C ASP A 62 -13.15 -13.50 -16.95
N LEU A 63 -12.18 -13.27 -16.07
CA LEU A 63 -10.82 -13.75 -16.26
C LEU A 63 -10.77 -15.26 -16.46
N LYS A 64 -11.42 -15.98 -15.54
CA LYS A 64 -11.43 -17.43 -15.60
C LYS A 64 -12.34 -17.92 -16.73
N ASN A 65 -13.22 -17.04 -17.22
CA ASN A 65 -14.13 -17.39 -18.30
C ASN A 65 -13.41 -17.26 -19.63
N GLN A 66 -12.59 -16.22 -19.76
CA GLN A 66 -11.83 -15.98 -20.97
C GLN A 66 -10.67 -16.97 -21.07
N LEU A 67 -9.96 -17.13 -19.96
CA LEU A 67 -8.83 -18.05 -19.92
C LEU A 67 -9.21 -19.31 -19.15
N LYS A 68 -10.05 -20.12 -19.78
CA LYS A 68 -10.51 -21.36 -19.16
C LYS A 68 -9.39 -22.38 -18.99
N HIS A 69 -8.31 -22.21 -19.76
CA HIS A 69 -7.17 -23.11 -19.66
C HIS A 69 -6.32 -22.76 -18.45
N MET A 70 -6.81 -21.83 -17.64
CA MET A 70 -6.13 -21.40 -16.44
C MET A 70 -7.00 -21.70 -15.22
N SER A 71 -6.40 -22.21 -14.16
CA SER A 71 -7.15 -22.52 -12.97
C SER A 71 -7.46 -21.23 -12.21
N VAL A 72 -8.53 -21.24 -11.43
CA VAL A 72 -8.93 -20.07 -10.66
C VAL A 72 -7.81 -19.72 -9.69
N SER A 73 -7.15 -20.75 -9.18
CA SER A 73 -6.05 -20.59 -8.27
C SER A 73 -4.88 -19.89 -8.95
N SER A 74 -4.61 -20.29 -10.18
CA SER A 74 -3.53 -19.71 -10.97
C SER A 74 -3.82 -18.23 -11.21
N ILE A 75 -5.08 -17.92 -11.50
CA ILE A 75 -5.50 -16.54 -11.72
C ILE A 75 -5.28 -15.73 -10.44
N LYS A 76 -5.59 -16.36 -9.31
CA LYS A 76 -5.42 -15.74 -8.01
C LYS A 76 -3.95 -15.36 -7.79
N GLN A 77 -3.06 -16.25 -8.19
CA GLN A 77 -1.62 -16.01 -8.06
C GLN A 77 -1.21 -14.83 -8.92
N ALA A 78 -1.62 -14.86 -10.18
CA ALA A 78 -1.29 -13.79 -11.12
C ALA A 78 -1.83 -12.45 -10.64
N VAL A 79 -3.09 -12.44 -10.23
CA VAL A 79 -3.73 -11.21 -9.74
C VAL A 79 -2.96 -10.64 -8.56
N ASP A 80 -2.54 -11.51 -7.65
CA ASP A 80 -1.79 -11.09 -6.46
C ASP A 80 -0.44 -10.51 -6.87
N PHE A 81 0.23 -11.20 -7.78
CA PHE A 81 1.54 -10.77 -8.25
C PHE A 81 1.44 -9.43 -8.98
N LEU A 82 0.46 -9.32 -9.86
CA LEU A 82 0.25 -8.10 -10.63
C LEU A 82 -0.10 -6.93 -9.70
N SER A 83 -0.66 -7.25 -8.54
CA SER A 83 -1.02 -6.22 -7.56
C SER A 83 0.23 -5.69 -6.88
N ASN A 84 1.13 -6.58 -6.51
CA ASN A 84 2.38 -6.20 -5.86
C ASN A 84 3.31 -5.52 -6.86
N GLU A 85 3.32 -6.03 -8.09
CA GLU A 85 4.14 -5.49 -9.15
C GLU A 85 3.65 -4.10 -9.56
N GLY A 86 2.34 -3.92 -9.55
CA GLY A 86 1.75 -2.64 -9.92
C GLY A 86 1.13 -2.69 -11.30
N HIS A 87 0.00 -3.35 -11.40
CA HIS A 87 -0.71 -3.48 -12.68
C HIS A 87 -2.21 -3.36 -12.48
N ILE A 88 -2.81 -4.38 -11.89
CA ILE A 88 -4.25 -4.39 -11.65
C ILE A 88 -4.54 -4.16 -10.18
N TYR A 89 -5.57 -3.37 -9.90
CA TYR A 89 -5.96 -3.08 -8.53
C TYR A 89 -7.46 -3.18 -8.35
N SER A 90 -7.89 -3.32 -7.11
CA SER A 90 -9.30 -3.41 -6.79
C SER A 90 -9.95 -2.04 -6.96
N THR A 91 -10.99 -1.98 -7.77
CA THR A 91 -11.67 -0.71 -8.02
C THR A 91 -12.64 -0.41 -6.87
N VAL A 92 -13.79 -1.05 -6.91
CA VAL A 92 -14.81 -0.88 -5.89
C VAL A 92 -15.39 -2.23 -5.49
N ASP A 93 -14.64 -3.28 -5.80
CA ASP A 93 -15.07 -4.64 -5.50
C ASP A 93 -13.88 -5.59 -5.61
N ASP A 94 -13.97 -6.73 -4.92
CA ASP A 94 -12.89 -7.72 -4.90
C ASP A 94 -12.76 -8.45 -6.24
N ASP A 95 -13.89 -8.63 -6.92
CA ASP A 95 -13.91 -9.32 -8.21
C ASP A 95 -13.67 -8.31 -9.33
N HIS A 96 -13.85 -7.04 -9.01
CA HIS A 96 -13.69 -5.96 -9.97
C HIS A 96 -12.24 -5.46 -10.00
N PHE A 97 -11.42 -6.07 -10.83
CA PHE A 97 -10.02 -5.68 -10.95
C PHE A 97 -9.78 -4.95 -12.27
N LYS A 98 -9.00 -3.88 -12.22
CA LYS A 98 -8.69 -3.09 -13.41
C LYS A 98 -7.22 -2.69 -13.41
N SER A 99 -6.61 -2.73 -14.59
CA SER A 99 -5.21 -2.35 -14.73
C SER A 99 -5.08 -0.88 -15.09
N THR A 100 -4.51 -0.09 -14.18
CA THR A 100 -4.32 1.33 -14.42
C THR A 100 -3.07 1.84 -13.71
N ASP A 101 -2.26 0.92 -13.22
CA ASP A 101 -1.04 1.28 -12.51
C ASP A 101 0.04 1.67 -13.50
N ALA A 102 0.85 0.69 -13.90
CA ALA A 102 1.91 0.91 -14.86
C ALA A 102 1.44 0.55 -16.26
N GLU A 103 1.15 -0.73 -16.46
CA GLU A 103 0.69 -1.23 -17.74
C GLU A 103 -0.24 -2.42 -17.51
N GLY B 1 19.52 9.62 25.41
CA GLY B 1 19.45 11.04 25.82
C GLY B 1 18.63 11.24 27.07
N SER B 2 18.77 12.39 27.70
CA SER B 2 18.02 12.70 28.92
C SER B 2 16.64 13.26 28.59
N LYS B 3 16.45 13.60 27.32
CA LYS B 3 15.19 14.13 26.86
C LYS B 3 14.47 13.10 26.00
N VAL B 4 13.57 13.56 25.15
CA VAL B 4 12.84 12.66 24.27
C VAL B 4 13.77 12.07 23.20
N GLU B 5 13.78 10.75 23.10
CA GLU B 5 14.61 10.07 22.13
C GLU B 5 13.97 10.13 20.75
N ASP B 6 14.71 10.65 19.78
CA ASP B 6 14.21 10.77 18.42
C ASP B 6 14.93 9.79 17.50
N PRO B 7 14.28 8.66 17.20
CA PRO B 7 14.84 7.63 16.32
C PRO B 7 15.04 8.12 14.89
N LYS B 8 15.92 7.45 14.16
CA LYS B 8 16.19 7.83 12.77
C LYS B 8 15.63 6.77 11.83
N ASP B 9 15.13 5.69 12.41
CA ASP B 9 14.55 4.60 11.64
C ASP B 9 13.30 4.08 12.36
N PHE B 10 12.60 3.16 11.71
CA PHE B 10 11.40 2.58 12.27
C PHE B 10 11.73 1.66 13.45
N PRO B 11 10.73 1.37 14.31
CA PRO B 11 10.92 0.48 15.46
C PRO B 11 11.19 -0.96 15.03
N SER B 12 11.95 -1.68 15.84
CA SER B 12 12.31 -3.07 15.54
C SER B 12 11.09 -3.96 15.41
N GLU B 13 9.99 -3.58 16.05
CA GLU B 13 8.76 -4.36 16.00
C GLU B 13 8.07 -4.25 14.63
N LEU B 14 8.50 -3.28 13.82
CA LEU B 14 7.90 -3.08 12.51
C LEU B 14 8.92 -3.30 11.39
N LEU B 15 10.20 -3.18 11.71
CA LEU B 15 11.28 -3.34 10.73
C LEU B 15 11.17 -4.64 9.95
N SER B 16 10.67 -5.68 10.60
CA SER B 16 10.52 -6.99 10.00
C SER B 16 9.50 -7.01 8.84
N PHE B 17 8.62 -6.02 8.81
CA PHE B 17 7.60 -5.96 7.77
C PHE B 17 7.81 -4.78 6.83
N LEU B 18 8.94 -4.10 6.95
CA LEU B 18 9.22 -2.95 6.11
C LEU B 18 10.24 -3.27 5.03
N SER B 19 10.16 -2.57 3.91
CA SER B 19 11.06 -2.79 2.78
C SER B 19 12.46 -2.24 3.10
N HIS B 20 12.54 -1.34 4.09
CA HIS B 20 13.79 -0.73 4.53
C HIS B 20 14.30 0.32 3.54
N ALA B 21 14.38 -0.06 2.27
CA ALA B 21 14.86 0.83 1.22
C ALA B 21 13.91 2.01 1.01
N VAL B 22 14.46 3.13 0.56
CA VAL B 22 13.68 4.34 0.29
C VAL B 22 13.66 4.66 -1.20
N PHE B 23 14.80 4.47 -1.84
CA PHE B 23 14.92 4.73 -3.28
C PHE B 23 14.90 3.42 -4.06
N SER B 24 14.00 2.54 -3.67
CA SER B 24 13.84 1.25 -4.29
C SER B 24 13.33 1.37 -5.74
N ASN B 25 13.56 0.34 -6.53
CA ASN B 25 13.13 0.32 -7.92
C ASN B 25 11.90 -0.58 -8.06
N ARG B 26 11.21 -0.76 -6.95
CA ARG B 26 10.02 -1.60 -6.92
C ARG B 26 8.78 -0.77 -6.57
N THR B 27 7.73 -0.94 -7.35
CA THR B 27 6.48 -0.24 -7.13
C THR B 27 5.74 -0.84 -5.93
N LEU B 28 5.27 0.01 -5.03
CA LEU B 28 4.56 -0.45 -3.84
C LEU B 28 3.24 0.30 -3.69
N ALA B 29 2.37 -0.21 -2.82
CA ALA B 29 1.08 0.41 -2.59
C ALA B 29 0.87 0.73 -1.12
N CYS B 30 1.79 0.28 -0.28
CA CYS B 30 1.70 0.51 1.16
C CYS B 30 2.95 1.24 1.64
N PHE B 31 2.74 2.32 2.38
CA PHE B 31 3.84 3.13 2.90
C PHE B 31 3.57 3.56 4.33
N ALA B 32 4.64 3.79 5.09
CA ALA B 32 4.51 4.22 6.46
C ALA B 32 5.36 5.47 6.69
N ILE B 33 4.80 6.42 7.43
CA ILE B 33 5.51 7.67 7.72
C ILE B 33 5.67 7.88 9.22
N TYR B 34 6.87 7.61 9.72
CA TYR B 34 7.17 7.80 11.13
C TYR B 34 7.50 9.27 11.36
N THR B 35 6.63 9.97 12.07
CA THR B 35 6.84 11.39 12.32
C THR B 35 6.17 11.83 13.62
N THR B 36 6.00 13.14 13.77
CA THR B 36 5.35 13.70 14.94
C THR B 36 3.83 13.62 14.76
N LYS B 37 3.09 13.64 15.86
CA LYS B 37 1.64 13.55 15.79
C LYS B 37 1.05 14.74 15.04
N GLU B 38 1.72 15.88 15.10
CA GLU B 38 1.27 17.08 14.41
C GLU B 38 1.46 16.94 12.90
N LYS B 39 2.64 16.46 12.50
CA LYS B 39 2.97 16.27 11.10
C LYS B 39 2.11 15.18 10.48
N ALA B 40 1.92 14.09 11.21
CA ALA B 40 1.11 12.97 10.74
C ALA B 40 -0.34 13.38 10.53
N ALA B 41 -0.81 14.33 11.34
CA ALA B 41 -2.18 14.80 11.24
C ALA B 41 -2.38 15.64 9.97
N LEU B 42 -1.34 16.36 9.59
CA LEU B 42 -1.38 17.21 8.39
C LEU B 42 -1.42 16.35 7.13
N LEU B 43 -0.52 15.38 7.07
CA LEU B 43 -0.42 14.49 5.92
C LEU B 43 -1.62 13.55 5.83
N TYR B 44 -2.30 13.36 6.96
CA TYR B 44 -3.46 12.48 7.03
C TYR B 44 -4.54 12.89 6.03
N LYS B 45 -4.88 14.16 6.01
CA LYS B 45 -5.91 14.66 5.11
C LYS B 45 -5.35 15.03 3.74
N LYS B 46 -4.08 15.41 3.70
CA LYS B 46 -3.46 15.79 2.44
C LYS B 46 -3.22 14.58 1.54
N ILE B 47 -2.54 13.56 2.06
CA ILE B 47 -2.26 12.36 1.28
C ILE B 47 -3.54 11.62 0.93
N MET B 48 -4.51 11.65 1.85
CA MET B 48 -5.80 10.98 1.65
C MET B 48 -6.46 11.44 0.36
N GLU B 49 -6.35 12.73 0.08
CA GLU B 49 -6.95 13.31 -1.11
C GLU B 49 -5.97 13.30 -2.29
N LYS B 50 -4.75 13.74 -2.03
CA LYS B 50 -3.70 13.83 -3.05
C LYS B 50 -3.46 12.49 -3.73
N TYR B 51 -3.50 11.41 -2.97
CA TYR B 51 -3.25 10.08 -3.51
C TYR B 51 -4.52 9.25 -3.56
N SER B 52 -5.58 9.75 -2.93
CA SER B 52 -6.87 9.04 -2.88
C SER B 52 -6.69 7.64 -2.29
N VAL B 53 -6.07 7.60 -1.11
CA VAL B 53 -5.81 6.34 -0.43
C VAL B 53 -7.09 5.62 -0.03
N THR B 54 -7.02 4.30 0.02
CA THR B 54 -8.15 3.48 0.39
C THR B 54 -8.22 3.35 1.91
N PHE B 55 -7.06 3.16 2.52
CA PHE B 55 -6.96 3.04 3.97
C PHE B 55 -5.82 3.89 4.48
N ILE B 56 -6.10 4.66 5.51
CA ILE B 56 -5.11 5.53 6.12
C ILE B 56 -5.38 5.59 7.62
N SER B 57 -4.31 5.61 8.42
CA SER B 57 -4.47 5.65 9.86
C SER B 57 -3.23 6.21 10.54
N ARG B 58 -3.42 6.64 11.78
CA ARG B 58 -2.35 7.18 12.60
C ARG B 58 -2.17 6.30 13.82
N HIS B 59 -1.01 5.66 13.92
CA HIS B 59 -0.74 4.76 15.05
C HIS B 59 0.47 5.24 15.85
N ASN B 60 0.31 5.32 17.17
CA ASN B 60 1.38 5.75 18.05
C ASN B 60 2.40 4.65 18.23
N SER B 61 3.66 5.02 18.41
CA SER B 61 4.71 4.05 18.61
C SER B 61 5.24 4.11 20.03
N TYR B 62 6.18 5.02 20.26
CA TYR B 62 6.76 5.21 21.58
C TYR B 62 6.75 6.69 21.94
N ASN B 63 7.52 7.47 21.19
CA ASN B 63 7.61 8.91 21.42
C ASN B 63 7.05 9.69 20.25
N HIS B 64 6.60 8.98 19.21
CA HIS B 64 6.07 9.63 18.01
C HIS B 64 4.87 8.87 17.45
N ASN B 65 4.46 9.24 16.25
CA ASN B 65 3.32 8.60 15.59
C ASN B 65 3.72 8.11 14.21
N ILE B 66 3.07 7.03 13.76
CA ILE B 66 3.37 6.46 12.47
C ILE B 66 2.14 6.50 11.57
N LEU B 67 2.26 7.21 10.46
CA LEU B 67 1.18 7.35 9.49
C LEU B 67 1.20 6.14 8.56
N PHE B 68 0.18 5.32 8.65
CA PHE B 68 0.07 4.13 7.82
C PHE B 68 -1.00 4.32 6.76
N PHE B 69 -0.65 4.18 5.49
CA PHE B 69 -1.63 4.37 4.43
C PHE B 69 -1.38 3.43 3.25
N LEU B 70 -2.45 3.08 2.57
CA LEU B 70 -2.40 2.21 1.40
C LEU B 70 -3.09 2.91 0.23
N THR B 71 -2.47 2.84 -0.93
CA THR B 71 -3.02 3.48 -2.11
C THR B 71 -3.41 2.44 -3.16
N PRO B 72 -4.53 2.65 -3.86
CA PRO B 72 -4.99 1.74 -4.90
C PRO B 72 -4.01 1.72 -6.07
N HIS B 73 -3.45 2.90 -6.35
CA HIS B 73 -2.47 3.04 -7.40
C HIS B 73 -1.08 2.80 -6.82
N ARG B 74 -0.32 1.96 -7.47
CA ARG B 74 1.02 1.64 -6.99
C ARG B 74 2.03 2.69 -7.44
N HIS B 75 3.01 2.93 -6.60
CA HIS B 75 4.05 3.92 -6.88
C HIS B 75 5.31 3.54 -6.12
N ARG B 76 6.44 4.06 -6.56
CA ARG B 76 7.71 3.76 -5.92
C ARG B 76 7.92 4.65 -4.70
N VAL B 77 8.70 4.16 -3.75
CA VAL B 77 8.97 4.91 -2.52
C VAL B 77 9.74 6.20 -2.80
N SER B 78 10.49 6.20 -3.90
CA SER B 78 11.27 7.36 -4.30
C SER B 78 10.40 8.61 -4.46
N ALA B 79 9.29 8.46 -5.17
CA ALA B 79 8.37 9.57 -5.39
C ALA B 79 7.63 9.94 -4.11
N ILE B 80 7.39 8.95 -3.27
CA ILE B 80 6.70 9.17 -2.00
C ILE B 80 7.57 9.96 -1.04
N ASN B 81 8.83 9.54 -0.91
CA ASN B 81 9.78 10.20 -0.02
C ASN B 81 9.97 11.65 -0.44
N ASN B 82 10.02 11.90 -1.74
CA ASN B 82 10.20 13.24 -2.26
C ASN B 82 9.06 14.17 -1.82
N TYR B 83 7.85 13.62 -1.78
CA TYR B 83 6.68 14.38 -1.38
C TYR B 83 6.69 14.66 0.12
N ALA B 84 7.08 13.66 0.89
CA ALA B 84 7.12 13.78 2.34
C ALA B 84 8.33 14.59 2.82
N GLN B 85 9.40 14.56 2.02
CA GLN B 85 10.63 15.28 2.36
C GLN B 85 10.41 16.79 2.33
N LYS B 86 9.39 17.22 1.60
CA LYS B 86 9.07 18.63 1.49
C LYS B 86 8.50 19.18 2.79
N LEU B 87 8.14 18.29 3.71
CA LEU B 87 7.58 18.70 4.99
C LEU B 87 8.58 18.45 6.12
N CYS B 88 9.86 18.30 5.77
CA CYS B 88 10.89 18.06 6.77
C CYS B 88 11.47 19.37 7.29
N THR B 89 10.68 20.43 7.22
CA THR B 89 11.09 21.74 7.68
C THR B 89 10.89 21.90 9.18
N PHE B 90 9.66 21.68 9.64
CA PHE B 90 9.32 21.84 11.04
C PHE B 90 9.58 20.57 11.86
N SER B 91 9.64 19.42 11.21
CA SER B 91 9.88 18.17 11.92
C SER B 91 10.56 17.16 11.02
N PHE B 92 11.21 16.17 11.65
CA PHE B 92 11.91 15.11 10.96
C PHE B 92 10.95 14.24 10.14
N LEU B 93 11.47 13.19 9.52
CA LEU B 93 10.65 12.30 8.71
C LEU B 93 11.30 10.96 8.46
N ILE B 94 10.56 9.89 8.69
CA ILE B 94 11.03 8.54 8.44
C ILE B 94 9.96 7.80 7.64
N CYS B 95 9.99 7.97 6.34
CA CYS B 95 9.02 7.34 5.47
C CYS B 95 9.67 6.27 4.60
N LYS B 96 9.12 5.07 4.65
CA LYS B 96 9.64 3.96 3.88
C LYS B 96 8.51 3.05 3.41
N GLY B 97 8.80 2.17 2.48
CA GLY B 97 7.79 1.27 1.95
C GLY B 97 7.55 0.09 2.87
N VAL B 98 6.33 -0.44 2.82
CA VAL B 98 5.96 -1.59 3.65
C VAL B 98 5.93 -2.84 2.80
N ASN B 99 6.50 -3.92 3.31
CA ASN B 99 6.53 -5.19 2.60
C ASN B 99 5.24 -5.96 2.83
N LYS B 100 4.82 -6.01 4.08
CA LYS B 100 3.60 -6.72 4.44
C LYS B 100 2.64 -5.80 5.17
N GLU B 101 1.70 -5.27 4.41
CA GLU B 101 0.67 -4.35 4.90
C GLU B 101 -0.06 -4.91 6.13
N TYR B 102 -0.78 -6.00 5.91
CA TYR B 102 -1.55 -6.65 6.98
C TYR B 102 -0.69 -6.95 8.20
N LEU B 103 0.50 -7.48 7.95
CA LEU B 103 1.41 -7.84 9.03
C LEU B 103 1.85 -6.63 9.84
N MET B 104 2.23 -5.56 9.16
CA MET B 104 2.67 -4.35 9.85
C MET B 104 1.51 -3.73 10.63
N TYR B 105 0.32 -3.73 10.02
CA TYR B 105 -0.85 -3.17 10.68
C TYR B 105 -1.18 -3.97 11.94
N SER B 106 -0.98 -5.28 11.87
CA SER B 106 -1.23 -6.15 13.01
C SER B 106 -0.31 -5.82 14.18
N ALA B 107 0.89 -5.36 13.87
CA ALA B 107 1.85 -5.00 14.91
C ALA B 107 1.55 -3.59 15.43
N LEU B 108 0.86 -2.81 14.61
CA LEU B 108 0.50 -1.44 14.97
C LEU B 108 -0.75 -1.42 15.86
N THR B 109 -1.33 -2.59 16.09
CA THR B 109 -2.53 -2.71 16.91
C THR B 109 -2.26 -3.65 18.09
N ARG B 110 -1.20 -3.38 18.83
CA ARG B 110 -0.84 -4.22 19.96
C ARG B 110 -0.67 -3.40 21.23
N ASP B 111 0.04 -3.97 22.19
CA ASP B 111 0.28 -3.36 23.49
C ASP B 111 0.94 -1.96 23.40
N PRO B 112 2.10 -1.82 22.71
CA PRO B 112 2.80 -0.54 22.62
C PRO B 112 2.16 0.45 21.65
N PHE B 113 1.96 -0.01 20.42
CA PHE B 113 1.38 0.83 19.36
C PHE B 113 -0.10 1.11 19.59
N SER B 114 -0.44 2.38 19.71
CA SER B 114 -1.82 2.79 19.93
C SER B 114 -2.53 3.13 18.61
N VAL B 115 -3.83 3.36 18.68
CA VAL B 115 -4.63 3.67 17.50
C VAL B 115 -5.37 4.99 17.69
N ILE B 116 -5.26 5.90 16.72
CA ILE B 116 -5.95 7.19 16.80
C ILE B 116 -7.18 7.24 15.89
N GLU B 117 -6.96 7.40 14.60
CA GLU B 117 -8.07 7.47 13.64
C GLU B 117 -7.76 6.65 12.40
N GLU B 118 -8.75 5.87 11.96
CA GLU B 118 -8.60 5.04 10.77
C GLU B 118 -9.70 5.39 9.77
N SER B 119 -9.39 5.34 8.48
CA SER B 119 -10.36 5.67 7.44
C SER B 119 -11.46 4.61 7.35
N LEU B 120 -11.09 3.35 7.55
CA LEU B 120 -12.05 2.26 7.47
C LEU B 120 -12.28 1.66 8.85
N PRO B 121 -13.55 1.55 9.27
CA PRO B 121 -13.90 0.99 10.57
C PRO B 121 -13.66 -0.51 10.63
N GLY B 122 -12.58 -0.91 11.26
CA GLY B 122 -12.24 -2.31 11.38
C GLY B 122 -10.78 -2.56 11.12
N GLY B 123 -10.18 -1.74 10.28
CA GLY B 123 -8.78 -1.88 9.96
C GLY B 123 -8.55 -2.30 8.52
N LEU B 124 -7.42 -2.93 8.27
CA LEU B 124 -7.07 -3.39 6.94
C LEU B 124 -7.73 -4.71 6.63
N LYS B 125 -8.19 -4.87 5.39
CA LYS B 125 -8.83 -6.11 4.97
C LYS B 125 -8.32 -6.53 3.59
N GLU B 126 -8.63 -7.76 3.21
CA GLU B 126 -8.20 -8.32 1.92
C GLU B 126 -8.70 -7.51 0.72
N HIS B 127 -9.77 -6.76 0.91
CA HIS B 127 -10.33 -5.95 -0.18
C HIS B 127 -9.41 -4.78 -0.53
N ASP B 128 -8.50 -4.44 0.38
CA ASP B 128 -7.59 -3.32 0.17
C ASP B 128 -6.38 -3.73 -0.63
N PHE B 129 -5.55 -4.60 -0.07
CA PHE B 129 -4.34 -5.05 -0.75
C PHE B 129 -4.64 -6.12 -1.80
N ASN B 130 -5.06 -7.31 -1.35
CA ASN B 130 -5.37 -8.41 -2.24
C ASN B 130 -6.02 -9.55 -1.45
N PRO B 131 -7.09 -10.15 -1.99
CA PRO B 131 -7.81 -11.27 -1.34
C PRO B 131 -6.90 -12.43 -1.00
N ALA A 35 -23.68 -7.17 -1.91
CA ALA A 35 -22.51 -8.02 -1.65
C ALA A 35 -21.42 -7.80 -2.70
N ASN A 36 -21.76 -8.08 -3.95
CA ASN A 36 -20.80 -7.91 -5.05
C ASN A 36 -20.86 -6.50 -5.61
N GLY A 37 -19.83 -5.72 -5.32
CA GLY A 37 -19.77 -4.35 -5.80
C GLY A 37 -18.93 -4.23 -7.06
N LEU A 38 -18.75 -5.34 -7.74
CA LEU A 38 -17.96 -5.37 -8.96
C LEU A 38 -18.88 -5.46 -10.17
N THR A 39 -18.40 -5.00 -11.31
CA THR A 39 -19.17 -5.06 -12.52
C THR A 39 -19.12 -6.45 -13.15
N VAL A 40 -20.12 -6.79 -13.95
CA VAL A 40 -20.19 -8.09 -14.61
C VAL A 40 -18.91 -8.36 -15.40
N ALA A 41 -18.42 -7.33 -16.08
CA ALA A 41 -17.20 -7.44 -16.85
C ALA A 41 -15.99 -7.68 -15.96
N GLN A 42 -15.91 -6.92 -14.88
CA GLN A 42 -14.79 -7.05 -13.92
C GLN A 42 -14.79 -8.41 -13.25
N ASN A 43 -15.98 -8.92 -12.92
CA ASN A 43 -16.11 -10.22 -12.28
C ASN A 43 -15.52 -11.31 -13.17
N GLN A 44 -15.73 -11.17 -14.47
CA GLN A 44 -15.21 -12.12 -15.45
C GLN A 44 -13.70 -12.00 -15.55
N VAL A 45 -13.22 -10.76 -15.67
CA VAL A 45 -11.79 -10.50 -15.77
C VAL A 45 -11.06 -11.04 -14.54
N LEU A 46 -11.59 -10.72 -13.37
CA LEU A 46 -11.02 -11.15 -12.11
C LEU A 46 -11.00 -12.68 -12.01
N ASN A 47 -12.07 -13.30 -12.49
CA ASN A 47 -12.19 -14.75 -12.45
C ASN A 47 -11.19 -15.43 -13.37
N LEU A 48 -10.97 -14.83 -14.54
CA LEU A 48 -10.04 -15.37 -15.54
C LEU A 48 -8.63 -15.51 -14.97
N ILE A 49 -8.25 -14.61 -14.07
CA ILE A 49 -6.92 -14.64 -13.48
C ILE A 49 -6.82 -15.67 -12.35
N LYS A 50 -7.81 -15.68 -11.46
CA LYS A 50 -7.80 -16.61 -10.32
C LYS A 50 -8.06 -18.05 -10.76
N ALA A 51 -8.88 -18.22 -11.80
CA ALA A 51 -9.20 -19.55 -12.30
C ALA A 51 -8.21 -20.01 -13.35
N CYS A 52 -7.17 -19.21 -13.57
CA CYS A 52 -6.15 -19.54 -14.55
C CYS A 52 -5.23 -20.64 -14.02
N PRO A 53 -5.08 -21.72 -14.79
CA PRO A 53 -4.24 -22.86 -14.41
C PRO A 53 -2.76 -22.64 -14.74
N ARG A 54 -2.31 -21.40 -14.56
CA ARG A 54 -0.93 -21.04 -14.85
C ARG A 54 -0.23 -20.58 -13.57
N PRO A 55 1.03 -21.01 -13.38
CA PRO A 55 1.83 -20.66 -12.20
C PRO A 55 2.06 -19.16 -12.04
N GLU A 56 2.11 -18.44 -13.16
CA GLU A 56 2.34 -17.00 -13.13
C GLU A 56 1.02 -16.25 -13.09
N GLY A 57 -0.08 -17.00 -13.00
CA GLY A 57 -1.39 -16.38 -12.96
C GLY A 57 -1.87 -16.00 -14.35
N LEU A 58 -2.01 -14.71 -14.58
CA LEU A 58 -2.45 -14.22 -15.87
C LEU A 58 -1.86 -12.83 -16.11
N ASN A 59 -0.91 -12.76 -17.02
CA ASN A 59 -0.24 -11.51 -17.36
C ASN A 59 -1.23 -10.50 -17.93
N PHE A 60 -0.87 -9.23 -17.89
CA PHE A 60 -1.73 -8.18 -18.42
C PHE A 60 -1.93 -8.40 -19.91
N GLN A 61 -0.87 -8.83 -20.58
CA GLN A 61 -0.92 -9.12 -22.00
C GLN A 61 -1.76 -10.37 -22.27
N ASP A 62 -1.86 -11.22 -21.25
CA ASP A 62 -2.62 -12.46 -21.35
C ASP A 62 -4.11 -12.16 -21.19
N LEU A 63 -4.41 -11.15 -20.39
CA LEU A 63 -5.78 -10.73 -20.15
C LEU A 63 -6.45 -10.28 -21.44
N LYS A 64 -5.78 -9.39 -22.17
CA LYS A 64 -6.31 -8.88 -23.42
C LYS A 64 -6.36 -9.98 -24.48
N ASN A 65 -5.51 -10.98 -24.31
CA ASN A 65 -5.45 -12.11 -25.25
C ASN A 65 -6.67 -13.00 -25.07
N GLN A 66 -7.00 -13.30 -23.81
CA GLN A 66 -8.15 -14.14 -23.51
C GLN A 66 -9.45 -13.37 -23.72
N LEU A 67 -9.46 -12.14 -23.24
CA LEU A 67 -10.62 -11.29 -23.37
C LEU A 67 -10.45 -10.33 -24.54
N LYS A 68 -10.59 -10.86 -25.76
CA LYS A 68 -10.45 -10.06 -26.97
C LYS A 68 -11.62 -9.10 -27.14
N HIS A 69 -12.61 -9.22 -26.27
CA HIS A 69 -13.78 -8.35 -26.31
C HIS A 69 -13.60 -7.18 -25.34
N MET A 70 -12.39 -7.04 -24.83
CA MET A 70 -12.07 -5.96 -23.89
C MET A 70 -10.81 -5.24 -24.33
N SER A 71 -10.82 -3.92 -24.23
CA SER A 71 -9.68 -3.11 -24.61
C SER A 71 -8.68 -3.01 -23.47
N VAL A 72 -7.47 -2.56 -23.79
CA VAL A 72 -6.41 -2.41 -22.80
C VAL A 72 -6.83 -1.42 -21.71
N SER A 73 -7.42 -0.30 -22.12
CA SER A 73 -7.86 0.72 -21.18
C SER A 73 -8.93 0.15 -20.22
N SER A 74 -9.83 -0.65 -20.78
CA SER A 74 -10.89 -1.28 -20.00
C SER A 74 -10.28 -2.23 -18.96
N ILE A 75 -9.31 -3.03 -19.40
CA ILE A 75 -8.66 -3.98 -18.52
C ILE A 75 -7.82 -3.23 -17.48
N LYS A 76 -7.15 -2.16 -17.92
CA LYS A 76 -6.34 -1.34 -17.04
C LYS A 76 -7.18 -0.77 -15.91
N GLN A 77 -8.37 -0.29 -16.26
CA GLN A 77 -9.29 0.28 -15.29
C GLN A 77 -9.71 -0.79 -14.28
N ALA A 78 -10.05 -1.96 -14.82
CA ALA A 78 -10.48 -3.09 -13.99
C ALA A 78 -9.35 -3.50 -13.05
N VAL A 79 -8.15 -3.67 -13.62
CA VAL A 79 -6.98 -4.05 -12.86
C VAL A 79 -6.74 -3.07 -11.72
N ASP A 80 -6.89 -1.78 -12.01
CA ASP A 80 -6.68 -0.74 -11.01
C ASP A 80 -7.67 -0.91 -9.86
N PHE A 81 -8.94 -1.07 -10.19
CA PHE A 81 -9.98 -1.24 -9.19
C PHE A 81 -9.77 -2.52 -8.40
N LEU A 82 -9.37 -3.58 -9.10
CA LEU A 82 -9.13 -4.86 -8.45
C LEU A 82 -7.91 -4.78 -7.52
N SER A 83 -7.01 -3.84 -7.79
CA SER A 83 -5.84 -3.67 -6.96
C SER A 83 -6.11 -2.66 -5.85
N ASN A 84 -7.12 -1.83 -6.05
CA ASN A 84 -7.49 -0.80 -5.08
C ASN A 84 -8.46 -1.35 -4.03
N GLU A 85 -9.43 -2.13 -4.47
CA GLU A 85 -10.42 -2.71 -3.56
C GLU A 85 -9.87 -3.97 -2.89
N GLY A 86 -8.87 -4.59 -3.51
CA GLY A 86 -8.28 -5.78 -2.95
C GLY A 86 -8.79 -7.05 -3.60
N HIS A 87 -8.16 -7.44 -4.70
CA HIS A 87 -8.54 -8.65 -5.43
C HIS A 87 -7.31 -9.25 -6.12
N ILE A 88 -6.64 -8.43 -6.92
CA ILE A 88 -5.45 -8.87 -7.65
C ILE A 88 -4.25 -8.03 -7.24
N TYR A 89 -3.06 -8.45 -7.66
CA TYR A 89 -1.83 -7.75 -7.33
C TYR A 89 -0.68 -8.17 -8.22
N SER A 90 0.38 -7.38 -8.21
CA SER A 90 1.57 -7.68 -8.98
C SER A 90 2.54 -8.43 -8.08
N THR A 91 3.05 -9.56 -8.56
CA THR A 91 3.96 -10.37 -7.77
C THR A 91 5.38 -9.78 -7.74
N VAL A 92 6.18 -10.13 -8.74
CA VAL A 92 7.56 -9.64 -8.82
C VAL A 92 7.78 -8.87 -10.10
N ASP A 93 6.69 -8.54 -10.79
CA ASP A 93 6.77 -7.80 -12.04
C ASP A 93 5.47 -7.07 -12.30
N ASP A 94 5.55 -5.97 -13.04
CA ASP A 94 4.39 -5.14 -13.38
C ASP A 94 3.31 -5.93 -14.11
N ASP A 95 3.70 -6.67 -15.14
CA ASP A 95 2.77 -7.43 -15.95
C ASP A 95 2.40 -8.75 -15.28
N HIS A 96 3.07 -9.04 -14.17
CA HIS A 96 2.84 -10.27 -13.44
C HIS A 96 1.67 -10.13 -12.47
N PHE A 97 0.46 -10.07 -13.01
CA PHE A 97 -0.74 -9.92 -12.20
C PHE A 97 -1.31 -11.28 -11.80
N LYS A 98 -1.65 -11.39 -10.53
CA LYS A 98 -2.22 -12.62 -9.99
C LYS A 98 -3.37 -12.29 -9.04
N SER A 99 -4.34 -13.19 -8.93
CA SER A 99 -5.48 -12.97 -8.04
C SER A 99 -5.33 -13.75 -6.73
N THR A 100 -4.11 -14.07 -6.37
CA THR A 100 -3.85 -14.80 -5.13
C THR A 100 -3.78 -13.84 -3.95
N ASP A 101 -4.58 -12.77 -4.01
CA ASP A 101 -4.61 -11.77 -2.96
C ASP A 101 -5.90 -11.89 -2.17
N ALA A 102 -7.00 -11.62 -2.84
CA ALA A 102 -8.31 -11.69 -2.20
C ALA A 102 -9.35 -12.16 -3.21
N GLU A 103 -10.53 -12.52 -2.71
CA GLU A 103 -11.60 -12.99 -3.56
C GLU A 103 -12.30 -11.83 -4.24
N GLY B 1 2.02 23.31 23.68
CA GLY B 1 2.74 23.37 24.97
C GLY B 1 4.19 23.80 24.78
N SER B 2 4.92 23.90 25.88
CA SER B 2 6.32 24.32 25.84
C SER B 2 7.21 23.14 25.43
N LYS B 3 6.71 21.92 25.65
CA LYS B 3 7.46 20.72 25.31
C LYS B 3 7.18 20.31 23.88
N VAL B 4 7.85 19.25 23.43
CA VAL B 4 7.66 18.74 22.09
C VAL B 4 6.22 18.27 21.89
N GLU B 5 5.51 18.93 20.98
CA GLU B 5 4.12 18.60 20.70
C GLU B 5 3.97 17.17 20.22
N ASP B 6 3.01 16.46 20.83
CA ASP B 6 2.76 15.07 20.49
C ASP B 6 1.35 14.93 19.90
N PRO B 7 1.22 15.07 18.57
CA PRO B 7 -0.07 14.95 17.90
C PRO B 7 -0.62 13.53 17.99
N LYS B 8 -1.94 13.42 17.89
CA LYS B 8 -2.61 12.13 17.97
C LYS B 8 -3.07 11.71 16.57
N ASP B 9 -2.49 12.34 15.57
CA ASP B 9 -2.83 12.06 14.18
C ASP B 9 -1.71 12.54 13.27
N PHE B 10 -1.86 12.27 11.98
CA PHE B 10 -0.88 12.68 10.99
C PHE B 10 -0.99 14.18 10.72
N PRO B 11 0.06 14.79 10.14
CA PRO B 11 0.03 16.21 9.80
C PRO B 11 -1.02 16.51 8.73
N SER B 12 -1.57 17.72 8.75
CA SER B 12 -2.60 18.12 7.80
C SER B 12 -2.07 18.11 6.36
N GLU B 13 -0.75 18.09 6.24
CA GLU B 13 -0.10 18.09 4.94
C GLU B 13 -0.16 16.70 4.28
N LEU B 14 -0.50 15.68 5.06
CA LEU B 14 -0.57 14.32 4.53
C LEU B 14 -1.94 13.68 4.73
N LEU B 15 -2.77 14.30 5.57
CA LEU B 15 -4.11 13.77 5.86
C LEU B 15 -4.97 13.67 4.60
N SER B 16 -4.67 14.52 3.63
CA SER B 16 -5.40 14.55 2.38
C SER B 16 -5.16 13.30 1.53
N PHE B 17 -4.10 12.56 1.84
CA PHE B 17 -3.75 11.37 1.06
C PHE B 17 -3.98 10.09 1.86
N LEU B 18 -4.61 10.20 3.02
CA LEU B 18 -4.86 9.04 3.87
C LEU B 18 -6.32 8.60 3.76
N SER B 19 -6.59 7.39 4.26
CA SER B 19 -7.95 6.84 4.24
C SER B 19 -8.75 7.37 5.44
N HIS B 20 -8.04 8.05 6.34
CA HIS B 20 -8.62 8.64 7.55
C HIS B 20 -9.03 7.59 8.57
N ALA B 21 -9.96 6.72 8.19
CA ALA B 21 -10.44 5.66 9.08
C ALA B 21 -9.51 4.45 9.05
N VAL B 22 -9.48 3.72 10.16
CA VAL B 22 -8.64 2.53 10.28
C VAL B 22 -9.47 1.26 10.12
N PHE B 23 -10.45 1.08 11.00
CA PHE B 23 -11.29 -0.10 10.96
C PHE B 23 -12.41 0.06 9.94
N SER B 24 -12.12 -0.35 8.72
CA SER B 24 -13.07 -0.29 7.62
C SER B 24 -12.72 -1.36 6.59
N ASN B 25 -13.64 -1.64 5.67
CA ASN B 25 -13.41 -2.65 4.64
C ASN B 25 -12.55 -2.07 3.53
N ARG B 26 -11.38 -1.57 3.91
CA ARG B 26 -10.46 -0.97 2.96
C ARG B 26 -9.23 -1.86 2.80
N THR B 27 -9.30 -2.77 1.85
CA THR B 27 -8.18 -3.67 1.58
C THR B 27 -7.10 -2.95 0.78
N LEU B 28 -6.21 -2.27 1.49
CA LEU B 28 -5.14 -1.52 0.85
C LEU B 28 -3.83 -2.29 0.86
N ALA B 29 -2.83 -1.71 0.24
CA ALA B 29 -1.51 -2.32 0.16
C ALA B 29 -0.45 -1.31 0.58
N CYS B 30 -0.88 -0.11 0.92
CA CYS B 30 0.03 0.96 1.33
C CYS B 30 -0.42 1.54 2.67
N PHE B 31 0.48 1.58 3.63
CA PHE B 31 0.16 2.09 4.96
C PHE B 31 1.29 2.95 5.50
N ALA B 32 0.96 3.85 6.41
CA ALA B 32 1.94 4.73 7.02
C ALA B 32 1.80 4.70 8.54
N ILE B 33 2.93 4.74 9.22
CA ILE B 33 2.94 4.72 10.68
C ILE B 33 3.66 5.94 11.26
N TYR B 34 2.89 6.81 11.89
CA TYR B 34 3.43 8.00 12.51
C TYR B 34 3.86 7.67 13.94
N THR B 35 5.17 7.62 14.17
CA THR B 35 5.69 7.28 15.49
C THR B 35 7.05 7.94 15.75
N THR B 36 7.77 7.41 16.71
CA THR B 36 9.09 7.91 17.05
C THR B 36 10.13 7.31 16.11
N LYS B 37 11.23 8.02 15.89
CA LYS B 37 12.30 7.54 15.01
C LYS B 37 12.83 6.18 15.45
N GLU B 38 12.86 5.95 16.76
CA GLU B 38 13.34 4.69 17.32
C GLU B 38 12.35 3.56 17.00
N LYS B 39 11.07 3.87 17.17
CA LYS B 39 10.00 2.90 16.92
C LYS B 39 9.95 2.50 15.45
N ALA B 40 10.03 3.50 14.58
CA ALA B 40 9.99 3.28 13.14
C ALA B 40 11.22 2.49 12.68
N ALA B 41 12.29 2.57 13.46
CA ALA B 41 13.52 1.87 13.13
C ALA B 41 13.36 0.37 13.39
N LEU B 42 12.61 0.03 14.44
CA LEU B 42 12.37 -1.36 14.78
C LEU B 42 11.39 -2.00 13.80
N LEU B 43 10.31 -1.27 13.51
CA LEU B 43 9.30 -1.74 12.59
C LEU B 43 9.85 -1.83 11.17
N TYR B 44 10.90 -1.06 10.90
CA TYR B 44 11.55 -1.03 9.59
C TYR B 44 11.98 -2.42 9.16
N LYS B 45 12.47 -3.23 10.10
CA LYS B 45 12.90 -4.58 9.80
C LYS B 45 11.80 -5.59 10.07
N LYS B 46 10.98 -5.31 11.09
CA LYS B 46 9.90 -6.22 11.46
C LYS B 46 8.88 -6.37 10.33
N ILE B 47 8.37 -5.25 9.86
CA ILE B 47 7.38 -5.25 8.79
C ILE B 47 8.00 -5.67 7.47
N MET B 48 9.29 -5.37 7.31
CA MET B 48 10.03 -5.69 6.09
C MET B 48 9.88 -7.16 5.70
N GLU B 49 10.11 -8.07 6.65
CA GLU B 49 10.02 -9.50 6.37
C GLU B 49 8.66 -10.07 6.72
N LYS B 50 7.99 -9.48 7.72
CA LYS B 50 6.69 -9.97 8.14
C LYS B 50 5.64 -9.82 7.03
N TYR B 51 5.69 -8.70 6.33
CA TYR B 51 4.74 -8.44 5.27
C TYR B 51 5.40 -8.46 3.89
N SER B 52 6.72 -8.68 3.88
CA SER B 52 7.49 -8.73 2.63
C SER B 52 7.23 -7.46 1.80
N VAL B 53 7.34 -6.31 2.46
CA VAL B 53 7.09 -5.02 1.83
C VAL B 53 7.98 -4.82 0.60
N THR B 54 7.38 -4.32 -0.47
CA THR B 54 8.10 -4.05 -1.69
C THR B 54 8.89 -2.75 -1.55
N PHE B 55 8.46 -1.92 -0.62
CA PHE B 55 9.11 -0.65 -0.35
C PHE B 55 8.86 -0.23 1.09
N ILE B 56 9.91 0.11 1.79
CA ILE B 56 9.82 0.57 3.16
C ILE B 56 10.79 1.74 3.36
N SER B 57 10.33 2.81 3.97
CA SER B 57 11.17 3.98 4.17
C SER B 57 10.76 4.77 5.40
N ARG B 58 11.73 5.42 6.03
CA ARG B 58 11.51 6.25 7.20
C ARG B 58 11.68 7.70 6.81
N HIS B 59 10.69 8.52 7.09
CA HIS B 59 10.75 9.93 6.74
C HIS B 59 10.52 10.83 7.94
N ASN B 60 11.31 11.89 8.03
CA ASN B 60 11.20 12.84 9.13
C ASN B 60 10.06 13.80 8.84
N SER B 61 9.30 14.16 9.86
CA SER B 61 8.19 15.08 9.65
C SER B 61 8.45 16.41 10.34
N TYR B 62 8.06 16.51 11.60
CA TYR B 62 8.25 17.72 12.37
C TYR B 62 8.85 17.40 13.73
N ASN B 63 8.12 16.59 14.50
CA ASN B 63 8.57 16.19 15.83
C ASN B 63 8.65 14.68 15.96
N HIS B 64 8.30 13.98 14.88
CA HIS B 64 8.31 12.52 14.88
C HIS B 64 8.77 11.97 13.54
N ASN B 65 8.65 10.68 13.37
CA ASN B 65 9.05 10.02 12.14
C ASN B 65 7.89 9.25 11.55
N ILE B 66 7.83 9.19 10.23
CA ILE B 66 6.75 8.49 9.55
C ILE B 66 7.29 7.30 8.77
N LEU B 67 6.81 6.11 9.12
CA LEU B 67 7.20 4.89 8.44
C LEU B 67 6.28 4.64 7.27
N PHE B 68 6.82 4.72 6.07
CA PHE B 68 6.04 4.50 4.85
C PHE B 68 6.41 3.17 4.24
N PHE B 69 5.43 2.29 4.08
CA PHE B 69 5.70 0.98 3.51
C PHE B 69 4.56 0.49 2.61
N LEU B 70 4.94 -0.20 1.55
CA LEU B 70 3.99 -0.76 0.60
C LEU B 70 4.14 -2.27 0.56
N THR B 71 3.03 -2.97 0.40
CA THR B 71 3.05 -4.42 0.37
C THR B 71 2.44 -4.96 -0.91
N PRO B 72 2.95 -6.09 -1.42
CA PRO B 72 2.43 -6.71 -2.63
C PRO B 72 1.07 -7.35 -2.39
N HIS B 73 0.82 -7.76 -1.16
CA HIS B 73 -0.44 -8.39 -0.79
C HIS B 73 -1.36 -7.36 -0.14
N ARG B 74 -2.64 -7.45 -0.47
CA ARG B 74 -3.63 -6.53 0.07
C ARG B 74 -4.10 -6.97 1.44
N HIS B 75 -4.46 -5.99 2.27
CA HIS B 75 -4.96 -6.24 3.62
C HIS B 75 -5.67 -5.01 4.13
N ARG B 76 -6.72 -5.22 4.89
CA ARG B 76 -7.48 -4.12 5.45
C ARG B 76 -6.68 -3.40 6.52
N VAL B 77 -6.90 -2.09 6.65
CA VAL B 77 -6.20 -1.28 7.64
C VAL B 77 -6.42 -1.84 9.04
N SER B 78 -7.59 -2.43 9.26
CA SER B 78 -7.94 -3.01 10.54
C SER B 78 -7.01 -4.18 10.90
N ALA B 79 -6.56 -4.91 9.88
CA ALA B 79 -5.68 -6.04 10.09
C ALA B 79 -4.23 -5.60 10.21
N ILE B 80 -3.93 -4.43 9.67
CA ILE B 80 -2.58 -3.89 9.70
C ILE B 80 -2.30 -3.21 11.04
N ASN B 81 -3.21 -2.33 11.46
CA ASN B 81 -3.05 -1.61 12.72
C ASN B 81 -3.02 -2.57 13.90
N ASN B 82 -3.63 -3.74 13.71
CA ASN B 82 -3.67 -4.76 14.75
C ASN B 82 -2.26 -5.21 15.13
N TYR B 83 -1.36 -5.19 14.15
CA TYR B 83 0.02 -5.59 14.36
C TYR B 83 0.86 -4.39 14.79
N ALA B 84 0.45 -3.20 14.37
CA ALA B 84 1.17 -1.97 14.69
C ALA B 84 0.85 -1.47 16.10
N GLN B 85 -0.43 -1.37 16.43
CA GLN B 85 -0.88 -0.90 17.74
C GLN B 85 -0.39 -1.83 18.85
N LYS B 86 0.02 -3.02 18.45
CA LYS B 86 0.53 -4.03 19.37
C LYS B 86 1.80 -3.53 20.09
N LEU B 87 2.48 -2.57 19.47
CA LEU B 87 3.70 -2.02 20.04
C LEU B 87 3.43 -0.70 20.74
N CYS B 88 2.19 -0.44 21.09
CA CYS B 88 1.80 0.80 21.76
C CYS B 88 2.00 0.70 23.26
N THR B 89 3.05 0.02 23.68
CA THR B 89 3.35 -0.16 25.08
C THR B 89 4.33 0.90 25.58
N PHE B 90 5.45 1.04 24.87
CA PHE B 90 6.49 1.98 25.27
C PHE B 90 6.32 3.35 24.60
N SER B 91 5.28 3.50 23.79
CA SER B 91 5.03 4.76 23.10
C SER B 91 3.74 4.71 22.30
N PHE B 92 3.31 5.86 21.80
CA PHE B 92 2.09 5.95 21.00
C PHE B 92 2.35 5.40 19.60
N LEU B 93 1.30 5.32 18.79
CA LEU B 93 1.42 4.82 17.43
C LEU B 93 0.20 5.19 16.62
N ILE B 94 0.42 5.89 15.50
CA ILE B 94 -0.66 6.29 14.62
C ILE B 94 -0.47 5.65 13.26
N CYS B 95 -1.13 4.53 13.04
CA CYS B 95 -1.04 3.82 11.77
C CYS B 95 -2.36 3.93 11.02
N LYS B 96 -2.28 4.37 9.77
CA LYS B 96 -3.47 4.52 8.94
C LYS B 96 -3.16 4.12 7.50
N GLY B 97 -4.21 3.86 6.74
CA GLY B 97 -4.05 3.46 5.36
C GLY B 97 -3.84 4.65 4.45
N VAL B 98 -3.04 4.47 3.41
CA VAL B 98 -2.76 5.54 2.47
C VAL B 98 -3.59 5.35 1.20
N ASN B 99 -4.24 6.41 0.76
CA ASN B 99 -5.08 6.35 -0.43
C ASN B 99 -4.27 6.64 -1.68
N LYS B 100 -3.22 7.43 -1.52
CA LYS B 100 -2.33 7.78 -2.64
C LYS B 100 -0.88 7.71 -2.19
N GLU B 101 -0.26 6.58 -2.47
CA GLU B 101 1.13 6.31 -2.08
C GLU B 101 2.10 7.26 -2.79
N TYR B 102 2.04 7.27 -4.11
CA TYR B 102 2.92 8.11 -4.91
C TYR B 102 2.78 9.57 -4.52
N LEU B 103 1.56 10.01 -4.28
CA LEU B 103 1.29 11.39 -3.90
C LEU B 103 1.84 11.69 -2.50
N MET B 104 1.59 10.79 -1.57
CA MET B 104 2.05 10.97 -0.20
C MET B 104 3.58 10.97 -0.14
N TYR B 105 4.20 10.06 -0.89
CA TYR B 105 5.66 9.96 -0.92
C TYR B 105 6.26 11.24 -1.47
N SER B 106 5.58 11.85 -2.44
CA SER B 106 6.06 13.09 -3.04
C SER B 106 6.11 14.19 -1.99
N ALA B 107 5.13 14.23 -1.11
CA ALA B 107 5.07 15.22 -0.06
C ALA B 107 6.12 14.90 1.01
N LEU B 108 6.49 13.63 1.09
CA LEU B 108 7.48 13.16 2.06
C LEU B 108 8.90 13.41 1.55
N THR B 109 9.01 14.11 0.43
CA THR B 109 10.31 14.43 -0.16
C THR B 109 10.40 15.91 -0.46
N ARG B 110 9.99 16.73 0.50
CA ARG B 110 9.99 18.18 0.34
C ARG B 110 10.86 18.84 1.41
N ASP B 111 10.62 20.11 1.67
CA ASP B 111 11.39 20.86 2.67
C ASP B 111 11.20 20.32 4.09
N PRO B 112 9.95 20.24 4.61
CA PRO B 112 9.70 19.73 5.95
C PRO B 112 9.98 18.24 6.10
N PHE B 113 9.30 17.44 5.28
CA PHE B 113 9.46 16.00 5.31
C PHE B 113 10.76 15.57 4.64
N SER B 114 11.66 14.99 5.42
CA SER B 114 12.95 14.56 4.93
C SER B 114 13.01 13.04 4.76
N VAL B 115 14.07 12.56 4.12
CA VAL B 115 14.25 11.13 3.89
C VAL B 115 15.49 10.60 4.60
N ILE B 116 15.35 9.45 5.25
CA ILE B 116 16.48 8.84 5.95
C ILE B 116 17.00 7.63 5.19
N GLU B 117 16.22 6.56 5.20
CA GLU B 117 16.57 5.32 4.52
C GLU B 117 15.36 4.76 3.79
N GLU B 118 15.62 3.98 2.75
CA GLU B 118 14.56 3.35 1.97
C GLU B 118 15.09 2.06 1.35
N SER B 119 14.20 1.10 1.11
CA SER B 119 14.60 -0.18 0.53
C SER B 119 14.75 -0.09 -0.99
N LEU B 120 14.19 0.95 -1.59
CA LEU B 120 14.27 1.14 -3.03
C LEU B 120 15.26 2.24 -3.37
N PRO B 121 15.94 2.13 -4.52
CA PRO B 121 16.91 3.13 -4.96
C PRO B 121 16.27 4.31 -5.68
N GLY B 122 15.63 5.20 -4.92
CA GLY B 122 15.01 6.36 -5.53
C GLY B 122 13.56 6.53 -5.17
N GLY B 123 13.07 5.70 -4.25
CA GLY B 123 11.70 5.79 -3.83
C GLY B 123 10.76 4.97 -4.70
N LEU B 124 9.48 5.31 -4.63
CA LEU B 124 8.46 4.62 -5.41
C LEU B 124 8.44 5.09 -6.85
N LYS B 125 8.16 4.17 -7.76
CA LYS B 125 8.09 4.49 -9.17
C LYS B 125 6.95 3.72 -9.81
N GLU B 126 6.79 3.86 -11.11
CA GLU B 126 5.73 3.17 -11.84
C GLU B 126 6.08 1.71 -12.10
N HIS B 127 7.12 1.22 -11.43
CA HIS B 127 7.54 -0.17 -11.58
C HIS B 127 6.96 -1.01 -10.44
N ASP B 128 6.49 -0.33 -9.41
CA ASP B 128 5.91 -1.01 -8.25
C ASP B 128 4.42 -1.22 -8.45
N PHE B 129 3.71 -0.11 -8.63
CA PHE B 129 2.28 -0.17 -8.85
C PHE B 129 1.95 0.24 -10.28
N ASN B 130 0.79 -0.19 -10.75
CA ASN B 130 0.36 0.12 -12.11
C ASN B 130 -0.97 0.88 -12.08
N PRO B 131 -0.91 2.21 -11.95
CA PRO B 131 -2.09 3.05 -11.93
C PRO B 131 -2.45 3.52 -13.34
N ALA A 35 14.58 -4.71 -16.71
CA ALA A 35 13.50 -3.74 -17.01
C ALA A 35 12.15 -4.30 -16.62
N ASN A 36 11.73 -5.37 -17.29
CA ASN A 36 10.45 -6.00 -17.00
C ASN A 36 10.65 -7.18 -16.05
N GLY A 37 9.99 -7.13 -14.91
CA GLY A 37 10.12 -8.19 -13.93
C GLY A 37 9.01 -9.22 -14.03
N LEU A 38 8.17 -9.07 -15.03
CA LEU A 38 7.06 -9.99 -15.25
C LEU A 38 7.34 -10.88 -16.45
N THR A 39 6.56 -11.94 -16.57
CA THR A 39 6.69 -12.87 -17.68
C THR A 39 5.63 -12.58 -18.72
N VAL A 40 5.77 -13.16 -19.92
CA VAL A 40 4.81 -12.95 -21.00
C VAL A 40 3.39 -13.29 -20.54
N ALA A 41 3.27 -14.37 -19.80
CA ALA A 41 1.97 -14.82 -19.30
C ALA A 41 1.37 -13.79 -18.35
N GLN A 42 2.18 -13.30 -17.43
CA GLN A 42 1.73 -12.30 -16.45
C GLN A 42 1.44 -10.96 -17.12
N ASN A 43 2.29 -10.59 -18.07
CA ASN A 43 2.13 -9.33 -18.79
C ASN A 43 0.78 -9.27 -19.50
N GLN A 44 0.43 -10.35 -20.18
CA GLN A 44 -0.84 -10.42 -20.89
C GLN A 44 -2.02 -10.31 -19.93
N VAL A 45 -1.95 -11.05 -18.83
CA VAL A 45 -3.00 -11.05 -17.82
C VAL A 45 -3.19 -9.65 -17.23
N LEU A 46 -2.10 -9.06 -16.79
CA LEU A 46 -2.13 -7.73 -16.18
C LEU A 46 -2.61 -6.67 -17.16
N ASN A 47 -2.10 -6.75 -18.39
CA ASN A 47 -2.46 -5.79 -19.42
C ASN A 47 -3.95 -5.88 -19.78
N LEU A 48 -4.47 -7.10 -19.84
CA LEU A 48 -5.87 -7.34 -20.19
C LEU A 48 -6.82 -6.68 -19.19
N ILE A 49 -6.39 -6.57 -17.94
CA ILE A 49 -7.23 -5.96 -16.91
C ILE A 49 -7.49 -4.48 -17.20
N LYS A 50 -6.44 -3.75 -17.56
CA LYS A 50 -6.60 -2.33 -17.88
C LYS A 50 -7.03 -2.13 -19.33
N ALA A 51 -6.90 -3.17 -20.12
CA ALA A 51 -7.29 -3.12 -21.52
C ALA A 51 -8.78 -3.42 -21.66
N CYS A 52 -9.38 -3.85 -20.56
CA CYS A 52 -10.79 -4.18 -20.52
C CYS A 52 -11.62 -2.90 -20.50
N PRO A 53 -12.64 -2.80 -21.37
CA PRO A 53 -13.52 -1.64 -21.46
C PRO A 53 -14.66 -1.69 -20.43
N ARG A 54 -14.39 -2.33 -19.30
CA ARG A 54 -15.39 -2.46 -18.24
C ARG A 54 -15.06 -1.52 -17.09
N PRO A 55 -16.10 -0.91 -16.49
CA PRO A 55 -15.94 0.01 -15.36
C PRO A 55 -15.45 -0.71 -14.11
N GLU A 56 -15.74 -2.00 -14.02
CA GLU A 56 -15.32 -2.79 -12.88
C GLU A 56 -13.91 -3.33 -13.07
N GLY A 57 -13.46 -3.34 -14.31
CA GLY A 57 -12.14 -3.85 -14.64
C GLY A 57 -12.20 -5.25 -15.19
N LEU A 58 -11.54 -6.17 -14.53
CA LEU A 58 -11.55 -7.55 -14.97
C LEU A 58 -11.73 -8.47 -13.77
N ASN A 59 -12.97 -8.93 -13.58
CA ASN A 59 -13.31 -9.81 -12.47
C ASN A 59 -12.55 -11.13 -12.55
N PHE A 60 -12.49 -11.84 -11.43
CA PHE A 60 -11.78 -13.12 -11.39
C PHE A 60 -12.44 -14.12 -12.34
N GLN A 61 -13.77 -14.03 -12.43
CA GLN A 61 -14.53 -14.91 -13.31
C GLN A 61 -14.32 -14.52 -14.77
N ASP A 62 -14.02 -13.25 -15.00
CA ASP A 62 -13.80 -12.73 -16.35
C ASP A 62 -12.40 -13.07 -16.82
N LEU A 63 -11.45 -13.01 -15.88
CA LEU A 63 -10.05 -13.32 -16.18
C LEU A 63 -9.91 -14.71 -16.77
N LYS A 64 -10.52 -15.69 -16.11
CA LYS A 64 -10.45 -17.07 -16.56
C LYS A 64 -11.47 -17.35 -17.67
N ASN A 65 -12.20 -16.32 -18.07
CA ASN A 65 -13.20 -16.45 -19.12
C ASN A 65 -12.61 -15.97 -20.44
N GLN A 66 -11.93 -14.83 -20.38
CA GLN A 66 -11.31 -14.25 -21.57
C GLN A 66 -10.01 -14.98 -21.89
N LEU A 67 -9.37 -15.52 -20.87
CA LEU A 67 -8.13 -16.25 -21.04
C LEU A 67 -8.32 -17.70 -20.58
N LYS A 68 -9.06 -18.46 -21.38
CA LYS A 68 -9.36 -19.85 -21.07
C LYS A 68 -8.09 -20.72 -21.02
N HIS A 69 -7.02 -20.24 -21.64
CA HIS A 69 -5.76 -20.98 -21.65
C HIS A 69 -5.05 -20.86 -20.30
N MET A 70 -5.65 -20.10 -19.40
CA MET A 70 -5.09 -19.90 -18.07
C MET A 70 -6.00 -20.55 -17.03
N SER A 71 -5.42 -21.38 -16.17
CA SER A 71 -6.18 -22.05 -15.13
C SER A 71 -6.36 -21.14 -13.93
N VAL A 72 -7.25 -21.51 -13.02
CA VAL A 72 -7.51 -20.71 -11.83
C VAL A 72 -6.23 -20.56 -11.01
N SER A 73 -5.46 -21.65 -10.93
CA SER A 73 -4.20 -21.65 -10.20
C SER A 73 -3.22 -20.63 -10.79
N SER A 74 -3.14 -20.63 -12.12
CA SER A 74 -2.26 -19.70 -12.84
C SER A 74 -2.67 -18.27 -12.58
N ILE A 75 -3.96 -18.01 -12.62
CA ILE A 75 -4.49 -16.68 -12.37
C ILE A 75 -4.21 -16.28 -10.92
N LYS A 76 -4.43 -17.22 -10.00
CA LYS A 76 -4.20 -16.98 -8.58
C LYS A 76 -2.75 -16.59 -8.32
N GLN A 77 -1.82 -17.31 -8.96
CA GLN A 77 -0.40 -17.04 -8.81
C GLN A 77 -0.07 -15.63 -9.25
N ALA A 78 -0.62 -15.24 -10.40
CA ALA A 78 -0.39 -13.90 -10.93
C ALA A 78 -0.98 -12.83 -10.02
N VAL A 79 -2.22 -13.04 -9.59
CA VAL A 79 -2.91 -12.10 -8.72
C VAL A 79 -2.08 -11.75 -7.48
N ASP A 80 -1.48 -12.77 -6.86
CA ASP A 80 -0.67 -12.55 -5.67
C ASP A 80 0.56 -11.70 -5.98
N PHE A 81 1.28 -12.08 -7.03
CA PHE A 81 2.48 -11.37 -7.44
C PHE A 81 2.15 -9.94 -7.91
N LEU A 82 1.07 -9.81 -8.67
CA LEU A 82 0.65 -8.52 -9.19
C LEU A 82 0.26 -7.57 -8.05
N SER A 83 -0.10 -8.12 -6.91
CA SER A 83 -0.47 -7.30 -5.77
C SER A 83 0.77 -6.80 -5.05
N ASN A 84 1.72 -7.71 -4.85
CA ASN A 84 2.98 -7.38 -4.16
C ASN A 84 3.83 -6.42 -4.99
N GLU A 85 3.77 -6.57 -6.31
CA GLU A 85 4.54 -5.70 -7.20
C GLU A 85 3.76 -4.43 -7.52
N GLY A 86 2.70 -4.18 -6.76
CA GLY A 86 1.88 -3.00 -6.94
C GLY A 86 1.37 -2.83 -8.36
N HIS A 87 0.60 -3.81 -8.83
CA HIS A 87 0.05 -3.75 -10.18
C HIS A 87 -1.48 -3.72 -10.13
N ILE A 88 -2.08 -4.72 -9.52
CA ILE A 88 -3.53 -4.80 -9.42
C ILE A 88 -4.03 -4.36 -8.04
N TYR A 89 -5.31 -4.03 -7.98
CA TYR A 89 -5.94 -3.58 -6.74
C TYR A 89 -7.46 -3.60 -6.89
N SER A 90 -8.16 -3.57 -5.77
CA SER A 90 -9.61 -3.55 -5.79
C SER A 90 -10.12 -2.13 -5.57
N THR A 91 -11.42 -1.95 -5.65
CA THR A 91 -12.02 -0.64 -5.46
C THR A 91 -13.22 -0.72 -4.51
N VAL A 92 -14.42 -0.54 -5.05
CA VAL A 92 -15.65 -0.58 -4.26
C VAL A 92 -16.24 -1.99 -4.26
N ASP A 93 -15.39 -2.98 -4.40
CA ASP A 93 -15.82 -4.37 -4.43
C ASP A 93 -14.62 -5.28 -4.21
N ASP A 94 -14.87 -6.48 -3.68
CA ASP A 94 -13.80 -7.43 -3.42
C ASP A 94 -13.28 -8.06 -4.70
N ASP A 95 -14.13 -8.07 -5.73
CA ASP A 95 -13.75 -8.64 -7.01
C ASP A 95 -13.56 -7.55 -8.06
N HIS A 96 -13.53 -6.31 -7.60
CA HIS A 96 -13.35 -5.16 -8.49
C HIS A 96 -11.87 -4.98 -8.81
N PHE A 97 -11.32 -5.96 -9.51
CA PHE A 97 -9.91 -5.94 -9.88
C PHE A 97 -9.61 -4.94 -11.00
N LYS A 98 -8.79 -3.95 -10.69
CA LYS A 98 -8.39 -2.93 -11.64
C LYS A 98 -6.88 -2.72 -11.57
N SER A 99 -6.29 -2.21 -12.63
CA SER A 99 -4.85 -1.97 -12.64
C SER A 99 -4.52 -0.65 -13.33
N THR A 100 -3.82 0.22 -12.63
CA THR A 100 -3.42 1.50 -13.20
C THR A 100 -2.16 1.33 -14.04
N ASP A 101 -1.34 0.37 -13.64
CA ASP A 101 -0.09 0.09 -14.35
C ASP A 101 -0.09 -1.32 -14.91
N ALA A 102 0.33 -1.44 -16.15
CA ALA A 102 0.39 -2.73 -16.83
C ALA A 102 1.35 -2.62 -18.00
N GLU A 103 2.27 -1.68 -17.89
CA GLU A 103 3.26 -1.42 -18.92
C GLU A 103 4.50 -0.81 -18.28
N GLY B 1 20.62 8.91 24.78
CA GLY B 1 21.34 10.10 25.27
C GLY B 1 20.77 10.61 26.57
N SER B 2 19.83 11.54 26.48
CA SER B 2 19.20 12.12 27.66
C SER B 2 17.75 12.48 27.37
N LYS B 3 17.52 13.08 26.22
CA LYS B 3 16.18 13.47 25.80
C LYS B 3 15.56 12.38 24.93
N VAL B 4 14.45 12.71 24.29
CA VAL B 4 13.79 11.75 23.41
C VAL B 4 14.61 11.52 22.14
N GLU B 5 15.00 10.26 21.93
CA GLU B 5 15.79 9.91 20.77
C GLU B 5 14.91 9.88 19.52
N ASP B 6 15.31 10.64 18.52
CA ASP B 6 14.57 10.70 17.26
C ASP B 6 15.18 9.76 16.24
N PRO B 7 14.50 8.65 15.93
CA PRO B 7 14.97 7.67 14.97
C PRO B 7 15.12 8.26 13.57
N LYS B 8 15.97 7.65 12.76
CA LYS B 8 16.19 8.11 11.41
C LYS B 8 15.45 7.24 10.42
N ASP B 9 14.92 6.13 10.92
CA ASP B 9 14.17 5.20 10.11
C ASP B 9 13.20 4.40 10.97
N PHE B 10 12.55 3.42 10.37
CA PHE B 10 11.59 2.59 11.08
C PHE B 10 12.31 1.55 11.93
N PRO B 11 11.66 1.08 13.00
CA PRO B 11 12.25 0.06 13.88
C PRO B 11 12.43 -1.27 13.17
N SER B 12 13.39 -2.06 13.62
CA SER B 12 13.68 -3.36 13.03
C SER B 12 12.44 -4.26 12.99
N GLU B 13 11.56 -4.06 13.97
CA GLU B 13 10.33 -4.83 14.09
C GLU B 13 9.40 -4.64 12.88
N LEU B 14 9.52 -3.50 12.21
CA LEU B 14 8.68 -3.22 11.06
C LEU B 14 9.48 -3.28 9.75
N LEU B 15 10.80 -3.16 9.86
CA LEU B 15 11.67 -3.20 8.68
C LEU B 15 11.55 -4.51 7.93
N SER B 16 11.04 -5.54 8.60
CA SER B 16 10.89 -6.85 8.00
C SER B 16 9.85 -6.86 6.86
N PHE B 17 8.91 -5.92 6.90
CA PHE B 17 7.87 -5.88 5.87
C PHE B 17 7.92 -4.60 5.05
N LEU B 18 9.03 -3.88 5.14
CA LEU B 18 9.18 -2.63 4.41
C LEU B 18 10.01 -2.83 3.15
N SER B 19 9.70 -2.06 2.11
CA SER B 19 10.42 -2.14 0.84
C SER B 19 11.83 -1.59 0.99
N HIS B 20 12.03 -0.77 2.02
CA HIS B 20 13.33 -0.14 2.33
C HIS B 20 13.64 1.00 1.38
N ALA B 21 13.41 0.78 0.08
CA ALA B 21 13.67 1.79 -0.93
C ALA B 21 12.68 2.95 -0.84
N VAL B 22 13.14 4.13 -1.23
CA VAL B 22 12.31 5.32 -1.21
C VAL B 22 12.08 5.82 -2.63
N PHE B 23 13.05 5.57 -3.49
CA PHE B 23 12.96 5.98 -4.88
C PHE B 23 12.81 4.76 -5.79
N SER B 24 12.07 3.78 -5.30
CA SER B 24 11.83 2.54 -6.03
C SER B 24 11.12 2.79 -7.36
N ASN B 25 11.48 2.01 -8.37
CA ASN B 25 10.87 2.12 -9.69
C ASN B 25 9.54 1.39 -9.71
N ARG B 26 9.46 0.31 -8.94
CA ARG B 26 8.25 -0.48 -8.86
C ARG B 26 7.13 0.31 -8.19
N THR B 27 5.96 0.32 -8.82
CA THR B 27 4.81 1.01 -8.30
C THR B 27 4.33 0.32 -7.02
N LEU B 28 4.04 1.10 -6.00
CA LEU B 28 3.59 0.54 -4.73
C LEU B 28 2.19 1.03 -4.39
N ALA B 29 1.57 0.37 -3.43
CA ALA B 29 0.22 0.71 -3.01
C ALA B 29 0.18 1.21 -1.57
N CYS B 30 0.94 0.58 -0.69
CA CYS B 30 0.94 0.98 0.72
C CYS B 30 2.23 1.71 1.08
N PHE B 31 2.09 2.74 1.89
CA PHE B 31 3.23 3.54 2.33
C PHE B 31 3.10 3.83 3.83
N ALA B 32 4.24 3.88 4.51
CA ALA B 32 4.25 4.16 5.93
C ALA B 32 5.10 5.39 6.21
N ILE B 33 4.63 6.24 7.10
CA ILE B 33 5.35 7.47 7.44
C ILE B 33 5.58 7.59 8.95
N TYR B 34 6.83 7.50 9.35
CA TYR B 34 7.20 7.64 10.76
C TYR B 34 7.41 9.12 11.05
N THR B 35 6.52 9.71 11.84
CA THR B 35 6.61 11.13 12.17
C THR B 35 6.12 11.43 13.57
N THR B 36 5.93 12.70 13.86
CA THR B 36 5.43 13.14 15.14
C THR B 36 3.92 12.92 15.18
N LYS B 37 3.36 12.75 16.37
CA LYS B 37 1.92 12.51 16.51
C LYS B 37 1.11 13.67 15.95
N GLU B 38 1.67 14.87 16.06
CA GLU B 38 1.03 16.08 15.56
C GLU B 38 1.08 16.12 14.04
N LYS B 39 2.21 15.72 13.49
CA LYS B 39 2.42 15.70 12.05
C LYS B 39 1.56 14.63 11.40
N ALA B 40 1.50 13.47 12.03
CA ALA B 40 0.70 12.36 11.53
C ALA B 40 -0.78 12.71 11.54
N ALA B 41 -1.18 13.56 12.48
CA ALA B 41 -2.57 14.00 12.59
C ALA B 41 -2.95 14.83 11.37
N LEU B 42 -2.05 15.72 10.96
CA LEU B 42 -2.28 16.57 9.80
C LEU B 42 -2.26 15.73 8.52
N LEU B 43 -1.29 14.83 8.44
CA LEU B 43 -1.14 13.96 7.27
C LEU B 43 -2.35 13.04 7.12
N TYR B 44 -2.95 12.65 8.24
CA TYR B 44 -4.11 11.77 8.26
C TYR B 44 -5.25 12.33 7.42
N LYS B 45 -5.47 13.64 7.52
CA LYS B 45 -6.54 14.28 6.78
C LYS B 45 -6.06 14.77 5.41
N LYS B 46 -4.83 15.27 5.36
CA LYS B 46 -4.26 15.79 4.12
C LYS B 46 -4.15 14.69 3.06
N ILE B 47 -3.48 13.60 3.40
CA ILE B 47 -3.27 12.49 2.47
C ILE B 47 -4.57 11.75 2.17
N MET B 48 -5.48 11.74 3.15
CA MET B 48 -6.78 11.07 3.02
C MET B 48 -7.47 11.35 1.69
N GLU B 49 -7.82 12.61 1.46
CA GLU B 49 -8.51 12.98 0.22
C GLU B 49 -7.54 13.49 -0.84
N LYS B 50 -6.25 13.34 -0.59
CA LYS B 50 -5.24 13.77 -1.54
C LYS B 50 -4.96 12.66 -2.54
N TYR B 51 -4.84 11.45 -2.03
CA TYR B 51 -4.57 10.30 -2.89
C TYR B 51 -5.73 9.31 -2.85
N SER B 52 -6.82 9.71 -2.20
CA SER B 52 -8.01 8.87 -2.06
C SER B 52 -7.65 7.54 -1.43
N VAL B 53 -7.12 7.60 -0.21
CA VAL B 53 -6.72 6.40 0.50
C VAL B 53 -7.93 5.58 0.94
N THR B 54 -7.93 4.31 0.55
CA THR B 54 -9.02 3.42 0.90
C THR B 54 -8.91 3.01 2.36
N PHE B 55 -7.68 3.06 2.87
CA PHE B 55 -7.41 2.72 4.26
C PHE B 55 -6.30 3.60 4.81
N ILE B 56 -6.56 4.18 5.96
CA ILE B 56 -5.59 5.04 6.62
C ILE B 56 -5.71 4.85 8.12
N SER B 57 -4.59 4.91 8.83
CA SER B 57 -4.59 4.72 10.26
C SER B 57 -3.33 5.30 10.90
N ARG B 58 -3.41 5.55 12.20
CA ARG B 58 -2.30 6.06 12.97
C ARG B 58 -1.94 5.06 14.05
N HIS B 59 -0.73 4.51 13.98
CA HIS B 59 -0.30 3.52 14.96
C HIS B 59 0.86 4.03 15.79
N ASN B 60 0.94 3.58 17.03
CA ASN B 60 2.01 3.98 17.93
C ASN B 60 3.26 3.14 17.69
N SER B 61 4.36 3.51 18.34
CA SER B 61 5.59 2.77 18.18
C SER B 61 6.41 2.82 19.47
N TYR B 62 7.18 3.88 19.64
CA TYR B 62 8.03 4.05 20.81
C TYR B 62 8.00 5.49 21.30
N ASN B 63 8.51 6.39 20.46
CA ASN B 63 8.55 7.81 20.84
C ASN B 63 7.79 8.68 19.85
N HIS B 64 7.20 8.08 18.81
CA HIS B 64 6.49 8.85 17.81
C HIS B 64 5.26 8.12 17.28
N ASN B 65 4.67 8.67 16.23
CA ASN B 65 3.48 8.10 15.62
C ASN B 65 3.78 7.62 14.21
N ILE B 66 3.22 6.49 13.84
CA ILE B 66 3.43 5.92 12.51
C ILE B 66 2.15 5.99 11.69
N LEU B 67 2.21 6.71 10.57
CA LEU B 67 1.07 6.84 9.69
C LEU B 67 1.07 5.69 8.70
N PHE B 68 -0.03 4.96 8.66
CA PHE B 68 -0.16 3.81 7.78
C PHE B 68 -1.35 4.03 6.85
N PHE B 69 -1.10 4.03 5.54
CA PHE B 69 -2.17 4.24 4.58
C PHE B 69 -1.96 3.42 3.32
N LEU B 70 -3.05 3.16 2.61
CA LEU B 70 -3.02 2.40 1.37
C LEU B 70 -3.63 3.23 0.25
N THR B 71 -3.00 3.20 -0.91
CA THR B 71 -3.48 3.93 -2.06
C THR B 71 -3.74 3.00 -3.23
N PRO B 72 -4.98 2.99 -3.73
CA PRO B 72 -5.37 2.14 -4.86
C PRO B 72 -4.68 2.54 -6.16
N HIS B 73 -4.58 3.85 -6.40
CA HIS B 73 -3.94 4.34 -7.61
C HIS B 73 -2.45 4.01 -7.63
N ARG B 74 -1.98 3.48 -8.76
CA ARG B 74 -0.58 3.10 -8.90
C ARG B 74 0.32 4.32 -9.04
N HIS B 75 1.42 4.31 -8.28
CA HIS B 75 2.39 5.39 -8.30
C HIS B 75 3.68 4.93 -7.63
N ARG B 76 4.77 5.63 -7.90
CA ARG B 76 6.06 5.28 -7.31
C ARG B 76 6.19 5.90 -5.93
N VAL B 77 7.08 5.33 -5.12
CA VAL B 77 7.31 5.82 -3.76
C VAL B 77 7.90 7.22 -3.77
N SER B 78 8.72 7.50 -4.78
CA SER B 78 9.37 8.80 -4.92
C SER B 78 8.34 9.92 -5.03
N ALA B 79 7.23 9.63 -5.72
CA ALA B 79 6.17 10.62 -5.89
C ALA B 79 5.50 10.94 -4.57
N ILE B 80 5.43 9.95 -3.69
CA ILE B 80 4.83 10.13 -2.38
C ILE B 80 5.75 10.91 -1.45
N ASN B 81 7.04 10.59 -1.49
CA ASN B 81 8.01 11.26 -0.65
C ASN B 81 8.19 12.71 -1.07
N ASN B 82 7.88 13.00 -2.33
CA ASN B 82 7.99 14.35 -2.87
C ASN B 82 7.11 15.31 -2.07
N TYR B 83 6.00 14.79 -1.58
CA TYR B 83 5.06 15.57 -0.78
C TYR B 83 5.37 15.44 0.70
N ALA B 84 5.72 14.23 1.11
CA ALA B 84 6.02 13.93 2.51
C ALA B 84 7.29 14.63 2.99
N GLN B 85 8.39 14.48 2.25
CA GLN B 85 9.67 15.07 2.62
C GLN B 85 9.60 16.60 2.55
N LYS B 86 8.66 17.12 1.76
CA LYS B 86 8.49 18.54 1.60
C LYS B 86 7.85 19.15 2.85
N LEU B 87 7.27 18.29 3.68
CA LEU B 87 6.63 18.73 4.92
C LEU B 87 7.56 18.54 6.11
N CYS B 88 8.86 18.46 5.85
CA CYS B 88 9.85 18.30 6.90
C CYS B 88 10.24 19.65 7.49
N THR B 89 9.31 20.59 7.44
CA THR B 89 9.53 21.93 7.95
C THR B 89 9.65 21.90 9.48
N PHE B 90 8.58 21.50 10.14
CA PHE B 90 8.56 21.44 11.60
C PHE B 90 9.41 20.28 12.10
N SER B 91 8.84 19.08 12.08
CA SER B 91 9.56 17.90 12.53
C SER B 91 10.02 17.05 11.35
N PHE B 92 10.88 16.08 11.63
CA PHE B 92 11.42 15.17 10.62
C PHE B 92 10.31 14.31 10.01
N LEU B 93 10.69 13.44 9.08
CA LEU B 93 9.74 12.55 8.43
C LEU B 93 10.45 11.35 7.82
N ILE B 94 10.04 10.16 8.22
CA ILE B 94 10.62 8.95 7.70
C ILE B 94 9.61 8.21 6.83
N CYS B 95 9.66 8.47 5.54
CA CYS B 95 8.76 7.84 4.60
C CYS B 95 9.39 6.56 4.06
N LYS B 96 8.56 5.55 3.83
CA LYS B 96 9.03 4.28 3.31
C LYS B 96 7.89 3.47 2.77
N GLY B 97 8.15 2.71 1.71
CA GLY B 97 7.12 1.88 1.13
C GLY B 97 6.95 0.58 1.86
N VAL B 98 5.75 0.04 1.85
CA VAL B 98 5.46 -1.21 2.52
C VAL B 98 5.29 -2.33 1.50
N ASN B 99 5.99 -3.43 1.71
CA ASN B 99 5.91 -4.58 0.80
C ASN B 99 4.64 -5.36 1.05
N LYS B 100 4.31 -5.54 2.32
CA LYS B 100 3.11 -6.26 2.70
C LYS B 100 2.39 -5.51 3.81
N GLU B 101 1.34 -4.78 3.42
CA GLU B 101 0.56 -3.98 4.35
C GLU B 101 -0.08 -4.83 5.43
N TYR B 102 -0.72 -5.92 5.03
CA TYR B 102 -1.37 -6.83 5.97
C TYR B 102 -0.38 -7.37 7.00
N LEU B 103 0.83 -7.66 6.54
CA LEU B 103 1.87 -8.19 7.41
C LEU B 103 2.39 -7.11 8.35
N MET B 104 2.59 -5.91 7.83
CA MET B 104 3.08 -4.80 8.65
C MET B 104 2.02 -4.38 9.65
N TYR B 105 0.75 -4.42 9.23
CA TYR B 105 -0.35 -4.07 10.11
C TYR B 105 -0.39 -5.00 11.31
N SER B 106 -0.11 -6.28 11.07
CA SER B 106 -0.10 -7.28 12.13
C SER B 106 1.03 -6.98 13.12
N ALA B 107 2.13 -6.42 12.62
CA ALA B 107 3.26 -6.07 13.45
C ALA B 107 3.04 -4.71 14.11
N LEU B 108 2.04 -3.99 13.61
CA LEU B 108 1.71 -2.67 14.13
C LEU B 108 0.56 -2.75 15.12
N THR B 109 0.16 -3.98 15.44
CA THR B 109 -0.94 -4.20 16.38
C THR B 109 -0.45 -5.04 17.55
N ARG B 110 0.83 -4.89 17.86
CA ARG B 110 1.45 -5.63 18.95
C ARG B 110 1.36 -4.86 20.26
N ASP B 111 2.20 -5.21 21.23
CA ASP B 111 2.19 -4.54 22.54
C ASP B 111 2.67 -3.08 22.43
N PRO B 112 3.90 -2.82 21.94
CA PRO B 112 4.42 -1.45 21.84
C PRO B 112 3.72 -0.64 20.75
N PHE B 113 3.25 -1.34 19.72
CA PHE B 113 2.59 -0.69 18.61
C PHE B 113 1.07 -0.67 18.83
N SER B 114 0.61 0.40 19.46
CA SER B 114 -0.81 0.56 19.74
C SER B 114 -1.55 1.18 18.55
N VAL B 115 -2.87 1.23 18.63
CA VAL B 115 -3.69 1.80 17.56
C VAL B 115 -4.39 3.06 18.04
N ILE B 116 -4.50 4.06 17.17
CA ILE B 116 -5.17 5.30 17.52
C ILE B 116 -6.51 5.43 16.80
N GLU B 117 -6.45 5.68 15.48
CA GLU B 117 -7.66 5.84 14.69
C GLU B 117 -7.50 5.12 13.34
N GLU B 118 -8.50 4.33 12.98
CA GLU B 118 -8.49 3.59 11.72
C GLU B 118 -9.71 3.96 10.89
N SER B 119 -9.52 4.11 9.59
CA SER B 119 -10.61 4.46 8.70
C SER B 119 -11.56 3.27 8.50
N LEU B 120 -11.00 2.07 8.48
CA LEU B 120 -11.80 0.87 8.30
C LEU B 120 -12.13 0.21 9.63
N PRO B 121 -13.40 -0.15 9.83
CA PRO B 121 -13.87 -0.80 11.05
C PRO B 121 -13.46 -2.28 11.11
N GLY B 122 -12.19 -2.52 11.40
CA GLY B 122 -11.68 -3.87 11.47
C GLY B 122 -10.21 -3.94 11.14
N GLY B 123 -9.67 -2.83 10.65
CA GLY B 123 -8.27 -2.78 10.30
C GLY B 123 -8.02 -3.12 8.85
N LEU B 124 -7.09 -4.02 8.60
CA LEU B 124 -6.76 -4.41 7.25
C LEU B 124 -7.28 -5.82 6.97
N LYS B 125 -8.02 -5.95 5.87
CA LYS B 125 -8.57 -7.23 5.46
C LYS B 125 -8.35 -7.42 3.97
N GLU B 126 -8.87 -8.52 3.44
CA GLU B 126 -8.74 -8.82 2.01
C GLU B 126 -9.63 -7.89 1.20
N HIS B 127 -9.21 -6.65 1.08
CA HIS B 127 -9.96 -5.65 0.34
C HIS B 127 -9.07 -4.94 -0.68
N ASP B 128 -8.18 -4.10 -0.18
CA ASP B 128 -7.28 -3.33 -1.03
C ASP B 128 -6.35 -4.24 -1.81
N PHE B 129 -5.55 -5.02 -1.09
CA PHE B 129 -4.63 -5.95 -1.72
C PHE B 129 -5.40 -7.20 -2.17
N ASN B 130 -4.85 -7.93 -3.11
CA ASN B 130 -5.50 -9.14 -3.60
C ASN B 130 -4.75 -10.37 -3.10
N PRO B 131 -5.38 -11.12 -2.19
CA PRO B 131 -4.80 -12.32 -1.62
C PRO B 131 -5.00 -13.54 -2.52
N ALA A 35 13.83 -7.90 -20.66
CA ALA A 35 12.79 -6.86 -20.60
C ALA A 35 11.53 -7.38 -19.91
N ASN A 36 10.80 -8.24 -20.60
CA ASN A 36 9.59 -8.82 -20.04
C ASN A 36 9.90 -10.13 -19.36
N GLY A 37 10.12 -10.08 -18.06
CA GLY A 37 10.42 -11.28 -17.29
C GLY A 37 9.18 -11.91 -16.72
N LEU A 38 8.10 -11.87 -17.49
CA LEU A 38 6.84 -12.43 -17.06
C LEU A 38 6.49 -13.64 -17.93
N THR A 39 5.67 -14.52 -17.38
CA THR A 39 5.24 -15.71 -18.10
C THR A 39 4.23 -15.34 -19.17
N VAL A 40 4.25 -16.04 -20.30
CA VAL A 40 3.32 -15.78 -21.40
C VAL A 40 1.88 -15.81 -20.92
N ALA A 41 1.58 -16.79 -20.07
CA ALA A 41 0.25 -16.95 -19.49
C ALA A 41 -0.14 -15.71 -18.68
N GLN A 42 0.84 -15.15 -17.97
CA GLN A 42 0.60 -13.97 -17.15
C GLN A 42 0.40 -12.75 -18.04
N ASN A 43 1.21 -12.66 -19.10
CA ASN A 43 1.12 -11.55 -20.03
C ASN A 43 -0.26 -11.52 -20.68
N GLN A 44 -0.81 -12.71 -20.93
CA GLN A 44 -2.14 -12.84 -21.53
C GLN A 44 -3.19 -12.22 -20.60
N VAL A 45 -3.13 -12.59 -19.33
CA VAL A 45 -4.06 -12.07 -18.34
C VAL A 45 -3.89 -10.56 -18.18
N LEU A 46 -2.64 -10.13 -18.11
CA LEU A 46 -2.30 -8.73 -17.97
C LEU A 46 -2.89 -7.91 -19.13
N ASN A 47 -2.66 -8.40 -20.34
CA ASN A 47 -3.15 -7.75 -21.55
C ASN A 47 -4.67 -7.78 -21.61
N LEU A 48 -5.25 -8.87 -21.16
CA LEU A 48 -6.71 -9.04 -21.19
C LEU A 48 -7.40 -7.94 -20.38
N ILE A 49 -6.87 -7.64 -19.20
CA ILE A 49 -7.46 -6.63 -18.34
C ILE A 49 -7.17 -5.21 -18.82
N LYS A 50 -5.92 -4.94 -19.21
CA LYS A 50 -5.54 -3.61 -19.65
C LYS A 50 -6.13 -3.26 -21.02
N ALA A 51 -6.29 -4.26 -21.88
CA ALA A 51 -6.86 -4.03 -23.22
C ALA A 51 -8.35 -4.33 -23.24
N CYS A 52 -8.97 -4.31 -22.07
CA CYS A 52 -10.40 -4.57 -21.96
C CYS A 52 -11.18 -3.27 -22.16
N PRO A 53 -12.04 -3.23 -23.17
CA PRO A 53 -12.84 -2.04 -23.49
C PRO A 53 -14.06 -1.90 -22.58
N ARG A 54 -13.87 -2.12 -21.28
CA ARG A 54 -14.94 -2.03 -20.31
C ARG A 54 -14.70 -0.88 -19.35
N PRO A 55 -15.75 -0.11 -19.03
CA PRO A 55 -15.67 1.06 -18.13
C PRO A 55 -15.16 0.70 -16.73
N GLU A 56 -15.41 -0.53 -16.30
CA GLU A 56 -14.99 -0.96 -14.97
C GLU A 56 -13.77 -1.87 -15.04
N GLY A 57 -13.19 -1.99 -16.22
CA GLY A 57 -12.02 -2.83 -16.39
C GLY A 57 -12.38 -4.27 -16.64
N LEU A 58 -12.08 -5.14 -15.68
CA LEU A 58 -12.36 -6.56 -15.82
C LEU A 58 -12.57 -7.19 -14.44
N ASN A 59 -13.55 -8.07 -14.35
CA ASN A 59 -13.86 -8.74 -13.10
C ASN A 59 -13.19 -10.12 -13.06
N PHE A 60 -13.09 -10.68 -11.87
CA PHE A 60 -12.49 -12.00 -11.70
C PHE A 60 -13.31 -13.05 -12.42
N GLN A 61 -14.64 -12.93 -12.30
CA GLN A 61 -15.56 -13.85 -12.96
C GLN A 61 -15.46 -13.70 -14.47
N ASP A 62 -15.08 -12.49 -14.90
CA ASP A 62 -14.92 -12.18 -16.31
C ASP A 62 -13.67 -12.85 -16.85
N LEU A 63 -12.60 -12.78 -16.07
CA LEU A 63 -11.32 -13.37 -16.44
C LEU A 63 -11.44 -14.86 -16.71
N LYS A 64 -12.03 -15.59 -15.77
CA LYS A 64 -12.18 -17.03 -15.91
C LYS A 64 -13.21 -17.38 -16.98
N ASN A 65 -14.08 -16.43 -17.32
CA ASN A 65 -15.09 -16.65 -18.34
C ASN A 65 -14.47 -16.57 -19.72
N GLN A 66 -13.56 -15.62 -19.91
CA GLN A 66 -12.89 -15.44 -21.19
C GLN A 66 -11.75 -16.44 -21.34
N LEU A 67 -10.93 -16.53 -20.30
CA LEU A 67 -9.79 -17.45 -20.33
C LEU A 67 -10.18 -18.79 -19.71
N LYS A 68 -11.01 -19.53 -20.43
CA LYS A 68 -11.49 -20.83 -19.99
C LYS A 68 -10.35 -21.85 -19.96
N HIS A 69 -9.25 -21.53 -20.62
CA HIS A 69 -8.10 -22.42 -20.64
C HIS A 69 -7.21 -22.19 -19.43
N MET A 70 -7.72 -21.43 -18.47
CA MET A 70 -7.00 -21.11 -17.25
C MET A 70 -7.72 -21.68 -16.04
N SER A 71 -6.97 -21.94 -14.98
CA SER A 71 -7.54 -22.48 -13.76
C SER A 71 -7.69 -21.37 -12.73
N VAL A 72 -8.65 -21.52 -11.82
CA VAL A 72 -8.90 -20.52 -10.79
C VAL A 72 -7.63 -20.21 -10.00
N SER A 73 -6.91 -21.25 -9.61
CA SER A 73 -5.67 -21.09 -8.86
C SER A 73 -4.62 -20.35 -9.71
N SER A 74 -4.57 -20.69 -10.99
CA SER A 74 -3.63 -20.05 -11.91
C SER A 74 -3.91 -18.55 -12.00
N ILE A 75 -5.20 -18.21 -12.02
CA ILE A 75 -5.60 -16.80 -12.10
C ILE A 75 -5.19 -16.08 -10.81
N LYS A 76 -5.48 -16.70 -9.67
CA LYS A 76 -5.13 -16.13 -8.38
C LYS A 76 -3.63 -15.88 -8.27
N GLN A 77 -2.85 -16.87 -8.69
CA GLN A 77 -1.39 -16.76 -8.66
C GLN A 77 -0.89 -15.64 -9.56
N ALA A 78 -1.42 -15.58 -10.78
CA ALA A 78 -1.03 -14.54 -11.73
C ALA A 78 -1.39 -13.16 -11.19
N VAL A 79 -2.62 -13.05 -10.68
CA VAL A 79 -3.10 -11.79 -10.11
C VAL A 79 -2.26 -11.39 -8.91
N ASP A 80 -1.97 -12.35 -8.04
CA ASP A 80 -1.17 -12.12 -6.85
C ASP A 80 0.22 -11.59 -7.21
N PHE A 81 0.84 -12.23 -8.20
CA PHE A 81 2.18 -11.82 -8.64
C PHE A 81 2.14 -10.40 -9.19
N LEU A 82 1.17 -10.13 -10.05
CA LEU A 82 1.03 -8.81 -10.65
C LEU A 82 0.59 -7.78 -9.61
N SER A 83 0.09 -8.25 -8.47
CA SER A 83 -0.33 -7.36 -7.40
C SER A 83 0.83 -7.07 -6.47
N ASN A 84 1.78 -8.00 -6.41
CA ASN A 84 2.95 -7.85 -5.55
C ASN A 84 3.92 -6.85 -6.15
N GLU A 85 4.15 -6.96 -7.45
CA GLU A 85 5.06 -6.05 -8.13
C GLU A 85 4.39 -4.69 -8.36
N GLY A 86 3.06 -4.72 -8.45
CA GLY A 86 2.32 -3.49 -8.65
C GLY A 86 1.95 -3.25 -10.10
N HIS A 87 0.94 -3.96 -10.58
CA HIS A 87 0.48 -3.81 -11.96
C HIS A 87 -1.04 -3.85 -12.00
N ILE A 88 -1.61 -4.93 -11.47
CA ILE A 88 -3.06 -5.09 -11.42
C ILE A 88 -3.51 -5.15 -9.97
N TYR A 89 -4.75 -4.76 -9.69
CA TYR A 89 -5.25 -4.75 -8.31
C TYR A 89 -6.76 -4.71 -8.30
N SER A 90 -7.32 -4.81 -7.11
CA SER A 90 -8.75 -4.74 -6.92
C SER A 90 -9.16 -3.29 -6.67
N THR A 91 -10.21 -2.84 -7.34
CA THR A 91 -10.66 -1.47 -7.18
C THR A 91 -11.33 -1.25 -5.84
N VAL A 92 -12.53 -1.80 -5.69
CA VAL A 92 -13.30 -1.68 -4.46
C VAL A 92 -14.17 -2.91 -4.28
N ASP A 93 -13.63 -4.06 -4.67
CA ASP A 93 -14.36 -5.31 -4.56
C ASP A 93 -13.43 -6.50 -4.73
N ASP A 94 -13.81 -7.63 -4.13
CA ASP A 94 -13.02 -8.86 -4.19
C ASP A 94 -12.94 -9.41 -5.62
N ASP A 95 -13.97 -9.15 -6.41
CA ASP A 95 -14.03 -9.64 -7.78
C ASP A 95 -13.73 -8.53 -8.78
N HIS A 96 -13.78 -7.29 -8.34
CA HIS A 96 -13.55 -6.14 -9.22
C HIS A 96 -12.07 -5.80 -9.31
N PHE A 97 -11.46 -6.09 -10.45
CA PHE A 97 -10.05 -5.81 -10.67
C PHE A 97 -9.85 -4.69 -11.69
N LYS A 98 -8.66 -4.11 -11.67
CA LYS A 98 -8.31 -3.04 -12.59
C LYS A 98 -6.80 -3.03 -12.78
N SER A 99 -6.32 -2.34 -13.81
CA SER A 99 -4.89 -2.27 -14.07
C SER A 99 -4.47 -0.89 -14.54
N THR A 100 -3.90 -0.10 -13.64
CA THR A 100 -3.44 1.23 -13.97
C THR A 100 -1.91 1.27 -13.97
N ASP A 101 -1.33 0.43 -13.14
CA ASP A 101 0.13 0.34 -13.01
C ASP A 101 0.65 -0.78 -13.91
N ALA A 102 -0.16 -1.14 -14.89
CA ALA A 102 0.18 -2.17 -15.83
C ALA A 102 0.11 -1.65 -17.26
N GLU A 103 0.06 -0.34 -17.39
CA GLU A 103 -0.02 0.30 -18.69
C GLU A 103 1.32 0.23 -19.41
N GLY B 1 19.42 10.10 25.77
CA GLY B 1 19.78 11.38 26.40
C GLY B 1 18.81 11.77 27.50
N SER B 2 18.73 13.07 27.80
CA SER B 2 17.84 13.55 28.84
C SER B 2 16.65 14.29 28.24
N LYS B 3 16.50 14.16 26.93
CA LYS B 3 15.39 14.80 26.22
C LYS B 3 14.61 13.76 25.44
N VAL B 4 13.80 14.20 24.50
CA VAL B 4 13.03 13.28 23.68
C VAL B 4 13.96 12.58 22.69
N GLU B 5 13.97 11.27 22.73
CA GLU B 5 14.82 10.48 21.85
C GLU B 5 14.22 10.45 20.45
N ASP B 6 14.90 11.10 19.51
CA ASP B 6 14.44 11.15 18.13
C ASP B 6 15.14 10.08 17.30
N PRO B 7 14.42 8.99 16.97
CA PRO B 7 14.96 7.89 16.19
C PRO B 7 15.21 8.30 14.74
N LYS B 8 16.17 7.65 14.11
CA LYS B 8 16.52 7.94 12.73
C LYS B 8 15.91 6.90 11.79
N ASP B 9 15.11 6.00 12.37
CA ASP B 9 14.47 4.95 11.60
C ASP B 9 13.24 4.44 12.36
N PHE B 10 12.51 3.53 11.75
CA PHE B 10 11.32 2.95 12.35
C PHE B 10 11.71 1.98 13.47
N PRO B 11 10.78 1.71 14.40
CA PRO B 11 11.04 0.79 15.52
C PRO B 11 11.38 -0.63 15.03
N SER B 12 12.23 -1.31 15.80
CA SER B 12 12.66 -2.66 15.46
C SER B 12 11.49 -3.63 15.39
N GLU B 13 10.40 -3.30 16.08
CA GLU B 13 9.21 -4.14 16.10
C GLU B 13 8.41 -4.04 14.81
N LEU B 14 8.76 -3.07 13.97
CA LEU B 14 8.05 -2.86 12.71
C LEU B 14 8.98 -2.99 11.51
N LEU B 15 10.27 -2.76 11.74
CA LEU B 15 11.28 -2.83 10.68
C LEU B 15 11.23 -4.17 9.93
N SER B 16 10.85 -5.22 10.64
CA SER B 16 10.76 -6.55 10.08
C SER B 16 9.77 -6.65 8.92
N PHE B 17 8.79 -5.75 8.88
CA PHE B 17 7.78 -5.79 7.83
C PHE B 17 7.93 -4.62 6.86
N LEU B 18 9.00 -3.85 7.00
CA LEU B 18 9.24 -2.70 6.13
C LEU B 18 10.19 -3.06 5.00
N SER B 19 10.13 -2.30 3.91
CA SER B 19 10.98 -2.53 2.76
C SER B 19 12.41 -2.07 3.05
N HIS B 20 12.55 -1.24 4.09
CA HIS B 20 13.85 -0.70 4.53
C HIS B 20 14.39 0.36 3.57
N ALA B 21 14.47 0.01 2.29
CA ALA B 21 14.97 0.93 1.28
C ALA B 21 13.99 2.07 1.04
N VAL B 22 14.52 3.23 0.68
CA VAL B 22 13.70 4.41 0.43
C VAL B 22 13.57 4.66 -1.07
N PHE B 23 14.59 4.30 -1.83
CA PHE B 23 14.59 4.51 -3.27
C PHE B 23 14.31 3.20 -4.01
N SER B 24 13.65 2.28 -3.32
CA SER B 24 13.32 0.97 -3.88
C SER B 24 12.59 1.11 -5.22
N ASN B 25 13.21 0.60 -6.28
CA ASN B 25 12.64 0.67 -7.62
C ASN B 25 11.57 -0.40 -7.81
N ARG B 26 10.38 -0.12 -7.32
CA ARG B 26 9.25 -1.04 -7.45
C ARG B 26 7.96 -0.28 -7.17
N THR B 27 6.92 -0.62 -7.91
CA THR B 27 5.62 -0.01 -7.74
C THR B 27 4.95 -0.53 -6.47
N LEU B 28 5.19 0.15 -5.36
CA LEU B 28 4.63 -0.26 -4.08
C LEU B 28 3.28 0.41 -3.86
N ALA B 29 2.49 -0.14 -2.94
CA ALA B 29 1.17 0.40 -2.65
C ALA B 29 1.00 0.80 -1.19
N CYS B 30 1.88 0.31 -0.33
CA CYS B 30 1.80 0.62 1.10
C CYS B 30 3.05 1.35 1.57
N PHE B 31 2.85 2.41 2.34
CA PHE B 31 3.96 3.21 2.86
C PHE B 31 3.68 3.64 4.29
N ALA B 32 4.74 3.89 5.04
CA ALA B 32 4.62 4.31 6.43
C ALA B 32 5.48 5.55 6.67
N ILE B 33 4.96 6.49 7.43
CA ILE B 33 5.68 7.72 7.72
C ILE B 33 5.83 7.94 9.23
N TYR B 34 7.06 7.86 9.72
CA TYR B 34 7.34 8.07 11.13
C TYR B 34 7.61 9.57 11.34
N THR B 35 6.70 10.24 12.05
CA THR B 35 6.84 11.67 12.29
C THR B 35 6.15 12.08 13.58
N THR B 36 5.97 13.39 13.75
CA THR B 36 5.30 13.91 14.92
C THR B 36 3.80 13.83 14.71
N LYS B 37 3.04 13.91 15.80
CA LYS B 37 1.59 13.84 15.73
C LYS B 37 1.03 14.95 14.85
N GLU B 38 1.71 16.10 14.81
CA GLU B 38 1.29 17.23 14.00
C GLU B 38 1.42 16.90 12.52
N LYS B 39 2.57 16.32 12.16
CA LYS B 39 2.86 15.97 10.79
C LYS B 39 1.89 14.92 10.26
N ALA B 40 1.72 13.84 11.01
CA ALA B 40 0.83 12.76 10.62
C ALA B 40 -0.61 13.23 10.52
N ALA B 41 -0.98 14.22 11.34
CA ALA B 41 -2.33 14.76 11.33
C ALA B 41 -2.57 15.53 10.03
N LEU B 42 -1.55 16.25 9.58
CA LEU B 42 -1.64 17.02 8.36
C LEU B 42 -1.63 16.11 7.14
N LEU B 43 -0.67 15.19 7.11
CA LEU B 43 -0.52 14.26 6.01
C LEU B 43 -1.74 13.34 5.88
N TYR B 44 -2.46 13.17 6.98
CA TYR B 44 -3.66 12.33 7.02
C TYR B 44 -4.66 12.76 5.95
N LYS B 45 -4.77 14.07 5.73
CA LYS B 45 -5.68 14.60 4.73
C LYS B 45 -4.93 14.98 3.45
N LYS B 46 -3.69 15.40 3.62
CA LYS B 46 -2.85 15.80 2.48
C LYS B 46 -2.66 14.66 1.49
N ILE B 47 -2.48 13.45 2.00
CA ILE B 47 -2.29 12.29 1.14
C ILE B 47 -3.63 11.63 0.81
N MET B 48 -4.59 11.79 1.70
CA MET B 48 -5.93 11.21 1.54
C MET B 48 -6.55 11.56 0.19
N GLU B 49 -6.73 12.85 -0.06
CA GLU B 49 -7.34 13.31 -1.31
C GLU B 49 -6.30 13.50 -2.40
N LYS B 50 -5.06 13.11 -2.13
CA LYS B 50 -3.99 13.26 -3.10
C LYS B 50 -3.85 12.02 -3.96
N TYR B 51 -3.67 10.88 -3.32
CA TYR B 51 -3.50 9.61 -4.04
C TYR B 51 -4.71 8.72 -3.87
N SER B 52 -5.73 9.24 -3.19
CA SER B 52 -6.97 8.49 -2.94
C SER B 52 -6.66 7.18 -2.22
N VAL B 53 -6.10 7.30 -1.02
CA VAL B 53 -5.75 6.14 -0.22
C VAL B 53 -6.97 5.30 0.13
N THR B 54 -6.83 3.98 0.00
CA THR B 54 -7.91 3.07 0.31
C THR B 54 -8.02 2.89 1.82
N PHE B 55 -6.90 3.08 2.50
CA PHE B 55 -6.85 2.97 3.95
C PHE B 55 -5.71 3.80 4.50
N ILE B 56 -6.02 4.62 5.50
CA ILE B 56 -5.03 5.45 6.15
C ILE B 56 -5.32 5.49 7.64
N SER B 57 -4.28 5.45 8.45
CA SER B 57 -4.45 5.46 9.89
C SER B 57 -3.23 6.06 10.59
N ARG B 58 -3.46 6.51 11.81
CA ARG B 58 -2.40 7.10 12.62
C ARG B 58 -2.21 6.24 13.88
N HIS B 59 -1.04 5.65 14.01
CA HIS B 59 -0.74 4.80 15.15
C HIS B 59 0.44 5.36 15.92
N ASN B 60 0.32 5.37 17.24
CA ASN B 60 1.39 5.89 18.10
C ASN B 60 2.39 4.79 18.41
N SER B 61 3.67 5.15 18.44
CA SER B 61 4.71 4.17 18.72
C SER B 61 5.26 4.36 20.13
N TYR B 62 6.22 5.26 20.28
CA TYR B 62 6.82 5.53 21.57
C TYR B 62 6.85 7.03 21.82
N ASN B 63 7.72 7.72 21.09
CA ASN B 63 7.86 9.16 21.23
C ASN B 63 7.21 9.90 20.06
N HIS B 64 6.85 9.18 19.01
CA HIS B 64 6.25 9.81 17.84
C HIS B 64 5.10 8.98 17.29
N ASN B 65 4.51 9.47 16.21
CA ASN B 65 3.37 8.81 15.59
C ASN B 65 3.76 8.28 14.21
N ILE B 66 3.11 7.20 13.80
CA ILE B 66 3.39 6.58 12.51
C ILE B 66 2.15 6.62 11.62
N LEU B 67 2.29 7.25 10.47
CA LEU B 67 1.21 7.33 9.51
C LEU B 67 1.25 6.12 8.59
N PHE B 68 0.22 5.30 8.67
CA PHE B 68 0.14 4.09 7.85
C PHE B 68 -0.94 4.26 6.79
N PHE B 69 -0.56 4.21 5.52
CA PHE B 69 -1.52 4.38 4.44
C PHE B 69 -1.25 3.44 3.28
N LEU B 70 -2.32 3.06 2.60
CA LEU B 70 -2.26 2.18 1.44
C LEU B 70 -2.95 2.84 0.26
N THR B 71 -2.44 2.62 -0.94
CA THR B 71 -3.02 3.22 -2.13
C THR B 71 -3.33 2.16 -3.18
N PRO B 72 -4.47 2.31 -3.88
CA PRO B 72 -4.87 1.37 -4.93
C PRO B 72 -3.91 1.44 -6.11
N HIS B 73 -3.44 2.65 -6.40
CA HIS B 73 -2.50 2.87 -7.49
C HIS B 73 -1.10 2.61 -6.97
N ARG B 74 -0.29 1.92 -7.75
CA ARG B 74 1.06 1.62 -7.33
C ARG B 74 2.03 2.69 -7.78
N HIS B 75 3.00 2.97 -6.93
CA HIS B 75 4.01 3.97 -7.19
C HIS B 75 5.29 3.62 -6.46
N ARG B 76 6.41 4.01 -7.03
CA ARG B 76 7.71 3.72 -6.43
C ARG B 76 7.91 4.53 -5.16
N VAL B 77 8.63 3.95 -4.20
CA VAL B 77 8.88 4.60 -2.91
C VAL B 77 9.65 5.90 -3.09
N SER B 78 10.56 5.92 -4.06
CA SER B 78 11.38 7.08 -4.34
C SER B 78 10.53 8.33 -4.62
N ALA B 79 9.42 8.14 -5.32
CA ALA B 79 8.52 9.23 -5.66
C ALA B 79 7.67 9.65 -4.47
N ILE B 80 7.26 8.67 -3.67
CA ILE B 80 6.43 8.92 -2.51
C ILE B 80 7.20 9.66 -1.41
N ASN B 81 8.41 9.19 -1.12
CA ASN B 81 9.23 9.82 -0.09
C ASN B 81 9.54 11.27 -0.46
N ASN B 82 9.70 11.52 -1.76
CA ASN B 82 9.98 12.86 -2.25
C ASN B 82 8.88 13.83 -1.86
N TYR B 83 7.64 13.36 -1.93
CA TYR B 83 6.48 14.16 -1.57
C TYR B 83 6.46 14.46 -0.07
N ALA B 84 6.83 13.45 0.72
CA ALA B 84 6.85 13.58 2.17
C ALA B 84 8.05 14.39 2.65
N GLN B 85 9.19 14.22 1.98
CA GLN B 85 10.42 14.92 2.33
C GLN B 85 10.26 16.42 2.16
N LYS B 86 9.30 16.83 1.33
CA LYS B 86 9.04 18.25 1.09
C LYS B 86 8.45 18.91 2.33
N LEU B 87 7.91 18.10 3.23
CA LEU B 87 7.30 18.62 4.45
C LEU B 87 8.31 18.64 5.60
N CYS B 88 9.56 18.34 5.31
CA CYS B 88 10.61 18.33 6.33
C CYS B 88 11.14 19.74 6.60
N THR B 89 10.23 20.71 6.60
CA THR B 89 10.58 22.09 6.84
C THR B 89 10.49 22.44 8.32
N PHE B 90 9.40 21.98 8.96
CA PHE B 90 9.18 22.27 10.36
C PHE B 90 9.51 21.08 11.26
N SER B 91 9.88 19.96 10.67
CA SER B 91 10.22 18.78 11.44
C SER B 91 10.80 17.69 10.55
N PHE B 92 11.50 16.75 11.15
CA PHE B 92 12.09 15.63 10.42
C PHE B 92 11.00 14.68 9.95
N LEU B 93 11.33 13.80 9.02
CA LEU B 93 10.36 12.85 8.51
C LEU B 93 11.03 11.57 8.03
N ILE B 94 10.50 10.43 8.48
CA ILE B 94 11.04 9.14 8.08
C ILE B 94 9.96 8.37 7.32
N CYS B 95 10.00 8.46 6.00
CA CYS B 95 9.04 7.76 5.16
C CYS B 95 9.69 6.60 4.44
N LYS B 96 9.13 5.41 4.62
CA LYS B 96 9.66 4.21 3.98
C LYS B 96 8.52 3.30 3.54
N GLY B 97 8.81 2.42 2.60
CA GLY B 97 7.80 1.51 2.10
C GLY B 97 7.57 0.33 3.02
N VAL B 98 6.39 -0.26 2.93
CA VAL B 98 6.03 -1.41 3.75
C VAL B 98 5.93 -2.65 2.87
N ASN B 99 6.50 -3.75 3.34
CA ASN B 99 6.47 -5.00 2.59
C ASN B 99 5.28 -5.84 3.00
N LYS B 100 4.96 -5.79 4.29
CA LYS B 100 3.83 -6.54 4.83
C LYS B 100 2.88 -5.60 5.55
N GLU B 101 1.94 -5.05 4.80
CA GLU B 101 0.96 -4.10 5.34
C GLU B 101 0.10 -4.72 6.44
N TYR B 102 -0.52 -5.86 6.14
CA TYR B 102 -1.38 -6.55 7.09
C TYR B 102 -0.61 -6.92 8.35
N LEU B 103 0.62 -7.40 8.17
CA LEU B 103 1.45 -7.79 9.30
C LEU B 103 1.86 -6.59 10.12
N MET B 104 2.27 -5.51 9.45
CA MET B 104 2.69 -4.30 10.14
C MET B 104 1.52 -3.70 10.91
N TYR B 105 0.34 -3.71 10.31
CA TYR B 105 -0.85 -3.19 10.96
C TYR B 105 -1.18 -4.01 12.20
N SER B 106 -1.00 -5.33 12.10
CA SER B 106 -1.28 -6.23 13.22
C SER B 106 -0.31 -5.97 14.37
N ALA B 107 0.90 -5.52 14.03
CA ALA B 107 1.91 -5.22 15.03
C ALA B 107 1.67 -3.82 15.59
N LEU B 108 1.00 -2.99 14.82
CA LEU B 108 0.69 -1.62 15.20
C LEU B 108 -0.55 -1.57 16.09
N THR B 109 -1.12 -2.73 16.37
CA THR B 109 -2.30 -2.82 17.20
C THR B 109 -2.01 -3.68 18.42
N ARG B 110 -0.87 -3.44 19.05
CA ARG B 110 -0.46 -4.21 20.21
C ARG B 110 -0.14 -3.32 21.41
N ASP B 111 0.52 -3.91 22.40
CA ASP B 111 0.89 -3.23 23.64
C ASP B 111 1.47 -1.81 23.46
N PRO B 112 2.63 -1.64 22.81
CA PRO B 112 3.24 -0.31 22.66
C PRO B 112 2.63 0.57 21.58
N PHE B 113 2.09 -0.04 20.54
CA PHE B 113 1.51 0.72 19.44
C PHE B 113 0.02 0.95 19.63
N SER B 114 -0.34 2.20 19.88
CA SER B 114 -1.73 2.57 20.09
C SER B 114 -2.38 3.06 18.80
N VAL B 115 -3.70 3.04 18.77
CA VAL B 115 -4.45 3.49 17.61
C VAL B 115 -5.11 4.84 17.88
N ILE B 116 -5.23 5.67 16.84
CA ILE B 116 -5.87 6.96 17.00
C ILE B 116 -7.09 7.08 16.09
N GLU B 117 -6.87 7.27 14.80
CA GLU B 117 -7.97 7.39 13.84
C GLU B 117 -7.66 6.65 12.55
N GLU B 118 -8.59 5.82 12.12
CA GLU B 118 -8.43 5.04 10.90
C GLU B 118 -9.55 5.37 9.92
N SER B 119 -9.26 5.30 8.62
CA SER B 119 -10.25 5.59 7.59
C SER B 119 -11.30 4.49 7.50
N LEU B 120 -10.91 3.26 7.78
CA LEU B 120 -11.82 2.12 7.71
C LEU B 120 -12.14 1.61 9.11
N PRO B 121 -13.44 1.48 9.43
CA PRO B 121 -13.88 0.98 10.73
C PRO B 121 -13.63 -0.52 10.89
N GLY B 122 -12.39 -0.84 11.27
CA GLY B 122 -12.00 -2.22 11.44
C GLY B 122 -10.55 -2.43 11.10
N GLY B 123 -9.98 -1.48 10.38
CA GLY B 123 -8.59 -1.56 10.00
C GLY B 123 -8.40 -2.12 8.61
N LEU B 124 -7.31 -2.84 8.42
CA LEU B 124 -7.00 -3.45 7.13
C LEU B 124 -7.73 -4.78 7.01
N LYS B 125 -8.41 -4.99 5.88
CA LYS B 125 -9.14 -6.22 5.66
C LYS B 125 -8.74 -6.89 4.35
N GLU B 126 -8.91 -8.20 4.33
CA GLU B 126 -8.56 -9.01 3.17
C GLU B 126 -9.63 -8.94 2.08
N HIS B 127 -10.89 -8.93 2.48
CA HIS B 127 -12.01 -8.87 1.54
C HIS B 127 -12.13 -7.50 0.88
N ASP B 128 -11.24 -6.59 1.24
CA ASP B 128 -11.26 -5.25 0.68
C ASP B 128 -10.36 -5.19 -0.55
N PHE B 129 -9.59 -6.25 -0.75
CA PHE B 129 -8.68 -6.34 -1.89
C PHE B 129 -8.87 -7.70 -2.58
N ASN B 130 -8.09 -8.68 -2.16
CA ASN B 130 -8.17 -10.02 -2.72
C ASN B 130 -7.35 -10.98 -1.89
N PRO B 131 -8.01 -11.77 -1.02
CA PRO B 131 -7.36 -12.73 -0.14
C PRO B 131 -6.52 -13.75 -0.91
N ALA A 35 -23.34 -6.32 -0.71
CA ALA A 35 -22.03 -6.49 -0.04
C ALA A 35 -20.88 -6.27 -1.01
N ASN A 36 -20.87 -7.02 -2.10
CA ASN A 36 -19.82 -6.91 -3.11
C ASN A 36 -20.15 -5.82 -4.12
N GLY A 37 -19.19 -4.94 -4.35
CA GLY A 37 -19.39 -3.86 -5.29
C GLY A 37 -18.68 -4.10 -6.61
N LEU A 38 -18.22 -5.32 -6.81
CA LEU A 38 -17.53 -5.69 -8.02
C LEU A 38 -18.47 -6.42 -8.98
N THR A 39 -18.52 -5.95 -10.21
CA THR A 39 -19.38 -6.55 -11.23
C THR A 39 -18.94 -7.97 -11.53
N VAL A 40 -19.91 -8.84 -11.82
CA VAL A 40 -19.63 -10.25 -12.12
C VAL A 40 -18.53 -10.40 -13.16
N ALA A 41 -18.58 -9.57 -14.21
CA ALA A 41 -17.56 -9.61 -15.26
C ALA A 41 -16.18 -9.35 -14.68
N GLN A 42 -16.07 -8.33 -13.85
CA GLN A 42 -14.80 -7.97 -13.23
C GLN A 42 -14.40 -9.01 -12.21
N ASN A 43 -15.39 -9.59 -11.53
CA ASN A 43 -15.16 -10.63 -10.53
C ASN A 43 -14.51 -11.85 -11.18
N GLN A 44 -14.98 -12.18 -12.39
CA GLN A 44 -14.44 -13.31 -13.14
C GLN A 44 -12.95 -13.10 -13.40
N VAL A 45 -12.62 -11.91 -13.90
CA VAL A 45 -11.23 -11.56 -14.19
C VAL A 45 -10.40 -11.63 -12.92
N LEU A 46 -10.92 -10.97 -11.89
CA LEU A 46 -10.28 -10.91 -10.58
C LEU A 46 -9.97 -12.30 -10.02
N ASN A 47 -10.97 -13.17 -10.03
CA ASN A 47 -10.82 -14.53 -9.51
C ASN A 47 -9.94 -15.38 -10.41
N LEU A 48 -10.05 -15.19 -11.71
CA LEU A 48 -9.25 -15.96 -12.68
C LEU A 48 -7.76 -15.78 -12.42
N ILE A 49 -7.36 -14.55 -12.12
CA ILE A 49 -5.95 -14.25 -11.88
C ILE A 49 -5.43 -14.91 -10.60
N LYS A 50 -6.28 -14.99 -9.59
CA LYS A 50 -5.88 -15.59 -8.31
C LYS A 50 -6.07 -17.11 -8.33
N ALA A 51 -6.83 -17.60 -9.29
CA ALA A 51 -7.08 -19.04 -9.40
C ALA A 51 -6.28 -19.63 -10.55
N CYS A 52 -5.35 -18.85 -11.07
CA CYS A 52 -4.50 -19.29 -12.16
C CYS A 52 -3.30 -20.07 -11.63
N PRO A 53 -3.14 -21.33 -12.09
CA PRO A 53 -2.04 -22.19 -11.67
C PRO A 53 -0.70 -21.82 -12.31
N ARG A 54 -0.39 -20.53 -12.32
CA ARG A 54 0.85 -20.04 -12.91
C ARG A 54 1.64 -19.26 -11.87
N PRO A 55 2.97 -19.46 -11.83
CA PRO A 55 3.86 -18.77 -10.88
C PRO A 55 3.89 -17.26 -11.10
N GLU A 56 3.58 -16.83 -12.31
CA GLU A 56 3.59 -15.42 -12.65
C GLU A 56 2.20 -14.81 -12.43
N GLY A 57 1.24 -15.67 -12.15
CA GLY A 57 -0.13 -15.21 -11.95
C GLY A 57 -0.89 -15.26 -13.26
N LEU A 58 -1.34 -14.09 -13.71
CA LEU A 58 -2.07 -14.03 -14.97
C LEU A 58 -1.71 -12.73 -15.70
N ASN A 59 -0.90 -12.87 -16.74
CA ASN A 59 -0.47 -11.72 -17.54
C ASN A 59 -1.65 -11.11 -18.27
N PHE A 60 -1.49 -9.86 -18.72
CA PHE A 60 -2.54 -9.17 -19.45
C PHE A 60 -2.81 -9.89 -20.76
N GLN A 61 -1.74 -10.43 -21.34
CA GLN A 61 -1.84 -11.17 -22.59
C GLN A 61 -2.64 -12.45 -22.39
N ASP A 62 -2.56 -13.01 -21.18
CA ASP A 62 -3.26 -14.24 -20.85
C ASP A 62 -4.71 -13.95 -20.48
N LEU A 63 -4.95 -12.74 -19.96
CA LEU A 63 -6.29 -12.32 -19.57
C LEU A 63 -7.23 -12.37 -20.78
N LYS A 64 -6.81 -11.72 -21.86
CA LYS A 64 -7.60 -11.68 -23.09
C LYS A 64 -7.59 -13.05 -23.76
N ASN A 65 -6.60 -13.86 -23.41
CA ASN A 65 -6.48 -15.20 -23.97
C ASN A 65 -7.55 -16.12 -23.41
N GLN A 66 -7.76 -16.03 -22.10
CA GLN A 66 -8.77 -16.85 -21.44
C GLN A 66 -10.15 -16.26 -21.67
N LEU A 67 -10.25 -14.95 -21.54
CA LEU A 67 -11.53 -14.27 -21.72
C LEU A 67 -11.57 -13.60 -23.09
N LYS A 68 -11.72 -14.42 -24.12
CA LYS A 68 -11.78 -13.93 -25.50
C LYS A 68 -13.08 -13.18 -25.77
N HIS A 69 -14.03 -13.30 -24.84
CA HIS A 69 -15.32 -12.64 -24.97
C HIS A 69 -15.28 -11.23 -24.37
N MET A 70 -14.09 -10.65 -24.31
CA MET A 70 -13.90 -9.32 -23.76
C MET A 70 -12.90 -8.53 -24.60
N SER A 71 -13.01 -7.22 -24.55
CA SER A 71 -12.11 -6.34 -25.29
C SER A 71 -10.92 -5.97 -24.42
N VAL A 72 -9.80 -5.62 -25.06
CA VAL A 72 -8.58 -5.25 -24.34
C VAL A 72 -8.83 -4.03 -23.46
N SER A 73 -9.53 -3.05 -24.01
CA SER A 73 -9.86 -1.83 -23.30
C SER A 73 -10.70 -2.14 -22.06
N SER A 74 -11.67 -3.04 -22.24
CA SER A 74 -12.54 -3.44 -21.16
C SER A 74 -11.76 -4.17 -20.06
N ILE A 75 -10.79 -4.99 -20.48
CA ILE A 75 -9.96 -5.73 -19.55
C ILE A 75 -9.14 -4.74 -18.72
N LYS A 76 -8.56 -3.75 -19.40
CA LYS A 76 -7.76 -2.73 -18.72
C LYS A 76 -8.62 -1.96 -17.72
N GLN A 77 -9.86 -1.67 -18.10
CA GLN A 77 -10.78 -0.96 -17.24
C GLN A 77 -11.02 -1.75 -15.95
N ALA A 78 -11.19 -3.06 -16.10
CA ALA A 78 -11.41 -3.93 -14.95
C ALA A 78 -10.16 -3.94 -14.08
N VAL A 79 -9.00 -4.11 -14.71
CA VAL A 79 -7.72 -4.12 -14.02
C VAL A 79 -7.52 -2.85 -13.21
N ASP A 80 -7.79 -1.71 -13.83
CA ASP A 80 -7.67 -0.41 -13.18
C ASP A 80 -8.56 -0.33 -11.94
N PHE A 81 -9.80 -0.76 -12.08
CA PHE A 81 -10.76 -0.73 -10.98
C PHE A 81 -10.34 -1.70 -9.87
N LEU A 82 -9.92 -2.91 -10.27
CA LEU A 82 -9.49 -3.91 -9.31
C LEU A 82 -8.23 -3.46 -8.58
N SER A 83 -7.37 -2.73 -9.28
CA SER A 83 -6.15 -2.21 -8.69
C SER A 83 -6.47 -1.04 -7.77
N ASN A 84 -7.51 -0.29 -8.13
CA ASN A 84 -7.95 0.85 -7.32
C ASN A 84 -8.59 0.36 -6.03
N GLU A 85 -9.24 -0.81 -6.12
CA GLU A 85 -9.88 -1.41 -4.96
C GLU A 85 -8.84 -2.22 -4.17
N GLY A 86 -7.62 -2.26 -4.69
CA GLY A 86 -6.54 -2.96 -4.02
C GLY A 86 -6.69 -4.47 -4.00
N HIS A 87 -7.09 -5.07 -5.11
CA HIS A 87 -7.25 -6.53 -5.15
C HIS A 87 -6.15 -7.16 -6.00
N ILE A 88 -5.78 -6.50 -7.09
CA ILE A 88 -4.72 -7.00 -7.97
C ILE A 88 -3.57 -6.00 -8.02
N TYR A 89 -2.41 -6.44 -8.47
CA TYR A 89 -1.25 -5.56 -8.56
C TYR A 89 -0.17 -6.15 -9.46
N SER A 90 0.75 -5.30 -9.86
CA SER A 90 1.88 -5.69 -10.69
C SER A 90 2.94 -6.34 -9.81
N THR A 91 3.13 -7.66 -9.98
CA THR A 91 4.11 -8.38 -9.17
C THR A 91 5.54 -7.95 -9.48
N VAL A 92 6.09 -8.47 -10.55
CA VAL A 92 7.45 -8.13 -10.95
C VAL A 92 7.45 -7.36 -12.25
N ASP A 93 6.26 -7.06 -12.74
CA ASP A 93 6.09 -6.33 -13.99
C ASP A 93 4.65 -5.86 -14.14
N ASP A 94 4.45 -4.80 -14.92
CA ASP A 94 3.13 -4.24 -15.15
C ASP A 94 2.20 -5.24 -15.84
N ASP A 95 2.78 -6.11 -16.66
CA ASP A 95 1.99 -7.13 -17.37
C ASP A 95 1.76 -8.34 -16.48
N HIS A 96 2.55 -8.46 -15.43
CA HIS A 96 2.45 -9.59 -14.51
C HIS A 96 1.45 -9.27 -13.40
N PHE A 97 0.18 -9.54 -13.66
CA PHE A 97 -0.87 -9.28 -12.69
C PHE A 97 -1.10 -10.48 -11.77
N LYS A 98 -1.41 -10.19 -10.52
CA LYS A 98 -1.68 -11.22 -9.53
C LYS A 98 -2.63 -10.69 -8.47
N SER A 99 -3.63 -11.48 -8.10
CA SER A 99 -4.61 -11.09 -7.10
C SER A 99 -4.30 -11.76 -5.77
N THR A 100 -4.11 -10.97 -4.73
CA THR A 100 -3.83 -11.50 -3.41
C THR A 100 -5.14 -11.80 -2.68
N ASP A 101 -6.02 -10.81 -2.66
CA ASP A 101 -7.32 -10.96 -2.00
C ASP A 101 -8.43 -10.90 -3.04
N ALA A 102 -8.97 -12.05 -3.38
CA ALA A 102 -10.03 -12.15 -4.35
C ALA A 102 -10.74 -13.49 -4.23
N GLU A 103 -12.05 -13.47 -4.06
CA GLU A 103 -12.81 -14.70 -3.94
C GLU A 103 -14.29 -14.44 -4.10
N GLY B 1 1.16 21.01 26.53
CA GLY B 1 1.80 21.35 27.83
C GLY B 1 3.25 21.78 27.66
N SER B 2 4.12 21.23 28.49
CA SER B 2 5.54 21.56 28.45
C SER B 2 6.39 20.35 28.04
N LYS B 3 5.74 19.21 27.86
CA LYS B 3 6.45 18.00 27.50
C LYS B 3 6.17 17.63 26.04
N VAL B 4 6.79 16.55 25.59
CA VAL B 4 6.60 16.09 24.22
C VAL B 4 5.15 15.61 24.03
N GLU B 5 4.42 16.31 23.20
CA GLU B 5 3.03 15.98 22.93
C GLU B 5 2.94 14.82 21.94
N ASP B 6 2.22 13.77 22.34
CA ASP B 6 2.04 12.60 21.50
C ASP B 6 0.67 12.64 20.83
N PRO B 7 0.62 12.88 19.51
CA PRO B 7 -0.64 12.93 18.76
C PRO B 7 -1.31 11.56 18.69
N LYS B 8 -2.63 11.57 18.57
CA LYS B 8 -3.40 10.35 18.49
C LYS B 8 -3.65 9.95 17.04
N ASP B 9 -3.27 10.84 16.13
CA ASP B 9 -3.44 10.62 14.70
C ASP B 9 -2.34 11.32 13.93
N PHE B 10 -2.35 11.17 12.61
CA PHE B 10 -1.37 11.79 11.75
C PHE B 10 -1.64 13.30 11.62
N PRO B 11 -0.64 14.08 11.20
CA PRO B 11 -0.81 15.53 11.02
C PRO B 11 -1.85 15.85 9.96
N SER B 12 -2.60 16.93 10.17
CA SER B 12 -3.65 17.37 9.25
C SER B 12 -3.15 17.51 7.82
N GLU B 13 -1.90 17.93 7.70
CA GLU B 13 -1.25 18.12 6.41
C GLU B 13 -1.26 16.83 5.58
N LEU B 14 -1.17 15.69 6.25
CA LEU B 14 -1.15 14.40 5.58
C LEU B 14 -2.46 13.65 5.73
N LEU B 15 -3.32 14.11 6.64
CA LEU B 15 -4.61 13.45 6.88
C LEU B 15 -5.47 13.41 5.62
N SER B 16 -5.29 14.40 4.76
CA SER B 16 -6.05 14.49 3.52
C SER B 16 -5.64 13.42 2.51
N PHE B 17 -4.53 12.74 2.79
CA PHE B 17 -4.04 11.71 1.90
C PHE B 17 -4.20 10.33 2.52
N LEU B 18 -4.91 10.27 3.64
CA LEU B 18 -5.13 9.01 4.32
C LEU B 18 -6.59 8.58 4.23
N SER B 19 -6.82 7.28 4.33
CA SER B 19 -8.17 6.73 4.25
C SER B 19 -8.95 7.01 5.54
N HIS B 20 -8.22 7.45 6.58
CA HIS B 20 -8.79 7.77 7.90
C HIS B 20 -9.21 6.51 8.65
N ALA B 21 -10.12 5.73 8.07
CA ALA B 21 -10.59 4.50 8.69
C ALA B 21 -9.52 3.41 8.60
N VAL B 22 -9.59 2.43 9.51
CA VAL B 22 -8.63 1.34 9.52
C VAL B 22 -9.34 -0.02 9.41
N PHE B 23 -10.28 -0.27 10.31
CA PHE B 23 -11.01 -1.53 10.32
C PHE B 23 -12.22 -1.49 9.40
N SER B 24 -11.98 -1.80 8.13
CA SER B 24 -13.03 -1.83 7.12
C SER B 24 -12.58 -2.70 5.95
N ASN B 25 -13.50 -3.07 5.07
CA ASN B 25 -13.16 -3.91 3.92
C ASN B 25 -12.54 -3.07 2.81
N ARG B 26 -11.38 -2.50 3.11
CA ARG B 26 -10.66 -1.68 2.16
C ARG B 26 -9.28 -2.26 1.92
N THR B 27 -9.14 -2.99 0.83
CA THR B 27 -7.88 -3.58 0.45
C THR B 27 -6.94 -2.49 -0.07
N LEU B 28 -5.83 -2.30 0.61
CA LEU B 28 -4.89 -1.27 0.21
C LEU B 28 -3.50 -1.84 0.00
N ALA B 29 -2.55 -0.95 -0.29
CA ALA B 29 -1.17 -1.34 -0.53
C ALA B 29 -0.22 -0.41 0.22
N CYS B 30 -0.47 0.89 0.16
CA CYS B 30 0.36 1.85 0.83
C CYS B 30 -0.14 2.11 2.25
N PHE B 31 0.77 2.03 3.21
CA PHE B 31 0.42 2.26 4.61
C PHE B 31 1.46 3.14 5.28
N ALA B 32 1.05 3.84 6.32
CA ALA B 32 1.95 4.72 7.05
C ALA B 32 1.79 4.51 8.55
N ILE B 33 2.90 4.59 9.28
CA ILE B 33 2.88 4.40 10.72
C ILE B 33 3.58 5.56 11.43
N TYR B 34 2.83 6.28 12.24
CA TYR B 34 3.36 7.40 13.01
C TYR B 34 3.83 6.88 14.36
N THR B 35 5.14 6.88 14.59
CA THR B 35 5.69 6.38 15.82
C THR B 35 7.02 7.06 16.16
N THR B 36 7.73 6.50 17.13
CA THR B 36 9.02 7.03 17.52
C THR B 36 10.07 6.59 16.50
N LYS B 37 11.14 7.37 16.36
CA LYS B 37 12.19 7.04 15.40
C LYS B 37 12.76 5.65 15.65
N GLU B 38 12.95 5.30 16.92
CA GLU B 38 13.47 3.99 17.30
C GLU B 38 12.50 2.88 16.90
N LYS B 39 11.22 3.12 17.14
CA LYS B 39 10.18 2.15 16.83
C LYS B 39 10.06 1.96 15.32
N ALA B 40 10.06 3.07 14.60
CA ALA B 40 9.95 3.05 13.14
C ALA B 40 11.19 2.43 12.50
N ALA B 41 12.34 2.60 13.15
CA ALA B 41 13.60 2.04 12.65
C ALA B 41 13.56 0.52 12.68
N LEU B 42 12.92 -0.02 13.71
CA LEU B 42 12.79 -1.47 13.84
C LEU B 42 11.84 -2.01 12.79
N LEU B 43 10.69 -1.34 12.65
CA LEU B 43 9.67 -1.73 11.69
C LEU B 43 10.21 -1.61 10.26
N TYR B 44 11.15 -0.67 10.08
CA TYR B 44 11.76 -0.43 8.77
C TYR B 44 12.32 -1.70 8.16
N LYS B 45 13.02 -2.50 8.98
CA LYS B 45 13.61 -3.74 8.51
C LYS B 45 12.67 -4.92 8.71
N LYS B 46 11.85 -4.85 9.76
CA LYS B 46 10.91 -5.92 10.07
C LYS B 46 9.83 -6.06 9.00
N ILE B 47 9.32 -4.93 8.52
CA ILE B 47 8.27 -4.96 7.51
C ILE B 47 8.85 -5.13 6.10
N MET B 48 10.04 -4.57 5.90
CA MET B 48 10.73 -4.63 4.61
C MET B 48 10.80 -6.05 4.06
N GLU B 49 11.34 -6.97 4.85
CA GLU B 49 11.49 -8.36 4.41
C GLU B 49 10.17 -9.12 4.55
N LYS B 50 9.52 -8.96 5.69
CA LYS B 50 8.27 -9.65 6.00
C LYS B 50 7.24 -9.51 4.88
N TYR B 51 7.01 -8.29 4.43
CA TYR B 51 6.02 -8.04 3.39
C TYR B 51 6.64 -7.86 2.01
N SER B 52 7.96 -7.73 1.97
CA SER B 52 8.69 -7.52 0.71
C SER B 52 8.20 -6.25 0.03
N VAL B 53 8.22 -5.16 0.80
CA VAL B 53 7.76 -3.87 0.29
C VAL B 53 8.65 -3.36 -0.84
N THR B 54 8.03 -2.70 -1.80
CA THR B 54 8.74 -2.15 -2.93
C THR B 54 9.44 -0.85 -2.51
N PHE B 55 8.71 -0.05 -1.76
CA PHE B 55 9.22 1.21 -1.27
C PHE B 55 8.95 1.36 0.21
N ILE B 56 9.99 1.67 0.96
CA ILE B 56 9.89 1.88 2.39
C ILE B 56 10.83 3.00 2.80
N SER B 57 10.35 3.90 3.63
CA SER B 57 11.16 5.03 4.06
C SER B 57 10.71 5.55 5.41
N ARG B 58 11.61 6.25 6.06
CA ARG B 58 11.33 6.85 7.35
C ARG B 58 11.47 8.36 7.22
N HIS B 59 10.37 9.07 7.40
CA HIS B 59 10.36 10.53 7.26
C HIS B 59 10.14 11.19 8.62
N ASN B 60 10.55 12.44 8.71
CA ASN B 60 10.40 13.21 9.94
C ASN B 60 9.04 13.90 9.93
N SER B 61 8.66 14.48 11.05
CA SER B 61 7.40 15.19 11.15
C SER B 61 7.49 16.39 12.09
N TYR B 62 7.21 16.15 13.36
CA TYR B 62 7.27 17.20 14.35
C TYR B 62 8.03 16.74 15.57
N ASN B 63 7.45 15.80 16.31
CA ASN B 63 8.09 15.27 17.51
C ASN B 63 8.29 13.77 17.40
N HIS B 64 7.97 13.20 16.24
CA HIS B 64 8.11 11.77 16.03
C HIS B 64 8.53 11.47 14.59
N ASN B 65 8.42 10.21 14.18
CA ASN B 65 8.80 9.81 12.84
C ASN B 65 7.65 9.11 12.14
N ILE B 66 7.62 9.22 10.82
CA ILE B 66 6.57 8.61 10.02
C ILE B 66 7.14 7.54 9.11
N LEU B 67 6.71 6.30 9.32
CA LEU B 67 7.14 5.18 8.50
C LEU B 67 6.23 5.06 7.28
N PHE B 68 6.80 5.23 6.11
CA PHE B 68 6.05 5.15 4.87
C PHE B 68 6.47 3.91 4.09
N PHE B 69 5.55 2.99 3.87
CA PHE B 69 5.88 1.78 3.13
C PHE B 69 4.75 1.36 2.21
N LEU B 70 5.11 0.70 1.12
CA LEU B 70 4.15 0.22 0.15
C LEU B 70 4.24 -1.29 0.02
N THR B 71 3.25 -1.98 0.54
CA THR B 71 3.21 -3.42 0.48
C THR B 71 2.55 -3.87 -0.81
N PRO B 72 3.30 -4.56 -1.68
CA PRO B 72 2.77 -5.04 -2.97
C PRO B 72 1.59 -6.00 -2.78
N HIS B 73 1.73 -6.91 -1.82
CA HIS B 73 0.68 -7.88 -1.55
C HIS B 73 -0.57 -7.16 -1.06
N ARG B 74 -1.67 -7.36 -1.76
CA ARG B 74 -2.93 -6.70 -1.42
C ARG B 74 -3.53 -7.26 -0.14
N HIS B 75 -3.96 -6.37 0.74
CA HIS B 75 -4.55 -6.75 2.01
C HIS B 75 -5.29 -5.56 2.63
N ARG B 76 -6.22 -5.86 3.52
CA ARG B 76 -7.00 -4.83 4.20
C ARG B 76 -6.19 -4.17 5.30
N VAL B 77 -6.55 -2.94 5.64
CA VAL B 77 -5.88 -2.17 6.68
C VAL B 77 -6.02 -2.85 8.04
N SER B 78 -7.14 -3.53 8.23
CA SER B 78 -7.43 -4.24 9.46
C SER B 78 -6.34 -5.25 9.81
N ALA B 79 -5.80 -5.91 8.78
CA ALA B 79 -4.76 -6.90 8.97
C ALA B 79 -3.41 -6.24 9.27
N ILE B 80 -3.16 -5.12 8.61
CA ILE B 80 -1.92 -4.39 8.78
C ILE B 80 -1.84 -3.77 10.17
N ASN B 81 -2.92 -3.12 10.60
CA ASN B 81 -2.95 -2.47 11.91
C ASN B 81 -2.76 -3.49 13.02
N ASN B 82 -3.28 -4.71 12.82
CA ASN B 82 -3.15 -5.76 13.82
C ASN B 82 -1.68 -6.10 14.07
N TYR B 83 -0.91 -6.14 12.98
CA TYR B 83 0.52 -6.43 13.06
C TYR B 83 1.26 -5.30 13.79
N ALA B 84 0.89 -4.07 13.47
CA ALA B 84 1.51 -2.90 14.07
C ALA B 84 1.09 -2.73 15.53
N GLN B 85 -0.19 -2.93 15.79
CA GLN B 85 -0.75 -2.80 17.14
C GLN B 85 -0.12 -3.83 18.07
N LYS B 86 0.20 -4.99 17.53
CA LYS B 86 0.80 -6.06 18.30
C LYS B 86 2.20 -5.66 18.79
N LEU B 87 2.88 -4.84 18.00
CA LEU B 87 4.21 -4.38 18.35
C LEU B 87 4.16 -3.05 19.09
N CYS B 88 3.01 -2.76 19.69
CA CYS B 88 2.83 -1.53 20.43
C CYS B 88 3.18 -1.73 21.92
N THR B 89 4.23 -2.52 22.14
CA THR B 89 4.69 -2.81 23.49
C THR B 89 5.37 -1.60 24.11
N PHE B 90 6.09 -0.85 23.28
CA PHE B 90 6.80 0.35 23.72
C PHE B 90 5.84 1.53 23.81
N SER B 91 6.20 2.62 23.13
CA SER B 91 5.37 3.82 23.11
C SER B 91 4.14 3.60 22.23
N PHE B 92 3.36 4.65 22.01
CA PHE B 92 2.16 4.58 21.20
C PHE B 92 2.47 4.20 19.75
N LEU B 93 1.42 4.00 18.95
CA LEU B 93 1.57 3.64 17.55
C LEU B 93 0.32 4.03 16.77
N ILE B 94 0.52 4.72 15.64
CA ILE B 94 -0.59 5.12 14.80
C ILE B 94 -0.41 4.58 13.39
N CYS B 95 -1.19 3.57 13.05
CA CYS B 95 -1.12 2.97 11.72
C CYS B 95 -2.36 3.37 10.93
N LYS B 96 -2.17 3.78 9.68
CA LYS B 96 -3.28 4.19 8.84
C LYS B 96 -2.98 3.92 7.37
N GLY B 97 -4.03 3.66 6.60
CA GLY B 97 -3.87 3.39 5.19
C GLY B 97 -3.76 4.66 4.38
N VAL B 98 -2.85 4.66 3.41
CA VAL B 98 -2.64 5.82 2.56
C VAL B 98 -3.53 5.77 1.33
N ASN B 99 -4.36 6.78 1.18
CA ASN B 99 -5.28 6.87 0.05
C ASN B 99 -4.61 7.57 -1.12
N LYS B 100 -3.64 8.42 -0.81
CA LYS B 100 -2.91 9.17 -1.82
C LYS B 100 -1.41 8.97 -1.62
N GLU B 101 -0.91 7.83 -2.10
CA GLU B 101 0.50 7.46 -1.97
C GLU B 101 1.43 8.55 -2.51
N TYR B 102 1.30 8.86 -3.79
CA TYR B 102 2.12 9.85 -4.46
C TYR B 102 2.00 11.22 -3.79
N LEU B 103 0.76 11.61 -3.48
CA LEU B 103 0.50 12.90 -2.87
C LEU B 103 1.09 13.00 -1.46
N MET B 104 0.90 11.95 -0.66
CA MET B 104 1.41 11.94 0.71
C MET B 104 2.93 12.00 0.71
N TYR B 105 3.55 11.25 -0.20
CA TYR B 105 5.01 11.24 -0.30
C TYR B 105 5.51 12.63 -0.70
N SER B 106 4.79 13.28 -1.59
CA SER B 106 5.16 14.62 -2.07
C SER B 106 5.14 15.63 -0.91
N ALA B 107 4.14 15.51 -0.04
CA ALA B 107 4.05 16.40 1.10
C ALA B 107 5.06 16.02 2.17
N LEU B 108 5.41 14.74 2.20
CA LEU B 108 6.38 14.21 3.15
C LEU B 108 7.81 14.55 2.76
N THR B 109 7.98 15.29 1.66
CA THR B 109 9.30 15.66 1.20
C THR B 109 9.45 17.18 1.12
N ARG B 110 8.99 17.86 2.17
CA ARG B 110 9.04 19.31 2.21
C ARG B 110 9.69 19.81 3.50
N ASP B 111 9.62 21.11 3.72
CA ASP B 111 10.20 21.76 4.91
C ASP B 111 9.83 21.07 6.24
N PRO B 112 8.54 20.87 6.55
CA PRO B 112 8.12 20.24 7.81
C PRO B 112 8.45 18.76 7.90
N PHE B 113 8.36 18.05 6.78
CA PHE B 113 8.63 16.62 6.77
C PHE B 113 9.90 16.30 5.99
N SER B 114 10.97 16.02 6.73
CA SER B 114 12.26 15.69 6.14
C SER B 114 12.38 14.21 5.81
N VAL B 115 13.45 13.83 5.14
CA VAL B 115 13.68 12.45 4.74
C VAL B 115 14.95 11.90 5.41
N ILE B 116 14.91 10.63 5.81
CA ILE B 116 16.05 10.00 6.44
C ILE B 116 16.63 8.90 5.56
N GLU B 117 15.97 7.74 5.54
CA GLU B 117 16.44 6.60 4.75
C GLU B 117 15.35 6.08 3.81
N GLU B 118 15.63 6.05 2.51
CA GLU B 118 14.69 5.56 1.52
C GLU B 118 15.21 4.29 0.89
N SER B 119 14.31 3.38 0.51
CA SER B 119 14.70 2.13 -0.12
C SER B 119 15.00 2.36 -1.60
N LEU B 120 14.08 3.06 -2.27
CA LEU B 120 14.25 3.36 -3.68
C LEU B 120 15.11 4.60 -3.85
N PRO B 121 15.95 4.62 -4.89
CA PRO B 121 16.85 5.74 -5.17
C PRO B 121 16.19 6.88 -5.93
N GLY B 122 14.87 6.93 -5.91
CA GLY B 122 14.16 7.98 -6.61
C GLY B 122 12.72 8.14 -6.14
N GLY B 123 12.49 7.94 -4.85
CA GLY B 123 11.16 8.05 -4.30
C GLY B 123 10.21 7.03 -4.88
N LEU B 124 8.97 7.45 -5.10
CA LEU B 124 7.95 6.56 -5.65
C LEU B 124 7.81 6.77 -7.15
N LYS B 125 7.76 5.69 -7.90
CA LYS B 125 7.63 5.78 -9.35
C LYS B 125 6.48 4.91 -9.86
N GLU B 126 6.24 4.96 -11.16
CA GLU B 126 5.18 4.20 -11.81
C GLU B 126 5.37 2.69 -11.65
N HIS B 127 6.62 2.26 -11.48
CA HIS B 127 6.92 0.83 -11.32
C HIS B 127 6.40 0.31 -9.97
N ASP B 128 5.98 1.22 -9.11
CA ASP B 128 5.46 0.85 -7.80
C ASP B 128 3.93 0.88 -7.81
N PHE B 129 3.36 1.34 -8.92
CA PHE B 129 1.91 1.43 -9.05
C PHE B 129 1.44 0.61 -10.26
N ASN B 130 0.24 0.92 -10.74
CA ASN B 130 -0.33 0.23 -11.88
C ASN B 130 -1.07 1.22 -12.78
N PRO B 131 -0.41 1.69 -13.84
CA PRO B 131 -0.98 2.66 -14.78
C PRO B 131 -1.91 1.99 -15.79
N ALA A 35 3.91 24.79 -0.49
CA ALA A 35 5.09 23.90 -0.63
C ALA A 35 5.10 22.84 0.45
N ASN A 36 4.67 23.22 1.64
CA ASN A 36 4.61 22.31 2.77
C ASN A 36 3.18 22.18 3.28
N GLY A 37 2.47 21.17 2.78
CA GLY A 37 1.09 20.97 3.18
C GLY A 37 0.95 20.24 4.50
N LEU A 38 1.85 20.55 5.42
CA LEU A 38 1.85 19.94 6.74
C LEU A 38 1.92 21.04 7.79
N THR A 39 1.44 20.74 8.99
CA THR A 39 1.47 21.71 10.07
C THR A 39 2.85 21.74 10.71
N VAL A 40 3.19 22.85 11.36
CA VAL A 40 4.48 22.97 12.02
C VAL A 40 4.69 21.85 13.02
N ALA A 41 3.63 21.53 13.77
CA ALA A 41 3.68 20.46 14.75
C ALA A 41 3.94 19.12 14.07
N GLN A 42 3.33 18.93 12.90
CA GLN A 42 3.49 17.70 12.14
C GLN A 42 4.92 17.61 11.60
N ASN A 43 5.44 18.74 11.15
CA ASN A 43 6.80 18.82 10.62
C ASN A 43 7.80 18.38 11.67
N GLN A 44 7.52 18.74 12.93
CA GLN A 44 8.37 18.36 14.06
C GLN A 44 8.39 16.85 14.19
N VAL A 45 7.21 16.26 14.30
CA VAL A 45 7.06 14.82 14.44
C VAL A 45 7.70 14.09 13.27
N LEU A 46 7.33 14.48 12.05
CA LEU A 46 7.86 13.87 10.84
C LEU A 46 9.38 13.95 10.79
N ASN A 47 9.93 15.12 11.10
CA ASN A 47 11.37 15.32 11.09
C ASN A 47 12.04 14.44 12.12
N LEU A 48 11.49 14.40 13.33
CA LEU A 48 12.05 13.60 14.41
C LEU A 48 12.15 12.13 14.01
N ILE A 49 11.15 11.63 13.30
CA ILE A 49 11.14 10.23 12.89
C ILE A 49 12.28 9.92 11.92
N LYS A 50 12.72 10.91 11.15
CA LYS A 50 13.82 10.71 10.21
C LYS A 50 15.11 11.36 10.71
N ALA A 51 15.06 11.92 11.91
CA ALA A 51 16.23 12.57 12.51
C ALA A 51 16.72 11.76 13.70
N CYS A 52 15.96 10.74 14.05
CA CYS A 52 16.29 9.88 15.16
C CYS A 52 17.30 8.83 14.72
N PRO A 53 18.47 8.78 15.37
CA PRO A 53 19.54 7.83 15.04
C PRO A 53 19.29 6.42 15.59
N ARG A 54 18.04 5.97 15.51
CA ARG A 54 17.67 4.65 16.00
C ARG A 54 17.44 3.70 14.84
N PRO A 55 17.87 2.44 14.99
CA PRO A 55 17.72 1.40 13.95
C PRO A 55 16.25 1.19 13.58
N GLU A 56 15.35 1.30 14.56
CA GLU A 56 13.93 1.12 14.31
C GLU A 56 13.28 2.41 13.83
N GLY A 57 14.06 3.48 13.84
CA GLY A 57 13.54 4.78 13.43
C GLY A 57 13.02 5.54 14.61
N LEU A 58 11.71 5.48 14.82
CA LEU A 58 11.09 6.16 15.94
C LEU A 58 9.77 5.49 16.29
N ASN A 59 9.82 4.64 17.31
CA ASN A 59 8.65 3.92 17.77
C ASN A 59 7.60 4.88 18.34
N PHE A 60 6.34 4.50 18.27
CA PHE A 60 5.25 5.32 18.79
C PHE A 60 5.49 5.65 20.26
N GLN A 61 5.95 4.66 21.01
CA GLN A 61 6.25 4.84 22.42
C GLN A 61 7.33 5.91 22.62
N ASP A 62 8.33 5.88 21.75
CA ASP A 62 9.44 6.84 21.81
C ASP A 62 8.98 8.22 21.35
N LEU A 63 8.08 8.23 20.38
CA LEU A 63 7.54 9.47 19.83
C LEU A 63 6.94 10.35 20.92
N LYS A 64 6.01 9.79 21.67
CA LYS A 64 5.34 10.53 22.74
C LYS A 64 6.26 10.70 23.95
N ASN A 65 7.32 9.89 24.02
CA ASN A 65 8.27 9.98 25.11
C ASN A 65 9.15 11.20 24.95
N GLN A 66 9.64 11.41 23.73
CA GLN A 66 10.48 12.56 23.45
C GLN A 66 9.62 13.81 23.31
N LEU A 67 8.57 13.71 22.52
CA LEU A 67 7.67 14.84 22.32
C LEU A 67 6.58 14.83 23.38
N LYS A 68 6.98 15.10 24.61
CA LYS A 68 6.07 15.12 25.75
C LYS A 68 5.03 16.23 25.62
N HIS A 69 5.29 17.18 24.73
CA HIS A 69 4.36 18.29 24.52
C HIS A 69 3.21 17.87 23.59
N MET A 70 3.23 16.61 23.18
CA MET A 70 2.20 16.07 22.29
C MET A 70 1.53 14.86 22.93
N SER A 71 0.21 14.90 22.99
CA SER A 71 -0.56 13.81 23.57
C SER A 71 -0.69 12.64 22.58
N VAL A 72 -1.14 11.50 23.06
CA VAL A 72 -1.30 10.32 22.23
C VAL A 72 -2.26 10.61 21.08
N SER A 73 -3.33 11.32 21.39
CA SER A 73 -4.33 11.68 20.39
C SER A 73 -3.72 12.55 19.30
N SER A 74 -2.88 13.49 19.73
CA SER A 74 -2.20 14.39 18.80
C SER A 74 -1.24 13.62 17.89
N ILE A 75 -0.50 12.69 18.48
CA ILE A 75 0.43 11.86 17.73
C ILE A 75 -0.31 11.02 16.69
N LYS A 76 -1.43 10.42 17.11
CA LYS A 76 -2.24 9.61 16.22
C LYS A 76 -2.74 10.44 15.04
N GLN A 77 -3.21 11.66 15.33
CA GLN A 77 -3.71 12.56 14.29
C GLN A 77 -2.62 12.84 13.26
N ALA A 78 -1.41 13.11 13.74
CA ALA A 78 -0.29 13.40 12.86
C ALA A 78 0.11 12.15 12.08
N VAL A 79 0.25 11.04 12.79
CA VAL A 79 0.63 9.77 12.17
C VAL A 79 -0.36 9.35 11.10
N ASP A 80 -1.64 9.60 11.33
CA ASP A 80 -2.68 9.23 10.38
C ASP A 80 -2.47 9.97 9.06
N PHE A 81 -2.20 11.26 9.13
CA PHE A 81 -1.96 12.06 7.93
C PHE A 81 -0.61 11.72 7.32
N LEU A 82 0.38 11.48 8.19
CA LEU A 82 1.71 11.13 7.72
C LEU A 82 1.67 9.81 6.95
N SER A 83 0.85 8.89 7.42
CA SER A 83 0.69 7.59 6.77
C SER A 83 -0.19 7.73 5.52
N ASN A 84 -1.00 8.78 5.50
CA ASN A 84 -1.87 9.04 4.35
C ASN A 84 -1.03 9.56 3.21
N GLU A 85 -0.14 10.50 3.53
CA GLU A 85 0.76 11.08 2.55
C GLU A 85 1.84 10.07 2.15
N GLY A 86 2.33 9.32 3.13
CA GLY A 86 3.35 8.32 2.87
C GLY A 86 4.73 8.79 3.28
N HIS A 87 4.77 9.78 4.16
CA HIS A 87 6.04 10.33 4.62
C HIS A 87 6.64 9.45 5.72
N ILE A 88 5.82 8.53 6.23
CA ILE A 88 6.24 7.59 7.26
C ILE A 88 5.62 6.24 6.95
N TYR A 89 6.02 5.20 7.67
CA TYR A 89 5.47 3.87 7.44
C TYR A 89 5.74 2.94 8.60
N SER A 90 4.91 1.93 8.74
CA SER A 90 5.07 0.93 9.79
C SER A 90 5.89 -0.23 9.23
N THR A 91 6.75 -0.80 10.07
CA THR A 91 7.56 -1.92 9.64
C THR A 91 6.76 -3.21 9.67
N VAL A 92 6.49 -3.71 10.87
CA VAL A 92 5.72 -4.94 11.06
C VAL A 92 4.91 -4.84 12.34
N ASP A 93 4.65 -3.62 12.78
CA ASP A 93 3.91 -3.37 14.01
C ASP A 93 3.44 -1.93 14.07
N ASP A 94 2.35 -1.70 14.79
CA ASP A 94 1.78 -0.36 14.94
C ASP A 94 2.75 0.61 15.61
N ASP A 95 3.40 0.14 16.67
CA ASP A 95 4.34 0.98 17.42
C ASP A 95 5.62 1.18 16.64
N HIS A 96 6.01 0.17 15.87
CA HIS A 96 7.24 0.22 15.10
C HIS A 96 7.09 1.11 13.85
N PHE A 97 7.28 2.40 14.04
CA PHE A 97 7.15 3.35 12.94
C PHE A 97 8.52 3.77 12.41
N LYS A 98 8.59 3.90 11.10
CA LYS A 98 9.82 4.31 10.43
C LYS A 98 9.51 5.49 9.51
N SER A 99 10.55 6.19 9.08
CA SER A 99 10.37 7.36 8.23
C SER A 99 10.63 7.04 6.76
N THR A 100 9.93 7.73 5.88
CA THR A 100 10.09 7.56 4.46
C THR A 100 10.79 8.78 3.87
N ASP A 101 11.63 8.56 2.88
CA ASP A 101 12.36 9.63 2.24
C ASP A 101 12.62 9.26 0.78
N ALA A 102 11.58 8.83 0.10
CA ALA A 102 11.69 8.41 -1.29
C ALA A 102 10.62 9.03 -2.18
N GLU A 103 9.82 9.92 -1.62
CA GLU A 103 8.77 10.58 -2.39
C GLU A 103 9.36 11.70 -3.23
N GLY B 1 -18.21 -8.17 -27.22
CA GLY B 1 -18.16 -8.92 -28.49
C GLY B 1 -18.43 -10.39 -28.30
N SER B 2 -17.80 -11.23 -29.10
CA SER B 2 -17.98 -12.67 -29.01
C SER B 2 -17.06 -13.26 -27.94
N LYS B 3 -15.84 -12.74 -27.87
CA LYS B 3 -14.85 -13.22 -26.92
C LYS B 3 -14.93 -12.43 -25.62
N VAL B 4 -13.97 -12.68 -24.73
CA VAL B 4 -13.91 -11.98 -23.46
C VAL B 4 -13.47 -10.53 -23.66
N GLU B 5 -14.09 -9.62 -22.93
CA GLU B 5 -13.76 -8.20 -23.04
C GLU B 5 -12.66 -7.83 -22.06
N ASP B 6 -11.53 -7.39 -22.59
CA ASP B 6 -10.40 -6.98 -21.76
C ASP B 6 -10.52 -5.50 -21.44
N PRO B 7 -10.66 -5.16 -20.15
CA PRO B 7 -10.78 -3.78 -19.71
C PRO B 7 -9.46 -3.03 -19.74
N LYS B 8 -9.53 -1.73 -19.54
CA LYS B 8 -8.35 -0.87 -19.54
C LYS B 8 -8.18 -0.27 -18.16
N ASP B 9 -9.14 -0.53 -17.29
CA ASP B 9 -9.13 -0.02 -15.93
C ASP B 9 -9.83 -1.00 -14.99
N PHE B 10 -9.78 -0.71 -13.70
CA PHE B 10 -10.40 -1.55 -12.69
C PHE B 10 -11.93 -1.41 -12.70
N PRO B 11 -12.64 -2.36 -12.07
CA PRO B 11 -14.10 -2.32 -11.99
C PRO B 11 -14.59 -1.22 -11.06
N SER B 12 -15.82 -0.77 -11.28
CA SER B 12 -16.41 0.31 -10.49
C SER B 12 -16.37 0.04 -8.98
N GLU B 13 -16.49 -1.23 -8.60
CA GLU B 13 -16.46 -1.63 -7.19
C GLU B 13 -15.18 -1.21 -6.49
N LEU B 14 -14.05 -1.30 -7.19
CA LEU B 14 -12.76 -0.97 -6.60
C LEU B 14 -12.30 0.44 -6.96
N LEU B 15 -12.84 0.99 -8.04
CA LEU B 15 -12.47 2.33 -8.50
C LEU B 15 -12.64 3.38 -7.40
N SER B 16 -13.64 3.17 -6.55
CA SER B 16 -13.92 4.10 -5.45
C SER B 16 -12.81 4.14 -4.40
N PHE B 17 -12.01 3.09 -4.33
CA PHE B 17 -10.93 3.03 -3.33
C PHE B 17 -9.56 3.14 -3.97
N LEU B 18 -9.52 3.43 -5.26
CA LEU B 18 -8.27 3.54 -5.97
C LEU B 18 -7.84 5.01 -6.12
N SER B 19 -6.55 5.24 -6.22
CA SER B 19 -6.02 6.58 -6.38
C SER B 19 -6.23 7.07 -7.81
N HIS B 20 -6.42 6.12 -8.73
CA HIS B 20 -6.64 6.38 -10.16
C HIS B 20 -5.35 6.83 -10.85
N ALA B 21 -4.64 7.75 -10.22
CA ALA B 21 -3.39 8.27 -10.76
C ALA B 21 -2.30 7.20 -10.71
N VAL B 22 -1.42 7.23 -11.70
CA VAL B 22 -0.32 6.28 -11.78
C VAL B 22 0.99 7.02 -11.53
N PHE B 23 1.06 8.25 -11.99
CA PHE B 23 2.24 9.08 -11.81
C PHE B 23 2.06 9.98 -10.59
N SER B 24 1.60 9.38 -9.50
CA SER B 24 1.36 10.09 -8.26
C SER B 24 2.67 10.53 -7.62
N ASN B 25 2.65 11.71 -6.99
CA ASN B 25 3.85 12.24 -6.33
C ASN B 25 3.90 11.79 -4.88
N ARG B 26 2.78 11.31 -4.38
CA ARG B 26 2.70 10.84 -3.00
C ARG B 26 3.29 9.43 -2.88
N THR B 27 3.90 9.17 -1.74
CA THR B 27 4.50 7.88 -1.47
C THR B 27 3.44 6.87 -1.04
N LEU B 28 3.00 6.03 -1.97
CA LEU B 28 1.98 5.04 -1.67
C LEU B 28 2.60 3.76 -1.12
N ALA B 29 1.76 2.90 -0.58
CA ALA B 29 2.20 1.64 0.00
C ALA B 29 1.49 0.45 -0.64
N CYS B 30 0.19 0.58 -0.85
CA CYS B 30 -0.60 -0.48 -1.45
C CYS B 30 -0.84 -0.21 -2.92
N PHE B 31 -0.68 -1.25 -3.73
CA PHE B 31 -0.89 -1.14 -5.17
C PHE B 31 -1.72 -2.31 -5.65
N ALA B 32 -2.52 -2.07 -6.68
CA ALA B 32 -3.36 -3.11 -7.24
C ALA B 32 -2.98 -3.36 -8.69
N ILE B 33 -2.88 -4.63 -9.06
CA ILE B 33 -2.52 -5.00 -10.42
C ILE B 33 -3.57 -5.89 -11.06
N TYR B 34 -4.35 -5.32 -11.96
CA TYR B 34 -5.37 -6.07 -12.67
C TYR B 34 -4.73 -6.69 -13.91
N THR B 35 -4.56 -8.01 -13.90
CA THR B 35 -3.93 -8.71 -15.00
C THR B 35 -4.49 -10.12 -15.15
N THR B 36 -3.72 -11.00 -15.79
CA THR B 36 -4.11 -12.38 -15.98
C THR B 36 -3.69 -13.19 -14.76
N LYS B 37 -4.28 -14.37 -14.58
CA LYS B 37 -3.94 -15.21 -13.43
C LYS B 37 -2.49 -15.65 -13.49
N GLU B 38 -1.97 -15.87 -14.70
CA GLU B 38 -0.59 -16.26 -14.89
C GLU B 38 0.35 -15.14 -14.43
N LYS B 39 0.09 -13.94 -14.93
CA LYS B 39 0.88 -12.76 -14.61
C LYS B 39 0.87 -12.48 -13.12
N ALA B 40 -0.32 -12.50 -12.52
CA ALA B 40 -0.46 -12.24 -11.10
C ALA B 40 0.21 -13.33 -10.26
N ALA B 41 0.25 -14.55 -10.78
CA ALA B 41 0.89 -15.65 -10.08
C ALA B 41 2.40 -15.48 -10.06
N LEU B 42 2.95 -15.02 -11.18
CA LEU B 42 4.38 -14.81 -11.30
C LEU B 42 4.80 -13.61 -10.44
N LEU B 43 4.02 -12.54 -10.55
CA LEU B 43 4.30 -11.32 -9.80
C LEU B 43 4.22 -11.57 -8.30
N TYR B 44 3.37 -12.52 -7.91
CA TYR B 44 3.18 -12.89 -6.51
C TYR B 44 4.49 -13.23 -5.82
N LYS B 45 5.25 -14.13 -6.42
CA LYS B 45 6.53 -14.57 -5.84
C LYS B 45 7.63 -13.55 -6.10
N LYS B 46 7.56 -12.86 -7.23
CA LYS B 46 8.57 -11.87 -7.59
C LYS B 46 8.51 -10.63 -6.70
N ILE B 47 7.36 -9.99 -6.64
CA ILE B 47 7.19 -8.78 -5.83
C ILE B 47 7.45 -9.05 -4.35
N MET B 48 7.10 -10.26 -3.91
CA MET B 48 7.28 -10.66 -2.51
C MET B 48 8.72 -10.47 -2.05
N GLU B 49 9.68 -10.96 -2.84
CA GLU B 49 11.09 -10.85 -2.47
C GLU B 49 11.73 -9.58 -3.04
N LYS B 50 11.13 -9.02 -4.08
CA LYS B 50 11.67 -7.82 -4.71
C LYS B 50 11.40 -6.57 -3.90
N TYR B 51 10.18 -6.43 -3.38
CA TYR B 51 9.84 -5.24 -2.62
C TYR B 51 9.57 -5.54 -1.15
N SER B 52 9.52 -6.82 -0.81
CA SER B 52 9.25 -7.24 0.57
C SER B 52 7.90 -6.71 1.03
N VAL B 53 6.84 -7.24 0.44
CA VAL B 53 5.49 -6.82 0.76
C VAL B 53 5.00 -7.51 2.03
N THR B 54 4.39 -6.73 2.91
CA THR B 54 3.87 -7.27 4.16
C THR B 54 2.67 -8.16 3.91
N PHE B 55 1.85 -7.76 2.95
CA PHE B 55 0.68 -8.52 2.59
C PHE B 55 0.49 -8.53 1.08
N ILE B 56 0.39 -9.73 0.53
CA ILE B 56 0.17 -9.90 -0.89
C ILE B 56 -0.90 -10.96 -1.08
N SER B 57 -1.94 -10.61 -1.81
CA SER B 57 -3.03 -11.55 -2.03
C SER B 57 -3.51 -11.49 -3.48
N ARG B 58 -3.85 -12.65 -4.01
CA ARG B 58 -4.35 -12.76 -5.38
C ARG B 58 -5.84 -13.00 -5.32
N HIS B 59 -6.61 -12.13 -5.96
CA HIS B 59 -8.06 -12.27 -5.95
C HIS B 59 -8.62 -12.44 -7.34
N ASN B 60 -9.73 -13.15 -7.43
CA ASN B 60 -10.40 -13.40 -8.70
C ASN B 60 -11.34 -12.24 -9.01
N SER B 61 -11.63 -12.04 -10.28
CA SER B 61 -12.52 -10.96 -10.67
C SER B 61 -13.60 -11.47 -11.62
N TYR B 62 -13.86 -10.71 -12.68
CA TYR B 62 -14.87 -11.08 -13.65
C TYR B 62 -14.34 -12.12 -14.62
N ASN B 63 -13.16 -11.84 -15.18
CA ASN B 63 -12.54 -12.76 -16.14
C ASN B 63 -11.02 -12.65 -16.11
N HIS B 64 -10.49 -12.07 -15.03
CA HIS B 64 -9.04 -11.89 -14.90
C HIS B 64 -8.64 -12.07 -13.43
N ASN B 65 -7.46 -11.56 -13.08
CA ASN B 65 -6.98 -11.67 -11.70
C ASN B 65 -6.50 -10.32 -11.19
N ILE B 66 -6.73 -10.08 -9.91
CA ILE B 66 -6.33 -8.82 -9.29
C ILE B 66 -5.30 -9.07 -8.18
N LEU B 67 -4.11 -8.53 -8.37
CA LEU B 67 -3.05 -8.69 -7.37
C LEU B 67 -3.09 -7.52 -6.40
N PHE B 68 -3.28 -7.83 -5.13
CA PHE B 68 -3.35 -6.83 -4.09
C PHE B 68 -2.17 -6.98 -3.15
N PHE B 69 -1.24 -6.03 -3.18
CA PHE B 69 -0.08 -6.10 -2.32
C PHE B 69 0.19 -4.78 -1.61
N LEU B 70 0.76 -4.88 -0.42
CA LEU B 70 1.09 -3.72 0.39
C LEU B 70 2.58 -3.73 0.74
N THR B 71 3.24 -2.62 0.51
CA THR B 71 4.66 -2.52 0.81
C THR B 71 4.87 -1.57 1.99
N PRO B 72 5.56 -2.04 3.05
CA PRO B 72 5.84 -1.21 4.22
C PRO B 72 6.52 0.09 3.84
N HIS B 73 7.74 -0.01 3.33
CA HIS B 73 8.47 1.17 2.89
C HIS B 73 7.75 1.82 1.71
N ARG B 74 7.27 3.03 1.95
CA ARG B 74 6.53 3.78 0.94
C ARG B 74 7.41 4.14 -0.25
N HIS B 75 6.79 4.25 -1.41
CA HIS B 75 7.50 4.59 -2.64
C HIS B 75 6.53 5.16 -3.66
N ARG B 76 7.06 5.78 -4.71
CA ARG B 76 6.25 6.37 -5.76
C ARG B 76 5.58 5.29 -6.61
N VAL B 77 4.35 5.56 -7.02
CA VAL B 77 3.59 4.62 -7.84
C VAL B 77 4.26 4.43 -9.19
N SER B 78 4.80 5.51 -9.74
CA SER B 78 5.47 5.49 -11.03
C SER B 78 6.62 4.48 -11.06
N ALA B 79 7.30 4.32 -9.93
CA ALA B 79 8.41 3.39 -9.82
C ALA B 79 7.92 1.95 -9.96
N ILE B 80 6.83 1.64 -9.29
CA ILE B 80 6.25 0.30 -9.35
C ILE B 80 5.63 0.05 -10.72
N ASN B 81 4.99 1.08 -11.24
CA ASN B 81 4.33 1.03 -12.55
C ASN B 81 5.33 0.64 -13.64
N ASN B 82 6.54 1.18 -13.56
CA ASN B 82 7.59 0.88 -14.54
C ASN B 82 7.89 -0.61 -14.57
N TYR B 83 8.06 -1.19 -13.38
CA TYR B 83 8.36 -2.61 -13.26
C TYR B 83 7.18 -3.46 -13.74
N ALA B 84 5.98 -3.03 -13.39
CA ALA B 84 4.77 -3.75 -13.76
C ALA B 84 4.55 -3.75 -15.28
N GLN B 85 4.86 -2.63 -15.92
CA GLN B 85 4.67 -2.52 -17.36
C GLN B 85 5.73 -3.32 -18.12
N LYS B 86 6.82 -3.67 -17.44
CA LYS B 86 7.89 -4.46 -18.06
C LYS B 86 7.40 -5.87 -18.35
N LEU B 87 6.35 -6.28 -17.67
CA LEU B 87 5.78 -7.62 -17.84
C LEU B 87 4.60 -7.60 -18.81
N CYS B 88 4.48 -6.54 -19.59
CA CYS B 88 3.39 -6.41 -20.55
C CYS B 88 3.77 -7.07 -21.88
N THR B 89 4.86 -7.82 -21.88
CA THR B 89 5.34 -8.48 -23.07
C THR B 89 4.47 -9.69 -23.44
N PHE B 90 3.84 -10.31 -22.45
CA PHE B 90 3.00 -11.49 -22.71
C PHE B 90 1.54 -11.22 -22.39
N SER B 91 1.26 -10.21 -21.58
CA SER B 91 -0.11 -9.87 -21.21
C SER B 91 -0.22 -8.41 -20.83
N PHE B 92 -1.44 -7.87 -20.94
CA PHE B 92 -1.70 -6.47 -20.58
C PHE B 92 -1.48 -6.25 -19.09
N LEU B 93 -1.67 -5.02 -18.62
CA LEU B 93 -1.49 -4.72 -17.22
C LEU B 93 -2.20 -3.45 -16.80
N ILE B 94 -3.07 -3.56 -15.81
CA ILE B 94 -3.77 -2.42 -15.27
C ILE B 94 -3.34 -2.23 -13.83
N CYS B 95 -2.23 -1.53 -13.65
CA CYS B 95 -1.70 -1.28 -12.32
C CYS B 95 -2.04 0.13 -11.88
N LYS B 96 -2.57 0.25 -10.67
CA LYS B 96 -2.94 1.54 -10.13
C LYS B 96 -2.71 1.55 -8.62
N GLY B 97 -2.54 2.73 -8.07
CA GLY B 97 -2.33 2.85 -6.64
C GLY B 97 -3.63 2.74 -5.88
N VAL B 98 -3.54 2.21 -4.67
CA VAL B 98 -4.71 2.03 -3.82
C VAL B 98 -4.76 3.13 -2.76
N ASN B 99 -5.88 3.82 -2.69
CA ASN B 99 -6.05 4.91 -1.72
C ASN B 99 -6.54 4.35 -0.39
N LYS B 100 -7.39 3.34 -0.47
CA LYS B 100 -7.92 2.71 0.73
C LYS B 100 -7.70 1.21 0.67
N GLU B 101 -6.59 0.78 1.24
CA GLU B 101 -6.19 -0.63 1.25
C GLU B 101 -7.21 -1.52 1.95
N TYR B 102 -7.47 -1.24 3.22
CA TYR B 102 -8.39 -2.03 4.02
C TYR B 102 -9.79 -2.05 3.40
N LEU B 103 -10.20 -0.92 2.86
CA LEU B 103 -11.51 -0.80 2.23
C LEU B 103 -11.56 -1.55 0.90
N MET B 104 -10.51 -1.43 0.11
CA MET B 104 -10.46 -2.12 -1.18
C MET B 104 -10.42 -3.62 -0.98
N TYR B 105 -9.68 -4.07 0.02
CA TYR B 105 -9.60 -5.50 0.31
C TYR B 105 -10.97 -6.01 0.73
N SER B 106 -11.72 -5.18 1.44
CA SER B 106 -13.05 -5.54 1.89
C SER B 106 -13.99 -5.74 0.70
N ALA B 107 -13.78 -4.95 -0.35
CA ALA B 107 -14.57 -5.07 -1.56
C ALA B 107 -14.09 -6.25 -2.38
N LEU B 108 -12.80 -6.56 -2.24
CA LEU B 108 -12.18 -7.67 -2.96
C LEU B 108 -12.51 -9.01 -2.31
N THR B 109 -13.27 -8.98 -1.23
CA THR B 109 -13.67 -10.19 -0.54
C THR B 109 -15.18 -10.36 -0.59
N ARG B 110 -15.80 -9.83 -1.63
CA ARG B 110 -17.23 -9.91 -1.78
C ARG B 110 -17.63 -10.95 -2.84
N ASP B 111 -18.92 -11.07 -3.07
CA ASP B 111 -19.49 -12.03 -4.03
C ASP B 111 -18.70 -12.16 -5.35
N PRO B 112 -18.48 -11.06 -6.11
CA PRO B 112 -17.77 -11.13 -7.39
C PRO B 112 -16.27 -11.43 -7.26
N PHE B 113 -15.64 -10.87 -6.24
CA PHE B 113 -14.20 -11.04 -6.05
C PHE B 113 -13.89 -12.12 -5.02
N SER B 114 -13.44 -13.27 -5.50
CA SER B 114 -13.11 -14.38 -4.63
C SER B 114 -11.64 -14.33 -4.21
N VAL B 115 -11.29 -15.05 -3.16
CA VAL B 115 -9.92 -15.08 -2.67
C VAL B 115 -9.20 -16.34 -3.12
N ILE B 116 -7.94 -16.21 -3.51
CA ILE B 116 -7.16 -17.35 -3.94
C ILE B 116 -6.06 -17.64 -2.94
N GLU B 117 -5.10 -16.73 -2.82
CA GLU B 117 -3.98 -16.87 -1.90
C GLU B 117 -3.67 -15.55 -1.22
N GLU B 118 -3.13 -15.63 -0.01
CA GLU B 118 -2.74 -14.45 0.74
C GLU B 118 -1.60 -14.79 1.69
N SER B 119 -0.71 -13.83 1.92
CA SER B 119 0.45 -14.05 2.77
C SER B 119 0.08 -14.01 4.26
N LEU B 120 -0.85 -13.14 4.62
CA LEU B 120 -1.27 -13.01 6.01
C LEU B 120 -2.62 -13.65 6.24
N PRO B 121 -2.70 -14.58 7.20
CA PRO B 121 -3.95 -15.27 7.53
C PRO B 121 -5.00 -14.28 8.04
N GLY B 122 -6.11 -14.20 7.32
CA GLY B 122 -7.16 -13.28 7.69
C GLY B 122 -7.25 -12.12 6.73
N GLY B 123 -6.23 -11.98 5.90
CA GLY B 123 -6.19 -10.91 4.93
C GLY B 123 -5.47 -9.69 5.46
N LEU B 124 -6.12 -8.54 5.33
CA LEU B 124 -5.54 -7.29 5.79
C LEU B 124 -5.98 -6.98 7.21
N LYS B 125 -5.14 -6.28 7.95
CA LYS B 125 -5.45 -5.92 9.32
C LYS B 125 -4.99 -4.50 9.61
N GLU B 126 -5.17 -4.08 10.85
CA GLU B 126 -4.82 -2.72 11.26
C GLU B 126 -3.64 -2.69 12.24
N HIS B 127 -3.63 -3.65 13.18
CA HIS B 127 -2.59 -3.73 14.20
C HIS B 127 -1.19 -3.96 13.61
N ASP B 128 -1.14 -4.36 12.34
CA ASP B 128 0.14 -4.62 11.68
C ASP B 128 0.73 -3.33 11.11
N PHE B 129 -0.09 -2.29 11.03
CA PHE B 129 0.35 -1.01 10.50
C PHE B 129 0.06 0.12 11.50
N ASN B 130 -1.21 0.45 11.65
CA ASN B 130 -1.63 1.51 12.57
C ASN B 130 -3.15 1.53 12.74
N PRO B 131 -3.65 0.96 13.84
CA PRO B 131 -5.07 0.92 14.13
C PRO B 131 -5.62 2.30 14.49
N ALA A 35 7.72 25.23 0.23
CA ALA A 35 8.62 24.06 0.25
C ALA A 35 8.12 23.00 1.22
N ASN A 36 8.11 23.34 2.50
CA ASN A 36 7.64 22.41 3.53
C ASN A 36 6.16 22.65 3.79
N GLY A 37 5.32 21.88 3.09
CA GLY A 37 3.88 22.02 3.25
C GLY A 37 3.35 21.27 4.45
N LEU A 38 3.98 21.50 5.60
CA LEU A 38 3.59 20.86 6.85
C LEU A 38 3.70 21.86 7.99
N THR A 39 3.06 21.56 9.11
CA THR A 39 3.11 22.43 10.27
C THR A 39 4.27 22.04 11.18
N VAL A 40 4.78 23.00 11.93
CA VAL A 40 5.90 22.75 12.85
C VAL A 40 5.54 21.64 13.83
N ALA A 41 4.27 21.58 14.19
CA ALA A 41 3.78 20.57 15.12
C ALA A 41 4.00 19.16 14.56
N GLN A 42 3.77 19.00 13.26
CA GLN A 42 3.96 17.71 12.60
C GLN A 42 5.43 17.49 12.29
N ASN A 43 6.11 18.57 11.94
CA ASN A 43 7.53 18.52 11.62
C ASN A 43 8.34 18.05 12.83
N GLN A 44 7.88 18.43 14.03
CA GLN A 44 8.53 18.01 15.27
C GLN A 44 8.53 16.50 15.38
N VAL A 45 7.36 15.91 15.19
CA VAL A 45 7.19 14.47 15.26
C VAL A 45 8.04 13.79 14.19
N LEU A 46 7.93 14.30 12.96
CA LEU A 46 8.67 13.77 11.83
C LEU A 46 10.16 13.75 12.11
N ASN A 47 10.67 14.87 12.60
CA ASN A 47 12.10 15.01 12.91
C ASN A 47 12.50 14.09 14.06
N LEU A 48 11.68 14.07 15.11
CA LEU A 48 11.95 13.26 16.29
C LEU A 48 12.18 11.79 15.93
N ILE A 49 11.39 11.27 14.98
CA ILE A 49 11.50 9.88 14.58
C ILE A 49 12.83 9.56 13.90
N LYS A 50 13.24 10.40 12.96
CA LYS A 50 14.51 10.15 12.25
C LYS A 50 15.72 10.65 13.04
N ALA A 51 15.48 11.52 14.00
CA ALA A 51 16.57 12.05 14.83
C ALA A 51 16.78 11.19 16.06
N CYS A 52 15.97 10.15 16.18
CA CYS A 52 16.07 9.24 17.31
C CYS A 52 17.18 8.23 17.07
N PRO A 53 18.16 8.17 17.98
CA PRO A 53 19.30 7.26 17.88
C PRO A 53 18.95 5.85 18.34
N ARG A 54 17.75 5.41 18.01
CA ARG A 54 17.29 4.08 18.39
C ARG A 54 17.05 3.23 17.14
N PRO A 55 17.43 1.95 17.19
CA PRO A 55 17.27 1.01 16.07
C PRO A 55 15.80 0.82 15.66
N GLU A 56 14.91 0.90 16.64
CA GLU A 56 13.49 0.73 16.39
C GLU A 56 12.88 2.03 15.87
N GLY A 57 13.68 3.10 15.87
CA GLY A 57 13.20 4.39 15.43
C GLY A 57 12.42 5.07 16.52
N LEU A 58 11.11 5.18 16.33
CA LEU A 58 10.26 5.80 17.32
C LEU A 58 8.88 5.16 17.30
N ASN A 59 8.59 4.37 18.32
CA ASN A 59 7.31 3.69 18.44
C ASN A 59 6.23 4.70 18.82
N PHE A 60 4.97 4.32 18.66
CA PHE A 60 3.86 5.18 19.01
C PHE A 60 3.90 5.48 20.51
N GLN A 61 4.30 4.48 21.27
CA GLN A 61 4.42 4.60 22.71
C GLN A 61 5.54 5.59 23.07
N ASP A 62 6.57 5.63 22.21
CA ASP A 62 7.70 6.52 22.41
C ASP A 62 7.34 7.95 22.00
N LEU A 63 6.53 8.06 20.96
CA LEU A 63 6.09 9.36 20.45
C LEU A 63 5.44 10.19 21.54
N LYS A 64 4.50 9.60 22.25
CA LYS A 64 3.79 10.29 23.32
C LYS A 64 4.64 10.40 24.58
N ASN A 65 5.74 9.63 24.63
CA ASN A 65 6.64 9.67 25.77
C ASN A 65 7.56 10.89 25.65
N GLN A 66 7.99 11.15 24.42
CA GLN A 66 8.86 12.28 24.13
C GLN A 66 8.03 13.55 23.95
N LEU A 67 7.09 13.51 23.02
CA LEU A 67 6.23 14.65 22.74
C LEU A 67 5.04 14.67 23.69
N LYS A 68 5.30 15.02 24.93
CA LYS A 68 4.26 15.06 25.96
C LYS A 68 3.27 16.19 25.69
N HIS A 69 3.69 17.17 24.90
CA HIS A 69 2.82 18.30 24.58
C HIS A 69 1.95 17.98 23.35
N MET A 70 1.88 16.70 23.02
CA MET A 70 1.08 16.25 21.89
C MET A 70 0.14 15.13 22.33
N SER A 71 -1.14 15.34 22.13
CA SER A 71 -2.15 14.35 22.51
C SER A 71 -2.07 13.13 21.59
N VAL A 72 -2.50 11.97 22.12
CA VAL A 72 -2.50 10.73 21.35
C VAL A 72 -3.25 10.89 20.03
N SER A 73 -4.39 11.56 20.09
CA SER A 73 -5.21 11.82 18.92
C SER A 73 -4.44 12.64 17.89
N SER A 74 -3.75 13.67 18.37
CA SER A 74 -2.97 14.54 17.50
C SER A 74 -1.82 13.76 16.87
N ILE A 75 -1.15 12.94 17.68
CA ILE A 75 -0.05 12.13 17.20
C ILE A 75 -0.55 11.13 16.15
N LYS A 76 -1.68 10.51 16.44
CA LYS A 76 -2.28 9.54 15.53
C LYS A 76 -2.57 10.18 14.18
N GLN A 77 -3.03 11.43 14.20
CA GLN A 77 -3.33 12.16 12.97
C GLN A 77 -2.05 12.54 12.24
N ALA A 78 -1.08 13.06 12.99
CA ALA A 78 0.20 13.47 12.40
C ALA A 78 0.90 12.29 11.73
N VAL A 79 0.92 11.16 12.44
CA VAL A 79 1.54 9.95 11.92
C VAL A 79 0.83 9.50 10.65
N ASP A 80 -0.49 9.47 10.69
CA ASP A 80 -1.30 9.06 9.54
C ASP A 80 -1.05 9.99 8.36
N PHE A 81 -0.95 11.28 8.65
CA PHE A 81 -0.71 12.28 7.62
C PHE A 81 0.65 12.04 6.97
N LEU A 82 1.68 11.85 7.79
CA LEU A 82 3.02 11.60 7.30
C LEU A 82 3.10 10.28 6.55
N SER A 83 2.23 9.34 6.93
CA SER A 83 2.20 8.03 6.28
C SER A 83 1.57 8.12 4.89
N ASN A 84 0.55 8.96 4.77
CA ASN A 84 -0.13 9.15 3.49
C ASN A 84 0.66 10.08 2.59
N GLU A 85 1.40 10.98 3.22
CA GLU A 85 2.21 11.94 2.50
C GLU A 85 3.51 11.31 1.99
N GLY A 86 4.00 10.30 2.70
CA GLY A 86 5.21 9.63 2.29
C GLY A 86 6.43 10.18 3.01
N HIS A 87 6.43 10.04 4.33
CA HIS A 87 7.54 10.52 5.15
C HIS A 87 7.95 9.42 6.13
N ILE A 88 6.96 8.95 6.88
CA ILE A 88 7.18 7.88 7.85
C ILE A 88 6.28 6.71 7.49
N TYR A 89 6.63 5.52 7.94
CA TYR A 89 5.84 4.35 7.62
C TYR A 89 6.06 3.24 8.64
N SER A 90 5.11 2.32 8.69
CA SER A 90 5.19 1.18 9.56
C SER A 90 6.17 0.18 8.95
N THR A 91 7.32 0.00 9.57
CA THR A 91 8.34 -0.90 9.07
C THR A 91 7.83 -2.34 8.98
N VAL A 92 7.61 -2.95 10.14
CA VAL A 92 7.12 -4.33 10.20
C VAL A 92 6.04 -4.45 11.27
N ASP A 93 5.57 -3.31 11.73
CA ASP A 93 4.56 -3.26 12.78
C ASP A 93 3.87 -1.90 12.77
N ASP A 94 2.60 -1.87 13.15
CA ASP A 94 1.80 -0.64 13.15
C ASP A 94 2.31 0.40 14.13
N ASP A 95 2.95 -0.05 15.21
CA ASP A 95 3.46 0.87 16.22
C ASP A 95 4.92 1.23 15.93
N HIS A 96 5.54 0.44 15.09
CA HIS A 96 6.94 0.64 14.71
C HIS A 96 7.07 1.66 13.58
N PHE A 97 7.27 2.92 13.93
CA PHE A 97 7.40 3.98 12.94
C PHE A 97 8.86 4.35 12.71
N LYS A 98 9.16 4.79 11.49
CA LYS A 98 10.51 5.20 11.14
C LYS A 98 10.51 5.96 9.82
N SER A 99 11.05 7.17 9.83
CA SER A 99 11.11 7.99 8.63
C SER A 99 12.27 7.53 7.73
N THR A 100 12.11 6.39 7.10
CA THR A 100 13.13 5.84 6.23
C THR A 100 12.81 6.06 4.76
N ASP A 101 11.73 6.77 4.48
CA ASP A 101 11.34 7.04 3.10
C ASP A 101 12.22 8.11 2.48
N ALA A 102 12.03 9.35 2.89
CA ALA A 102 12.82 10.45 2.39
C ALA A 102 13.10 11.45 3.51
N GLU A 103 12.11 12.27 3.81
CA GLU A 103 12.25 13.26 4.86
C GLU A 103 11.09 13.14 5.83
N GLY B 1 -18.06 -8.30 -28.20
CA GLY B 1 -17.97 -9.26 -29.33
C GLY B 1 -18.65 -10.57 -29.02
N SER B 2 -18.18 -11.64 -29.66
CA SER B 2 -18.76 -12.96 -29.46
C SER B 2 -17.93 -13.79 -28.47
N LYS B 3 -16.86 -13.19 -27.97
CA LYS B 3 -15.98 -13.89 -27.03
C LYS B 3 -15.93 -13.12 -25.71
N VAL B 4 -14.91 -13.38 -24.92
CA VAL B 4 -14.74 -12.70 -23.64
C VAL B 4 -13.94 -11.42 -23.84
N GLU B 5 -14.58 -10.30 -23.54
CA GLU B 5 -13.95 -8.99 -23.68
C GLU B 5 -12.91 -8.73 -22.61
N ASP B 6 -11.79 -8.18 -23.02
CA ASP B 6 -10.70 -7.84 -22.10
C ASP B 6 -10.77 -6.36 -21.76
N PRO B 7 -11.08 -6.03 -20.50
CA PRO B 7 -11.18 -4.63 -20.05
C PRO B 7 -9.83 -3.90 -20.11
N LYS B 8 -9.88 -2.57 -20.03
CA LYS B 8 -8.67 -1.75 -20.08
C LYS B 8 -8.47 -1.06 -18.73
N ASP B 9 -9.47 -1.18 -17.87
CA ASP B 9 -9.41 -0.58 -16.54
C ASP B 9 -10.00 -1.55 -15.54
N PHE B 10 -10.03 -1.13 -14.28
CA PHE B 10 -10.59 -1.97 -13.21
C PHE B 10 -12.11 -1.87 -13.22
N PRO B 11 -12.80 -2.88 -12.67
CA PRO B 11 -14.26 -2.88 -12.60
C PRO B 11 -14.79 -1.65 -11.85
N SER B 12 -15.97 -1.18 -12.24
CA SER B 12 -16.58 0.00 -11.64
C SER B 12 -16.63 -0.08 -10.11
N GLU B 13 -16.98 -1.25 -9.59
CA GLU B 13 -17.07 -1.47 -8.15
C GLU B 13 -15.74 -1.18 -7.44
N LEU B 14 -14.63 -1.43 -8.12
CA LEU B 14 -13.32 -1.20 -7.54
C LEU B 14 -12.80 0.21 -7.84
N LEU B 15 -13.28 0.79 -8.93
CA LEU B 15 -12.85 2.12 -9.35
C LEU B 15 -13.15 3.16 -8.26
N SER B 16 -14.12 2.85 -7.42
CA SER B 16 -14.54 3.73 -6.35
C SER B 16 -13.46 3.89 -5.26
N PHE B 17 -12.53 2.94 -5.20
CA PHE B 17 -11.48 2.98 -4.19
C PHE B 17 -10.10 3.09 -4.82
N LEU B 18 -10.04 3.48 -6.08
CA LEU B 18 -8.76 3.60 -6.78
C LEU B 18 -8.35 5.05 -6.94
N SER B 19 -7.03 5.27 -7.03
CA SER B 19 -6.50 6.61 -7.20
C SER B 19 -6.66 7.08 -8.65
N HIS B 20 -6.88 6.10 -9.54
CA HIS B 20 -7.08 6.33 -10.98
C HIS B 20 -5.79 6.75 -11.67
N ALA B 21 -5.21 7.86 -11.23
CA ALA B 21 -3.98 8.37 -11.81
C ALA B 21 -2.81 7.46 -11.44
N VAL B 22 -1.93 7.22 -12.40
CA VAL B 22 -0.78 6.36 -12.20
C VAL B 22 0.53 7.13 -12.30
N PHE B 23 0.62 8.01 -13.29
CA PHE B 23 1.84 8.78 -13.52
C PHE B 23 1.80 10.14 -12.82
N SER B 24 1.17 10.20 -11.67
CA SER B 24 1.08 11.43 -10.92
C SER B 24 2.06 11.41 -9.75
N ASN B 25 2.29 12.57 -9.13
CA ASN B 25 3.21 12.66 -8.00
C ASN B 25 2.48 12.42 -6.70
N ARG B 26 2.18 11.16 -6.42
CA ARG B 26 1.49 10.79 -5.20
C ARG B 26 2.16 9.60 -4.55
N THR B 27 2.68 9.82 -3.35
CA THR B 27 3.34 8.78 -2.58
C THR B 27 2.28 7.83 -2.02
N LEU B 28 2.21 6.63 -2.55
CA LEU B 28 1.23 5.66 -2.10
C LEU B 28 1.90 4.47 -1.43
N ALA B 29 1.09 3.55 -0.92
CA ALA B 29 1.60 2.36 -0.25
C ALA B 29 0.98 1.08 -0.80
N CYS B 30 -0.29 1.17 -1.21
CA CYS B 30 -0.99 0.01 -1.75
C CYS B 30 -1.20 0.15 -3.25
N PHE B 31 -0.97 -0.95 -3.96
CA PHE B 31 -1.12 -0.96 -5.41
C PHE B 31 -1.80 -2.25 -5.86
N ALA B 32 -2.53 -2.19 -6.96
CA ALA B 32 -3.23 -3.36 -7.49
C ALA B 32 -2.83 -3.61 -8.93
N ILE B 33 -2.75 -4.87 -9.32
CA ILE B 33 -2.39 -5.24 -10.68
C ILE B 33 -3.39 -6.22 -11.27
N TYR B 34 -4.18 -5.74 -12.21
CA TYR B 34 -5.17 -6.57 -12.90
C TYR B 34 -4.49 -7.26 -14.06
N THR B 35 -4.28 -8.57 -13.94
CA THR B 35 -3.60 -9.33 -14.98
C THR B 35 -4.08 -10.78 -15.05
N THR B 36 -3.26 -11.63 -15.64
CA THR B 36 -3.56 -13.04 -15.76
C THR B 36 -3.14 -13.76 -14.48
N LYS B 37 -3.83 -14.86 -14.16
CA LYS B 37 -3.53 -15.62 -12.94
C LYS B 37 -2.06 -16.07 -12.91
N GLU B 38 -1.52 -16.50 -14.05
CA GLU B 38 -0.13 -16.94 -14.11
C GLU B 38 0.82 -15.75 -13.94
N LYS B 39 0.47 -14.64 -14.57
CA LYS B 39 1.28 -13.44 -14.50
C LYS B 39 1.32 -12.90 -13.08
N ALA B 40 0.18 -12.96 -12.40
CA ALA B 40 0.07 -12.49 -11.03
C ALA B 40 0.87 -13.40 -10.10
N ALA B 41 1.00 -14.67 -10.48
CA ALA B 41 1.75 -15.63 -9.70
C ALA B 41 3.23 -15.28 -9.71
N LEU B 42 3.68 -14.76 -10.84
CA LEU B 42 5.07 -14.36 -11.00
C LEU B 42 5.36 -13.15 -10.12
N LEU B 43 4.51 -12.14 -10.25
CA LEU B 43 4.64 -10.90 -9.48
C LEU B 43 4.46 -11.16 -7.99
N TYR B 44 3.71 -12.21 -7.66
CA TYR B 44 3.45 -12.59 -6.27
C TYR B 44 4.75 -12.73 -5.48
N LYS B 45 5.75 -13.33 -6.13
CA LYS B 45 7.05 -13.53 -5.48
C LYS B 45 8.04 -12.46 -5.91
N LYS B 46 7.94 -12.03 -7.17
CA LYS B 46 8.83 -11.02 -7.72
C LYS B 46 8.75 -9.70 -6.95
N ILE B 47 7.54 -9.29 -6.60
CA ILE B 47 7.36 -8.04 -5.86
C ILE B 47 7.57 -8.25 -4.36
N MET B 48 7.24 -9.45 -3.90
CA MET B 48 7.35 -9.82 -2.48
C MET B 48 8.69 -9.40 -1.88
N GLU B 49 9.78 -9.93 -2.41
CA GLU B 49 11.11 -9.63 -1.91
C GLU B 49 11.78 -8.51 -2.69
N LYS B 50 10.99 -7.78 -3.47
CA LYS B 50 11.54 -6.67 -4.25
C LYS B 50 11.34 -5.36 -3.52
N TYR B 51 10.13 -5.14 -3.04
CA TYR B 51 9.80 -3.91 -2.31
C TYR B 51 9.55 -4.22 -0.85
N SER B 52 9.89 -5.44 -0.43
CA SER B 52 9.69 -5.89 0.94
C SER B 52 8.23 -5.70 1.36
N VAL B 53 7.32 -6.31 0.60
CA VAL B 53 5.91 -6.19 0.88
C VAL B 53 5.54 -6.94 2.16
N THR B 54 4.64 -6.35 2.93
CA THR B 54 4.18 -6.96 4.16
C THR B 54 2.96 -7.81 3.89
N PHE B 55 2.34 -7.57 2.74
CA PHE B 55 1.16 -8.29 2.33
C PHE B 55 1.07 -8.38 0.82
N ILE B 56 0.70 -9.56 0.33
CA ILE B 56 0.53 -9.80 -1.08
C ILE B 56 -0.48 -10.92 -1.27
N SER B 57 -1.46 -10.72 -2.14
CA SER B 57 -2.49 -11.71 -2.36
C SER B 57 -2.93 -11.74 -3.82
N ARG B 58 -3.47 -12.88 -4.22
CA ARG B 58 -3.97 -13.09 -5.57
C ARG B 58 -5.48 -13.35 -5.50
N HIS B 59 -6.26 -12.46 -6.09
CA HIS B 59 -7.71 -12.59 -6.08
C HIS B 59 -8.29 -12.56 -7.49
N ASN B 60 -8.89 -13.66 -7.90
CA ASN B 60 -9.49 -13.75 -9.22
C ASN B 60 -10.83 -13.03 -9.22
N SER B 61 -11.13 -12.30 -10.29
CA SER B 61 -12.38 -11.56 -10.37
C SER B 61 -13.36 -12.24 -11.32
N TYR B 62 -13.34 -11.83 -12.58
CA TYR B 62 -14.23 -12.38 -13.57
C TYR B 62 -13.52 -13.43 -14.41
N ASN B 63 -12.60 -12.98 -15.25
CA ASN B 63 -11.83 -13.88 -16.10
C ASN B 63 -10.35 -13.54 -16.02
N HIS B 64 -9.98 -12.79 -14.99
CA HIS B 64 -8.60 -12.39 -14.79
C HIS B 64 -8.30 -12.36 -13.29
N ASN B 65 -7.03 -12.33 -12.94
CA ASN B 65 -6.63 -12.32 -11.54
C ASN B 65 -6.10 -10.94 -11.15
N ILE B 66 -6.48 -10.49 -9.96
CA ILE B 66 -6.05 -9.20 -9.47
C ILE B 66 -5.03 -9.37 -8.36
N LEU B 67 -3.84 -8.85 -8.58
CA LEU B 67 -2.78 -8.93 -7.59
C LEU B 67 -2.90 -7.74 -6.65
N PHE B 68 -3.11 -8.03 -5.38
CA PHE B 68 -3.25 -6.99 -4.38
C PHE B 68 -2.13 -7.09 -3.36
N PHE B 69 -1.32 -6.05 -3.26
CA PHE B 69 -0.21 -6.05 -2.33
C PHE B 69 -0.08 -4.72 -1.61
N LEU B 70 0.68 -4.73 -0.52
CA LEU B 70 0.90 -3.53 0.27
C LEU B 70 2.39 -3.36 0.55
N THR B 71 2.92 -2.22 0.18
CA THR B 71 4.33 -1.94 0.42
C THR B 71 4.47 -0.93 1.55
N PRO B 72 5.18 -1.30 2.63
CA PRO B 72 5.40 -0.42 3.78
C PRO B 72 6.04 0.90 3.36
N HIS B 73 7.04 0.82 2.50
CA HIS B 73 7.73 2.01 2.01
C HIS B 73 6.81 2.84 1.13
N ARG B 74 6.86 4.15 1.26
CA ARG B 74 6.02 5.03 0.47
C ARG B 74 6.73 5.37 -0.84
N HIS B 75 5.98 5.34 -1.94
CA HIS B 75 6.55 5.64 -3.25
C HIS B 75 5.44 5.95 -4.25
N ARG B 76 5.81 6.68 -5.30
CA ARG B 76 4.86 7.07 -6.34
C ARG B 76 4.34 5.84 -7.09
N VAL B 77 3.10 5.92 -7.55
CA VAL B 77 2.47 4.84 -8.30
C VAL B 77 3.20 4.60 -9.62
N SER B 78 3.75 5.67 -10.17
CA SER B 78 4.46 5.63 -11.44
C SER B 78 5.65 4.67 -11.38
N ALA B 79 6.32 4.62 -10.22
CA ALA B 79 7.48 3.76 -10.04
C ALA B 79 7.08 2.28 -10.12
N ILE B 80 5.89 1.98 -9.63
CA ILE B 80 5.39 0.61 -9.62
C ILE B 80 4.97 0.19 -11.03
N ASN B 81 4.26 1.07 -11.72
CA ASN B 81 3.79 0.78 -13.08
C ASN B 81 4.97 0.59 -14.02
N ASN B 82 6.04 1.35 -13.79
CA ASN B 82 7.24 1.27 -14.61
C ASN B 82 7.85 -0.14 -14.54
N TYR B 83 7.68 -0.78 -13.39
CA TYR B 83 8.20 -2.12 -13.17
C TYR B 83 7.22 -3.17 -13.72
N ALA B 84 5.94 -2.96 -13.45
CA ALA B 84 4.89 -3.88 -13.89
C ALA B 84 4.74 -3.90 -15.42
N GLN B 85 4.91 -2.74 -16.04
CA GLN B 85 4.78 -2.60 -17.49
C GLN B 85 5.84 -3.43 -18.22
N LYS B 86 6.92 -3.74 -17.51
CA LYS B 86 8.01 -4.52 -18.07
C LYS B 86 7.56 -5.96 -18.35
N LEU B 87 6.58 -6.42 -17.58
CA LEU B 87 6.07 -7.78 -17.71
C LEU B 87 4.96 -7.84 -18.76
N CYS B 88 4.81 -6.79 -19.54
CA CYS B 88 3.78 -6.76 -20.58
C CYS B 88 4.34 -7.33 -21.88
N THR B 89 5.47 -8.00 -21.79
CA THR B 89 6.12 -8.60 -22.93
C THR B 89 5.43 -9.89 -23.38
N PHE B 90 4.54 -10.41 -22.53
CA PHE B 90 3.83 -11.64 -22.85
C PHE B 90 2.32 -11.46 -22.78
N SER B 91 1.85 -10.74 -21.77
CA SER B 91 0.42 -10.49 -21.63
C SER B 91 0.16 -9.04 -21.20
N PHE B 92 -1.10 -8.62 -21.32
CA PHE B 92 -1.49 -7.26 -20.95
C PHE B 92 -1.34 -7.04 -19.45
N LEU B 93 -1.48 -5.78 -19.03
CA LEU B 93 -1.36 -5.44 -17.62
C LEU B 93 -2.12 -4.17 -17.29
N ILE B 94 -2.91 -4.22 -16.24
CA ILE B 94 -3.67 -3.07 -15.78
C ILE B 94 -3.30 -2.76 -14.34
N CYS B 95 -2.28 -1.94 -14.15
CA CYS B 95 -1.83 -1.57 -12.82
C CYS B 95 -2.41 -0.21 -12.44
N LYS B 96 -2.71 -0.04 -11.16
CA LYS B 96 -3.27 1.21 -10.67
C LYS B 96 -3.06 1.34 -9.18
N GLY B 97 -3.06 2.57 -8.69
CA GLY B 97 -2.88 2.82 -7.28
C GLY B 97 -4.18 2.65 -6.51
N VAL B 98 -4.08 2.13 -5.30
CA VAL B 98 -5.24 1.92 -4.46
C VAL B 98 -5.34 3.01 -3.40
N ASN B 99 -6.48 3.69 -3.37
CA ASN B 99 -6.70 4.78 -2.42
C ASN B 99 -7.30 4.24 -1.13
N LYS B 100 -8.07 3.17 -1.23
CA LYS B 100 -8.70 2.57 -0.07
C LYS B 100 -8.48 1.06 -0.07
N GLU B 101 -7.36 0.65 0.50
CA GLU B 101 -6.98 -0.77 0.57
C GLU B 101 -7.99 -1.59 1.35
N TYR B 102 -8.27 -1.16 2.57
CA TYR B 102 -9.21 -1.85 3.45
C TYR B 102 -10.58 -2.01 2.79
N LEU B 103 -11.02 -0.98 2.08
CA LEU B 103 -12.30 -1.00 1.42
C LEU B 103 -12.26 -1.89 0.17
N MET B 104 -11.22 -1.75 -0.62
CA MET B 104 -11.06 -2.53 -1.84
C MET B 104 -10.91 -4.02 -1.53
N TYR B 105 -10.14 -4.35 -0.50
CA TYR B 105 -9.94 -5.74 -0.14
C TYR B 105 -11.23 -6.36 0.38
N SER B 106 -12.09 -5.54 0.97
CA SER B 106 -13.37 -6.01 1.48
C SER B 106 -14.28 -6.38 0.32
N ALA B 107 -14.03 -5.78 -0.83
CA ALA B 107 -14.81 -6.07 -2.03
C ALA B 107 -14.19 -7.24 -2.78
N LEU B 108 -12.88 -7.39 -2.61
CA LEU B 108 -12.13 -8.46 -3.26
C LEU B 108 -12.35 -9.80 -2.53
N THR B 109 -13.11 -9.77 -1.46
CA THR B 109 -13.40 -10.96 -0.68
C THR B 109 -14.90 -11.24 -0.67
N ARG B 110 -15.55 -10.93 -1.78
CA ARG B 110 -16.98 -11.13 -1.91
C ARG B 110 -17.31 -12.39 -2.71
N ASP B 111 -18.34 -12.32 -3.54
CA ASP B 111 -18.77 -13.47 -4.34
C ASP B 111 -17.96 -13.60 -5.64
N PRO B 112 -17.92 -12.54 -6.50
CA PRO B 112 -17.16 -12.60 -7.76
C PRO B 112 -15.66 -12.72 -7.52
N PHE B 113 -15.15 -11.83 -6.67
CA PHE B 113 -13.74 -11.82 -6.34
C PHE B 113 -13.46 -12.87 -5.27
N SER B 114 -12.78 -13.93 -5.67
CA SER B 114 -12.47 -15.02 -4.75
C SER B 114 -11.07 -14.90 -4.15
N VAL B 115 -10.88 -15.55 -3.02
CA VAL B 115 -9.60 -15.55 -2.32
C VAL B 115 -8.80 -16.80 -2.69
N ILE B 116 -7.55 -16.62 -3.06
CA ILE B 116 -6.70 -17.76 -3.41
C ILE B 116 -5.54 -17.89 -2.43
N GLU B 117 -4.56 -17.02 -2.56
CA GLU B 117 -3.38 -17.06 -1.70
C GLU B 117 -3.06 -15.66 -1.17
N GLU B 118 -2.75 -15.57 0.12
CA GLU B 118 -2.38 -14.32 0.75
C GLU B 118 -1.27 -14.56 1.76
N SER B 119 -0.41 -13.58 1.95
CA SER B 119 0.71 -13.70 2.88
C SER B 119 0.24 -13.53 4.32
N LEU B 120 -0.89 -12.86 4.51
CA LEU B 120 -1.44 -12.62 5.84
C LEU B 120 -2.24 -13.83 6.31
N PRO B 121 -2.38 -13.98 7.63
CA PRO B 121 -3.12 -15.09 8.23
C PRO B 121 -4.59 -14.76 8.50
N GLY B 122 -5.21 -14.03 7.58
CA GLY B 122 -6.61 -13.68 7.75
C GLY B 122 -6.97 -12.34 7.14
N GLY B 123 -6.64 -12.15 5.87
CA GLY B 123 -6.95 -10.91 5.19
C GLY B 123 -6.19 -9.71 5.73
N LEU B 124 -6.50 -8.54 5.21
CA LEU B 124 -5.85 -7.30 5.63
C LEU B 124 -6.47 -6.79 6.92
N LYS B 125 -5.65 -6.15 7.75
CA LYS B 125 -6.12 -5.61 9.01
C LYS B 125 -5.53 -4.22 9.26
N GLU B 126 -5.88 -3.62 10.38
CA GLU B 126 -5.42 -2.27 10.72
C GLU B 126 -3.91 -2.25 11.02
N HIS B 127 -3.32 -3.41 11.26
CA HIS B 127 -1.88 -3.47 11.55
C HIS B 127 -1.05 -3.24 10.29
N ASP B 128 -1.68 -3.40 9.13
CA ASP B 128 -1.00 -3.23 7.86
C ASP B 128 -0.98 -1.76 7.45
N PHE B 129 -2.11 -1.10 7.62
CA PHE B 129 -2.23 0.30 7.24
C PHE B 129 -1.84 1.21 8.41
N ASN B 130 -2.79 1.99 8.90
CA ASN B 130 -2.55 2.91 10.01
C ASN B 130 -3.87 3.50 10.49
N PRO B 131 -4.48 2.89 11.51
CA PRO B 131 -5.75 3.36 12.06
C PRO B 131 -5.60 4.60 12.93
N ALA A 35 -23.66 -1.68 -3.57
CA ALA A 35 -23.14 -3.05 -3.43
C ALA A 35 -21.90 -3.25 -4.29
N ASN A 36 -22.11 -3.68 -5.54
CA ASN A 36 -20.99 -3.91 -6.45
C ASN A 36 -20.76 -2.66 -7.29
N GLY A 37 -19.59 -2.05 -7.12
CA GLY A 37 -19.26 -0.85 -7.87
C GLY A 37 -18.51 -1.15 -9.15
N LEU A 38 -18.20 -2.42 -9.36
CA LEU A 38 -17.46 -2.83 -10.53
C LEU A 38 -18.40 -3.08 -11.71
N THR A 39 -17.86 -3.11 -12.91
CA THR A 39 -18.62 -3.34 -14.11
C THR A 39 -18.60 -4.83 -14.46
N VAL A 40 -19.58 -5.28 -15.25
CA VAL A 40 -19.68 -6.69 -15.64
C VAL A 40 -18.38 -7.17 -16.27
N ALA A 41 -17.79 -6.34 -17.13
CA ALA A 41 -16.55 -6.67 -17.79
C ALA A 41 -15.42 -6.87 -16.79
N GLN A 42 -15.30 -5.92 -15.84
CA GLN A 42 -14.26 -5.99 -14.82
C GLN A 42 -14.49 -7.18 -13.88
N ASN A 43 -15.76 -7.45 -13.58
CA ASN A 43 -16.12 -8.54 -12.70
C ASN A 43 -15.58 -9.86 -13.22
N GLN A 44 -15.59 -10.03 -14.54
CA GLN A 44 -15.10 -11.23 -15.17
C GLN A 44 -13.57 -11.29 -15.10
N VAL A 45 -12.92 -10.18 -15.44
CA VAL A 45 -11.46 -10.11 -15.41
C VAL A 45 -10.93 -10.37 -14.00
N LEU A 46 -11.56 -9.76 -13.02
CA LEU A 46 -11.16 -9.93 -11.62
C LEU A 46 -11.36 -11.37 -11.18
N ASN A 47 -12.51 -11.93 -11.53
CA ASN A 47 -12.83 -13.30 -11.15
C ASN A 47 -11.90 -14.29 -11.83
N LEU A 48 -11.52 -13.99 -13.07
CA LEU A 48 -10.63 -14.87 -13.83
C LEU A 48 -9.30 -15.07 -13.10
N ILE A 49 -8.87 -14.05 -12.38
CA ILE A 49 -7.60 -14.12 -11.65
C ILE A 49 -7.73 -14.93 -10.36
N LYS A 50 -8.78 -14.65 -9.57
CA LYS A 50 -8.97 -15.36 -8.30
C LYS A 50 -9.55 -16.76 -8.50
N ALA A 51 -10.20 -16.99 -9.64
CA ALA A 51 -10.77 -18.30 -9.93
C ALA A 51 -9.83 -19.09 -10.83
N CYS A 52 -8.56 -18.74 -10.79
CA CYS A 52 -7.54 -19.40 -11.59
C CYS A 52 -6.75 -20.35 -10.70
N PRO A 53 -6.75 -21.66 -11.02
CA PRO A 53 -6.03 -22.68 -10.25
C PRO A 53 -4.53 -22.65 -10.49
N ARG A 54 -4.06 -21.62 -11.16
CA ARG A 54 -2.64 -21.48 -11.46
C ARG A 54 -1.87 -21.00 -10.22
N PRO A 55 -0.72 -21.63 -9.94
CA PRO A 55 0.11 -21.30 -8.80
C PRO A 55 0.65 -19.87 -8.84
N GLU A 56 0.74 -19.32 -10.04
CA GLU A 56 1.23 -17.95 -10.21
C GLU A 56 0.08 -16.97 -10.38
N GLY A 57 -1.14 -17.46 -10.19
CA GLY A 57 -2.31 -16.63 -10.34
C GLY A 57 -2.67 -16.44 -11.79
N LEU A 58 -2.49 -15.23 -12.29
CA LEU A 58 -2.77 -14.94 -13.69
C LEU A 58 -1.83 -13.85 -14.21
N ASN A 59 -1.25 -14.11 -15.36
CA ASN A 59 -0.33 -13.18 -15.99
C ASN A 59 -1.09 -12.22 -16.89
N PHE A 60 -0.42 -11.13 -17.29
CA PHE A 60 -1.03 -10.16 -18.17
C PHE A 60 -1.18 -10.80 -19.55
N GLN A 61 -0.19 -11.60 -19.91
CA GLN A 61 -0.18 -12.30 -21.18
C GLN A 61 -1.25 -13.39 -21.16
N ASP A 62 -1.53 -13.92 -19.98
CA ASP A 62 -2.51 -14.98 -19.81
C ASP A 62 -3.92 -14.40 -19.87
N LEU A 63 -4.09 -13.22 -19.29
CA LEU A 63 -5.38 -12.54 -19.28
C LEU A 63 -5.90 -12.32 -20.70
N LYS A 64 -5.07 -11.69 -21.53
CA LYS A 64 -5.43 -11.40 -22.90
C LYS A 64 -5.41 -12.67 -23.77
N ASN A 65 -4.89 -13.75 -23.22
CA ASN A 65 -4.84 -15.01 -23.93
C ASN A 65 -6.18 -15.72 -23.82
N GLN A 66 -6.72 -15.75 -22.61
CA GLN A 66 -8.01 -16.38 -22.36
C GLN A 66 -9.12 -15.44 -22.79
N LEU A 67 -8.99 -14.18 -22.40
CA LEU A 67 -9.98 -13.17 -22.73
C LEU A 67 -9.54 -12.41 -23.98
N LYS A 68 -9.49 -13.12 -25.11
CA LYS A 68 -9.09 -12.51 -26.38
C LYS A 68 -10.10 -11.46 -26.82
N HIS A 69 -11.29 -11.50 -26.24
CA HIS A 69 -12.35 -10.54 -26.56
C HIS A 69 -12.10 -9.22 -25.84
N MET A 70 -10.98 -9.13 -25.14
CA MET A 70 -10.61 -7.93 -24.41
C MET A 70 -9.31 -7.38 -24.98
N SER A 71 -9.30 -6.10 -25.31
CA SER A 71 -8.12 -5.46 -25.86
C SER A 71 -7.10 -5.21 -24.75
N VAL A 72 -5.83 -5.13 -25.11
CA VAL A 72 -4.76 -4.89 -24.14
C VAL A 72 -5.03 -3.63 -23.34
N SER A 73 -5.49 -2.59 -24.01
CA SER A 73 -5.81 -1.33 -23.36
C SER A 73 -6.88 -1.55 -22.30
N SER A 74 -7.93 -2.27 -22.67
CA SER A 74 -9.04 -2.56 -21.77
C SER A 74 -8.54 -3.34 -20.55
N ILE A 75 -7.66 -4.31 -20.78
CA ILE A 75 -7.10 -5.11 -19.71
C ILE A 75 -6.33 -4.22 -18.74
N LYS A 76 -5.48 -3.35 -19.28
CA LYS A 76 -4.71 -2.42 -18.46
C LYS A 76 -5.62 -1.50 -17.67
N GLN A 77 -6.68 -1.01 -18.32
CA GLN A 77 -7.64 -0.12 -17.67
C GLN A 77 -8.28 -0.80 -16.47
N ALA A 78 -8.74 -2.03 -16.67
CA ALA A 78 -9.37 -2.80 -15.60
C ALA A 78 -8.36 -3.10 -14.50
N VAL A 79 -7.17 -3.55 -14.91
CA VAL A 79 -6.10 -3.87 -13.98
C VAL A 79 -5.73 -2.65 -13.12
N ASP A 80 -5.63 -1.49 -13.78
CA ASP A 80 -5.29 -0.25 -13.10
C ASP A 80 -6.34 0.10 -12.06
N PHE A 81 -7.60 -0.05 -12.42
CA PHE A 81 -8.70 0.24 -11.53
C PHE A 81 -8.77 -0.77 -10.39
N LEU A 82 -8.60 -2.04 -10.73
CA LEU A 82 -8.62 -3.11 -9.73
C LEU A 82 -7.49 -2.94 -8.74
N SER A 83 -6.37 -2.40 -9.20
CA SER A 83 -5.21 -2.16 -8.35
C SER A 83 -5.45 -0.93 -7.48
N ASN A 84 -6.24 0.00 -8.00
CA ASN A 84 -6.57 1.22 -7.26
C ASN A 84 -7.57 0.89 -6.16
N GLU A 85 -8.50 0.01 -6.50
CA GLU A 85 -9.52 -0.43 -5.56
C GLU A 85 -8.93 -1.39 -4.53
N GLY A 86 -7.99 -2.21 -4.96
CA GLY A 86 -7.35 -3.14 -4.05
C GLY A 86 -7.82 -4.56 -4.21
N HIS A 87 -8.22 -4.94 -5.41
CA HIS A 87 -8.71 -6.29 -5.65
C HIS A 87 -7.59 -7.17 -6.21
N ILE A 88 -6.65 -6.55 -6.90
CA ILE A 88 -5.52 -7.27 -7.48
C ILE A 88 -4.23 -6.53 -7.21
N TYR A 89 -3.11 -7.18 -7.47
CA TYR A 89 -1.81 -6.57 -7.25
C TYR A 89 -0.72 -7.37 -7.96
N SER A 90 0.40 -6.71 -8.20
CA SER A 90 1.53 -7.36 -8.83
C SER A 90 2.34 -8.10 -7.78
N THR A 91 2.72 -9.34 -8.07
CA THR A 91 3.49 -10.14 -7.14
C THR A 91 4.92 -9.60 -7.02
N VAL A 92 5.73 -9.89 -8.04
CA VAL A 92 7.11 -9.42 -8.08
C VAL A 92 7.50 -9.11 -9.52
N ASP A 93 6.49 -8.70 -10.30
CA ASP A 93 6.68 -8.35 -11.70
C ASP A 93 5.43 -7.64 -12.21
N ASP A 94 5.60 -6.77 -13.20
CA ASP A 94 4.49 -6.04 -13.80
C ASP A 94 3.50 -7.01 -14.44
N ASP A 95 4.04 -8.09 -14.99
CA ASP A 95 3.20 -9.10 -15.63
C ASP A 95 2.95 -10.24 -14.65
N HIS A 96 2.20 -9.95 -13.60
CA HIS A 96 1.87 -10.94 -12.58
C HIS A 96 0.86 -10.38 -11.60
N PHE A 97 -0.41 -10.71 -11.79
CA PHE A 97 -1.46 -10.20 -10.92
C PHE A 97 -2.06 -11.32 -10.08
N LYS A 98 -2.30 -11.00 -8.81
CA LYS A 98 -2.89 -11.95 -7.87
C LYS A 98 -3.79 -11.22 -6.89
N SER A 99 -4.41 -11.96 -5.98
CA SER A 99 -5.29 -11.40 -4.97
C SER A 99 -5.00 -12.05 -3.62
N THR A 100 -5.53 -11.47 -2.55
CA THR A 100 -5.33 -12.00 -1.21
C THR A 100 -6.59 -11.78 -0.37
N ASP A 101 -6.57 -10.75 0.48
CA ASP A 101 -7.72 -10.45 1.34
C ASP A 101 -8.57 -9.36 0.68
N ALA A 102 -9.34 -9.75 -0.33
CA ALA A 102 -10.21 -8.82 -1.05
C ALA A 102 -11.12 -9.57 -2.00
N GLU A 103 -12.32 -9.07 -2.19
CA GLU A 103 -13.27 -9.70 -3.09
C GLU A 103 -13.47 -8.83 -4.34
N GLY B 1 2.74 24.21 23.28
CA GLY B 1 2.49 24.60 24.69
C GLY B 1 3.77 24.83 25.44
N SER B 2 4.35 23.78 25.99
CA SER B 2 5.59 23.87 26.75
C SER B 2 6.60 22.88 26.21
N LYS B 3 6.25 21.60 26.28
CA LYS B 3 7.13 20.55 25.82
C LYS B 3 6.81 20.23 24.36
N VAL B 4 7.51 19.25 23.80
CA VAL B 4 7.29 18.84 22.41
C VAL B 4 5.84 18.40 22.20
N GLU B 5 5.20 18.98 21.20
CA GLU B 5 3.81 18.66 20.90
C GLU B 5 3.72 17.31 20.21
N ASP B 6 2.83 16.47 20.73
CA ASP B 6 2.63 15.14 20.19
C ASP B 6 1.26 15.04 19.52
N PRO B 7 1.18 15.27 18.19
CA PRO B 7 -0.07 15.22 17.44
C PRO B 7 -0.77 13.87 17.51
N LYS B 8 -2.09 13.90 17.40
CA LYS B 8 -2.89 12.69 17.46
C LYS B 8 -3.28 12.22 16.05
N ASP B 9 -2.74 12.89 15.05
CA ASP B 9 -3.02 12.55 13.66
C ASP B 9 -1.89 13.05 12.76
N PHE B 10 -1.97 12.68 11.49
CA PHE B 10 -0.97 13.08 10.50
C PHE B 10 -1.10 14.57 10.17
N PRO B 11 -0.02 15.19 9.67
CA PRO B 11 -0.04 16.60 9.29
C PRO B 11 -0.91 16.84 8.06
N SER B 12 -1.47 18.04 7.96
CA SER B 12 -2.34 18.40 6.84
C SER B 12 -1.65 18.21 5.49
N GLU B 13 -0.33 18.33 5.51
CA GLU B 13 0.48 18.20 4.30
C GLU B 13 0.44 16.77 3.74
N LEU B 14 0.05 15.80 4.55
CA LEU B 14 0.00 14.42 4.10
C LEU B 14 -1.41 13.84 4.16
N LEU B 15 -2.31 14.54 4.84
CA LEU B 15 -3.70 14.08 5.00
C LEU B 15 -4.43 14.04 3.65
N SER B 16 -3.87 14.69 2.66
CA SER B 16 -4.47 14.75 1.33
C SER B 16 -4.44 13.39 0.62
N PHE B 17 -3.46 12.57 0.93
CA PHE B 17 -3.33 11.27 0.28
C PHE B 17 -3.53 10.12 1.26
N LEU B 18 -4.25 10.37 2.35
CA LEU B 18 -4.49 9.34 3.35
C LEU B 18 -5.95 8.93 3.37
N SER B 19 -6.22 7.70 3.81
CA SER B 19 -7.57 7.18 3.88
C SER B 19 -8.36 7.85 5.00
N HIS B 20 -7.63 8.38 5.98
CA HIS B 20 -8.22 9.05 7.15
C HIS B 20 -8.84 8.04 8.11
N ALA B 21 -9.73 7.21 7.58
CA ALA B 21 -10.40 6.19 8.37
C ALA B 21 -9.55 4.93 8.42
N VAL B 22 -9.78 4.11 9.44
CA VAL B 22 -9.03 2.87 9.60
C VAL B 22 -9.91 1.67 9.25
N PHE B 23 -11.07 1.59 9.86
CA PHE B 23 -11.99 0.49 9.62
C PHE B 23 -12.76 0.73 8.32
N SER B 24 -12.19 0.29 7.23
CA SER B 24 -12.81 0.45 5.91
C SER B 24 -12.62 -0.80 5.08
N ASN B 25 -13.45 -0.96 4.05
CA ASN B 25 -13.37 -2.12 3.17
C ASN B 25 -12.29 -1.92 2.10
N ARG B 26 -11.92 -0.66 1.89
CA ARG B 26 -10.89 -0.31 0.91
C ARG B 26 -9.62 -1.11 1.18
N THR B 27 -9.30 -2.02 0.25
CA THR B 27 -8.13 -2.86 0.37
C THR B 27 -6.87 -2.12 -0.07
N LEU B 28 -6.45 -1.15 0.73
CA LEU B 28 -5.27 -0.35 0.44
C LEU B 28 -4.02 -1.20 0.53
N ALA B 29 -3.03 -0.87 -0.28
CA ALA B 29 -1.77 -1.60 -0.30
C ALA B 29 -0.69 -0.85 0.47
N CYS B 30 -0.79 0.47 0.46
CA CYS B 30 0.19 1.31 1.15
C CYS B 30 -0.35 1.78 2.48
N PHE B 31 0.50 1.77 3.49
CA PHE B 31 0.11 2.20 4.83
C PHE B 31 1.21 3.06 5.42
N ALA B 32 0.83 4.02 6.25
CA ALA B 32 1.76 4.91 6.90
C ALA B 32 1.57 4.89 8.40
N ILE B 33 2.66 4.71 9.13
CA ILE B 33 2.59 4.68 10.58
C ILE B 33 3.35 5.85 11.20
N TYR B 34 2.60 6.79 11.75
CA TYR B 34 3.20 7.94 12.41
C TYR B 34 3.56 7.56 13.84
N THR B 35 4.84 7.45 14.14
CA THR B 35 5.29 7.05 15.46
C THR B 35 6.64 7.67 15.81
N THR B 36 7.27 7.12 16.84
CA THR B 36 8.58 7.58 17.27
C THR B 36 9.67 6.90 16.45
N LYS B 37 10.85 7.49 16.40
CA LYS B 37 11.97 6.93 15.64
C LYS B 37 12.27 5.50 16.07
N GLU B 38 12.39 5.28 17.38
CA GLU B 38 12.67 3.97 17.93
C GLU B 38 11.62 2.94 17.51
N LYS B 39 10.36 3.33 17.64
CA LYS B 39 9.25 2.45 17.28
C LYS B 39 9.24 2.13 15.79
N ALA B 40 9.38 3.17 14.97
CA ALA B 40 9.39 3.01 13.53
C ALA B 40 10.56 2.16 13.07
N ALA B 41 11.68 2.26 13.78
CA ALA B 41 12.87 1.50 13.46
C ALA B 41 12.65 0.01 13.68
N LEU B 42 11.88 -0.32 14.70
CA LEU B 42 11.58 -1.70 15.03
C LEU B 42 10.61 -2.31 14.01
N LEU B 43 9.52 -1.59 13.76
CA LEU B 43 8.50 -2.05 12.82
C LEU B 43 9.05 -2.10 11.39
N TYR B 44 10.08 -1.30 11.14
CA TYR B 44 10.73 -1.22 9.85
C TYR B 44 11.16 -2.59 9.35
N LYS B 45 11.77 -3.37 10.23
CA LYS B 45 12.24 -4.70 9.88
C LYS B 45 11.17 -5.77 10.08
N LYS B 46 10.38 -5.60 11.13
CA LYS B 46 9.33 -6.57 11.45
C LYS B 46 8.29 -6.67 10.36
N ILE B 47 7.64 -5.55 10.04
CA ILE B 47 6.60 -5.53 9.01
C ILE B 47 7.16 -5.86 7.64
N MET B 48 8.42 -5.47 7.41
CA MET B 48 9.09 -5.71 6.14
C MET B 48 8.94 -7.15 5.67
N GLU B 49 9.32 -8.09 6.52
CA GLU B 49 9.23 -9.50 6.18
C GLU B 49 7.87 -10.09 6.54
N LYS B 50 7.28 -9.58 7.63
CA LYS B 50 5.98 -10.05 8.12
C LYS B 50 4.92 -10.07 7.02
N TYR B 51 4.83 -8.98 6.28
CA TYR B 51 3.85 -8.88 5.21
C TYR B 51 4.52 -8.91 3.85
N SER B 52 5.84 -9.11 3.86
CA SER B 52 6.64 -9.15 2.64
C SER B 52 6.38 -7.89 1.80
N VAL B 53 6.70 -6.73 2.38
CA VAL B 53 6.50 -5.46 1.73
C VAL B 53 7.46 -5.28 0.56
N THR B 54 7.00 -4.59 -0.47
CA THR B 54 7.83 -4.32 -1.64
C THR B 54 8.71 -3.11 -1.38
N PHE B 55 8.20 -2.19 -0.57
CA PHE B 55 8.92 -0.98 -0.23
C PHE B 55 8.66 -0.61 1.22
N ILE B 56 9.73 -0.26 1.91
CA ILE B 56 9.65 0.14 3.31
C ILE B 56 10.70 1.22 3.57
N SER B 57 10.28 2.33 4.13
CA SER B 57 11.19 3.42 4.39
C SER B 57 10.78 4.22 5.63
N ARG B 58 11.76 4.84 6.26
CA ARG B 58 11.54 5.65 7.43
C ARG B 58 11.83 7.10 7.09
N HIS B 59 10.82 7.95 7.17
CA HIS B 59 10.97 9.36 6.83
C HIS B 59 10.73 10.25 8.03
N ASN B 60 11.20 11.47 7.94
CA ASN B 60 11.04 12.45 9.00
C ASN B 60 9.75 13.24 8.77
N SER B 61 9.46 14.19 9.65
CA SER B 61 8.27 15.00 9.51
C SER B 61 8.45 16.34 10.22
N TYR B 62 8.15 16.35 11.51
CA TYR B 62 8.27 17.56 12.32
C TYR B 62 8.75 17.20 13.71
N ASN B 63 7.95 16.42 14.43
CA ASN B 63 8.30 16.02 15.79
C ASN B 63 8.39 14.51 15.95
N HIS B 64 8.13 13.76 14.88
CA HIS B 64 8.17 12.31 14.96
C HIS B 64 8.73 11.69 13.68
N ASN B 65 8.58 10.38 13.55
CA ASN B 65 9.04 9.65 12.39
C ASN B 65 7.87 8.98 11.70
N ILE B 66 7.91 8.89 10.39
CA ILE B 66 6.83 8.28 9.64
C ILE B 66 7.30 7.03 8.92
N LEU B 67 6.67 5.90 9.25
CA LEU B 67 7.00 4.64 8.62
C LEU B 67 6.16 4.47 7.36
N PHE B 68 6.80 4.47 6.22
CA PHE B 68 6.12 4.36 4.94
C PHE B 68 6.42 3.01 4.30
N PHE B 69 5.40 2.17 4.14
CA PHE B 69 5.60 0.86 3.55
C PHE B 69 4.46 0.51 2.60
N LEU B 70 4.78 -0.37 1.65
CA LEU B 70 3.81 -0.83 0.67
C LEU B 70 3.71 -2.34 0.72
N THR B 71 2.53 -2.82 1.11
CA THR B 71 2.30 -4.25 1.19
C THR B 71 1.59 -4.74 -0.06
N PRO B 72 2.25 -5.60 -0.85
CA PRO B 72 1.67 -6.14 -2.08
C PRO B 72 0.44 -6.98 -1.81
N HIS B 73 0.56 -7.91 -0.86
CA HIS B 73 -0.54 -8.79 -0.51
C HIS B 73 -1.71 -7.98 0.03
N ARG B 74 -2.78 -7.94 -0.74
CA ARG B 74 -3.98 -7.18 -0.39
C ARG B 74 -4.56 -7.65 0.95
N HIS B 75 -5.00 -6.69 1.75
CA HIS B 75 -5.59 -6.97 3.06
C HIS B 75 -6.30 -5.72 3.57
N ARG B 76 -7.29 -5.91 4.45
CA ARG B 76 -8.04 -4.80 5.02
C ARG B 76 -7.14 -3.92 5.90
N VAL B 77 -7.41 -2.62 5.88
CA VAL B 77 -6.64 -1.65 6.66
C VAL B 77 -6.75 -1.93 8.15
N SER B 78 -7.94 -2.33 8.58
CA SER B 78 -8.21 -2.63 9.98
C SER B 78 -7.26 -3.71 10.53
N ALA B 79 -6.93 -4.68 9.69
CA ALA B 79 -6.03 -5.76 10.10
C ALA B 79 -4.60 -5.27 10.27
N ILE B 80 -4.21 -4.29 9.48
CA ILE B 80 -2.86 -3.73 9.54
C ILE B 80 -2.67 -2.91 10.81
N ASN B 81 -3.59 -1.97 11.05
CA ASN B 81 -3.50 -1.12 12.23
C ASN B 81 -3.61 -1.95 13.51
N ASN B 82 -4.31 -3.07 13.40
CA ASN B 82 -4.48 -3.97 14.55
C ASN B 82 -3.12 -4.46 15.06
N TYR B 83 -2.28 -4.89 14.14
CA TYR B 83 -0.95 -5.37 14.49
C TYR B 83 -0.07 -4.23 15.00
N ALA B 84 -0.21 -3.06 14.38
CA ALA B 84 0.57 -1.90 14.76
C ALA B 84 0.14 -1.37 16.14
N GLN B 85 -1.18 -1.35 16.37
CA GLN B 85 -1.73 -0.87 17.63
C GLN B 85 -1.37 -1.81 18.78
N LYS B 86 -0.97 -3.03 18.43
CA LYS B 86 -0.58 -4.02 19.44
C LYS B 86 0.68 -3.56 20.17
N LEU B 87 1.50 -2.79 19.48
CA LEU B 87 2.74 -2.28 20.06
C LEU B 87 2.58 -0.82 20.48
N CYS B 88 1.35 -0.41 20.74
CA CYS B 88 1.07 0.96 21.15
C CYS B 88 1.15 1.09 22.66
N THR B 89 1.91 0.19 23.28
CA THR B 89 2.06 0.18 24.73
C THR B 89 3.20 1.09 25.18
N PHE B 90 4.37 0.96 24.54
CA PHE B 90 5.53 1.75 24.92
C PHE B 90 5.55 3.11 24.23
N SER B 91 4.71 3.28 23.22
CA SER B 91 4.64 4.54 22.48
C SER B 91 3.33 4.63 21.71
N PHE B 92 2.92 5.85 21.38
CA PHE B 92 1.70 6.08 20.62
C PHE B 92 1.82 5.48 19.22
N LEU B 93 0.73 5.51 18.46
CA LEU B 93 0.76 4.98 17.10
C LEU B 93 -0.41 5.44 16.26
N ILE B 94 -0.09 6.07 15.14
CA ILE B 94 -1.11 6.54 14.21
C ILE B 94 -0.89 5.85 12.86
N CYS B 95 -1.47 4.67 12.70
CA CYS B 95 -1.33 3.91 11.47
C CYS B 95 -2.58 4.05 10.62
N LYS B 96 -2.43 4.59 9.43
CA LYS B 96 -3.55 4.77 8.51
C LYS B 96 -3.14 4.37 7.11
N GLY B 97 -4.13 4.12 6.25
CA GLY B 97 -3.84 3.73 4.89
C GLY B 97 -3.55 4.91 3.98
N VAL B 98 -2.73 4.66 2.98
CA VAL B 98 -2.38 5.69 2.02
C VAL B 98 -3.14 5.47 0.71
N ASN B 99 -3.84 6.50 0.26
CA ASN B 99 -4.62 6.42 -0.97
C ASN B 99 -3.71 6.53 -2.18
N LYS B 100 -2.67 7.34 -2.06
CA LYS B 100 -1.72 7.53 -3.14
C LYS B 100 -0.29 7.43 -2.60
N GLU B 101 0.33 6.28 -2.78
CA GLU B 101 1.68 6.03 -2.30
C GLU B 101 2.71 6.96 -2.92
N TYR B 102 2.73 7.01 -4.24
CA TYR B 102 3.67 7.84 -4.98
C TYR B 102 3.52 9.30 -4.57
N LEU B 103 2.28 9.71 -4.36
CA LEU B 103 1.98 11.08 -3.97
C LEU B 103 2.52 11.40 -2.59
N MET B 104 2.23 10.52 -1.63
CA MET B 104 2.69 10.73 -0.26
C MET B 104 4.20 10.67 -0.18
N TYR B 105 4.81 9.77 -0.95
CA TYR B 105 6.26 9.65 -0.97
C TYR B 105 6.89 10.91 -1.53
N SER B 106 6.24 11.50 -2.54
CA SER B 106 6.73 12.72 -3.17
C SER B 106 6.70 13.88 -2.18
N ALA B 107 5.75 13.84 -1.26
CA ALA B 107 5.64 14.86 -0.24
C ALA B 107 6.59 14.58 0.91
N LEU B 108 6.87 13.29 1.12
CA LEU B 108 7.77 12.85 2.18
C LEU B 108 9.24 13.07 1.81
N THR B 109 9.48 13.73 0.68
CA THR B 109 10.83 13.99 0.25
C THR B 109 11.03 15.49 0.04
N ARG B 110 10.24 16.29 0.74
CA ARG B 110 10.31 17.74 0.62
C ARG B 110 10.70 18.38 1.95
N ASP B 111 11.66 19.30 1.85
CA ASP B 111 12.22 20.10 2.97
C ASP B 111 12.05 19.50 4.40
N PRO B 112 10.88 19.68 5.10
CA PRO B 112 10.73 19.15 6.47
C PRO B 112 10.79 17.62 6.52
N PHE B 113 10.19 16.99 5.53
CA PHE B 113 10.16 15.54 5.46
C PHE B 113 11.47 15.03 4.85
N SER B 114 12.41 14.72 5.72
CA SER B 114 13.71 14.21 5.29
C SER B 114 13.67 12.71 5.07
N VAL B 115 14.73 12.18 4.46
CA VAL B 115 14.84 10.76 4.18
C VAL B 115 15.90 10.12 5.07
N ILE B 116 15.61 8.91 5.55
CA ILE B 116 16.55 8.21 6.41
C ILE B 116 17.02 6.90 5.75
N GLU B 117 16.26 5.84 5.96
CA GLU B 117 16.60 4.53 5.40
C GLU B 117 15.50 4.03 4.47
N GLU B 118 15.86 3.76 3.21
CA GLU B 118 14.91 3.26 2.23
C GLU B 118 15.31 1.85 1.77
N SER B 119 14.33 1.02 1.46
CA SER B 119 14.61 -0.34 1.03
C SER B 119 14.96 -0.38 -0.46
N LEU B 120 14.35 0.50 -1.24
CA LEU B 120 14.59 0.56 -2.67
C LEU B 120 15.34 1.83 -3.05
N PRO B 121 16.56 1.67 -3.59
CA PRO B 121 17.38 2.81 -4.01
C PRO B 121 16.74 3.54 -5.18
N GLY B 122 16.04 4.62 -4.87
CA GLY B 122 15.37 5.40 -5.87
C GLY B 122 13.98 5.78 -5.44
N GLY B 123 13.48 5.09 -4.41
CA GLY B 123 12.16 5.36 -3.89
C GLY B 123 11.10 4.46 -4.48
N LEU B 124 9.98 5.05 -4.86
CA LEU B 124 8.88 4.30 -5.45
C LEU B 124 8.88 4.50 -6.95
N LYS B 125 8.60 3.43 -7.69
CA LYS B 125 8.56 3.51 -9.13
C LYS B 125 7.41 2.69 -9.70
N GLU B 126 6.89 3.16 -10.83
CA GLU B 126 5.76 2.54 -11.52
C GLU B 126 6.10 1.15 -12.05
N HIS B 127 7.29 0.99 -12.62
CA HIS B 127 7.72 -0.29 -13.20
C HIS B 127 7.95 -1.36 -12.13
N ASP B 128 7.77 -0.99 -10.87
CA ASP B 128 7.95 -1.94 -9.78
C ASP B 128 6.63 -2.63 -9.45
N PHE B 129 5.55 -2.09 -10.00
CA PHE B 129 4.21 -2.64 -9.78
C PHE B 129 3.51 -2.88 -11.10
N ASN B 130 2.94 -1.82 -11.67
CA ASN B 130 2.23 -1.89 -12.93
C ASN B 130 1.96 -0.50 -13.46
N PRO B 131 2.80 -0.02 -14.39
CA PRO B 131 2.65 1.31 -14.99
C PRO B 131 1.30 1.43 -15.70
N ALA A 35 7.30 23.28 -1.96
CA ALA A 35 8.38 22.32 -1.66
C ALA A 35 7.97 21.42 -0.51
N ASN A 36 7.85 21.99 0.68
CA ASN A 36 7.44 21.25 1.86
C ASN A 36 5.92 21.27 2.01
N GLY A 37 5.28 20.14 1.81
CA GLY A 37 3.84 20.06 1.92
C GLY A 37 3.38 19.76 3.33
N LEU A 38 4.33 19.63 4.23
CA LEU A 38 4.01 19.33 5.63
C LEU A 38 4.05 20.61 6.46
N THR A 39 3.42 20.56 7.62
CA THR A 39 3.41 21.70 8.51
C THR A 39 4.61 21.61 9.45
N VAL A 40 5.10 22.76 9.92
CA VAL A 40 6.26 22.78 10.82
C VAL A 40 6.06 21.81 11.99
N ALA A 41 4.83 21.76 12.51
CA ALA A 41 4.52 20.86 13.62
C ALA A 41 4.78 19.41 13.23
N GLN A 42 4.31 19.01 12.04
CA GLN A 42 4.48 17.65 11.57
C GLN A 42 5.93 17.38 11.17
N ASN A 43 6.60 18.40 10.62
CA ASN A 43 7.99 18.27 10.19
C ASN A 43 8.86 17.86 11.38
N GLN A 44 8.58 18.43 12.54
CA GLN A 44 9.33 18.13 13.75
C GLN A 44 9.05 16.69 14.20
N VAL A 45 7.77 16.30 14.14
CA VAL A 45 7.36 14.95 14.54
C VAL A 45 8.08 13.91 13.67
N LEU A 46 8.04 14.12 12.36
CA LEU A 46 8.67 13.22 11.41
C LEU A 46 10.18 13.19 11.61
N ASN A 47 10.77 14.36 11.80
CA ASN A 47 12.22 14.47 12.00
C ASN A 47 12.66 13.75 13.26
N LEU A 48 11.87 13.85 14.32
CA LEU A 48 12.18 13.21 15.59
C LEU A 48 12.31 11.70 15.43
N ILE A 49 11.54 11.13 14.51
CA ILE A 49 11.55 9.69 14.28
C ILE A 49 12.77 9.28 13.45
N LYS A 50 13.00 9.98 12.34
CA LYS A 50 14.12 9.65 11.46
C LYS A 50 15.47 10.02 12.08
N ALA A 51 15.47 11.00 12.98
CA ALA A 51 16.71 11.43 13.61
C ALA A 51 16.90 10.76 14.97
N CYS A 52 16.10 9.74 15.24
CA CYS A 52 16.21 9.00 16.50
C CYS A 52 17.31 7.95 16.39
N PRO A 53 18.22 7.90 17.37
CA PRO A 53 19.33 6.94 17.37
C PRO A 53 18.91 5.56 17.88
N ARG A 54 17.62 5.35 18.10
CA ARG A 54 17.13 4.06 18.57
C ARG A 54 16.75 3.18 17.39
N PRO A 55 17.23 1.92 17.38
CA PRO A 55 16.94 0.95 16.31
C PRO A 55 15.43 0.74 16.08
N GLU A 56 14.64 0.89 17.14
CA GLU A 56 13.19 0.72 17.04
C GLU A 56 12.53 1.95 16.41
N GLY A 57 13.31 3.01 16.25
CA GLY A 57 12.79 4.23 15.71
C GLY A 57 12.20 5.09 16.80
N LEU A 58 10.91 5.40 16.68
CA LEU A 58 10.24 6.20 17.68
C LEU A 58 8.82 5.68 17.88
N ASN A 59 8.61 5.03 19.01
CA ASN A 59 7.29 4.49 19.33
C ASN A 59 6.30 5.61 19.60
N PHE A 60 5.02 5.29 19.59
CA PHE A 60 3.99 6.29 19.83
C PHE A 60 4.14 6.86 21.23
N GLN A 61 4.60 6.02 22.14
CA GLN A 61 4.82 6.42 23.52
C GLN A 61 5.97 7.43 23.61
N ASP A 62 6.92 7.29 22.70
CA ASP A 62 8.08 8.18 22.65
C ASP A 62 7.70 9.52 22.06
N LEU A 63 6.77 9.50 21.11
CA LEU A 63 6.30 10.71 20.46
C LEU A 63 5.71 11.69 21.47
N LYS A 64 4.83 11.18 22.33
CA LYS A 64 4.19 12.01 23.34
C LYS A 64 5.13 12.29 24.51
N ASN A 65 6.23 11.56 24.55
CA ASN A 65 7.24 11.74 25.60
C ASN A 65 8.16 12.89 25.24
N GLN A 66 8.61 12.89 24.00
CA GLN A 66 9.49 13.93 23.49
C GLN A 66 8.71 15.24 23.33
N LEU A 67 7.53 15.13 22.74
CA LEU A 67 6.69 16.30 22.52
C LEU A 67 5.62 16.39 23.59
N LYS A 68 6.01 16.91 24.76
CA LYS A 68 5.08 17.06 25.88
C LYS A 68 4.12 18.22 25.63
N HIS A 69 4.35 18.97 24.57
CA HIS A 69 3.51 20.10 24.24
C HIS A 69 2.56 19.74 23.08
N MET A 70 2.30 18.45 22.93
CA MET A 70 1.43 17.96 21.88
C MET A 70 0.44 16.94 22.44
N SER A 71 -0.73 16.84 21.82
CA SER A 71 -1.75 15.90 22.27
C SER A 71 -1.68 14.61 21.45
N VAL A 72 -2.15 13.52 22.04
CA VAL A 72 -2.14 12.21 21.39
C VAL A 72 -2.90 12.24 20.06
N SER A 73 -4.04 12.90 20.04
CA SER A 73 -4.85 13.01 18.84
C SER A 73 -4.07 13.72 17.72
N SER A 74 -3.40 14.82 18.10
CA SER A 74 -2.60 15.58 17.15
C SER A 74 -1.45 14.73 16.62
N ILE A 75 -0.85 13.95 17.51
CA ILE A 75 0.25 13.07 17.13
C ILE A 75 -0.23 12.04 16.13
N LYS A 76 -1.40 11.46 16.41
CA LYS A 76 -1.99 10.46 15.52
C LYS A 76 -2.32 11.08 14.18
N GLN A 77 -2.81 12.31 14.18
CA GLN A 77 -3.16 13.01 12.94
C GLN A 77 -1.92 13.18 12.07
N ALA A 78 -0.81 13.53 12.71
CA ALA A 78 0.45 13.71 12.00
C ALA A 78 0.91 12.37 11.42
N VAL A 79 0.87 11.33 12.25
CA VAL A 79 1.28 9.99 11.84
C VAL A 79 0.38 9.49 10.71
N ASP A 80 -0.91 9.76 10.83
CA ASP A 80 -1.88 9.35 9.81
C ASP A 80 -1.62 10.07 8.49
N PHE A 81 -1.32 11.36 8.58
CA PHE A 81 -1.04 12.14 7.37
C PHE A 81 0.26 11.68 6.75
N LEU A 82 1.26 11.39 7.58
CA LEU A 82 2.55 10.92 7.11
C LEU A 82 2.40 9.55 6.44
N SER A 83 1.38 8.82 6.85
CA SER A 83 1.10 7.51 6.28
C SER A 83 0.32 7.67 4.98
N ASN A 84 -0.48 8.73 4.90
CA ASN A 84 -1.25 9.02 3.70
C ASN A 84 -0.34 9.56 2.63
N GLU A 85 0.59 10.41 3.06
CA GLU A 85 1.56 11.02 2.17
C GLU A 85 2.60 9.96 1.76
N GLY A 86 3.34 9.46 2.73
CA GLY A 86 4.33 8.44 2.45
C GLY A 86 5.73 8.77 2.91
N HIS A 87 5.91 8.88 4.22
CA HIS A 87 7.25 9.16 4.76
C HIS A 87 7.57 8.25 5.94
N ILE A 88 6.58 7.47 6.37
CA ILE A 88 6.77 6.54 7.49
C ILE A 88 6.07 5.23 7.19
N TYR A 89 6.34 4.22 7.99
CA TYR A 89 5.73 2.91 7.80
C TYR A 89 5.84 2.07 9.07
N SER A 90 4.97 1.09 9.20
CA SER A 90 4.98 0.19 10.32
C SER A 90 5.93 -0.97 10.01
N THR A 91 6.66 -1.45 11.00
CA THR A 91 7.61 -2.53 10.77
C THR A 91 7.09 -3.88 11.25
N VAL A 92 7.39 -4.22 12.48
CA VAL A 92 6.99 -5.51 13.04
C VAL A 92 5.94 -5.37 14.12
N ASP A 93 5.32 -4.21 14.21
CA ASP A 93 4.30 -3.96 15.23
C ASP A 93 3.55 -2.67 14.91
N ASP A 94 2.36 -2.54 15.47
CA ASP A 94 1.54 -1.36 15.27
C ASP A 94 2.25 -0.15 15.88
N ASP A 95 2.80 -0.36 17.06
CA ASP A 95 3.53 0.69 17.75
C ASP A 95 5.02 0.52 17.46
N HIS A 96 5.38 0.85 16.23
CA HIS A 96 6.76 0.75 15.79
C HIS A 96 6.93 1.54 14.50
N PHE A 97 6.48 2.78 14.54
CA PHE A 97 6.54 3.67 13.39
C PHE A 97 7.98 4.12 13.13
N LYS A 98 8.43 3.87 11.91
CA LYS A 98 9.77 4.26 11.50
C LYS A 98 9.71 5.03 10.20
N SER A 99 10.49 6.10 10.11
CA SER A 99 10.52 6.92 8.92
C SER A 99 11.21 6.18 7.77
N THR A 100 10.75 6.44 6.56
CA THR A 100 11.32 5.80 5.39
C THR A 100 12.69 6.39 5.07
N ASP A 101 13.56 5.60 4.45
CA ASP A 101 14.91 6.04 4.10
C ASP A 101 14.89 6.93 2.85
N ALA A 102 13.98 7.88 2.82
CA ALA A 102 13.84 8.81 1.71
C ALA A 102 13.20 10.11 2.17
N GLU A 103 13.99 11.18 2.20
CA GLU A 103 13.50 12.47 2.61
C GLU A 103 12.81 13.17 1.45
N GLY B 1 -19.24 -7.85 -26.51
CA GLY B 1 -19.13 -8.28 -27.92
C GLY B 1 -19.55 -9.72 -28.10
N SER B 2 -18.59 -10.59 -28.40
CA SER B 2 -18.88 -12.00 -28.60
C SER B 2 -18.01 -12.87 -27.72
N LYS B 3 -16.80 -12.41 -27.43
CA LYS B 3 -15.88 -13.15 -26.60
C LYS B 3 -15.81 -12.55 -25.20
N VAL B 4 -14.83 -12.99 -24.43
CA VAL B 4 -14.64 -12.48 -23.08
C VAL B 4 -14.13 -11.04 -23.16
N GLU B 5 -14.97 -10.11 -22.74
CA GLU B 5 -14.61 -8.69 -22.75
C GLU B 5 -13.38 -8.43 -21.90
N ASP B 6 -12.42 -7.72 -22.49
CA ASP B 6 -11.18 -7.39 -21.82
C ASP B 6 -11.11 -5.89 -21.53
N PRO B 7 -11.53 -5.46 -20.33
CA PRO B 7 -11.51 -4.05 -19.93
C PRO B 7 -10.09 -3.50 -19.88
N LYS B 8 -9.96 -2.18 -20.06
CA LYS B 8 -8.66 -1.54 -20.06
C LYS B 8 -8.43 -0.76 -18.77
N ASP B 9 -9.24 -1.04 -17.77
CA ASP B 9 -9.13 -0.36 -16.48
C ASP B 9 -9.81 -1.17 -15.38
N PHE B 10 -9.73 -0.65 -14.16
CA PHE B 10 -10.33 -1.31 -13.01
C PHE B 10 -11.84 -1.07 -12.95
N PRO B 11 -12.58 -1.95 -12.27
CA PRO B 11 -14.03 -1.82 -12.13
C PRO B 11 -14.40 -0.65 -11.21
N SER B 12 -15.58 -0.08 -11.43
CA SER B 12 -16.06 1.04 -10.63
C SER B 12 -16.16 0.72 -9.14
N GLU B 13 -16.31 -0.56 -8.82
CA GLU B 13 -16.43 -1.00 -7.43
C GLU B 13 -15.09 -0.90 -6.70
N LEU B 14 -14.01 -0.83 -7.46
CA LEU B 14 -12.68 -0.75 -6.86
C LEU B 14 -12.08 0.63 -7.09
N LEU B 15 -12.53 1.30 -8.14
CA LEU B 15 -12.03 2.63 -8.49
C LEU B 15 -12.30 3.63 -7.37
N SER B 16 -13.28 3.31 -6.53
CA SER B 16 -13.66 4.17 -5.42
C SER B 16 -12.59 4.19 -4.32
N PHE B 17 -11.69 3.20 -4.35
CA PHE B 17 -10.64 3.12 -3.34
C PHE B 17 -9.25 3.21 -3.96
N LEU B 18 -9.20 3.52 -5.26
CA LEU B 18 -7.95 3.63 -5.97
C LEU B 18 -7.57 5.09 -6.20
N SER B 19 -6.27 5.35 -6.31
CA SER B 19 -5.79 6.71 -6.54
C SER B 19 -6.08 7.16 -7.97
N HIS B 20 -6.41 6.18 -8.84
CA HIS B 20 -6.74 6.42 -10.25
C HIS B 20 -5.51 6.72 -11.10
N ALA B 21 -4.61 7.55 -10.59
CA ALA B 21 -3.40 7.91 -11.32
C ALA B 21 -2.42 6.75 -11.43
N VAL B 22 -1.50 6.85 -12.38
CA VAL B 22 -0.49 5.81 -12.63
C VAL B 22 0.91 6.34 -12.33
N PHE B 23 1.21 7.51 -12.86
CA PHE B 23 2.52 8.12 -12.68
C PHE B 23 2.44 9.15 -11.54
N SER B 24 1.61 8.85 -10.56
CA SER B 24 1.40 9.73 -9.42
C SER B 24 2.68 9.93 -8.62
N ASN B 25 2.94 11.19 -8.27
CA ASN B 25 4.12 11.55 -7.49
C ASN B 25 3.80 11.40 -6.00
N ARG B 26 3.49 10.18 -5.60
CA ARG B 26 3.14 9.90 -4.22
C ARG B 26 3.84 8.64 -3.73
N THR B 27 4.45 8.74 -2.55
CA THR B 27 5.13 7.62 -1.94
C THR B 27 4.10 6.65 -1.34
N LEU B 28 3.41 5.96 -2.23
CA LEU B 28 2.37 5.01 -1.83
C LEU B 28 2.99 3.71 -1.31
N ALA B 29 2.15 2.86 -0.75
CA ALA B 29 2.59 1.58 -0.20
C ALA B 29 1.77 0.43 -0.74
N CYS B 30 0.50 0.67 -1.03
CA CYS B 30 -0.39 -0.36 -1.55
C CYS B 30 -0.64 -0.18 -3.03
N PHE B 31 -0.55 -1.27 -3.78
CA PHE B 31 -0.77 -1.24 -5.21
C PHE B 31 -1.60 -2.44 -5.65
N ALA B 32 -2.31 -2.29 -6.76
CA ALA B 32 -3.14 -3.36 -7.28
C ALA B 32 -2.93 -3.52 -8.78
N ILE B 33 -2.87 -4.76 -9.24
CA ILE B 33 -2.65 -5.03 -10.66
C ILE B 33 -3.74 -5.94 -11.22
N TYR B 34 -4.50 -5.42 -12.16
CA TYR B 34 -5.56 -6.18 -12.81
C TYR B 34 -4.97 -6.87 -14.05
N THR B 35 -4.83 -8.19 -13.99
CA THR B 35 -4.25 -8.94 -15.10
C THR B 35 -4.83 -10.34 -15.21
N THR B 36 -4.15 -11.21 -15.94
CA THR B 36 -4.58 -12.59 -16.11
C THR B 36 -4.18 -13.42 -14.89
N LYS B 37 -4.83 -14.55 -14.70
CA LYS B 37 -4.54 -15.41 -13.54
C LYS B 37 -3.09 -15.91 -13.57
N GLU B 38 -2.58 -16.21 -14.76
CA GLU B 38 -1.20 -16.68 -14.90
C GLU B 38 -0.21 -15.57 -14.57
N LYS B 39 -0.47 -14.39 -15.11
CA LYS B 39 0.39 -13.24 -14.89
C LYS B 39 0.42 -12.85 -13.42
N ALA B 40 -0.76 -12.78 -12.82
CA ALA B 40 -0.88 -12.42 -11.40
C ALA B 40 -0.19 -13.46 -10.52
N ALA B 41 -0.20 -14.71 -10.96
CA ALA B 41 0.44 -15.79 -10.21
C ALA B 41 1.96 -15.62 -10.22
N LEU B 42 2.48 -15.15 -11.34
CA LEU B 42 3.90 -14.92 -11.49
C LEU B 42 4.34 -13.73 -10.65
N LEU B 43 3.58 -12.65 -10.75
CA LEU B 43 3.88 -11.43 -10.00
C LEU B 43 3.82 -11.69 -8.50
N TYR B 44 2.96 -12.64 -8.12
CA TYR B 44 2.78 -13.02 -6.72
C TYR B 44 4.12 -13.43 -6.09
N LYS B 45 4.96 -14.09 -6.86
CA LYS B 45 6.25 -14.55 -6.36
C LYS B 45 7.37 -13.57 -6.74
N LYS B 46 7.34 -13.10 -7.98
CA LYS B 46 8.35 -12.18 -8.49
C LYS B 46 8.42 -10.87 -7.71
N ILE B 47 7.27 -10.35 -7.30
CA ILE B 47 7.22 -9.09 -6.56
C ILE B 47 7.36 -9.31 -5.05
N MET B 48 7.03 -10.53 -4.61
CA MET B 48 7.09 -10.89 -3.19
C MET B 48 8.41 -10.49 -2.54
N GLU B 49 9.52 -11.06 -3.03
CA GLU B 49 10.83 -10.76 -2.47
C GLU B 49 11.46 -9.55 -3.15
N LYS B 50 10.90 -9.15 -4.27
CA LYS B 50 11.41 -8.00 -5.02
C LYS B 50 11.28 -6.72 -4.22
N TYR B 51 10.09 -6.48 -3.68
CA TYR B 51 9.83 -5.29 -2.90
C TYR B 51 9.55 -5.61 -1.44
N SER B 52 9.77 -6.88 -1.08
CA SER B 52 9.53 -7.35 0.29
C SER B 52 8.12 -6.96 0.75
N VAL B 53 7.13 -7.55 0.11
CA VAL B 53 5.74 -7.26 0.42
C VAL B 53 5.33 -7.88 1.76
N THR B 54 4.66 -7.08 2.59
CA THR B 54 4.19 -7.57 3.88
C THR B 54 2.97 -8.45 3.66
N PHE B 55 2.11 -8.00 2.78
CA PHE B 55 0.90 -8.73 2.44
C PHE B 55 0.70 -8.72 0.93
N ILE B 56 0.44 -9.89 0.38
CA ILE B 56 0.20 -10.05 -1.04
C ILE B 56 -0.90 -11.08 -1.24
N SER B 57 -1.76 -10.86 -2.22
CA SER B 57 -2.85 -11.77 -2.47
C SER B 57 -3.38 -11.65 -3.89
N ARG B 58 -4.14 -12.65 -4.29
CA ARG B 58 -4.76 -12.69 -5.60
C ARG B 58 -6.26 -12.86 -5.42
N HIS B 59 -7.03 -11.94 -5.97
CA HIS B 59 -8.48 -11.99 -5.84
C HIS B 59 -9.13 -12.05 -7.21
N ASN B 60 -10.38 -12.48 -7.24
CA ASN B 60 -11.13 -12.58 -8.49
C ASN B 60 -11.81 -11.26 -8.79
N SER B 61 -12.50 -11.20 -9.92
CA SER B 61 -13.20 -9.98 -10.31
C SER B 61 -14.37 -10.31 -11.22
N TYR B 62 -14.09 -10.41 -12.51
CA TYR B 62 -15.10 -10.73 -13.50
C TYR B 62 -14.60 -11.85 -14.40
N ASN B 63 -13.49 -11.58 -15.07
CA ASN B 63 -12.89 -12.57 -15.98
C ASN B 63 -11.38 -12.46 -15.95
N HIS B 64 -10.85 -11.91 -14.86
CA HIS B 64 -9.42 -11.74 -14.70
C HIS B 64 -9.02 -11.92 -13.24
N ASN B 65 -7.75 -11.68 -12.93
CA ASN B 65 -7.25 -11.81 -11.57
C ASN B 65 -6.66 -10.49 -11.09
N ILE B 66 -6.93 -10.15 -9.85
CA ILE B 66 -6.43 -8.90 -9.28
C ILE B 66 -5.35 -9.16 -8.25
N LEU B 67 -4.17 -8.65 -8.52
CA LEU B 67 -3.05 -8.79 -7.60
C LEU B 67 -3.04 -7.63 -6.62
N PHE B 68 -3.16 -7.96 -5.35
CA PHE B 68 -3.19 -6.95 -4.30
C PHE B 68 -1.99 -7.14 -3.38
N PHE B 69 -1.15 -6.12 -3.25
CA PHE B 69 0.01 -6.22 -2.40
C PHE B 69 0.33 -4.89 -1.71
N LEU B 70 1.00 -4.99 -0.58
CA LEU B 70 1.41 -3.83 0.20
C LEU B 70 2.90 -3.89 0.47
N THR B 71 3.55 -2.74 0.42
CA THR B 71 4.98 -2.66 0.65
C THR B 71 5.31 -1.61 1.70
N PRO B 72 6.10 -1.99 2.72
CA PRO B 72 6.50 -1.06 3.78
C PRO B 72 7.38 0.08 3.24
N HIS B 73 8.22 -0.25 2.27
CA HIS B 73 9.09 0.74 1.66
C HIS B 73 8.28 1.68 0.78
N ARG B 74 8.20 2.94 1.18
CA ARG B 74 7.45 3.93 0.43
C ARG B 74 8.09 4.20 -0.92
N HIS B 75 7.26 4.22 -1.95
CA HIS B 75 7.73 4.46 -3.31
C HIS B 75 6.58 4.93 -4.18
N ARG B 76 6.89 5.70 -5.21
CA ARG B 76 5.89 6.23 -6.13
C ARG B 76 5.34 5.14 -7.03
N VAL B 77 4.09 5.32 -7.45
CA VAL B 77 3.41 4.37 -8.32
C VAL B 77 4.13 4.22 -9.65
N SER B 78 4.77 5.31 -10.09
CA SER B 78 5.49 5.32 -11.36
C SER B 78 6.57 4.23 -11.41
N ALA B 79 7.17 3.94 -10.27
CA ALA B 79 8.22 2.93 -10.20
C ALA B 79 7.62 1.52 -10.21
N ILE B 80 6.46 1.37 -9.58
CA ILE B 80 5.79 0.08 -9.51
C ILE B 80 5.18 -0.29 -10.86
N ASN B 81 4.46 0.65 -11.46
CA ASN B 81 3.81 0.41 -12.75
C ASN B 81 4.86 0.11 -13.81
N ASN B 82 5.99 0.81 -13.74
CA ASN B 82 7.07 0.61 -14.69
C ASN B 82 7.55 -0.84 -14.69
N TYR B 83 7.77 -1.39 -13.49
CA TYR B 83 8.22 -2.76 -13.33
C TYR B 83 7.20 -3.74 -13.90
N ALA B 84 5.92 -3.51 -13.58
CA ALA B 84 4.85 -4.38 -14.04
C ALA B 84 4.62 -4.25 -15.55
N GLN B 85 4.80 -3.05 -16.07
CA GLN B 85 4.60 -2.78 -17.50
C GLN B 85 5.64 -3.53 -18.33
N LYS B 86 6.80 -3.80 -17.74
CA LYS B 86 7.87 -4.52 -18.42
C LYS B 86 7.46 -5.95 -18.71
N LEU B 87 6.39 -6.40 -18.06
CA LEU B 87 5.89 -7.75 -18.24
C LEU B 87 4.58 -7.72 -19.01
N CYS B 88 4.33 -6.64 -19.74
CA CYS B 88 3.13 -6.49 -20.53
C CYS B 88 3.36 -7.07 -21.94
N THR B 89 4.25 -8.04 -22.01
CA THR B 89 4.60 -8.68 -23.26
C THR B 89 3.69 -9.88 -23.55
N PHE B 90 3.56 -10.76 -22.56
CA PHE B 90 2.74 -11.95 -22.72
C PHE B 90 1.26 -11.70 -22.43
N SER B 91 0.97 -10.63 -21.69
CA SER B 91 -0.41 -10.28 -21.36
C SER B 91 -0.52 -8.80 -21.03
N PHE B 92 -1.75 -8.28 -21.10
CA PHE B 92 -2.02 -6.87 -20.79
C PHE B 92 -1.68 -6.56 -19.34
N LEU B 93 -1.85 -5.31 -18.95
CA LEU B 93 -1.56 -4.90 -17.59
C LEU B 93 -2.34 -3.67 -17.19
N ILE B 94 -2.94 -3.72 -16.01
CA ILE B 94 -3.69 -2.60 -15.46
C ILE B 94 -3.25 -2.39 -14.02
N CYS B 95 -2.15 -1.69 -13.83
CA CYS B 95 -1.63 -1.43 -12.50
C CYS B 95 -2.00 -0.03 -12.03
N LYS B 96 -2.40 0.07 -10.78
CA LYS B 96 -2.78 1.34 -10.19
C LYS B 96 -2.49 1.35 -8.70
N GLY B 97 -2.36 2.54 -8.14
CA GLY B 97 -2.10 2.65 -6.72
C GLY B 97 -3.39 2.66 -5.91
N VAL B 98 -3.36 2.01 -4.76
CA VAL B 98 -4.52 1.95 -3.90
C VAL B 98 -4.48 3.05 -2.85
N ASN B 99 -5.56 3.81 -2.74
CA ASN B 99 -5.63 4.90 -1.79
C ASN B 99 -6.24 4.42 -0.47
N LYS B 100 -7.01 3.34 -0.55
CA LYS B 100 -7.65 2.77 0.63
C LYS B 100 -7.50 1.25 0.61
N GLU B 101 -6.40 0.78 1.17
CA GLU B 101 -6.06 -0.65 1.23
C GLU B 101 -7.18 -1.46 1.88
N TYR B 102 -7.42 -1.22 3.17
CA TYR B 102 -8.44 -1.94 3.93
C TYR B 102 -9.79 -1.89 3.24
N LEU B 103 -10.13 -0.74 2.68
CA LEU B 103 -11.41 -0.55 2.00
C LEU B 103 -11.48 -1.41 0.74
N MET B 104 -10.42 -1.39 -0.07
CA MET B 104 -10.38 -2.17 -1.30
C MET B 104 -10.39 -3.65 -0.98
N TYR B 105 -9.71 -4.05 0.09
CA TYR B 105 -9.66 -5.44 0.49
C TYR B 105 -11.06 -5.91 0.89
N SER B 106 -11.81 -5.02 1.54
CA SER B 106 -13.16 -5.33 1.97
C SER B 106 -14.07 -5.59 0.76
N ALA B 107 -13.80 -4.91 -0.33
CA ALA B 107 -14.56 -5.07 -1.55
C ALA B 107 -14.11 -6.32 -2.31
N LEU B 108 -12.82 -6.62 -2.17
CA LEU B 108 -12.22 -7.78 -2.83
C LEU B 108 -12.59 -9.08 -2.13
N THR B 109 -13.34 -8.97 -1.03
CA THR B 109 -13.76 -10.14 -0.28
C THR B 109 -15.28 -10.27 -0.28
N ARG B 110 -15.90 -9.67 -1.28
CA ARG B 110 -17.35 -9.69 -1.40
C ARG B 110 -17.84 -10.87 -2.25
N ASP B 111 -19.05 -10.72 -2.79
CA ASP B 111 -19.67 -11.77 -3.60
C ASP B 111 -18.96 -11.99 -4.95
N PRO B 112 -18.81 -10.94 -5.79
CA PRO B 112 -18.16 -11.08 -7.11
C PRO B 112 -16.64 -11.28 -6.99
N PHE B 113 -16.02 -10.59 -6.05
CA PHE B 113 -14.58 -10.69 -5.86
C PHE B 113 -14.26 -11.74 -4.80
N SER B 114 -13.78 -12.89 -5.25
CA SER B 114 -13.43 -13.98 -4.34
C SER B 114 -11.96 -13.95 -3.95
N VAL B 115 -11.63 -14.69 -2.89
CA VAL B 115 -10.28 -14.78 -2.38
C VAL B 115 -9.64 -16.10 -2.81
N ILE B 116 -8.40 -16.05 -3.31
CA ILE B 116 -7.71 -17.26 -3.74
C ILE B 116 -6.57 -17.62 -2.78
N GLU B 117 -5.45 -16.91 -2.90
CA GLU B 117 -4.29 -17.19 -2.05
C GLU B 117 -3.73 -15.91 -1.43
N GLU B 118 -3.72 -15.85 -0.10
CA GLU B 118 -3.20 -14.68 0.61
C GLU B 118 -1.96 -15.08 1.41
N SER B 119 -1.01 -14.16 1.53
CA SER B 119 0.22 -14.40 2.26
C SER B 119 -0.03 -14.44 3.77
N LEU B 120 -0.87 -13.54 4.25
CA LEU B 120 -1.18 -13.46 5.67
C LEU B 120 -2.52 -14.10 5.98
N PRO B 121 -2.52 -15.08 6.90
CA PRO B 121 -3.73 -15.79 7.30
C PRO B 121 -4.69 -14.90 8.08
N GLY B 122 -5.57 -14.23 7.36
CA GLY B 122 -6.53 -13.34 7.98
C GLY B 122 -6.83 -12.14 7.11
N GLY B 123 -5.87 -11.78 6.27
CA GLY B 123 -6.05 -10.65 5.38
C GLY B 123 -5.30 -9.42 5.87
N LEU B 124 -5.80 -8.26 5.47
CA LEU B 124 -5.19 -6.99 5.86
C LEU B 124 -5.64 -6.58 7.25
N LYS B 125 -4.70 -6.14 8.07
CA LYS B 125 -5.01 -5.70 9.42
C LYS B 125 -4.28 -4.40 9.74
N GLU B 126 -4.60 -3.82 10.89
CA GLU B 126 -4.00 -2.55 11.31
C GLU B 126 -2.47 -2.63 11.43
N HIS B 127 -1.95 -3.83 11.60
CA HIS B 127 -0.50 -4.03 11.73
C HIS B 127 0.21 -3.85 10.39
N ASP B 128 -0.55 -3.91 9.30
CA ASP B 128 0.03 -3.78 7.96
C ASP B 128 0.14 -2.31 7.55
N PHE B 129 -0.95 -1.59 7.66
CA PHE B 129 -0.96 -0.17 7.30
C PHE B 129 -0.75 0.70 8.53
N ASN B 130 -1.67 1.62 8.78
CA ASN B 130 -1.57 2.52 9.92
C ASN B 130 -2.81 2.43 10.79
N PRO B 131 -2.64 2.00 12.06
CA PRO B 131 -3.75 1.87 13.01
C PRO B 131 -4.39 3.21 13.32
N ALA A 35 -23.38 -5.64 -2.03
CA ALA A 35 -23.67 -6.56 -3.16
C ALA A 35 -22.55 -6.48 -4.19
N ASN A 36 -22.76 -7.13 -5.34
CA ASN A 36 -21.76 -7.13 -6.40
C ASN A 36 -21.76 -5.80 -7.14
N GLY A 37 -20.85 -4.93 -6.76
CA GLY A 37 -20.75 -3.61 -7.38
C GLY A 37 -19.91 -3.62 -8.65
N LEU A 38 -19.31 -4.76 -8.95
CA LEU A 38 -18.48 -4.89 -10.13
C LEU A 38 -19.35 -5.25 -11.34
N THR A 39 -18.82 -5.04 -12.53
CA THR A 39 -19.56 -5.39 -13.74
C THR A 39 -19.26 -6.84 -14.09
N VAL A 40 -20.19 -7.52 -14.74
CA VAL A 40 -20.01 -8.92 -15.11
C VAL A 40 -18.70 -9.13 -15.87
N ALA A 41 -18.35 -8.15 -16.71
CA ALA A 41 -17.11 -8.22 -17.47
C ALA A 41 -15.91 -8.28 -16.55
N GLN A 42 -15.88 -7.39 -15.56
CA GLN A 42 -14.79 -7.33 -14.60
C GLN A 42 -14.82 -8.55 -13.68
N ASN A 43 -16.02 -9.00 -13.37
CA ASN A 43 -16.22 -10.18 -12.51
C ASN A 43 -15.52 -11.39 -13.13
N GLN A 44 -15.69 -11.55 -14.43
CA GLN A 44 -15.09 -12.67 -15.14
C GLN A 44 -13.57 -12.54 -15.14
N VAL A 45 -13.08 -11.34 -15.43
CA VAL A 45 -11.64 -11.07 -15.45
C VAL A 45 -11.01 -11.36 -14.09
N LEU A 46 -11.63 -10.86 -13.04
CA LEU A 46 -11.15 -11.06 -11.68
C LEU A 46 -11.12 -12.55 -11.32
N ASN A 47 -12.19 -13.25 -11.67
CA ASN A 47 -12.28 -14.68 -11.38
C ASN A 47 -11.29 -15.46 -12.20
N LEU A 48 -11.07 -15.05 -13.44
CA LEU A 48 -10.13 -15.71 -14.34
C LEU A 48 -8.73 -15.73 -13.77
N ILE A 49 -8.32 -14.61 -13.19
CA ILE A 49 -6.98 -14.49 -12.61
C ILE A 49 -6.81 -15.41 -11.41
N LYS A 50 -7.84 -15.49 -10.57
CA LYS A 50 -7.77 -16.32 -9.37
C LYS A 50 -8.07 -17.79 -9.66
N ALA A 51 -8.73 -18.05 -10.79
CA ALA A 51 -9.08 -19.42 -11.16
C ALA A 51 -7.98 -20.04 -12.01
N CYS A 52 -6.98 -19.25 -12.35
CA CYS A 52 -5.86 -19.71 -13.15
C CYS A 52 -5.01 -20.67 -12.34
N PRO A 53 -4.84 -21.91 -12.83
CA PRO A 53 -4.06 -22.94 -12.15
C PRO A 53 -2.55 -22.75 -12.33
N ARG A 54 -2.17 -21.62 -12.91
CA ARG A 54 -0.76 -21.33 -13.13
C ARG A 54 -0.14 -20.78 -11.85
N PRO A 55 1.06 -21.26 -11.49
CA PRO A 55 1.76 -20.81 -10.27
C PRO A 55 1.98 -19.30 -10.23
N GLU A 56 2.27 -18.71 -11.39
CA GLU A 56 2.50 -17.28 -11.47
C GLU A 56 1.19 -16.52 -11.55
N GLY A 57 0.10 -17.24 -11.76
CA GLY A 57 -1.21 -16.62 -11.85
C GLY A 57 -1.60 -16.31 -13.27
N LEU A 58 -1.97 -15.08 -13.54
CA LEU A 58 -2.37 -14.66 -14.86
C LEU A 58 -1.73 -13.33 -15.21
N ASN A 59 -0.75 -13.38 -16.10
CA ASN A 59 -0.04 -12.18 -16.52
C ASN A 59 -0.96 -11.31 -17.40
N PHE A 60 -0.61 -10.04 -17.54
CA PHE A 60 -1.39 -9.12 -18.34
C PHE A 60 -1.42 -9.60 -19.78
N GLN A 61 -0.29 -10.14 -20.22
CA GLN A 61 -0.17 -10.67 -21.57
C GLN A 61 -1.09 -11.87 -21.74
N ASP A 62 -1.29 -12.62 -20.65
CA ASP A 62 -2.14 -13.79 -20.68
C ASP A 62 -3.61 -13.38 -20.64
N LEU A 63 -3.87 -12.27 -19.96
CA LEU A 63 -5.22 -11.73 -19.84
C LEU A 63 -5.79 -11.44 -21.23
N LYS A 64 -5.04 -10.69 -22.03
CA LYS A 64 -5.45 -10.32 -23.37
C LYS A 64 -5.40 -11.53 -24.30
N ASN A 65 -4.55 -12.50 -23.95
CA ASN A 65 -4.40 -13.71 -24.74
C ASN A 65 -5.62 -14.62 -24.60
N GLN A 66 -6.02 -14.88 -23.37
CA GLN A 66 -7.18 -15.72 -23.09
C GLN A 66 -8.45 -14.99 -23.48
N LEU A 67 -8.56 -13.74 -23.07
CA LEU A 67 -9.73 -12.93 -23.37
C LEU A 67 -9.48 -12.08 -24.59
N LYS A 68 -9.51 -12.70 -25.77
CA LYS A 68 -9.29 -11.99 -27.03
C LYS A 68 -10.47 -11.05 -27.31
N HIS A 69 -11.59 -11.31 -26.66
CA HIS A 69 -12.78 -10.49 -26.82
C HIS A 69 -12.71 -9.27 -25.90
N MET A 70 -11.52 -9.02 -25.36
CA MET A 70 -11.31 -7.90 -24.48
C MET A 70 -10.11 -7.09 -24.94
N SER A 71 -10.28 -5.78 -25.04
CA SER A 71 -9.21 -4.90 -25.47
C SER A 71 -8.24 -4.65 -24.32
N VAL A 72 -6.97 -4.42 -24.67
CA VAL A 72 -5.94 -4.18 -23.67
C VAL A 72 -6.28 -2.94 -22.84
N SER A 73 -6.80 -1.92 -23.51
CA SER A 73 -7.18 -0.68 -22.84
C SER A 73 -8.26 -0.95 -21.79
N SER A 74 -9.27 -1.71 -22.17
CA SER A 74 -10.36 -2.06 -21.28
C SER A 74 -9.86 -2.91 -20.12
N ILE A 75 -8.99 -3.86 -20.43
CA ILE A 75 -8.42 -4.74 -19.42
C ILE A 75 -7.60 -3.93 -18.42
N LYS A 76 -6.83 -2.99 -18.94
CA LYS A 76 -6.00 -2.13 -18.09
C LYS A 76 -6.87 -1.34 -17.13
N GLN A 77 -8.00 -0.86 -17.63
CA GLN A 77 -8.94 -0.09 -16.82
C GLN A 77 -9.56 -0.99 -15.75
N ALA A 78 -9.94 -2.19 -16.14
CA ALA A 78 -10.52 -3.15 -15.22
C ALA A 78 -9.50 -3.50 -14.15
N VAL A 79 -8.25 -3.72 -14.57
CA VAL A 79 -7.18 -4.05 -13.66
C VAL A 79 -6.98 -2.93 -12.64
N ASP A 80 -7.08 -1.68 -13.10
CA ASP A 80 -6.94 -0.52 -12.23
C ASP A 80 -8.04 -0.50 -11.19
N PHE A 81 -9.26 -0.73 -11.62
CA PHE A 81 -10.41 -0.75 -10.71
C PHE A 81 -10.26 -1.89 -9.71
N LEU A 82 -9.89 -3.07 -10.22
CA LEU A 82 -9.71 -4.24 -9.38
C LEU A 82 -8.57 -4.00 -8.38
N SER A 83 -7.52 -3.33 -8.83
CA SER A 83 -6.39 -3.03 -7.96
C SER A 83 -6.77 -1.95 -6.94
N ASN A 84 -7.59 -1.00 -7.38
CA ASN A 84 -8.06 0.07 -6.52
C ASN A 84 -8.92 -0.49 -5.40
N GLU A 85 -9.64 -1.56 -5.71
CA GLU A 85 -10.50 -2.24 -4.74
C GLU A 85 -9.66 -3.19 -3.88
N GLY A 86 -8.41 -3.37 -4.26
CA GLY A 86 -7.53 -4.26 -3.53
C GLY A 86 -7.74 -5.71 -3.86
N HIS A 87 -8.40 -5.98 -4.98
CA HIS A 87 -8.66 -7.35 -5.40
C HIS A 87 -7.39 -7.98 -5.98
N ILE A 88 -6.75 -7.27 -6.91
CA ILE A 88 -5.52 -7.78 -7.53
C ILE A 88 -4.37 -6.81 -7.30
N TYR A 89 -3.19 -7.17 -7.79
CA TYR A 89 -1.99 -6.35 -7.63
C TYR A 89 -0.84 -6.87 -8.47
N SER A 90 0.17 -6.04 -8.65
CA SER A 90 1.37 -6.41 -9.39
C SER A 90 2.32 -7.11 -8.42
N THR A 91 2.84 -8.25 -8.83
CA THR A 91 3.74 -9.00 -7.95
C THR A 91 5.15 -8.42 -7.96
N VAL A 92 5.93 -8.77 -8.98
CA VAL A 92 7.30 -8.30 -9.10
C VAL A 92 7.58 -7.82 -10.52
N ASP A 93 6.51 -7.57 -11.26
CA ASP A 93 6.62 -7.13 -12.64
C ASP A 93 5.37 -6.36 -13.04
N ASP A 94 5.49 -5.52 -14.06
CA ASP A 94 4.38 -4.70 -14.54
C ASP A 94 3.33 -5.54 -15.24
N ASP A 95 3.74 -6.67 -15.80
CA ASP A 95 2.81 -7.56 -16.51
C ASP A 95 2.38 -8.69 -15.58
N HIS A 96 3.20 -8.98 -14.59
CA HIS A 96 2.93 -10.04 -13.64
C HIS A 96 1.90 -9.60 -12.60
N PHE A 97 0.65 -9.96 -12.82
CA PHE A 97 -0.42 -9.60 -11.91
C PHE A 97 -0.95 -10.83 -11.16
N LYS A 98 -1.34 -10.62 -9.90
CA LYS A 98 -1.88 -11.68 -9.07
C LYS A 98 -3.04 -11.13 -8.24
N SER A 99 -3.83 -12.02 -7.66
CA SER A 99 -4.98 -11.60 -6.86
C SER A 99 -4.78 -11.93 -5.37
N THR A 100 -5.41 -11.12 -4.52
CA THR A 100 -5.34 -11.33 -3.08
C THR A 100 -6.75 -11.41 -2.51
N ASP A 101 -7.52 -10.36 -2.78
CA ASP A 101 -8.90 -10.28 -2.33
C ASP A 101 -9.82 -10.70 -3.48
N ALA A 102 -9.83 -11.98 -3.74
CA ALA A 102 -10.64 -12.55 -4.81
C ALA A 102 -10.80 -14.05 -4.65
N GLU A 103 -12.01 -14.47 -4.32
CA GLU A 103 -12.31 -15.88 -4.13
C GLU A 103 -13.62 -16.23 -4.84
N GLY B 1 2.09 22.32 25.40
CA GLY B 1 2.87 22.52 26.65
C GLY B 1 4.32 22.87 26.35
N SER B 2 5.10 23.14 27.39
CA SER B 2 6.50 23.48 27.23
C SER B 2 7.36 22.23 27.11
N LYS B 3 7.04 21.40 26.13
CA LYS B 3 7.73 20.16 25.85
C LYS B 3 7.41 19.72 24.43
N VAL B 4 7.94 18.56 24.04
CA VAL B 4 7.68 18.03 22.72
C VAL B 4 6.19 17.64 22.61
N GLU B 5 5.47 18.36 21.75
CA GLU B 5 4.05 18.10 21.56
C GLU B 5 3.83 16.75 20.88
N ASP B 6 3.08 15.88 21.53
CA ASP B 6 2.79 14.55 21.01
C ASP B 6 1.36 14.51 20.48
N PRO B 7 1.19 14.61 19.15
CA PRO B 7 -0.12 14.59 18.50
C PRO B 7 -0.79 13.22 18.58
N LYS B 8 -2.09 13.18 18.30
CA LYS B 8 -2.84 11.94 18.34
C LYS B 8 -3.30 11.55 16.94
N ASP B 9 -2.69 12.18 15.95
CA ASP B 9 -3.01 11.93 14.56
C ASP B 9 -1.89 12.44 13.67
N PHE B 10 -1.99 12.18 12.38
CA PHE B 10 -0.98 12.63 11.44
C PHE B 10 -1.12 14.13 11.21
N PRO B 11 -0.04 14.80 10.77
CA PRO B 11 -0.08 16.24 10.52
C PRO B 11 -1.11 16.59 9.45
N SER B 12 -1.72 17.76 9.59
CA SER B 12 -2.74 18.24 8.66
C SER B 12 -2.25 18.19 7.22
N GLU B 13 -0.95 18.37 7.05
CA GLU B 13 -0.33 18.37 5.74
C GLU B 13 -0.45 17.01 5.04
N LEU B 14 -0.27 15.93 5.80
CA LEU B 14 -0.34 14.58 5.25
C LEU B 14 -1.75 14.00 5.28
N LEU B 15 -2.60 14.57 6.12
CA LEU B 15 -3.98 14.10 6.24
C LEU B 15 -4.74 14.22 4.91
N SER B 16 -4.21 15.04 4.02
CA SER B 16 -4.82 15.28 2.72
C SER B 16 -4.68 14.07 1.79
N PHE B 17 -3.85 13.10 2.16
CA PHE B 17 -3.66 11.91 1.31
C PHE B 17 -3.93 10.62 2.08
N LEU B 18 -4.49 10.74 3.27
CA LEU B 18 -4.76 9.57 4.10
C LEU B 18 -6.24 9.19 4.06
N SER B 19 -6.53 7.93 4.32
CA SER B 19 -7.90 7.42 4.32
C SER B 19 -8.61 7.83 5.60
N HIS B 20 -7.82 8.18 6.62
CA HIS B 20 -8.33 8.60 7.93
C HIS B 20 -8.85 7.43 8.74
N ALA B 21 -9.69 6.60 8.12
CA ALA B 21 -10.26 5.43 8.79
C ALA B 21 -9.17 4.39 9.07
N VAL B 22 -9.40 3.53 10.05
CA VAL B 22 -8.43 2.52 10.41
C VAL B 22 -9.04 1.12 10.38
N PHE B 23 -10.18 0.95 11.05
CA PHE B 23 -10.83 -0.34 11.12
C PHE B 23 -11.82 -0.52 9.99
N SER B 24 -11.34 -1.00 8.86
CA SER B 24 -12.18 -1.23 7.70
C SER B 24 -11.73 -2.48 6.94
N ASN B 25 -12.69 -3.13 6.28
CA ASN B 25 -12.41 -4.34 5.53
C ASN B 25 -11.88 -4.01 4.13
N ARG B 26 -11.72 -2.72 3.86
CA ARG B 26 -11.22 -2.27 2.58
C ARG B 26 -9.79 -2.75 2.36
N THR B 27 -9.59 -3.48 1.28
CA THR B 27 -8.28 -4.02 0.95
C THR B 27 -7.35 -2.91 0.46
N LEU B 28 -6.43 -2.51 1.32
CA LEU B 28 -5.49 -1.44 0.98
C LEU B 28 -4.08 -2.01 0.81
N ALA B 29 -3.18 -1.18 0.27
CA ALA B 29 -1.81 -1.62 0.03
C ALA B 29 -0.81 -0.76 0.78
N CYS B 30 -1.06 0.54 0.88
CA CYS B 30 -0.14 1.44 1.56
C CYS B 30 -0.68 1.88 2.91
N PHE B 31 0.20 1.86 3.91
CA PHE B 31 -0.15 2.25 5.26
C PHE B 31 0.98 3.11 5.84
N ALA B 32 0.61 4.09 6.65
CA ALA B 32 1.60 4.98 7.25
C ALA B 32 1.60 4.81 8.76
N ILE B 33 2.78 4.82 9.36
CA ILE B 33 2.91 4.68 10.80
C ILE B 33 3.62 5.88 11.42
N TYR B 34 2.89 6.65 12.20
CA TYR B 34 3.45 7.81 12.88
C TYR B 34 3.96 7.37 14.25
N THR B 35 5.28 7.34 14.41
CA THR B 35 5.88 6.88 15.67
C THR B 35 7.21 7.58 15.94
N THR B 36 8.02 6.96 16.77
CA THR B 36 9.33 7.49 17.12
C THR B 36 10.37 6.98 16.12
N LYS B 37 11.50 7.67 16.02
CA LYS B 37 12.56 7.29 15.09
C LYS B 37 13.09 5.89 15.39
N GLU B 38 13.17 5.53 16.66
CA GLU B 38 13.65 4.22 17.06
C GLU B 38 12.63 3.14 16.71
N LYS B 39 11.37 3.41 17.02
CA LYS B 39 10.29 2.47 16.74
C LYS B 39 10.15 2.24 15.24
N ALA B 40 10.22 3.33 14.48
CA ALA B 40 10.11 3.24 13.02
C ALA B 40 11.31 2.49 12.45
N ALA B 41 12.45 2.59 13.12
CA ALA B 41 13.66 1.91 12.69
C ALA B 41 13.51 0.41 12.87
N LEU B 42 12.85 0.02 13.95
CA LEU B 42 12.61 -1.38 14.24
C LEU B 42 11.58 -1.95 13.28
N LEU B 43 10.47 -1.23 13.13
CA LEU B 43 9.38 -1.64 12.24
C LEU B 43 9.87 -1.73 10.80
N TYR B 44 10.90 -0.94 10.47
CA TYR B 44 11.48 -0.92 9.14
C TYR B 44 11.86 -2.33 8.69
N LYS B 45 12.50 -3.07 9.59
CA LYS B 45 12.92 -4.43 9.29
C LYS B 45 11.83 -5.43 9.67
N LYS B 46 11.14 -5.15 10.76
CA LYS B 46 10.08 -6.03 11.25
C LYS B 46 8.96 -6.23 10.23
N ILE B 47 8.67 -5.19 9.46
CA ILE B 47 7.60 -5.27 8.46
C ILE B 47 8.17 -5.63 7.08
N MET B 48 9.43 -5.25 6.85
CA MET B 48 10.12 -5.49 5.58
C MET B 48 9.86 -6.88 5.00
N GLU B 49 10.30 -7.92 5.72
CA GLU B 49 10.13 -9.28 5.24
C GLU B 49 8.92 -9.95 5.88
N LYS B 50 8.14 -9.18 6.63
CA LYS B 50 6.95 -9.73 7.28
C LYS B 50 5.77 -9.75 6.31
N TYR B 51 5.52 -8.61 5.69
CA TYR B 51 4.42 -8.51 4.75
C TYR B 51 4.93 -8.34 3.33
N SER B 52 6.26 -8.45 3.17
CA SER B 52 6.91 -8.32 1.87
C SER B 52 6.59 -6.96 1.24
N VAL B 53 7.24 -5.92 1.76
CA VAL B 53 7.03 -4.57 1.26
C VAL B 53 7.90 -4.29 0.04
N THR B 54 7.37 -3.54 -0.91
CA THR B 54 8.11 -3.19 -2.10
C THR B 54 8.95 -1.95 -1.81
N PHE B 55 8.31 -0.94 -1.26
CA PHE B 55 8.97 0.29 -0.93
C PHE B 55 8.69 0.68 0.51
N ILE B 56 9.73 0.79 1.29
CA ILE B 56 9.62 1.19 2.68
C ILE B 56 10.63 2.30 2.93
N SER B 57 10.16 3.39 3.51
CA SER B 57 11.03 4.52 3.75
C SER B 57 10.65 5.26 5.04
N ARG B 58 11.67 5.71 5.75
CA ARG B 58 11.49 6.45 6.99
C ARG B 58 11.60 7.94 6.69
N HIS B 59 10.64 8.73 7.14
CA HIS B 59 10.64 10.16 6.89
C HIS B 59 10.47 10.94 8.18
N ASN B 60 10.97 12.16 8.18
CA ASN B 60 10.87 13.03 9.34
C ASN B 60 9.67 13.95 9.21
N SER B 61 9.20 14.46 10.32
CA SER B 61 8.06 15.37 10.30
C SER B 61 8.34 16.61 11.15
N TYR B 62 7.80 16.62 12.35
CA TYR B 62 7.98 17.74 13.26
C TYR B 62 8.62 17.28 14.56
N ASN B 63 7.91 16.43 15.30
CA ASN B 63 8.43 15.95 16.59
C ASN B 63 8.57 14.43 16.60
N HIS B 64 8.27 13.77 15.48
CA HIS B 64 8.36 12.31 15.42
C HIS B 64 8.82 11.85 14.04
N ASN B 65 8.75 10.54 13.83
CA ASN B 65 9.15 9.93 12.56
C ASN B 65 7.95 9.26 11.91
N ILE B 66 7.96 9.18 10.59
CA ILE B 66 6.87 8.57 9.86
C ILE B 66 7.36 7.41 9.01
N LEU B 67 6.82 6.23 9.27
CA LEU B 67 7.18 5.04 8.52
C LEU B 67 6.23 4.89 7.34
N PHE B 68 6.76 5.07 6.15
CA PHE B 68 5.97 4.95 4.93
C PHE B 68 6.33 3.67 4.19
N PHE B 69 5.43 2.71 4.18
CA PHE B 69 5.67 1.45 3.51
C PHE B 69 4.50 1.05 2.61
N LEU B 70 4.81 0.30 1.58
CA LEU B 70 3.80 -0.16 0.65
C LEU B 70 3.85 -1.67 0.52
N THR B 71 2.73 -2.31 0.79
CA THR B 71 2.63 -3.75 0.69
C THR B 71 1.83 -4.13 -0.54
N PRO B 72 2.49 -4.72 -1.56
CA PRO B 72 1.83 -5.13 -2.80
C PRO B 72 0.65 -6.06 -2.53
N HIS B 73 0.84 -6.96 -1.57
CA HIS B 73 -0.20 -7.90 -1.20
C HIS B 73 -1.30 -7.16 -0.45
N ARG B 74 -2.35 -6.80 -1.16
CA ARG B 74 -3.47 -6.06 -0.57
C ARG B 74 -4.09 -6.83 0.59
N HIS B 75 -4.47 -6.11 1.64
CA HIS B 75 -5.06 -6.71 2.82
C HIS B 75 -5.87 -5.68 3.61
N ARG B 76 -6.58 -6.14 4.64
CA ARG B 76 -7.40 -5.27 5.47
C ARG B 76 -6.51 -4.31 6.27
N VAL B 77 -7.01 -3.10 6.52
CA VAL B 77 -6.26 -2.09 7.26
C VAL B 77 -6.15 -2.41 8.75
N SER B 78 -7.27 -2.84 9.34
CA SER B 78 -7.32 -3.16 10.76
C SER B 78 -6.30 -4.23 11.14
N ALA B 79 -6.06 -5.18 10.24
CA ALA B 79 -5.10 -6.25 10.48
C ALA B 79 -3.69 -5.69 10.63
N ILE B 80 -3.42 -4.61 9.92
CA ILE B 80 -2.10 -3.98 9.97
C ILE B 80 -1.93 -3.21 11.27
N ASN B 81 -2.97 -2.46 11.66
CA ASN B 81 -2.93 -1.68 12.89
C ASN B 81 -2.80 -2.59 14.10
N ASN B 82 -3.45 -3.76 14.03
CA ASN B 82 -3.39 -4.73 15.13
C ASN B 82 -1.95 -5.16 15.39
N TYR B 83 -1.20 -5.38 14.30
CA TYR B 83 0.19 -5.78 14.40
C TYR B 83 1.07 -4.63 14.88
N ALA B 84 0.78 -3.43 14.42
CA ALA B 84 1.54 -2.25 14.79
C ALA B 84 1.25 -1.82 16.23
N GLN B 85 -0.01 -1.87 16.62
CA GLN B 85 -0.43 -1.49 17.98
C GLN B 85 0.20 -2.40 19.02
N LYS B 86 0.62 -3.58 18.59
CA LYS B 86 1.24 -4.55 19.49
C LYS B 86 2.57 -4.04 20.04
N LEU B 87 3.22 -3.17 19.28
CA LEU B 87 4.52 -2.62 19.69
C LEU B 87 4.36 -1.29 20.43
N CYS B 88 3.17 -1.03 20.98
CA CYS B 88 2.92 0.20 21.71
C CYS B 88 3.33 0.05 23.18
N THR B 89 4.47 -0.57 23.40
CA THR B 89 4.97 -0.78 24.75
C THR B 89 5.73 0.44 25.28
N PHE B 90 6.86 0.75 24.64
CA PHE B 90 7.69 1.87 25.06
C PHE B 90 7.31 3.18 24.38
N SER B 91 6.50 3.10 23.32
CA SER B 91 6.08 4.30 22.60
C SER B 91 4.72 4.09 21.95
N PHE B 92 4.03 5.20 21.70
CA PHE B 92 2.73 5.19 21.07
C PHE B 92 2.83 4.76 19.61
N LEU B 93 1.72 4.79 18.90
CA LEU B 93 1.71 4.42 17.49
C LEU B 93 0.42 4.85 16.81
N ILE B 94 0.56 5.62 15.76
CA ILE B 94 -0.58 6.08 14.98
C ILE B 94 -0.48 5.55 13.56
N CYS B 95 -1.16 4.46 13.28
CA CYS B 95 -1.13 3.86 11.96
C CYS B 95 -2.46 4.05 11.26
N LYS B 96 -2.42 4.57 10.05
CA LYS B 96 -3.63 4.79 9.27
C LYS B 96 -3.38 4.47 7.80
N GLY B 97 -4.46 4.13 7.10
CA GLY B 97 -4.34 3.80 5.70
C GLY B 97 -4.09 5.01 4.83
N VAL B 98 -3.33 4.83 3.77
CA VAL B 98 -3.00 5.90 2.85
C VAL B 98 -3.87 5.81 1.60
N ASN B 99 -4.54 6.90 1.26
CA ASN B 99 -5.40 6.94 0.09
C ASN B 99 -4.56 7.10 -1.17
N LYS B 100 -3.66 8.07 -1.14
CA LYS B 100 -2.79 8.34 -2.27
C LYS B 100 -1.33 8.28 -1.84
N GLU B 101 -0.73 7.12 -2.06
CA GLU B 101 0.67 6.88 -1.71
C GLU B 101 1.59 7.83 -2.45
N TYR B 102 1.45 7.87 -3.77
CA TYR B 102 2.27 8.74 -4.61
C TYR B 102 2.16 10.20 -4.16
N LEU B 103 0.96 10.62 -3.82
CA LEU B 103 0.72 11.99 -3.37
C LEU B 103 1.35 12.25 -2.01
N MET B 104 1.16 11.31 -1.08
CA MET B 104 1.71 11.44 0.26
C MET B 104 3.23 11.45 0.22
N TYR B 105 3.80 10.58 -0.59
CA TYR B 105 5.25 10.49 -0.73
C TYR B 105 5.82 11.79 -1.30
N SER B 106 5.04 12.44 -2.16
CA SER B 106 5.45 13.70 -2.77
C SER B 106 5.58 14.79 -1.70
N ALA B 107 4.76 14.71 -0.67
CA ALA B 107 4.81 15.67 0.41
C ALA B 107 5.90 15.30 1.41
N LEU B 108 6.15 14.00 1.51
CA LEU B 108 7.18 13.48 2.42
C LEU B 108 8.58 13.67 1.84
N THR B 109 8.67 14.30 0.68
CA THR B 109 9.95 14.57 0.04
C THR B 109 10.12 16.05 -0.19
N ARG B 110 9.68 16.85 0.78
CA ARG B 110 9.76 18.29 0.65
C ARG B 110 10.45 18.93 1.86
N ASP B 111 10.14 20.20 2.10
CA ASP B 111 10.74 20.95 3.20
C ASP B 111 10.26 20.50 4.58
N PRO B 112 8.93 20.42 4.83
CA PRO B 112 8.40 20.01 6.15
C PRO B 112 8.65 18.54 6.47
N PHE B 113 8.90 17.73 5.45
CA PHE B 113 9.13 16.31 5.64
C PHE B 113 10.38 15.85 4.91
N SER B 114 11.42 15.54 5.67
CA SER B 114 12.67 15.08 5.11
C SER B 114 12.69 13.56 4.94
N VAL B 115 13.66 13.05 4.20
CA VAL B 115 13.78 11.62 3.96
C VAL B 115 15.02 11.07 4.65
N ILE B 116 14.93 9.85 5.15
CA ILE B 116 16.05 9.21 5.81
C ILE B 116 16.61 8.09 4.94
N GLU B 117 15.95 6.94 5.00
CA GLU B 117 16.38 5.78 4.22
C GLU B 117 15.20 5.21 3.44
N GLU B 118 15.49 4.46 2.38
CA GLU B 118 14.46 3.87 1.53
C GLU B 118 14.94 2.56 0.93
N SER B 119 14.01 1.68 0.57
CA SER B 119 14.35 0.39 -0.01
C SER B 119 14.63 0.53 -1.51
N LEU B 120 13.71 1.15 -2.23
CA LEU B 120 13.86 1.34 -3.67
C LEU B 120 14.56 2.65 -3.96
N PRO B 121 15.58 2.63 -4.83
CA PRO B 121 16.32 3.83 -5.21
C PRO B 121 15.57 4.66 -6.23
N GLY B 122 15.14 5.85 -5.83
CA GLY B 122 14.42 6.72 -6.74
C GLY B 122 13.09 7.18 -6.16
N GLY B 123 12.53 6.37 -5.28
CA GLY B 123 11.26 6.72 -4.67
C GLY B 123 10.17 5.72 -4.99
N LEU B 124 9.05 6.23 -5.50
CA LEU B 124 7.91 5.40 -5.84
C LEU B 124 7.52 5.58 -7.30
N LYS B 125 7.04 4.52 -7.92
CA LYS B 125 6.62 4.57 -9.31
C LYS B 125 5.25 3.92 -9.49
N GLU B 126 4.73 4.01 -10.70
CA GLU B 126 3.42 3.47 -11.06
C GLU B 126 3.25 1.98 -10.72
N HIS B 127 4.24 1.16 -11.09
CA HIS B 127 4.20 -0.29 -10.87
C HIS B 127 4.01 -0.68 -9.40
N ASP B 128 4.29 0.23 -8.48
CA ASP B 128 4.17 -0.06 -7.06
C ASP B 128 2.70 -0.08 -6.63
N PHE B 129 1.84 0.50 -7.44
CA PHE B 129 0.41 0.52 -7.16
C PHE B 129 -0.37 -0.11 -8.29
N ASN B 130 -0.08 0.37 -9.50
CA ASN B 130 -0.72 -0.09 -10.73
C ASN B 130 -0.13 0.70 -11.89
N PRO B 131 0.59 0.03 -12.80
CA PRO B 131 1.21 0.66 -13.97
C PRO B 131 0.17 1.09 -15.00
#